data_7YH7
#
_entry.id   7YH7
#
_cell.length_a   1.00
_cell.length_b   1.00
_cell.length_c   1.00
_cell.angle_alpha   90.00
_cell.angle_beta   90.00
_cell.angle_gamma   90.00
#
_symmetry.space_group_name_H-M   'P 1'
#
loop_
_entity.id
_entity.type
_entity.pdbx_description
1 polymer 'Spike glycoprotein'
2 polymer 'NIV-8 Fab light chain'
3 polymer 'NIV-8 Fab heavy chain'
4 branched 2-acetamido-2-deoxy-beta-D-glucopyranose-(1-4)-2-acetamido-2-deoxy-beta-D-glucopyranose
5 non-polymer 2-acetamido-2-deoxy-beta-D-glucopyranose
#
loop_
_entity_poly.entity_id
_entity_poly.type
_entity_poly.pdbx_seq_one_letter_code
_entity_poly.pdbx_strand_id
1 'polypeptide(L)'
;SSQCVNLTTRTQLPPAYTNSFTRGVYYPDKVFRSSVLHSTQDLFLPFFSNVTWFHAIHVSGTNGTKRFDNPVLPFNDGVY
FASTEKSNIIRGWIFGTTLDSKTQSLLIVNNATNVVIKVCEFQFCNDPFLGVYYHKNNKSWMESEFRVYSSANNCTFEYV
SQPFLMDLEGKQGNFKNLREFVFKNIDGYFKIYSKHTPINLVRDLPQGFSALEPLVDLPIGINITRFQTLLALHRSYLTP
GDSSSGWTAGAAAYYVGYLQPRTFLLKYNENGTITDAVDCALDPLSETKCTLKSFTVEKGIYQTSNFRVQPTESIVRFPN
ITNLCPFGEVFNATRFASVYAWNRKRISNCVADYSVLYNSASFSTFKCYGVSPTKLNDLCFTNVYADSFVIRGDEVRQIA
PGQTGKIADYNYKLPDDFTGCVIAWNSNNLDSKVGGNYNYLYRLFRKSNLKPFERDISTEIYQAGSTPCNGVEGFNCYFP
LQSYGFQPTNGVGYQPYRVVVLSFELLHAPATVCGPKKSTNLVKNKCVNFNFNGLTGTGVLTESNKKFLPFQQFGRDIAD
TTDAVRDPQTLEILDITPCSFGGVSVITPGTNTSNQVAVLYQDVNCTEVPVAIHADQLTPTWRVYSTGSNVFQTRAGCLI
GAEHVNNSYECDIPIGAGICASYQTQTNSPGSAGSVASQSIIAYTMSLGAENSVAYSNNSIAIPTNFTISVTTEILPVSM
TKTSVDCTMYICGDSTECSNLLLQYGSFCTQLNRALTGIAVEQDKNTQEVFAQVKQIYKTPPIKDFGGFNFSQILPDPSK
PSKRSPIEDLLFNKVTLADAGFIKQYGDCLGDIAARDLICAQKFNGLTVLPPLLTDEMIAQYTSALLAGTITSGWTFGAG
PALQIPFPMQMAYRFNGIGVTQNVLYENQKLIANQFNSAIGKIQDSLSSTPSALGKLQDVVNQNAQALNTLVKQLSSNFG
AISSVLNDILSRLDPPEAEVQIDRLITGRLQSLQTYVTQQLIRAAEIRASANLAATKMSECVLGQSKRVDFCGKGYHLMS
FPQSAPHGVVFLHVTYVPAQEKNFTTAPAICHDGKAHFPREGVFVSNGTHWFVTQRNFYEPQIITTDNTFVSGNCDVVIG
IVNNTVYDPLQPELDSFKEELDKYFKNHTSPDVDLGDISGINASVVNIQKEIDRLNEVAKNLNESLIDLQELGKYEQYI
;
A,B,C
2 'polypeptide(L)'
;QSVLTQPPSVSGAPGQRVTISCTGSSSNIGAGYDVHWYQQLPGRAPKLLIFDNNNRPSGVPDRFSGSKSGTSASLAITGL
QTEDEAYYYCQSYDNSLILAVFGGGTKVTVL
;
Q,R,U
3 'polypeptide(L)'
;EVQLVESGGGVVQPGRSLRLSCAASGFKFSKFAMHWVRQAPGKGPEWVAVISYDGNQYHSADSVKGRFTISRDNSFNTLY
LQMNSLGPEDTAVYYCARDGPDTSGYYANIYFDFWGQGTLVTVSS
;
P,S,V
#
loop_
_chem_comp.id
_chem_comp.type
_chem_comp.name
_chem_comp.formula
NAG D-saccharide, beta linking 2-acetamido-2-deoxy-beta-D-glucopyranose 'C8 H15 N O6'
#
# COMPACT_ATOMS: atom_id res chain seq x y z
N ALA A 16 56.20 14.02 28.09
CA ALA A 16 56.12 15.03 27.03
C ALA A 16 55.08 14.64 25.99
N TYR A 17 54.10 15.51 25.79
CA TYR A 17 53.05 15.30 24.80
C TYR A 17 53.22 16.29 23.65
N THR A 18 52.86 15.84 22.45
CA THR A 18 53.02 16.63 21.23
C THR A 18 51.69 16.73 20.52
N ASN A 19 51.69 17.47 19.40
CA ASN A 19 50.51 17.68 18.58
C ASN A 19 50.55 16.75 17.37
N SER A 20 49.36 16.31 16.96
CA SER A 20 49.25 15.41 15.81
C SER A 20 49.29 16.13 14.47
N PHE A 21 48.93 17.42 14.44
CA PHE A 21 48.82 18.17 13.19
C PHE A 21 47.89 17.44 12.22
N THR A 22 48.43 17.03 11.06
CA THR A 22 47.65 16.32 10.04
C THR A 22 48.53 15.25 9.40
N ARG A 23 48.44 14.03 9.94
CA ARG A 23 49.27 12.93 9.44
C ARG A 23 48.44 11.67 9.21
N GLY A 24 47.35 11.50 9.96
CA GLY A 24 46.60 10.26 9.95
C GLY A 24 45.54 10.16 8.88
N VAL A 25 45.96 10.03 7.61
CA VAL A 25 45.03 9.88 6.50
C VAL A 25 45.44 8.65 5.69
N TYR A 26 44.49 7.76 5.41
CA TYR A 26 44.76 6.53 4.69
C TYR A 26 43.58 6.21 3.78
N TYR A 27 43.84 5.32 2.82
CA TYR A 27 42.80 4.87 1.90
C TYR A 27 41.83 3.94 2.62
N PRO A 28 40.54 4.25 2.69
CA PRO A 28 39.61 3.39 3.42
C PRO A 28 39.03 2.27 2.58
N ASP A 29 39.02 2.44 1.26
CA ASP A 29 38.39 1.48 0.36
C ASP A 29 39.29 1.20 -0.82
N LYS A 30 39.04 0.07 -1.48
CA LYS A 30 39.85 -0.39 -2.60
C LYS A 30 39.39 0.17 -3.94
N VAL A 31 38.29 0.93 -3.96
CA VAL A 31 37.72 1.41 -5.22
C VAL A 31 38.52 2.61 -5.71
N PHE A 32 38.95 2.57 -6.97
CA PHE A 32 39.62 3.71 -7.57
C PHE A 32 38.65 4.87 -7.78
N ARG A 33 39.14 6.08 -7.53
CA ARG A 33 38.37 7.30 -7.73
C ARG A 33 39.29 8.38 -8.28
N SER A 34 38.78 9.15 -9.25
CA SER A 34 39.59 10.14 -9.95
C SER A 34 38.86 11.46 -10.01
N SER A 35 39.54 12.52 -9.56
CA SER A 35 39.03 13.89 -9.66
C SER A 35 37.64 14.04 -9.05
N VAL A 36 37.43 13.38 -7.92
CA VAL A 36 36.15 13.40 -7.23
C VAL A 36 36.40 13.67 -5.75
N LEU A 37 35.37 14.19 -5.08
CA LEU A 37 35.39 14.43 -3.65
C LEU A 37 34.43 13.45 -2.99
N HIS A 38 34.93 12.65 -2.06
CA HIS A 38 34.16 11.62 -1.38
C HIS A 38 34.11 11.91 0.11
N SER A 39 32.91 11.89 0.68
CA SER A 39 32.71 12.06 2.12
C SER A 39 32.38 10.69 2.70
N THR A 40 33.29 10.16 3.52
CA THR A 40 33.17 8.82 4.06
C THR A 40 33.02 8.86 5.58
N GLN A 41 32.34 7.85 6.11
CA GLN A 41 32.15 7.70 7.54
C GLN A 41 33.06 6.57 8.01
N ASP A 42 34.26 6.93 8.45
CA ASP A 42 35.25 5.97 8.89
C ASP A 42 36.08 6.61 10.00
N LEU A 43 36.77 5.78 10.76
CA LEU A 43 37.53 6.24 11.92
C LEU A 43 38.98 6.53 11.52
N PHE A 44 39.41 7.77 11.75
CA PHE A 44 40.77 8.23 11.45
C PHE A 44 41.35 8.93 12.66
N LEU A 45 42.59 9.37 12.53
CA LEU A 45 43.24 10.15 13.57
C LEU A 45 42.81 11.61 13.45
N PRO A 46 42.19 12.19 14.49
CA PRO A 46 41.72 13.58 14.38
C PRO A 46 42.88 14.55 14.19
N PHE A 47 42.61 15.61 13.43
CA PHE A 47 43.63 16.62 13.18
C PHE A 47 43.92 17.41 14.45
N PHE A 48 45.19 17.77 14.62
CA PHE A 48 45.64 18.51 15.79
C PHE A 48 45.25 17.82 17.09
N SER A 49 45.41 16.50 17.12
CA SER A 49 45.17 15.75 18.35
C SER A 49 46.43 15.76 19.20
N ASN A 50 46.37 15.11 20.36
CA ASN A 50 47.38 15.25 21.39
C ASN A 50 48.16 13.95 21.45
N VAL A 51 49.39 13.97 20.93
CA VAL A 51 50.19 12.77 20.71
C VAL A 51 51.16 12.59 21.87
N THR A 52 51.13 11.41 22.48
CA THR A 52 52.08 11.08 23.55
C THR A 52 53.44 10.74 22.94
N TRP A 53 54.50 11.30 23.53
CA TRP A 53 55.86 11.10 23.04
C TRP A 53 56.62 10.28 24.08
N PHE A 54 56.54 8.96 23.96
CA PHE A 54 57.37 8.09 24.79
C PHE A 54 58.83 8.23 24.41
N HIS A 55 59.70 8.01 25.40
CA HIS A 55 61.14 8.12 25.20
C HIS A 55 61.81 6.83 25.65
N ALA A 56 62.59 6.22 24.76
CA ALA A 56 63.28 4.98 25.07
C ALA A 56 64.46 4.77 24.13
N PRO A 71 57.32 -0.70 27.89
CA PRO A 71 56.15 -0.37 28.70
C PRO A 71 54.84 -0.72 27.99
N VAL A 72 53.97 -1.47 28.67
CA VAL A 72 52.70 -1.88 28.10
C VAL A 72 51.70 -0.72 28.23
N LEU A 73 51.12 -0.31 27.11
CA LEU A 73 50.20 0.81 27.06
C LEU A 73 48.93 0.40 26.33
N PRO A 74 47.80 1.05 26.61
CA PRO A 74 46.52 0.59 26.06
C PRO A 74 46.48 0.67 24.54
N PHE A 75 45.75 -0.26 23.94
CA PHE A 75 45.59 -0.31 22.50
C PHE A 75 44.37 0.47 22.00
N ASN A 76 43.30 0.50 22.80
CA ASN A 76 42.04 1.17 22.44
C ASN A 76 41.54 0.55 21.14
N ASP A 77 41.23 1.33 20.11
CA ASP A 77 40.76 0.79 18.85
C ASP A 77 41.73 1.01 17.69
N GLY A 78 42.65 1.96 17.81
CA GLY A 78 43.61 2.21 16.75
C GLY A 78 44.86 2.84 17.29
N VAL A 79 45.94 2.70 16.54
CA VAL A 79 47.25 3.21 16.92
C VAL A 79 47.91 3.83 15.70
N TYR A 80 48.48 5.02 15.87
CA TYR A 80 49.26 5.68 14.82
C TYR A 80 50.72 5.64 15.25
N PHE A 81 51.42 4.58 14.87
CA PHE A 81 52.83 4.44 15.21
C PHE A 81 53.67 5.43 14.41
N ALA A 82 54.71 5.96 15.05
CA ALA A 82 55.68 6.81 14.38
C ALA A 82 57.05 6.56 14.98
N SER A 83 58.08 6.84 14.20
CA SER A 83 59.46 6.62 14.64
C SER A 83 60.38 7.50 13.80
N THR A 84 61.68 7.25 13.91
CA THR A 84 62.67 7.98 13.12
C THR A 84 63.83 7.07 12.72
N ILE A 89 66.51 -0.10 15.37
CA ILE A 89 66.62 -0.44 16.79
C ILE A 89 65.41 -1.26 17.21
N ILE A 90 64.23 -0.85 16.78
CA ILE A 90 63.00 -1.59 17.03
C ILE A 90 62.90 -2.75 16.05
N ARG A 91 62.63 -3.95 16.57
CA ARG A 91 62.54 -5.15 15.76
C ARG A 91 61.11 -5.64 15.56
N GLY A 92 60.11 -4.85 15.94
CA GLY A 92 58.74 -5.22 15.69
C GLY A 92 57.83 -4.78 16.81
N TRP A 93 56.67 -5.42 16.90
CA TRP A 93 55.64 -5.08 17.86
C TRP A 93 55.03 -6.36 18.42
N ILE A 94 54.55 -6.27 19.66
CA ILE A 94 53.88 -7.37 20.34
C ILE A 94 52.47 -6.91 20.71
N PHE A 95 51.47 -7.66 20.26
CA PHE A 95 50.08 -7.29 20.45
C PHE A 95 49.37 -8.32 21.32
N GLY A 96 48.34 -7.87 22.02
CA GLY A 96 47.57 -8.73 22.88
C GLY A 96 46.31 -8.08 23.43
N SER A 105 48.13 -14.20 20.97
CA SER A 105 49.04 -13.06 21.04
C SER A 105 49.79 -12.87 19.73
N LEU A 106 49.42 -11.84 18.98
CA LEU A 106 50.07 -11.56 17.71
C LEU A 106 51.50 -11.08 17.95
N LEU A 107 52.44 -11.63 17.17
CA LEU A 107 53.85 -11.25 17.26
C LEU A 107 54.35 -10.95 15.85
N ILE A 108 54.98 -9.78 15.70
CA ILE A 108 55.54 -9.36 14.42
C ILE A 108 57.00 -9.00 14.65
N VAL A 109 57.90 -9.64 13.90
CA VAL A 109 59.33 -9.40 14.00
C VAL A 109 59.88 -9.15 12.61
N ASN A 110 60.56 -8.02 12.44
CA ASN A 110 61.16 -7.68 11.16
C ASN A 110 62.47 -8.45 10.95
N ASN A 114 61.82 -9.83 5.47
CA ASN A 114 61.93 -11.01 6.32
C ASN A 114 60.98 -10.91 7.52
N VAL A 115 59.77 -10.44 7.27
CA VAL A 115 58.79 -10.27 8.34
C VAL A 115 58.13 -11.62 8.62
N VAL A 116 58.09 -11.99 9.90
CA VAL A 116 57.51 -13.25 10.36
C VAL A 116 56.43 -12.92 11.38
N ILE A 117 55.26 -13.52 11.21
CA ILE A 117 54.10 -13.28 12.06
C ILE A 117 53.67 -14.60 12.69
N LYS A 118 53.49 -14.60 14.01
CA LYS A 118 53.07 -15.77 14.74
C LYS A 118 51.95 -15.40 15.71
N VAL A 119 51.12 -16.38 16.06
CA VAL A 119 50.02 -16.19 16.99
C VAL A 119 50.15 -17.08 18.22
N CYS A 120 51.32 -17.70 18.42
CA CYS A 120 51.52 -18.55 19.59
C CYS A 120 51.43 -17.72 20.87
N GLU A 121 50.69 -18.23 21.85
CA GLU A 121 50.46 -17.51 23.11
C GLU A 121 51.63 -17.74 24.08
N PHE A 122 52.81 -17.33 23.63
CA PHE A 122 53.98 -17.39 24.47
C PHE A 122 53.88 -16.37 25.60
N GLN A 123 54.27 -16.79 26.79
CA GLN A 123 54.16 -15.94 27.98
C GLN A 123 55.47 -15.19 28.24
N THR A 156 48.10 -21.35 15.61
CA THR A 156 47.02 -21.61 14.65
C THR A 156 47.38 -21.05 13.27
N PHE A 157 47.74 -19.78 13.23
CA PHE A 157 48.15 -19.11 12.00
C PHE A 157 49.55 -18.56 12.15
N GLU A 158 50.36 -18.71 11.10
CA GLU A 158 51.73 -18.18 11.11
C GLU A 158 52.06 -17.75 9.69
N TYR A 159 51.87 -16.46 9.40
CA TYR A 159 52.25 -15.91 8.10
C TYR A 159 53.76 -15.80 8.01
N VAL A 160 54.27 -15.93 6.79
CA VAL A 160 55.71 -15.88 6.52
C VAL A 160 55.96 -14.97 5.33
N SER A 161 56.95 -14.10 5.45
CA SER A 161 57.37 -13.22 4.35
C SER A 161 58.73 -12.60 4.66
N ASN A 177 64.51 8.58 8.82
CA ASN A 177 63.31 8.76 8.00
C ASN A 177 62.03 8.57 8.81
N LEU A 178 60.90 8.52 8.12
CA LEU A 178 59.59 8.42 8.74
C LEU A 178 59.00 7.04 8.47
N ARG A 179 58.44 6.41 9.51
CA ARG A 179 57.80 5.11 9.42
C ARG A 179 56.43 5.21 10.08
N GLU A 180 55.43 5.59 9.29
CA GLU A 180 54.07 5.76 9.79
C GLU A 180 53.30 4.45 9.63
N PHE A 181 52.58 4.05 10.67
CA PHE A 181 51.82 2.81 10.67
C PHE A 181 50.48 3.03 11.35
N VAL A 182 49.47 2.30 10.88
CA VAL A 182 48.14 2.31 11.48
C VAL A 182 47.70 0.86 11.68
N PHE A 183 47.24 0.55 12.89
CA PHE A 183 46.81 -0.80 13.24
C PHE A 183 45.39 -0.75 13.79
N LYS A 184 44.54 -1.65 13.31
CA LYS A 184 43.18 -1.75 13.82
C LYS A 184 42.63 -3.13 13.50
N ASN A 185 41.81 -3.65 14.41
CA ASN A 185 41.14 -4.93 14.24
C ASN A 185 39.66 -4.66 13.96
N ILE A 186 39.24 -4.91 12.73
CA ILE A 186 37.87 -4.66 12.30
C ILE A 186 37.23 -6.02 11.98
N ASP A 187 36.29 -6.44 12.83
CA ASP A 187 35.53 -7.67 12.64
C ASP A 187 36.45 -8.86 12.41
N GLY A 188 37.52 -8.94 13.21
CA GLY A 188 38.50 -9.99 13.03
C GLY A 188 39.30 -9.89 11.75
N TYR A 189 39.68 -8.67 11.35
CA TYR A 189 40.49 -8.46 10.15
C TYR A 189 41.54 -7.40 10.48
N PHE A 190 42.73 -7.86 10.86
CA PHE A 190 43.83 -6.96 11.16
C PHE A 190 44.23 -6.16 9.92
N LYS A 191 44.44 -4.86 10.11
CA LYS A 191 44.85 -3.97 9.03
C LYS A 191 46.12 -3.24 9.47
N ILE A 192 47.12 -3.23 8.60
CA ILE A 192 48.46 -2.80 8.97
C ILE A 192 48.87 -1.67 8.00
N TYR A 193 47.92 -0.81 7.66
CA TYR A 193 48.16 0.36 6.84
C TYR A 193 49.47 1.04 7.21
N SER A 194 50.37 1.19 6.24
CA SER A 194 51.73 1.63 6.51
C SER A 194 52.15 2.69 5.50
N LYS A 195 53.33 3.26 5.75
CA LYS A 195 53.93 4.26 4.87
C LYS A 195 55.43 4.26 5.11
N HIS A 196 56.19 4.49 4.04
CA HIS A 196 57.65 4.45 4.07
C HIS A 196 58.22 5.72 3.43
N THR A 197 57.70 6.87 3.83
CA THR A 197 58.19 8.13 3.28
C THR A 197 59.48 8.54 3.99
N PRO A 198 60.54 8.86 3.25
CA PRO A 198 61.78 9.30 3.88
C PRO A 198 61.87 10.82 3.98
N ILE A 199 62.79 11.26 4.84
CA ILE A 199 63.08 12.68 4.98
C ILE A 199 64.59 12.91 4.98
N ASP A 204 60.46 17.44 13.76
CA ASP A 204 59.56 16.43 14.29
C ASP A 204 58.15 16.61 13.75
N LEU A 205 57.62 15.56 13.11
CA LEU A 205 56.30 15.55 12.50
C LEU A 205 56.15 16.73 11.54
N PRO A 206 56.83 16.70 10.40
CA PRO A 206 56.80 17.84 9.48
C PRO A 206 55.46 18.06 8.79
N GLN A 207 55.25 19.31 8.40
CA GLN A 207 54.04 19.70 7.69
C GLN A 207 53.99 19.01 6.33
N GLY A 208 52.78 18.55 5.96
CA GLY A 208 52.58 17.85 4.71
C GLY A 208 51.54 16.76 4.83
N PHE A 209 51.17 16.13 3.71
CA PHE A 209 50.17 15.08 3.71
C PHE A 209 50.84 13.75 3.41
N SER A 210 50.44 12.71 4.14
CA SER A 210 50.96 11.36 3.94
C SER A 210 49.80 10.39 3.68
N ALA A 211 49.86 9.70 2.55
CA ALA A 211 48.88 8.68 2.21
C ALA A 211 49.44 7.31 2.56
N LEU A 212 48.58 6.44 3.10
CA LEU A 212 49.01 5.13 3.57
C LEU A 212 48.29 4.03 2.79
N GLU A 213 49.04 2.98 2.40
CA GLU A 213 48.50 1.90 1.60
C GLU A 213 48.44 0.60 2.39
N PRO A 214 47.39 -0.20 2.18
CA PRO A 214 47.28 -1.48 2.90
C PRO A 214 48.38 -2.45 2.51
N LEU A 215 48.83 -3.25 3.48
CA LEU A 215 49.84 -4.27 3.23
C LEU A 215 49.32 -5.68 3.46
N VAL A 216 48.82 -5.99 4.66
CA VAL A 216 48.47 -7.35 5.04
C VAL A 216 47.14 -7.34 5.78
N ASP A 217 46.35 -8.40 5.58
CA ASP A 217 45.09 -8.58 6.29
C ASP A 217 45.09 -9.95 6.95
N LEU A 218 44.57 -10.02 8.17
CA LEU A 218 44.52 -11.26 8.94
C LEU A 218 43.07 -11.70 9.08
N PRO A 219 42.67 -12.82 8.47
CA PRO A 219 41.24 -13.19 8.45
C PRO A 219 40.72 -13.82 9.74
N ILE A 220 41.44 -13.76 10.85
CA ILE A 220 40.96 -14.35 12.10
C ILE A 220 39.78 -13.55 12.63
N ARG A 226 45.45 -3.90 24.91
CA ARG A 226 46.76 -3.29 25.07
C ARG A 226 47.77 -3.87 24.09
N PHE A 227 48.93 -3.21 23.98
CA PHE A 227 50.02 -3.72 23.15
C PHE A 227 51.32 -3.17 23.68
N GLN A 228 52.42 -3.83 23.29
CA GLN A 228 53.76 -3.44 23.71
C GLN A 228 54.71 -3.53 22.53
N THR A 229 55.41 -2.44 22.25
CA THR A 229 56.39 -2.44 21.18
C THR A 229 57.60 -3.27 21.57
N LEU A 230 58.35 -3.70 20.56
CA LEU A 230 59.58 -4.45 20.75
C LEU A 230 60.76 -3.54 20.47
N LEU A 231 61.48 -3.16 21.52
CA LEU A 231 62.61 -2.25 21.39
C LEU A 231 63.82 -2.98 20.82
N ALA A 253 61.48 8.87 16.74
CA ALA A 253 61.84 7.99 17.86
C ALA A 253 60.76 6.94 18.09
N TYR A 254 59.77 7.29 18.91
CA TYR A 254 58.67 6.37 19.22
C TYR A 254 57.47 7.20 19.65
N TYR A 255 56.52 7.39 18.73
CA TYR A 255 55.31 8.15 19.00
C TYR A 255 54.09 7.24 18.96
N VAL A 256 53.13 7.51 19.82
CA VAL A 256 51.89 6.75 19.90
C VAL A 256 50.72 7.71 19.75
N GLY A 257 49.79 7.36 18.86
CA GLY A 257 48.61 8.16 18.65
C GLY A 257 47.37 7.29 18.71
N TYR A 258 46.23 7.95 18.90
CA TYR A 258 44.95 7.27 19.04
C TYR A 258 43.93 7.90 18.10
N LEU A 259 43.00 7.07 17.63
CA LEU A 259 42.05 7.49 16.61
C LEU A 259 40.65 7.01 16.98
N GLN A 260 39.65 7.73 16.46
CA GLN A 260 38.26 7.46 16.79
C GLN A 260 37.42 7.76 15.57
N PRO A 261 36.13 7.39 15.58
CA PRO A 261 35.27 7.72 14.44
C PRO A 261 35.18 9.22 14.20
N ARG A 262 35.37 9.61 12.94
CA ARG A 262 35.36 11.03 12.57
C ARG A 262 35.17 11.12 11.07
N THR A 263 34.10 11.80 10.64
CA THR A 263 33.83 11.95 9.22
C THR A 263 34.87 12.85 8.56
N PHE A 264 35.30 12.47 7.36
CA PHE A 264 36.30 13.20 6.60
C PHE A 264 35.73 13.61 5.24
N LEU A 265 36.59 14.25 4.44
CA LEU A 265 36.23 14.63 3.07
C LEU A 265 37.52 14.64 2.26
N LEU A 266 37.79 13.54 1.55
CA LEU A 266 39.03 13.39 0.81
C LEU A 266 38.89 13.89 -0.61
N LYS A 267 39.94 14.55 -1.10
CA LYS A 267 39.98 15.11 -2.45
C LYS A 267 40.94 14.28 -3.30
N TYR A 268 40.39 13.60 -4.29
CA TYR A 268 41.19 12.78 -5.20
C TYR A 268 41.65 13.61 -6.39
N ASN A 269 42.90 13.39 -6.80
CA ASN A 269 43.46 14.06 -7.97
C ASN A 269 43.24 13.19 -9.21
N GLU A 270 43.93 13.54 -10.30
CA GLU A 270 43.74 12.81 -11.55
C GLU A 270 44.15 11.35 -11.42
N ASN A 271 45.27 11.08 -10.75
CA ASN A 271 45.80 9.73 -10.64
C ASN A 271 45.26 8.98 -9.43
N GLY A 272 44.23 9.50 -8.78
CA GLY A 272 43.63 8.81 -7.65
C GLY A 272 44.42 8.85 -6.37
N THR A 273 45.28 9.84 -6.19
CA THR A 273 46.05 10.01 -4.96
C THR A 273 45.50 11.19 -4.20
N ILE A 274 45.00 10.94 -2.99
CA ILE A 274 44.41 12.00 -2.17
C ILE A 274 45.47 13.01 -1.78
N THR A 275 45.12 14.29 -1.87
CA THR A 275 46.05 15.37 -1.58
C THR A 275 45.54 16.38 -0.55
N ASP A 276 44.27 16.32 -0.15
CA ASP A 276 43.75 17.26 0.84
C ASP A 276 42.55 16.63 1.52
N ALA A 277 42.28 17.10 2.74
CA ALA A 277 41.16 16.58 3.53
C ALA A 277 40.79 17.62 4.57
N VAL A 278 39.55 17.51 5.07
CA VAL A 278 39.03 18.37 6.12
C VAL A 278 38.21 17.52 7.08
N ASP A 279 38.29 17.85 8.36
CA ASP A 279 37.51 17.17 9.38
C ASP A 279 36.15 17.84 9.52
N CYS A 280 35.08 17.07 9.33
CA CYS A 280 33.73 17.61 9.35
C CYS A 280 33.22 17.88 10.76
N ALA A 281 34.07 17.78 11.79
CA ALA A 281 33.63 18.03 13.16
C ALA A 281 34.66 18.80 13.99
N LEU A 282 35.60 19.49 13.35
CA LEU A 282 36.64 20.20 14.09
C LEU A 282 36.23 21.64 14.41
N ASP A 283 35.92 22.43 13.38
CA ASP A 283 35.61 23.84 13.51
C ASP A 283 34.38 24.17 12.70
N PRO A 284 33.70 25.29 13.02
CA PRO A 284 32.54 25.68 12.20
C PRO A 284 32.88 25.92 10.74
N LEU A 285 34.06 26.47 10.45
CA LEU A 285 34.45 26.67 9.06
C LEU A 285 34.58 25.33 8.35
N SER A 286 35.18 24.34 9.01
CA SER A 286 35.26 23.00 8.43
C SER A 286 33.88 22.38 8.27
N GLU A 287 32.96 22.66 9.21
CA GLU A 287 31.59 22.18 9.06
C GLU A 287 30.93 22.78 7.82
N THR A 288 31.13 24.08 7.60
CA THR A 288 30.59 24.71 6.38
C THR A 288 31.21 24.09 5.13
N LYS A 289 32.52 23.85 5.15
CA LYS A 289 33.17 23.21 4.02
C LYS A 289 32.59 21.83 3.76
N CYS A 290 32.30 21.08 4.82
CA CYS A 290 31.75 19.74 4.68
C CYS A 290 30.32 19.78 4.14
N THR A 291 29.52 20.75 4.60
CA THR A 291 28.14 20.85 4.13
C THR A 291 28.09 21.30 2.67
N LEU A 292 28.92 22.26 2.29
CA LEU A 292 28.98 22.70 0.90
C LEU A 292 29.72 21.73 0.00
N LYS A 293 30.44 20.78 0.57
CA LYS A 293 31.21 19.80 -0.20
C LYS A 293 32.17 20.47 -1.17
N SER A 294 32.88 21.48 -0.67
CA SER A 294 33.88 22.18 -1.46
C SER A 294 34.96 22.72 -0.52
N PHE A 295 36.13 22.98 -1.08
CA PHE A 295 37.27 23.46 -0.33
C PHE A 295 37.40 24.98 -0.36
N THR A 296 36.49 25.68 -1.04
CA THR A 296 36.51 27.13 -1.12
C THR A 296 35.12 27.65 -0.78
N VAL A 297 35.06 28.61 0.14
CA VAL A 297 33.81 29.19 0.59
C VAL A 297 33.85 30.69 0.34
N GLU A 298 32.84 31.20 -0.38
CA GLU A 298 32.74 32.61 -0.68
C GLU A 298 31.97 33.34 0.41
N LYS A 299 31.89 34.66 0.28
CA LYS A 299 31.22 35.48 1.29
C LYS A 299 29.73 35.13 1.36
N GLY A 300 29.22 35.03 2.58
CA GLY A 300 27.81 34.74 2.78
C GLY A 300 27.58 34.17 4.16
N ILE A 301 26.33 33.75 4.38
CA ILE A 301 25.90 33.13 5.62
C ILE A 301 25.26 31.79 5.29
N TYR A 302 25.70 30.74 5.98
CA TYR A 302 25.24 29.38 5.70
C TYR A 302 24.73 28.73 6.98
N GLN A 303 23.84 27.76 6.81
CA GLN A 303 23.31 26.97 7.90
C GLN A 303 23.95 25.60 7.88
N THR A 304 24.45 25.15 9.04
CA THR A 304 25.28 23.96 9.10
C THR A 304 24.61 22.82 9.85
N SER A 305 24.18 23.03 11.09
CA SER A 305 23.70 21.94 11.92
C SER A 305 22.62 22.48 12.85
N ASN A 306 22.29 21.71 13.89
CA ASN A 306 21.28 22.07 14.86
C ASN A 306 21.87 21.99 16.26
N PHE A 307 21.28 22.77 17.18
CA PHE A 307 21.71 22.82 18.57
C PHE A 307 20.58 22.31 19.45
N ARG A 308 20.91 21.40 20.37
CA ARG A 308 19.91 20.81 21.25
C ARG A 308 20.54 20.50 22.60
N VAL A 309 19.82 20.84 23.66
CA VAL A 309 20.31 20.62 25.01
C VAL A 309 20.10 19.16 25.39
N GLN A 310 21.11 18.56 26.06
CA GLN A 310 21.04 17.16 26.45
C GLN A 310 20.51 17.02 27.88
N PRO A 311 19.81 15.94 28.17
CA PRO A 311 19.33 15.69 29.53
C PRO A 311 20.48 15.33 30.45
N THR A 312 20.26 15.55 31.75
CA THR A 312 21.28 15.31 32.77
C THR A 312 20.88 14.28 33.81
N GLU A 313 19.61 14.19 34.18
CA GLU A 313 19.17 13.29 35.24
C GLU A 313 18.04 12.41 34.73
N SER A 314 17.68 11.42 35.55
CA SER A 314 16.60 10.48 35.24
C SER A 314 15.59 10.50 36.38
N ILE A 315 14.31 10.63 36.04
CA ILE A 315 13.23 10.72 37.01
C ILE A 315 12.26 9.58 36.79
N VAL A 316 11.99 8.82 37.84
CA VAL A 316 11.03 7.72 37.81
C VAL A 316 10.11 7.87 39.01
N ARG A 317 8.80 7.80 38.77
CA ARG A 317 7.80 7.94 39.83
C ARG A 317 6.68 6.94 39.58
N PHE A 318 6.64 5.88 40.39
CA PHE A 318 5.59 4.87 40.32
C PHE A 318 4.80 4.89 41.63
N PRO A 319 3.51 4.53 41.58
CA PRO A 319 2.74 4.41 42.82
C PRO A 319 3.26 3.27 43.67
N ASN A 320 3.70 3.59 44.89
CA ASN A 320 4.36 2.61 45.74
C ASN A 320 3.32 1.77 46.48
N ILE A 321 3.18 0.51 46.08
CA ILE A 321 2.33 -0.45 46.75
C ILE A 321 3.08 -1.78 46.78
N THR A 322 2.64 -2.68 47.66
CA THR A 322 3.36 -3.92 47.89
C THR A 322 2.48 -5.17 47.78
N ASN A 323 1.26 -5.04 47.26
CA ASN A 323 0.38 -6.19 47.12
C ASN A 323 0.89 -7.07 45.98
N LEU A 324 1.63 -8.12 46.32
CA LEU A 324 2.10 -9.06 45.31
C LEU A 324 0.92 -9.70 44.59
N CYS A 325 1.04 -9.84 43.29
CA CYS A 325 -0.14 -10.12 42.48
C CYS A 325 -0.51 -11.60 42.59
N PRO A 326 -1.80 -11.93 42.67
CA PRO A 326 -2.23 -13.34 42.80
C PRO A 326 -2.26 -14.10 41.47
N PHE A 327 -1.08 -14.55 41.04
CA PHE A 327 -0.97 -15.39 39.86
C PHE A 327 -1.00 -16.88 40.18
N GLY A 328 -0.54 -17.27 41.37
CA GLY A 328 -0.54 -18.68 41.73
C GLY A 328 -1.94 -19.27 41.82
N GLU A 329 -2.89 -18.46 42.30
CA GLU A 329 -4.26 -18.92 42.45
C GLU A 329 -4.88 -19.30 41.12
N VAL A 330 -4.29 -18.85 40.01
CA VAL A 330 -4.76 -19.18 38.69
C VAL A 330 -3.89 -20.22 38.01
N PHE A 331 -2.56 -20.13 38.14
CA PHE A 331 -1.73 -21.10 37.43
C PHE A 331 -1.72 -22.46 38.10
N ASN A 332 -1.82 -22.52 39.43
CA ASN A 332 -1.71 -23.76 40.18
C ASN A 332 -3.03 -24.43 40.52
N ALA A 333 -4.14 -23.98 39.93
CA ALA A 333 -5.45 -24.42 40.38
C ALA A 333 -5.59 -25.91 40.08
N THR A 334 -6.31 -26.61 40.96
CA THR A 334 -6.47 -28.06 40.79
C THR A 334 -7.35 -28.38 39.59
N ARG A 335 -8.49 -27.73 39.46
CA ARG A 335 -9.42 -28.03 38.38
C ARG A 335 -9.68 -26.76 37.57
N PHE A 336 -9.42 -26.84 36.27
CA PHE A 336 -9.78 -25.79 35.34
C PHE A 336 -11.22 -26.00 34.88
N ALA A 337 -11.65 -25.24 33.88
CA ALA A 337 -13.01 -25.29 33.39
C ALA A 337 -13.02 -25.75 31.94
N SER A 338 -14.19 -26.21 31.50
CA SER A 338 -14.37 -26.61 30.11
C SER A 338 -14.23 -25.40 29.20
N VAL A 339 -13.77 -25.65 27.98
CA VAL A 339 -13.50 -24.55 27.05
C VAL A 339 -14.78 -23.80 26.73
N TYR A 340 -15.91 -24.50 26.63
CA TYR A 340 -17.16 -23.84 26.29
C TYR A 340 -17.70 -23.00 27.44
N ALA A 341 -17.12 -23.10 28.63
CA ALA A 341 -17.56 -22.34 29.80
C ALA A 341 -16.34 -21.77 30.53
N TRP A 342 -15.44 -21.14 29.78
CA TRP A 342 -14.18 -20.66 30.34
C TRP A 342 -14.43 -19.69 31.50
N ASN A 343 -13.41 -19.53 32.35
CA ASN A 343 -13.52 -18.77 33.58
C ASN A 343 -12.65 -17.54 33.51
N ARG A 344 -13.23 -16.38 33.78
CA ARG A 344 -12.55 -15.10 33.73
C ARG A 344 -12.32 -14.57 35.14
N LYS A 345 -11.12 -14.03 35.38
CA LYS A 345 -10.79 -13.40 36.64
C LYS A 345 -10.15 -12.05 36.39
N ARG A 346 -10.67 -11.02 37.05
CA ARG A 346 -10.11 -9.68 36.93
C ARG A 346 -8.94 -9.51 37.89
N ILE A 347 -8.04 -8.60 37.54
CA ILE A 347 -6.83 -8.34 38.32
C ILE A 347 -6.63 -6.83 38.43
N SER A 348 -6.41 -6.35 39.65
CA SER A 348 -6.21 -4.92 39.87
C SER A 348 -5.48 -4.71 41.18
N ASN A 349 -4.87 -3.53 41.31
CA ASN A 349 -4.19 -3.10 42.54
C ASN A 349 -3.16 -4.12 43.01
N CYS A 350 -2.37 -4.63 42.07
CA CYS A 350 -1.32 -5.59 42.38
C CYS A 350 -0.04 -5.19 41.68
N VAL A 351 1.10 -5.57 42.29
CA VAL A 351 2.40 -5.41 41.67
C VAL A 351 2.69 -6.70 40.92
N ALA A 352 2.50 -6.67 39.59
CA ALA A 352 2.76 -7.85 38.80
C ALA A 352 4.27 -8.06 38.62
N ASP A 353 4.65 -9.30 38.34
CA ASP A 353 6.04 -9.64 38.07
C ASP A 353 6.06 -10.75 37.03
N TYR A 354 6.16 -10.36 35.77
CA TYR A 354 6.12 -11.32 34.66
C TYR A 354 7.47 -11.99 34.41
N SER A 355 8.55 -11.47 34.99
CA SER A 355 9.86 -12.08 34.78
C SER A 355 9.91 -13.50 35.32
N VAL A 356 9.32 -13.73 36.50
CA VAL A 356 9.34 -15.06 37.09
C VAL A 356 8.51 -16.03 36.24
N LEU A 357 7.40 -15.55 35.67
CA LEU A 357 6.61 -16.38 34.77
C LEU A 357 7.40 -16.74 33.52
N TYR A 358 8.12 -15.77 32.96
CA TYR A 358 8.86 -16.00 31.73
C TYR A 358 10.07 -16.91 31.93
N ASN A 359 10.55 -17.05 33.16
CA ASN A 359 11.71 -17.87 33.46
C ASN A 359 11.34 -19.19 34.11
N SER A 360 10.05 -19.57 34.10
CA SER A 360 9.67 -20.86 34.65
C SER A 360 10.14 -22.02 33.78
N ALA A 361 10.26 -21.78 32.47
CA ALA A 361 10.82 -22.75 31.52
C ALA A 361 10.01 -24.02 31.42
N SER A 362 8.86 -24.08 32.10
CA SER A 362 7.98 -25.23 32.04
C SER A 362 6.86 -25.07 31.02
N PHE A 363 6.85 -23.98 30.28
CA PHE A 363 5.81 -23.71 29.28
C PHE A 363 6.33 -24.06 27.89
N SER A 364 5.45 -24.62 27.07
CA SER A 364 5.79 -24.99 25.70
C SER A 364 5.34 -23.97 24.68
N THR A 365 4.72 -22.87 25.11
CA THR A 365 4.22 -21.85 24.17
C THR A 365 4.05 -20.55 24.93
N PHE A 366 4.80 -19.52 24.51
CA PHE A 366 4.71 -18.18 25.12
C PHE A 366 4.73 -17.17 23.98
N LYS A 367 3.55 -16.85 23.46
CA LYS A 367 3.40 -15.95 22.33
C LYS A 367 2.72 -14.67 22.79
N CYS A 368 3.36 -13.53 22.55
CA CYS A 368 2.85 -12.24 22.98
C CYS A 368 2.63 -11.38 21.74
N TYR A 369 1.38 -10.96 21.53
CA TYR A 369 1.00 -10.14 20.38
C TYR A 369 0.94 -8.68 20.79
N GLY A 370 1.70 -7.83 20.11
CA GLY A 370 1.65 -6.42 20.36
C GLY A 370 2.48 -5.93 21.52
N VAL A 371 3.29 -6.80 22.13
CA VAL A 371 4.20 -6.40 23.20
C VAL A 371 5.25 -7.49 23.36
N SER A 372 6.49 -7.07 23.60
CA SER A 372 7.50 -8.11 23.76
C SER A 372 7.60 -8.54 25.22
N PRO A 373 7.74 -9.84 25.47
CA PRO A 373 7.73 -10.33 26.86
C PRO A 373 8.84 -9.76 27.72
N THR A 374 10.02 -9.53 27.15
CA THR A 374 11.14 -9.04 27.96
C THR A 374 10.88 -7.64 28.50
N LYS A 375 10.23 -6.80 27.69
CA LYS A 375 9.94 -5.42 28.07
C LYS A 375 8.67 -5.29 28.93
N LEU A 376 8.18 -6.38 29.50
CA LEU A 376 6.90 -6.33 30.20
C LEU A 376 7.02 -5.80 31.63
N ASN A 377 8.22 -5.76 32.19
CA ASN A 377 8.42 -5.28 33.55
C ASN A 377 8.73 -3.79 33.63
N ASP A 378 8.34 -3.02 32.60
CA ASP A 378 8.69 -1.61 32.55
C ASP A 378 7.50 -0.69 32.29
N LEU A 379 6.29 -1.23 32.12
CA LEU A 379 5.15 -0.42 31.72
C LEU A 379 3.95 -0.79 32.56
N CYS A 380 3.04 0.17 32.72
CA CYS A 380 1.90 0.05 33.61
C CYS A 380 0.60 -0.06 32.81
N PHE A 381 -0.42 -0.64 33.45
CA PHE A 381 -1.66 -1.02 32.82
C PHE A 381 -2.80 -0.43 33.63
N THR A 382 -4.03 -0.59 33.13
CA THR A 382 -5.21 -0.18 33.89
C THR A 382 -5.95 -1.36 34.50
N ASN A 383 -6.14 -2.45 33.76
CA ASN A 383 -6.65 -3.69 34.32
C ASN A 383 -6.15 -4.85 33.47
N VAL A 384 -6.13 -6.04 34.07
CA VAL A 384 -5.60 -7.23 33.42
C VAL A 384 -6.64 -8.33 33.54
N TYR A 385 -6.98 -8.95 32.41
CA TYR A 385 -7.94 -10.04 32.35
C TYR A 385 -7.19 -11.36 32.17
N ALA A 386 -7.50 -12.33 33.03
CA ALA A 386 -6.92 -13.67 32.93
C ALA A 386 -8.04 -14.68 32.84
N ASP A 387 -8.02 -15.50 31.79
CA ASP A 387 -9.01 -16.55 31.60
C ASP A 387 -8.30 -17.83 31.17
N SER A 388 -8.83 -18.96 31.64
CA SER A 388 -8.15 -20.24 31.47
C SER A 388 -9.16 -21.32 31.10
N PHE A 389 -8.68 -22.35 30.43
CA PHE A 389 -9.47 -23.50 30.02
C PHE A 389 -8.50 -24.59 29.59
N VAL A 390 -9.06 -25.75 29.23
CA VAL A 390 -8.27 -26.92 28.85
C VAL A 390 -8.79 -27.45 27.52
N ILE A 391 -7.89 -27.67 26.58
CA ILE A 391 -8.22 -28.16 25.25
C ILE A 391 -7.17 -29.19 24.84
N ARG A 392 -7.38 -29.79 23.67
CA ARG A 392 -6.49 -30.83 23.17
C ARG A 392 -5.17 -30.22 22.69
N GLY A 393 -4.24 -31.09 22.33
CA GLY A 393 -2.96 -30.63 21.83
C GLY A 393 -2.98 -30.17 20.38
N ASP A 394 -3.89 -30.72 19.58
CA ASP A 394 -3.98 -30.32 18.18
C ASP A 394 -4.55 -28.91 18.05
N GLU A 395 -5.50 -28.55 18.91
CA GLU A 395 -6.21 -27.28 18.77
C GLU A 395 -5.45 -26.10 19.37
N VAL A 396 -4.27 -26.33 19.94
CA VAL A 396 -3.54 -25.26 20.61
C VAL A 396 -3.16 -24.14 19.64
N ARG A 397 -3.08 -24.44 18.35
CA ARG A 397 -2.74 -23.41 17.37
C ARG A 397 -3.95 -22.59 16.94
N GLN A 398 -5.17 -23.00 17.32
CA GLN A 398 -6.36 -22.24 17.01
C GLN A 398 -6.58 -21.07 17.95
N ILE A 399 -5.86 -21.00 19.06
CA ILE A 399 -5.98 -19.87 20.00
C ILE A 399 -4.96 -18.84 19.53
N ALA A 400 -5.37 -18.03 18.55
CA ALA A 400 -4.54 -17.01 17.94
C ALA A 400 -5.40 -16.10 17.08
N PRO A 401 -5.09 -14.81 17.00
CA PRO A 401 -5.94 -13.90 16.21
C PRO A 401 -5.96 -14.31 14.74
N GLY A 402 -7.13 -14.14 14.12
CA GLY A 402 -7.29 -14.47 12.72
C GLY A 402 -7.08 -15.93 12.40
N GLN A 403 -7.69 -16.81 13.20
CA GLN A 403 -7.57 -18.25 12.99
C GLN A 403 -8.97 -18.87 12.93
N THR A 404 -9.06 -20.01 12.27
CA THR A 404 -10.33 -20.69 12.05
C THR A 404 -10.23 -22.13 12.50
N GLY A 405 -11.39 -22.70 12.81
CA GLY A 405 -11.46 -24.05 13.34
C GLY A 405 -12.68 -24.17 14.24
N LYS A 406 -12.90 -25.39 14.72
CA LYS A 406 -14.06 -25.64 15.57
C LYS A 406 -13.98 -24.86 16.87
N ILE A 407 -12.81 -24.88 17.51
CA ILE A 407 -12.66 -24.18 18.79
C ILE A 407 -12.82 -22.68 18.61
N ALA A 408 -12.10 -22.11 17.65
CA ALA A 408 -12.18 -20.67 17.42
C ALA A 408 -13.53 -20.24 16.87
N ASP A 409 -14.31 -21.18 16.31
CA ASP A 409 -15.61 -20.85 15.77
C ASP A 409 -16.71 -20.91 16.81
N TYR A 410 -16.68 -21.91 17.70
CA TYR A 410 -17.82 -22.15 18.58
C TYR A 410 -17.54 -21.98 20.07
N ASN A 411 -16.29 -21.85 20.50
CA ASN A 411 -16.00 -21.81 21.92
C ASN A 411 -15.28 -20.54 22.36
N TYR A 412 -14.21 -20.16 21.67
CA TYR A 412 -13.39 -19.02 22.10
C TYR A 412 -12.87 -18.29 20.88
N LYS A 413 -13.17 -17.00 20.80
CA LYS A 413 -12.78 -16.16 19.66
C LYS A 413 -11.95 -14.99 20.15
N LEU A 414 -10.83 -14.75 19.47
CA LEU A 414 -9.93 -13.65 19.79
C LEU A 414 -10.08 -12.53 18.77
N PRO A 415 -10.18 -11.28 19.20
CA PRO A 415 -10.28 -10.19 18.24
C PRO A 415 -9.01 -10.02 17.44
N ASP A 416 -9.16 -9.48 16.22
CA ASP A 416 -8.01 -9.38 15.31
C ASP A 416 -6.99 -8.35 15.79
N ASP A 417 -7.39 -7.39 16.61
CA ASP A 417 -6.48 -6.40 17.18
C ASP A 417 -6.16 -6.71 18.64
N PHE A 418 -6.06 -7.99 18.98
CA PHE A 418 -5.83 -8.39 20.35
C PHE A 418 -4.41 -8.04 20.79
N THR A 419 -4.26 -7.64 22.05
CA THR A 419 -2.97 -7.38 22.65
C THR A 419 -2.87 -8.15 23.96
N GLY A 420 -1.77 -8.86 24.14
CA GLY A 420 -1.57 -9.69 25.31
C GLY A 420 -0.67 -10.85 24.98
N CYS A 421 -0.75 -11.90 25.80
CA CYS A 421 0.09 -13.07 25.66
C CYS A 421 -0.75 -14.34 25.81
N VAL A 422 -0.28 -15.41 25.17
CA VAL A 422 -0.94 -16.71 25.21
C VAL A 422 0.05 -17.71 25.77
N ILE A 423 -0.35 -18.40 26.85
CA ILE A 423 0.53 -19.29 27.59
C ILE A 423 -0.13 -20.66 27.68
N ALA A 424 0.63 -21.72 27.40
CA ALA A 424 0.11 -23.07 27.48
C ALA A 424 1.23 -24.03 27.83
N TRP A 425 0.86 -25.18 28.39
CA TRP A 425 1.82 -26.20 28.74
C TRP A 425 1.10 -27.53 28.91
N ASN A 426 1.78 -28.62 28.53
CA ASN A 426 1.19 -29.95 28.62
C ASN A 426 0.95 -30.33 30.07
N SER A 427 -0.22 -30.90 30.34
CA SER A 427 -0.63 -31.25 31.70
C SER A 427 -1.24 -32.65 31.71
N ASN A 428 -0.55 -33.61 31.09
CA ASN A 428 -1.06 -34.98 31.03
C ASN A 428 -1.10 -35.64 32.40
N ASN A 429 -0.38 -35.12 33.39
CA ASN A 429 -0.25 -35.78 34.68
C ASN A 429 -1.32 -35.38 35.68
N LEU A 430 -2.23 -34.48 35.32
CA LEU A 430 -3.23 -34.01 36.27
C LEU A 430 -4.65 -34.13 35.74
N ASP A 431 -4.81 -34.04 34.42
CA ASP A 431 -6.13 -33.99 33.79
C ASP A 431 -6.50 -35.27 33.07
N SER A 432 -5.71 -36.33 33.20
CA SER A 432 -5.99 -37.59 32.54
C SER A 432 -5.86 -38.73 33.54
N LYS A 433 -6.80 -39.67 33.47
CA LYS A 433 -6.84 -40.82 34.37
C LYS A 433 -7.12 -42.08 33.57
N VAL A 434 -6.68 -43.22 34.13
CA VAL A 434 -6.91 -44.50 33.48
C VAL A 434 -8.41 -44.75 33.38
N GLY A 435 -8.82 -45.40 32.30
CA GLY A 435 -10.23 -45.61 32.02
C GLY A 435 -10.94 -44.45 31.38
N GLY A 436 -10.24 -43.35 31.10
CA GLY A 436 -10.83 -42.23 30.40
C GLY A 436 -11.41 -41.18 31.31
N ASN A 437 -11.14 -39.91 31.02
CA ASN A 437 -11.71 -38.78 31.74
C ASN A 437 -12.71 -38.09 30.81
N TYR A 438 -13.96 -38.00 31.25
CA TYR A 438 -15.04 -37.46 30.43
C TYR A 438 -15.67 -36.21 31.06
N ASN A 439 -14.93 -35.50 31.90
CA ASN A 439 -15.45 -34.33 32.59
C ASN A 439 -15.17 -33.03 31.86
N TYR A 440 -14.43 -33.07 30.75
CA TYR A 440 -14.12 -31.89 29.95
C TYR A 440 -14.93 -31.95 28.67
N LEU A 441 -15.71 -30.89 28.41
CA LEU A 441 -16.60 -30.84 27.27
C LEU A 441 -16.19 -29.72 26.32
N TYR A 442 -16.72 -29.78 25.10
CA TYR A 442 -16.52 -28.72 24.14
C TYR A 442 -17.70 -28.71 23.16
N ARG A 443 -18.12 -27.51 22.76
CA ARG A 443 -19.23 -27.39 21.85
C ARG A 443 -18.86 -27.93 20.48
N LEU A 444 -19.82 -28.57 19.81
CA LEU A 444 -19.57 -29.17 18.50
C LEU A 444 -20.61 -28.79 17.46
N PHE A 445 -21.80 -28.32 17.85
CA PHE A 445 -22.82 -27.90 16.91
C PHE A 445 -23.32 -26.51 17.30
N ARG A 446 -23.45 -25.64 16.31
CA ARG A 446 -23.92 -24.28 16.51
C ARG A 446 -24.27 -23.68 15.16
N LYS A 447 -25.24 -22.78 15.14
CA LYS A 447 -25.80 -22.23 13.91
C LYS A 447 -25.17 -20.90 13.51
N SER A 448 -24.18 -20.41 14.25
CA SER A 448 -23.47 -19.20 13.86
C SER A 448 -22.15 -19.15 14.60
N ASN A 449 -21.24 -18.33 14.10
CA ASN A 449 -19.94 -18.17 14.73
C ASN A 449 -20.05 -17.24 15.94
N LEU A 450 -18.93 -17.08 16.64
CA LEU A 450 -18.90 -16.33 17.90
C LEU A 450 -18.20 -14.99 17.68
N LYS A 451 -18.78 -13.94 18.25
CA LYS A 451 -18.08 -12.67 18.33
C LYS A 451 -16.92 -12.79 19.33
N PRO A 452 -15.88 -11.96 19.19
CA PRO A 452 -14.73 -12.08 20.10
C PRO A 452 -15.14 -11.87 21.54
N PHE A 453 -14.54 -12.68 22.42
CA PHE A 453 -14.76 -12.61 23.87
C PHE A 453 -16.25 -12.76 24.21
N GLU A 454 -16.80 -13.92 23.83
CA GLU A 454 -18.19 -14.24 24.09
C GLU A 454 -18.27 -15.69 24.55
N ARG A 455 -19.32 -15.99 25.34
CA ARG A 455 -19.56 -17.34 25.82
C ARG A 455 -21.01 -17.72 25.60
N ASP A 456 -21.25 -19.02 25.50
CA ASP A 456 -22.60 -19.56 25.45
C ASP A 456 -22.63 -20.86 26.24
N ILE A 457 -23.69 -21.02 27.05
CA ILE A 457 -23.84 -22.19 27.90
C ILE A 457 -25.20 -22.86 27.77
N SER A 458 -26.09 -22.32 26.94
CA SER A 458 -27.38 -22.96 26.71
C SER A 458 -27.18 -24.27 25.96
N THR A 459 -27.83 -25.33 26.43
CA THR A 459 -27.69 -26.67 25.85
C THR A 459 -28.96 -27.10 25.14
N GLU A 460 -29.65 -26.17 24.50
CA GLU A 460 -30.84 -26.52 23.74
C GLU A 460 -30.49 -27.45 22.58
N ILE A 461 -31.43 -28.33 22.24
CA ILE A 461 -31.15 -29.35 21.24
C ILE A 461 -30.87 -28.69 19.88
N TYR A 462 -29.99 -29.31 19.12
CA TYR A 462 -29.62 -28.79 17.81
C TYR A 462 -30.59 -29.28 16.74
N GLN A 463 -30.81 -28.44 15.74
CA GLN A 463 -31.75 -28.72 14.67
C GLN A 463 -30.98 -28.86 13.36
N ALA A 464 -31.14 -30.00 12.69
CA ALA A 464 -30.47 -30.28 11.43
C ALA A 464 -31.50 -30.74 10.41
N GLY A 465 -31.20 -30.51 9.14
CA GLY A 465 -32.12 -30.86 8.08
C GLY A 465 -33.25 -29.86 7.94
N SER A 466 -34.46 -30.35 7.63
CA SER A 466 -35.63 -29.51 7.49
C SER A 466 -36.68 -29.75 8.55
N THR A 467 -36.90 -31.00 8.94
CA THR A 467 -37.93 -31.30 9.95
C THR A 467 -37.50 -30.77 11.31
N PRO A 468 -38.33 -30.01 12.00
CA PRO A 468 -37.98 -29.52 13.34
C PRO A 468 -38.11 -30.63 14.38
N CYS A 469 -37.69 -30.29 15.60
CA CYS A 469 -37.76 -31.21 16.72
C CYS A 469 -37.68 -30.41 18.01
N ASN A 470 -37.89 -31.09 19.13
CA ASN A 470 -37.88 -30.45 20.44
C ASN A 470 -37.72 -31.50 21.52
N GLY A 471 -36.70 -31.34 22.36
CA GLY A 471 -36.49 -32.25 23.48
C GLY A 471 -36.24 -33.69 23.11
N VAL A 472 -35.84 -33.95 21.85
CA VAL A 472 -35.64 -35.31 21.37
C VAL A 472 -34.31 -35.35 20.63
N GLU A 473 -33.76 -36.57 20.51
CA GLU A 473 -32.48 -36.79 19.83
C GLU A 473 -32.61 -37.88 18.79
N GLY A 474 -33.77 -38.03 18.17
CA GLY A 474 -34.02 -39.12 17.26
C GLY A 474 -33.27 -39.04 15.95
N PHE A 475 -33.63 -38.08 15.10
CA PHE A 475 -33.05 -37.96 13.76
C PHE A 475 -32.73 -36.51 13.47
N ASN A 476 -31.48 -36.25 13.07
CA ASN A 476 -31.02 -34.90 12.72
C ASN A 476 -31.22 -33.92 13.88
N CYS A 477 -31.14 -34.41 15.11
CA CYS A 477 -31.24 -33.59 16.31
C CYS A 477 -30.27 -34.17 17.33
N TYR A 478 -29.13 -33.50 17.50
CA TYR A 478 -28.05 -34.03 18.31
C TYR A 478 -27.76 -33.09 19.48
N PHE A 479 -27.28 -33.68 20.56
CA PHE A 479 -26.84 -32.89 21.70
C PHE A 479 -25.63 -32.05 21.31
N PRO A 480 -25.64 -30.73 21.54
CA PRO A 480 -24.53 -29.89 21.08
C PRO A 480 -23.20 -30.25 21.73
N LEU A 481 -23.15 -30.25 23.06
CA LEU A 481 -21.88 -30.47 23.74
C LEU A 481 -21.39 -31.90 23.52
N GLN A 482 -20.10 -32.04 23.24
CA GLN A 482 -19.44 -33.32 23.18
C GLN A 482 -18.65 -33.53 24.48
N SER A 483 -17.86 -34.59 24.53
CA SER A 483 -17.07 -34.89 25.72
C SER A 483 -15.69 -35.36 25.29
N TYR A 484 -14.65 -34.64 25.73
CA TYR A 484 -13.29 -35.09 25.50
C TYR A 484 -13.04 -36.41 26.21
N GLY A 485 -12.31 -37.30 25.56
CA GLY A 485 -11.85 -38.51 26.21
C GLY A 485 -10.36 -38.48 26.43
N PHE A 486 -9.94 -38.28 27.68
CA PHE A 486 -8.53 -38.14 28.02
C PHE A 486 -8.04 -39.39 28.73
N GLN A 487 -6.94 -39.96 28.23
CA GLN A 487 -6.31 -41.12 28.83
C GLN A 487 -4.82 -40.91 28.89
N PRO A 488 -4.14 -41.45 29.91
CA PRO A 488 -2.69 -41.24 30.03
C PRO A 488 -1.89 -41.88 28.90
N THR A 489 -2.47 -42.83 28.17
CA THR A 489 -1.75 -43.53 27.12
C THR A 489 -2.00 -42.95 25.72
N ASN A 490 -2.72 -41.83 25.64
CA ASN A 490 -2.98 -41.22 24.35
C ASN A 490 -1.69 -40.64 23.77
N GLY A 491 -1.74 -40.34 22.47
CA GLY A 491 -0.61 -39.74 21.80
C GLY A 491 -0.43 -38.28 22.19
N VAL A 492 0.68 -37.71 21.71
CA VAL A 492 0.99 -36.32 22.02
C VAL A 492 -0.07 -35.39 21.42
N GLY A 493 -0.64 -35.77 20.28
CA GLY A 493 -1.67 -34.96 19.66
C GLY A 493 -3.02 -35.03 20.33
N TYR A 494 -3.17 -35.81 21.40
CA TYR A 494 -4.44 -35.95 22.07
C TYR A 494 -4.39 -35.72 23.57
N GLN A 495 -3.19 -35.59 24.17
CA GLN A 495 -3.10 -35.34 25.59
C GLN A 495 -3.64 -33.95 25.93
N PRO A 496 -4.26 -33.79 27.09
CA PRO A 496 -4.84 -32.49 27.44
C PRO A 496 -3.77 -31.44 27.65
N TYR A 497 -4.14 -30.19 27.37
CA TYR A 497 -3.26 -29.05 27.56
C TYR A 497 -3.98 -27.98 28.36
N ARG A 498 -3.21 -27.24 29.16
CA ARG A 498 -3.73 -26.16 29.99
C ARG A 498 -3.32 -24.83 29.38
N VAL A 499 -4.30 -23.97 29.14
CA VAL A 499 -4.11 -22.70 28.43
C VAL A 499 -4.51 -21.56 29.35
N VAL A 500 -3.67 -20.54 29.42
CA VAL A 500 -3.96 -19.30 30.14
C VAL A 500 -3.71 -18.14 29.18
N VAL A 501 -4.69 -17.24 29.09
CA VAL A 501 -4.62 -16.11 28.18
C VAL A 501 -4.68 -14.82 28.99
N LEU A 502 -3.73 -13.93 28.75
CA LEU A 502 -3.68 -12.62 29.40
C LEU A 502 -3.93 -11.56 28.34
N SER A 503 -4.84 -10.63 28.64
CA SER A 503 -5.21 -9.57 27.69
C SER A 503 -5.07 -8.22 28.38
N PHE A 504 -4.44 -7.28 27.69
CA PHE A 504 -4.22 -5.94 28.21
C PHE A 504 -5.02 -4.94 27.39
N GLU A 505 -4.98 -3.66 27.80
CA GLU A 505 -5.62 -2.62 27.02
C GLU A 505 -4.71 -1.41 26.84
N LEU A 506 -3.81 -1.19 27.81
CA LEU A 506 -2.83 -0.11 27.74
C LEU A 506 -3.51 1.25 27.53
N LEU A 507 -4.60 1.47 28.25
CA LEU A 507 -5.32 2.72 28.16
C LEU A 507 -4.61 3.82 28.97
N HIS A 508 -5.06 5.06 28.78
CA HIS A 508 -4.51 6.21 29.46
C HIS A 508 -5.19 6.51 30.79
N ALA A 509 -6.11 5.66 31.22
CA ALA A 509 -6.78 5.84 32.49
C ALA A 509 -5.77 5.68 33.64
N PRO A 510 -6.10 6.21 34.83
CA PRO A 510 -5.22 6.02 36.00
C PRO A 510 -4.79 4.58 36.21
N ALA A 511 -3.49 4.34 36.15
CA ALA A 511 -2.97 2.98 36.19
C ALA A 511 -3.23 2.32 37.54
N THR A 512 -3.31 0.99 37.53
CA THR A 512 -3.55 0.20 38.72
C THR A 512 -2.45 -0.81 39.00
N VAL A 513 -1.96 -1.50 37.97
CA VAL A 513 -0.87 -2.45 38.12
C VAL A 513 0.37 -1.89 37.43
N CYS A 514 1.53 -2.27 37.95
CA CYS A 514 2.79 -1.75 37.45
C CYS A 514 3.87 -2.80 37.64
N GLY A 515 5.06 -2.49 37.12
CA GLY A 515 6.21 -3.34 37.31
C GLY A 515 6.79 -3.19 38.70
N PRO A 516 7.76 -4.05 39.02
CA PRO A 516 8.37 -4.01 40.35
C PRO A 516 9.42 -2.94 40.50
N LYS A 517 9.44 -1.98 39.58
CA LYS A 517 10.46 -0.94 39.58
C LYS A 517 10.36 -0.07 40.84
N LYS A 518 11.33 0.81 40.99
CA LYS A 518 11.47 1.69 42.15
C LYS A 518 11.09 3.12 41.75
N SER A 519 11.29 4.05 42.69
CA SER A 519 10.93 5.45 42.47
C SER A 519 12.03 6.35 43.03
N THR A 520 12.21 7.49 42.39
CA THR A 520 13.20 8.48 42.80
C THR A 520 12.49 9.78 43.20
N ASN A 521 13.29 10.80 43.49
CA ASN A 521 12.77 12.09 43.91
C ASN A 521 12.64 13.03 42.70
N LEU A 522 11.75 14.02 42.84
CA LEU A 522 11.51 14.99 41.78
C LEU A 522 12.64 16.02 41.72
N VAL A 523 13.00 16.41 40.51
CA VAL A 523 13.98 17.45 40.26
C VAL A 523 13.39 18.44 39.27
N LYS A 524 13.52 19.74 39.56
CA LYS A 524 12.92 20.78 38.74
C LYS A 524 14.01 21.60 38.07
N ASN A 525 13.60 22.31 37.01
CA ASN A 525 14.44 23.29 36.31
C ASN A 525 15.70 22.65 35.73
N LYS A 526 15.63 21.37 35.39
CA LYS A 526 16.73 20.67 34.73
C LYS A 526 16.16 19.71 33.70
N CYS A 527 16.76 19.70 32.51
CA CYS A 527 16.29 18.83 31.44
C CYS A 527 16.44 17.37 31.85
N VAL A 528 15.32 16.69 32.07
CA VAL A 528 15.31 15.31 32.54
C VAL A 528 14.32 14.51 31.70
N ASN A 529 14.50 13.19 31.70
CA ASN A 529 13.62 12.28 30.98
C ASN A 529 12.71 11.59 32.00
N PHE A 530 11.53 12.17 32.18
CA PHE A 530 10.59 11.70 33.19
C PHE A 530 9.89 10.42 32.72
N ASN A 531 9.43 9.64 33.69
CA ASN A 531 8.70 8.40 33.41
C ASN A 531 7.70 8.21 34.55
N PHE A 532 6.46 8.66 34.34
CA PHE A 532 5.42 8.62 35.36
C PHE A 532 4.47 7.48 35.00
N ASN A 533 4.69 6.31 35.64
CA ASN A 533 3.97 5.07 35.34
C ASN A 533 3.72 4.92 33.84
N GLY A 534 4.80 5.05 33.08
CA GLY A 534 4.72 5.26 31.65
C GLY A 534 4.90 6.72 31.28
N LEU A 535 4.41 7.06 30.09
CA LEU A 535 4.43 8.42 29.58
C LEU A 535 5.86 8.98 29.62
N THR A 536 6.70 8.38 28.78
CA THR A 536 8.08 8.82 28.67
C THR A 536 8.16 10.15 27.91
N GLY A 537 9.13 10.97 28.30
CA GLY A 537 9.32 12.25 27.65
C GLY A 537 10.42 13.03 28.34
N THR A 538 10.90 14.05 27.63
CA THR A 538 11.99 14.90 28.10
C THR A 538 11.54 16.35 28.10
N GLY A 539 11.92 17.06 29.15
CA GLY A 539 11.58 18.47 29.25
C GLY A 539 11.99 19.02 30.60
N VAL A 540 11.58 20.27 30.85
CA VAL A 540 11.85 20.96 32.10
C VAL A 540 10.56 21.03 32.91
N LEU A 541 10.63 20.65 34.18
CA LEU A 541 9.48 20.57 35.06
C LEU A 541 9.47 21.76 36.01
N THR A 542 8.36 22.50 36.02
CA THR A 542 8.18 23.64 36.92
C THR A 542 6.89 23.44 37.71
N GLU A 543 6.51 24.46 38.48
CA GLU A 543 5.28 24.44 39.24
C GLU A 543 4.17 25.07 38.42
N SER A 544 3.11 24.31 38.16
CA SER A 544 1.99 24.76 37.35
C SER A 544 0.87 25.28 38.25
N ASN A 545 0.37 26.47 37.94
CA ASN A 545 -0.74 27.06 38.68
C ASN A 545 -2.09 26.76 38.06
N LYS A 546 -2.14 25.94 37.02
CA LYS A 546 -3.40 25.62 36.36
C LYS A 546 -4.33 24.89 37.33
N LYS A 547 -5.58 25.34 37.39
CA LYS A 547 -6.56 24.70 38.27
C LYS A 547 -6.97 23.35 37.71
N PHE A 548 -6.93 22.32 38.54
CA PHE A 548 -7.31 20.97 38.16
C PHE A 548 -8.49 20.51 39.00
N LEU A 549 -9.44 19.85 38.33
CA LEU A 549 -10.53 19.21 39.03
C LEU A 549 -10.02 17.97 39.77
N PRO A 550 -10.72 17.52 40.81
CA PRO A 550 -10.23 16.39 41.61
C PRO A 550 -10.03 15.12 40.80
N PHE A 551 -10.74 14.94 39.70
CA PHE A 551 -10.59 13.77 38.84
C PHE A 551 -9.74 14.03 37.61
N GLN A 552 -9.14 15.21 37.50
CA GLN A 552 -8.38 15.59 36.32
C GLN A 552 -6.89 15.44 36.62
N GLN A 553 -6.19 14.67 35.80
CA GLN A 553 -4.77 14.41 36.00
C GLN A 553 -3.91 14.92 34.85
N PHE A 554 -4.21 14.51 33.61
CA PHE A 554 -3.41 14.88 32.46
C PHE A 554 -3.86 16.23 31.91
N GLY A 555 -2.89 17.04 31.50
CA GLY A 555 -3.16 18.29 30.83
C GLY A 555 -2.89 18.18 29.34
N ARG A 556 -3.56 19.04 28.57
CA ARG A 556 -3.39 19.04 27.12
C ARG A 556 -3.68 20.44 26.59
N ASP A 557 -3.23 20.68 25.36
CA ASP A 557 -3.31 22.00 24.74
C ASP A 557 -4.00 21.91 23.39
N ILE A 558 -3.91 22.98 22.59
CA ILE A 558 -4.54 23.01 21.28
C ILE A 558 -4.05 21.84 20.42
N ALA A 559 -2.75 21.55 20.48
CA ALA A 559 -2.15 20.43 19.76
C ALA A 559 -1.62 19.37 20.72
N ASP A 560 -2.39 19.09 21.78
CA ASP A 560 -2.05 18.07 22.77
C ASP A 560 -0.73 18.38 23.47
N THR A 561 0.28 17.53 23.24
CA THR A 561 1.66 17.64 23.69
C THR A 561 1.78 17.31 25.20
N THR A 562 0.67 17.18 25.92
CA THR A 562 0.67 16.80 27.34
C THR A 562 1.53 17.76 28.16
N ASP A 563 1.08 19.01 28.19
CA ASP A 563 1.85 20.06 28.84
C ASP A 563 1.83 19.97 30.36
N ALA A 564 0.80 19.35 30.94
CA ALA A 564 0.65 19.29 32.38
C ALA A 564 0.45 17.84 32.83
N VAL A 565 1.13 17.46 33.90
CA VAL A 565 1.04 16.11 34.45
C VAL A 565 0.99 16.22 35.97
N ARG A 566 0.20 15.36 36.60
CA ARG A 566 0.04 15.34 38.05
C ARG A 566 0.89 14.24 38.66
N ASP A 567 1.52 14.53 39.79
CA ASP A 567 2.41 13.58 40.45
C ASP A 567 1.63 12.34 40.87
N PRO A 568 2.13 11.14 40.59
CA PRO A 568 1.40 9.93 41.01
C PRO A 568 1.43 9.71 42.51
N GLN A 569 2.56 9.94 43.17
CA GLN A 569 2.69 9.64 44.59
C GLN A 569 2.28 10.82 45.47
N THR A 570 2.96 11.96 45.30
CA THR A 570 2.71 13.13 46.14
C THR A 570 1.42 13.87 45.75
N LEU A 571 0.88 13.58 44.57
CA LEU A 571 -0.35 14.20 44.07
C LEU A 571 -0.20 15.72 43.97
N GLU A 572 0.76 16.13 43.12
CA GLU A 572 0.99 17.54 42.83
C GLU A 572 1.02 17.73 41.32
N ILE A 573 0.54 18.88 40.88
CA ILE A 573 0.48 19.20 39.46
C ILE A 573 1.80 19.82 39.02
N LEU A 574 2.17 19.58 37.77
CA LEU A 574 3.42 20.08 37.21
C LEU A 574 3.16 20.58 35.78
N ASP A 575 4.07 21.41 35.30
CA ASP A 575 4.05 21.90 33.93
C ASP A 575 5.26 21.35 33.18
N ILE A 576 5.06 21.02 31.91
CA ILE A 576 6.10 20.41 31.07
C ILE A 576 6.38 21.35 29.91
N THR A 577 7.66 21.67 29.70
CA THR A 577 8.09 22.52 28.60
C THR A 577 9.31 21.87 27.95
N PRO A 578 9.37 21.81 26.62
CA PRO A 578 10.52 21.21 25.96
C PRO A 578 11.78 22.02 26.19
N CYS A 579 12.92 21.33 26.17
CA CYS A 579 14.21 21.99 26.32
C CYS A 579 14.49 22.89 25.12
N SER A 580 15.26 23.95 25.35
CA SER A 580 15.55 24.91 24.30
C SER A 580 16.37 24.26 23.19
N PHE A 581 16.08 24.67 21.95
CA PHE A 581 16.80 24.17 20.79
C PHE A 581 16.68 25.19 19.66
N GLY A 582 17.56 25.05 18.67
CA GLY A 582 17.53 25.94 17.53
C GLY A 582 18.61 25.55 16.54
N GLY A 583 18.58 26.23 15.39
CA GLY A 583 19.57 26.01 14.37
C GLY A 583 20.84 26.82 14.61
N VAL A 584 21.85 26.51 13.82
CA VAL A 584 23.15 27.16 13.91
C VAL A 584 23.54 27.66 12.52
N SER A 585 23.85 28.95 12.42
CA SER A 585 24.29 29.56 11.18
C SER A 585 25.68 30.16 11.36
N VAL A 586 26.52 30.00 10.34
CA VAL A 586 27.91 30.46 10.37
C VAL A 586 28.04 31.65 9.43
N ILE A 587 28.57 32.76 9.95
CA ILE A 587 28.76 33.97 9.18
C ILE A 587 30.25 34.10 8.90
N THR A 588 30.61 34.10 7.61
CA THR A 588 32.01 34.15 7.21
C THR A 588 32.15 35.02 5.97
N PRO A 589 33.30 35.67 5.81
CA PRO A 589 33.64 36.29 4.53
C PRO A 589 34.21 35.24 3.59
N GLY A 590 34.65 35.69 2.42
CA GLY A 590 35.26 34.78 1.48
C GLY A 590 36.55 34.18 2.04
N THR A 591 36.77 32.90 1.75
CA THR A 591 38.00 32.24 2.21
C THR A 591 39.25 32.87 1.62
N ASN A 592 39.13 33.51 0.46
CA ASN A 592 40.28 34.21 -0.13
C ASN A 592 40.74 35.36 0.77
N THR A 593 39.81 36.13 1.31
CA THR A 593 40.17 37.28 2.13
C THR A 593 40.73 36.85 3.49
N SER A 594 40.05 35.93 4.15
CA SER A 594 40.47 35.48 5.48
C SER A 594 39.80 34.13 5.77
N ASN A 595 39.93 33.66 7.01
CA ASN A 595 39.34 32.40 7.41
C ASN A 595 38.69 32.47 8.80
N GLN A 596 38.36 33.66 9.27
CA GLN A 596 37.67 33.82 10.55
C GLN A 596 36.17 33.77 10.35
N VAL A 597 35.46 33.25 11.36
CA VAL A 597 34.03 33.04 11.28
C VAL A 597 33.36 33.55 12.54
N ALA A 598 32.05 33.77 12.44
CA ALA A 598 31.20 34.08 13.58
C ALA A 598 29.92 33.27 13.47
N VAL A 599 29.50 32.66 14.57
CA VAL A 599 28.36 31.77 14.56
C VAL A 599 27.14 32.49 15.15
N LEU A 600 25.97 31.99 14.80
CA LEU A 600 24.70 32.58 15.23
C LEU A 600 23.77 31.45 15.66
N TYR A 601 23.46 31.37 16.94
CA TYR A 601 22.51 30.38 17.46
C TYR A 601 21.11 30.98 17.37
N GLN A 602 20.30 30.44 16.46
CA GLN A 602 19.05 31.08 16.10
C GLN A 602 17.99 30.89 17.19
N ASP A 603 17.45 32.01 17.67
CA ASP A 603 16.24 32.02 18.50
C ASP A 603 16.41 31.21 19.78
N VAL A 604 17.51 31.47 20.50
CA VAL A 604 17.74 30.89 21.81
C VAL A 604 18.17 32.00 22.75
N ASN A 605 17.59 32.02 23.95
CA ASN A 605 18.03 32.98 24.97
C ASN A 605 19.50 32.72 25.28
N CYS A 606 20.29 33.79 25.25
CA CYS A 606 21.74 33.62 25.32
C CYS A 606 22.15 33.29 26.75
N THR A 607 23.46 33.19 26.98
CA THR A 607 24.05 32.70 28.22
C THR A 607 23.61 31.26 28.52
N GLU A 608 23.13 30.55 27.51
CA GLU A 608 22.77 29.14 27.63
C GLU A 608 23.63 28.22 26.79
N VAL A 609 24.38 28.76 25.83
CA VAL A 609 25.26 27.96 25.00
C VAL A 609 26.68 27.94 25.59
N ASN A 630 32.39 39.90 23.88
CA ASN A 630 32.54 39.02 22.72
C ASN A 630 31.23 38.30 22.42
N VAL A 631 30.20 38.58 23.22
CA VAL A 631 28.87 38.04 23.02
C VAL A 631 27.89 39.19 22.86
N PHE A 632 27.10 39.15 21.80
CA PHE A 632 26.17 40.22 21.46
C PHE A 632 24.79 39.61 21.23
N GLN A 633 23.78 40.20 21.86
CA GLN A 633 22.42 39.68 21.81
C GLN A 633 21.58 40.50 20.83
N THR A 634 20.96 39.82 19.87
CA THR A 634 20.10 40.42 18.87
C THR A 634 18.66 39.94 19.07
N ARG A 635 17.77 40.35 18.16
CA ARG A 635 16.40 39.88 18.20
C ARG A 635 16.29 38.41 17.77
N ALA A 636 17.25 37.90 17.01
CA ALA A 636 17.26 36.51 16.56
C ALA A 636 18.54 35.88 17.08
N GLY A 637 18.49 35.36 18.31
CA GLY A 637 19.64 34.73 18.92
C GLY A 637 20.70 35.74 19.30
N CYS A 638 21.79 35.21 19.87
CA CYS A 638 22.93 36.04 20.27
C CYS A 638 24.14 35.66 19.43
N LEU A 639 24.81 36.68 18.89
CA LEU A 639 25.93 36.49 17.99
C LEU A 639 27.23 36.38 18.77
N ILE A 640 28.03 35.37 18.44
CA ILE A 640 29.28 35.08 19.14
C ILE A 640 30.43 35.25 18.17
N GLY A 641 31.42 36.05 18.55
CA GLY A 641 32.58 36.28 17.73
C GLY A 641 32.59 37.57 16.93
N ALA A 642 31.62 38.45 17.15
CA ALA A 642 31.53 39.71 16.44
C ALA A 642 31.55 40.88 17.43
N GLU A 643 32.14 41.98 17.00
CA GLU A 643 32.29 43.17 17.84
C GLU A 643 31.24 44.20 17.48
N HIS A 644 30.48 44.63 18.48
CA HIS A 644 29.43 45.61 18.25
C HIS A 644 30.02 46.99 17.99
N VAL A 645 29.50 47.68 16.98
CA VAL A 645 29.96 49.00 16.59
C VAL A 645 28.76 49.93 16.48
N ASN A 646 28.94 51.18 16.92
CA ASN A 646 27.88 52.18 16.86
C ASN A 646 27.76 52.86 15.50
N ASN A 647 28.67 52.62 14.57
CA ASN A 647 28.58 53.21 13.25
C ASN A 647 27.48 52.55 12.44
N SER A 648 27.26 53.05 11.22
CA SER A 648 26.30 52.48 10.29
C SER A 648 26.87 52.50 8.89
N TYR A 649 26.70 51.39 8.17
CA TYR A 649 27.18 51.27 6.81
C TYR A 649 26.09 50.58 5.98
N GLU A 650 26.43 50.21 4.76
CA GLU A 650 25.54 49.42 3.94
C GLU A 650 25.62 47.95 4.33
N CYS A 651 24.58 47.20 3.97
CA CYS A 651 24.48 45.80 4.38
C CYS A 651 25.33 44.92 3.48
N ASP A 652 26.17 44.09 4.09
CA ASP A 652 26.99 43.12 3.37
C ASP A 652 26.47 41.71 3.55
N ILE A 653 26.34 41.25 4.78
CA ILE A 653 25.80 39.92 5.09
C ILE A 653 24.56 40.08 5.96
N PRO A 654 23.36 39.83 5.44
CA PRO A 654 22.16 40.01 6.24
C PRO A 654 22.10 39.05 7.42
N ILE A 655 21.51 39.54 8.52
CA ILE A 655 21.33 38.75 9.73
C ILE A 655 19.86 38.70 10.14
N GLY A 656 19.22 39.85 10.24
CA GLY A 656 17.82 39.94 10.60
C GLY A 656 17.56 41.11 11.53
N ALA A 657 16.33 41.62 11.48
CA ALA A 657 15.90 42.75 12.32
C ALA A 657 16.81 43.97 12.12
N GLY A 658 17.21 44.21 10.88
CA GLY A 658 18.03 45.36 10.57
C GLY A 658 19.43 45.34 11.16
N ILE A 659 20.08 44.17 11.13
CA ILE A 659 21.45 44.01 11.60
C ILE A 659 22.25 43.33 10.50
N CYS A 660 23.43 43.86 10.20
CA CYS A 660 24.29 43.30 9.17
C CYS A 660 25.70 43.13 9.71
N ALA A 661 26.44 42.21 9.11
CA ALA A 661 27.80 41.89 9.52
C ALA A 661 28.74 42.01 8.34
N SER A 662 29.91 42.58 8.58
CA SER A 662 30.93 42.74 7.55
C SER A 662 32.31 42.57 8.17
N TYR A 663 33.28 42.26 7.32
CA TYR A 663 34.65 41.99 7.75
C TYR A 663 35.52 43.20 7.41
N GLN A 664 36.14 43.79 8.42
CA GLN A 664 36.99 44.95 8.23
C GLN A 664 37.96 45.05 9.40
N THR A 665 39.00 45.86 9.22
CA THR A 665 40.02 46.05 10.24
C THR A 665 39.44 46.75 11.47
N ILE A 681 35.54 41.05 11.94
CA ILE A 681 34.09 40.87 11.89
C ILE A 681 33.42 41.84 12.86
N ILE A 682 32.47 42.62 12.35
CA ILE A 682 31.74 43.61 13.14
C ILE A 682 30.27 43.48 12.84
N ALA A 683 29.45 44.01 13.76
CA ALA A 683 28.00 44.03 13.61
C ALA A 683 27.50 45.44 13.82
N TYR A 684 26.53 45.85 13.01
CA TYR A 684 25.97 47.20 13.08
C TYR A 684 24.52 47.14 12.62
N THR A 685 23.93 48.31 12.40
CA THR A 685 22.60 48.44 11.85
C THR A 685 22.69 49.12 10.48
N MET A 686 21.97 48.57 9.51
CA MET A 686 22.06 49.06 8.14
C MET A 686 21.59 50.51 8.05
N SER A 687 22.22 51.26 7.17
CA SER A 687 21.88 52.66 6.93
C SER A 687 21.18 52.78 5.58
N LEU A 688 20.06 53.49 5.55
CA LEU A 688 19.24 53.54 4.34
C LEU A 688 19.85 54.45 3.28
N GLY A 689 20.52 55.52 3.70
CA GLY A 689 21.14 56.41 2.75
C GLY A 689 21.60 57.68 3.43
N ALA A 690 21.98 58.65 2.61
CA ALA A 690 22.46 59.95 3.08
C ALA A 690 21.31 60.94 3.09
N GLU A 691 21.17 61.67 4.20
CA GLU A 691 20.09 62.64 4.33
C GLU A 691 20.29 63.79 3.35
N ASN A 692 19.16 64.34 2.89
CA ASN A 692 19.19 65.44 1.92
C ASN A 692 17.90 66.23 2.07
N SER A 693 17.98 67.38 2.73
CA SER A 693 16.82 68.24 2.94
C SER A 693 16.77 69.25 1.79
N VAL A 694 15.82 69.08 0.88
CA VAL A 694 15.69 69.97 -0.26
C VAL A 694 15.05 71.27 0.19
N ALA A 695 15.52 72.39 -0.36
CA ALA A 695 15.05 73.70 0.04
C ALA A 695 13.76 74.03 -0.72
N TYR A 696 12.66 74.19 0.02
CA TYR A 696 11.37 74.47 -0.57
C TYR A 696 10.89 75.86 -0.15
N SER A 697 10.38 76.61 -1.12
CA SER A 697 9.77 77.90 -0.87
C SER A 697 8.79 78.20 -2.00
N ASN A 698 7.86 79.11 -1.72
CA ASN A 698 6.81 79.43 -2.68
C ASN A 698 7.28 80.39 -3.77
N ASN A 699 8.59 80.58 -3.91
CA ASN A 699 9.13 81.45 -4.96
C ASN A 699 10.27 80.82 -5.76
N SER A 700 11.00 79.86 -5.21
CA SER A 700 12.21 79.36 -5.83
C SER A 700 11.89 78.22 -6.81
N ILE A 701 12.78 78.05 -7.79
CA ILE A 701 12.70 76.94 -8.73
C ILE A 701 14.11 76.67 -9.24
N ALA A 702 14.37 75.42 -9.60
CA ALA A 702 15.68 74.99 -10.09
C ALA A 702 15.54 74.49 -11.51
N ILE A 703 16.41 74.95 -12.39
CA ILE A 703 16.36 74.59 -13.81
C ILE A 703 17.73 74.11 -14.26
N PRO A 704 17.85 72.92 -14.83
CA PRO A 704 19.16 72.42 -15.27
C PRO A 704 19.74 73.25 -16.39
N THR A 705 21.07 73.31 -16.44
CA THR A 705 21.79 74.03 -17.47
C THR A 705 22.73 73.13 -18.27
N ASN A 706 22.76 71.83 -17.98
CA ASN A 706 23.63 70.90 -18.68
C ASN A 706 23.06 69.51 -18.54
N PHE A 707 23.56 68.59 -19.37
CA PHE A 707 23.03 67.24 -19.44
C PHE A 707 24.16 66.25 -19.61
N THR A 708 23.85 64.99 -19.34
CA THR A 708 24.76 63.87 -19.58
C THR A 708 24.00 62.75 -20.26
N ILE A 709 24.73 61.91 -20.99
CA ILE A 709 24.18 60.74 -21.65
C ILE A 709 24.77 59.50 -20.97
N SER A 710 23.90 58.67 -20.42
CA SER A 710 24.32 57.49 -19.67
C SER A 710 23.75 56.23 -20.29
N VAL A 711 24.53 55.16 -20.22
CA VAL A 711 24.16 53.86 -20.77
C VAL A 711 24.23 52.83 -19.65
N THR A 712 23.16 52.04 -19.50
CA THR A 712 23.09 51.01 -18.47
C THR A 712 22.71 49.68 -19.12
N THR A 713 22.99 48.59 -18.43
CA THR A 713 22.72 47.25 -18.92
C THR A 713 21.58 46.61 -18.13
N GLU A 714 21.11 45.47 -18.64
CA GLU A 714 20.00 44.76 -18.03
C GLU A 714 20.00 43.33 -18.57
N ILE A 715 20.07 42.35 -17.67
CA ILE A 715 20.18 40.94 -18.03
C ILE A 715 18.89 40.24 -17.66
N LEU A 716 18.34 39.47 -18.60
CA LEU A 716 17.10 38.73 -18.38
C LEU A 716 17.25 37.32 -18.93
N PRO A 717 16.87 36.29 -18.16
CA PRO A 717 16.85 34.93 -18.71
C PRO A 717 15.70 34.76 -19.69
N VAL A 718 15.89 33.84 -20.64
CA VAL A 718 14.91 33.57 -21.69
C VAL A 718 14.48 32.11 -21.69
N SER A 719 15.45 31.19 -21.66
CA SER A 719 15.14 29.78 -21.75
C SER A 719 16.16 28.99 -20.94
N MET A 720 15.77 27.76 -20.59
CA MET A 720 16.63 26.83 -19.89
C MET A 720 17.00 25.67 -20.82
N THR A 721 17.73 24.70 -20.28
CA THR A 721 18.21 23.58 -21.08
C THR A 721 17.11 22.55 -21.26
N LYS A 722 16.87 22.16 -22.50
CA LYS A 722 15.92 21.09 -22.79
C LYS A 722 16.47 19.76 -22.29
N THR A 723 15.59 18.95 -21.70
CA THR A 723 16.01 17.66 -21.16
C THR A 723 14.85 16.68 -21.25
N SER A 724 15.18 15.40 -21.17
CA SER A 724 14.20 14.33 -21.21
C SER A 724 14.78 13.12 -20.51
N VAL A 725 13.99 12.52 -19.62
CA VAL A 725 14.42 11.40 -18.80
C VAL A 725 13.58 10.19 -19.18
N ASP A 726 14.25 9.09 -19.49
CA ASP A 726 13.53 7.86 -19.84
C ASP A 726 12.97 7.25 -18.57
N CYS A 727 11.64 7.34 -18.43
CA CYS A 727 10.91 6.79 -17.30
C CYS A 727 11.27 5.32 -17.03
N THR A 728 11.00 4.46 -18.01
CA THR A 728 11.17 3.02 -17.80
C THR A 728 12.64 2.66 -17.60
N MET A 729 13.53 3.24 -18.40
CA MET A 729 14.95 2.93 -18.25
C MET A 729 15.47 3.38 -16.89
N TYR A 730 15.04 4.55 -16.41
CA TYR A 730 15.48 5.03 -15.12
C TYR A 730 14.99 4.14 -14.00
N ILE A 731 13.72 3.75 -14.03
CA ILE A 731 13.16 2.97 -12.93
C ILE A 731 13.65 1.52 -12.99
N CYS A 732 13.32 0.82 -14.07
CA CYS A 732 13.67 -0.59 -14.25
C CYS A 732 14.66 -0.70 -15.41
N GLY A 733 15.95 -0.61 -15.08
CA GLY A 733 16.96 -0.59 -16.11
C GLY A 733 17.25 -1.96 -16.70
N ASP A 734 16.74 -2.21 -17.91
CA ASP A 734 17.01 -3.43 -18.67
C ASP A 734 16.68 -4.67 -17.83
N SER A 735 15.42 -4.77 -17.40
CA SER A 735 14.98 -5.87 -16.56
C SER A 735 13.55 -6.22 -16.93
N THR A 736 13.35 -7.41 -17.52
CA THR A 736 12.01 -7.83 -17.91
C THR A 736 11.12 -8.03 -16.69
N GLU A 737 11.66 -8.60 -15.62
CA GLU A 737 10.89 -8.80 -14.40
C GLU A 737 10.46 -7.47 -13.80
N CYS A 738 11.39 -6.50 -13.75
CA CYS A 738 11.04 -5.19 -13.22
C CYS A 738 10.00 -4.50 -14.09
N SER A 739 10.13 -4.63 -15.41
CA SER A 739 9.13 -4.02 -16.30
C SER A 739 7.76 -4.64 -16.08
N ASN A 740 7.70 -5.97 -15.95
CA ASN A 740 6.44 -6.64 -15.70
C ASN A 740 5.83 -6.21 -14.37
N LEU A 741 6.65 -6.07 -13.34
CA LEU A 741 6.14 -5.58 -12.06
C LEU A 741 5.63 -4.14 -12.17
N LEU A 742 6.35 -3.29 -12.91
CA LEU A 742 5.95 -1.90 -13.04
C LEU A 742 4.67 -1.74 -13.84
N LEU A 743 4.44 -2.63 -14.82
CA LEU A 743 3.27 -2.50 -15.68
C LEU A 743 1.96 -2.53 -14.93
N GLN A 744 1.96 -2.85 -13.63
CA GLN A 744 0.73 -2.92 -12.85
C GLN A 744 0.37 -1.60 -12.19
N TYR A 745 1.15 -0.53 -12.41
CA TYR A 745 0.87 0.76 -11.79
C TYR A 745 0.00 1.67 -12.65
N GLY A 746 -0.02 1.46 -13.96
CA GLY A 746 -0.92 2.22 -14.81
C GLY A 746 -0.24 3.27 -15.67
N SER A 747 -0.72 4.51 -15.59
CA SER A 747 -0.26 5.61 -16.43
C SER A 747 0.54 6.65 -15.64
N PHE A 748 1.38 6.19 -14.71
CA PHE A 748 2.24 7.08 -13.92
C PHE A 748 3.49 7.50 -14.67
N CYS A 749 3.61 7.14 -15.95
CA CYS A 749 4.82 7.26 -16.75
C CYS A 749 4.62 8.13 -17.98
N THR A 750 3.55 7.87 -18.73
CA THR A 750 3.27 8.63 -19.95
C THR A 750 3.04 10.10 -19.63
N GLN A 751 2.40 10.40 -18.50
CA GLN A 751 2.17 11.80 -18.15
C GLN A 751 3.48 12.51 -17.85
N LEU A 752 4.43 11.82 -17.22
CA LEU A 752 5.75 12.41 -16.99
C LEU A 752 6.45 12.71 -18.32
N ASN A 753 6.41 11.76 -19.25
CA ASN A 753 7.01 12.00 -20.56
C ASN A 753 6.34 13.18 -21.26
N ARG A 754 5.01 13.25 -21.19
CA ARG A 754 4.27 14.34 -21.83
C ARG A 754 4.64 15.68 -21.21
N ALA A 755 4.77 15.74 -19.88
CA ALA A 755 5.14 16.99 -19.23
C ALA A 755 6.52 17.45 -19.66
N LEU A 756 7.48 16.53 -19.72
CA LEU A 756 8.83 16.92 -20.14
C LEU A 756 8.85 17.41 -21.58
N THR A 757 8.12 16.73 -22.47
CA THR A 757 8.05 17.19 -23.86
C THR A 757 7.41 18.56 -23.94
N GLY A 758 6.34 18.79 -23.17
CA GLY A 758 5.73 20.11 -23.15
C GLY A 758 6.68 21.19 -22.68
N ILE A 759 7.50 20.87 -21.66
CA ILE A 759 8.49 21.84 -21.18
C ILE A 759 9.47 22.20 -22.28
N ALA A 760 9.95 21.19 -23.01
CA ALA A 760 10.92 21.46 -24.07
C ALA A 760 10.30 22.34 -25.17
N VAL A 761 9.08 21.98 -25.59
CA VAL A 761 8.41 22.78 -26.62
C VAL A 761 8.18 24.20 -26.13
N GLU A 762 7.86 24.36 -24.84
CA GLU A 762 7.65 25.70 -24.30
C GLU A 762 8.95 26.51 -24.34
N GLN A 763 10.08 25.88 -24.05
CA GLN A 763 11.35 26.61 -24.15
C GLN A 763 11.62 27.07 -25.56
N ASP A 764 11.37 26.19 -26.55
CA ASP A 764 11.56 26.59 -27.94
C ASP A 764 10.65 27.77 -28.30
N LYS A 765 9.38 27.70 -27.88
CA LYS A 765 8.44 28.77 -28.17
C LYS A 765 8.89 30.07 -27.51
N ASN A 766 9.41 29.98 -26.28
CA ASN A 766 9.89 31.16 -25.58
C ASN A 766 10.99 31.85 -26.37
N THR A 767 12.00 31.09 -26.78
CA THR A 767 13.10 31.69 -27.54
C THR A 767 12.60 32.31 -28.84
N GLN A 768 11.74 31.59 -29.57
CA GLN A 768 11.24 32.11 -30.83
C GLN A 768 10.46 33.40 -30.63
N GLU A 769 9.58 33.43 -29.61
CA GLU A 769 8.78 34.63 -29.36
C GLU A 769 9.66 35.81 -28.96
N VAL A 770 10.69 35.56 -28.14
CA VAL A 770 11.53 36.66 -27.69
C VAL A 770 12.30 37.27 -28.86
N PHE A 771 12.88 36.43 -29.73
CA PHE A 771 13.82 36.97 -30.70
C PHE A 771 13.21 37.23 -32.09
N ALA A 772 12.32 36.38 -32.59
CA ALA A 772 11.83 36.49 -33.96
C ALA A 772 10.68 37.49 -34.02
N GLN A 773 11.04 38.78 -34.07
CA GLN A 773 10.06 39.85 -34.20
C GLN A 773 10.20 40.65 -35.48
N VAL A 774 11.09 40.27 -36.39
CA VAL A 774 11.32 41.00 -37.63
C VAL A 774 11.12 40.05 -38.80
N LYS A 775 10.69 40.60 -39.94
CA LYS A 775 10.36 39.80 -41.11
C LYS A 775 11.47 39.76 -42.15
N GLN A 776 12.25 40.83 -42.25
CA GLN A 776 13.30 40.95 -43.26
C GLN A 776 14.63 41.20 -42.57
N ILE A 777 15.68 40.56 -43.06
CA ILE A 777 17.03 40.75 -42.53
C ILE A 777 17.60 42.02 -43.15
N TYR A 778 17.83 43.04 -42.33
CA TYR A 778 18.36 44.31 -42.80
C TYR A 778 19.89 44.30 -42.72
N LYS A 779 20.51 45.14 -43.55
CA LYS A 779 21.95 45.27 -43.60
C LYS A 779 22.35 46.74 -43.48
N THR A 780 23.41 46.99 -42.73
CA THR A 780 23.94 48.34 -42.60
C THR A 780 24.73 48.72 -43.85
N PRO A 781 24.74 50.00 -44.21
CA PRO A 781 25.51 50.41 -45.38
C PRO A 781 26.98 50.19 -45.17
N PRO A 782 27.74 49.93 -46.25
CA PRO A 782 29.18 49.65 -46.09
C PRO A 782 29.96 50.78 -45.46
N ILE A 783 29.59 52.03 -45.73
CA ILE A 783 30.30 53.19 -45.21
C ILE A 783 29.61 53.67 -43.94
N LYS A 784 30.35 53.78 -42.85
CA LYS A 784 29.79 54.12 -41.54
C LYS A 784 30.07 55.59 -41.27
N ASP A 785 29.12 56.45 -41.67
CA ASP A 785 29.18 57.89 -41.42
C ASP A 785 27.84 58.30 -40.82
N PHE A 786 27.73 58.25 -39.49
CA PHE A 786 26.48 58.52 -38.79
C PHE A 786 26.53 59.84 -38.02
N GLY A 787 27.18 60.85 -38.59
CA GLY A 787 27.22 62.14 -37.93
C GLY A 787 28.12 62.21 -36.72
N GLY A 788 29.11 61.33 -36.64
CA GLY A 788 30.08 61.33 -35.56
C GLY A 788 29.91 60.22 -34.53
N PHE A 789 28.79 59.52 -34.54
CA PHE A 789 28.54 58.44 -33.60
C PHE A 789 29.33 57.19 -34.01
N ASN A 790 29.77 56.43 -33.02
CA ASN A 790 30.53 55.22 -33.25
C ASN A 790 29.75 54.03 -32.70
N PHE A 791 29.53 53.01 -33.53
CA PHE A 791 28.80 51.81 -33.14
C PHE A 791 29.61 50.54 -33.33
N SER A 792 30.91 50.64 -33.57
CA SER A 792 31.75 49.47 -33.83
C SER A 792 31.73 48.46 -32.69
N GLN A 793 31.38 48.89 -31.47
CA GLN A 793 31.41 47.98 -30.33
C GLN A 793 30.13 47.15 -30.21
N ILE A 794 29.13 47.37 -31.06
CA ILE A 794 27.93 46.54 -31.04
C ILE A 794 27.61 45.93 -32.39
N LEU A 795 28.12 46.48 -33.50
CA LEU A 795 27.90 45.88 -34.80
C LEU A 795 28.78 44.63 -34.95
N PRO A 796 28.35 43.68 -35.78
CA PRO A 796 29.11 42.43 -35.92
C PRO A 796 30.49 42.69 -36.49
N ASP A 797 31.45 41.86 -36.09
CA ASP A 797 32.84 42.01 -36.50
C ASP A 797 33.15 40.98 -37.58
N PRO A 798 33.41 41.39 -38.83
CA PRO A 798 33.66 40.40 -39.89
C PRO A 798 35.01 39.70 -39.77
N SER A 799 35.95 40.22 -38.98
CA SER A 799 37.27 39.63 -38.91
C SER A 799 37.21 38.21 -38.34
N LYS A 800 36.44 38.01 -37.27
CA LYS A 800 36.30 36.70 -36.66
C LYS A 800 35.40 35.82 -37.51
N PRO A 801 35.51 34.49 -37.37
CA PRO A 801 34.61 33.61 -38.13
C PRO A 801 33.15 33.80 -37.80
N SER A 802 32.78 33.71 -36.52
CA SER A 802 31.40 33.94 -36.10
C SER A 802 31.15 35.44 -35.99
N LYS A 803 30.14 35.92 -36.70
CA LYS A 803 29.85 37.35 -36.77
C LYS A 803 29.19 37.78 -35.46
N ARG A 804 30.04 38.04 -34.46
CA ARG A 804 29.59 38.48 -33.14
C ARG A 804 30.31 39.75 -32.75
N SER A 805 29.60 40.66 -32.08
CA SER A 805 30.19 41.88 -31.60
C SER A 805 31.15 41.59 -30.45
N PRO A 806 32.10 42.50 -30.18
CA PRO A 806 33.00 42.29 -29.03
C PRO A 806 32.25 42.13 -27.71
N ILE A 807 31.19 42.90 -27.49
CA ILE A 807 30.43 42.77 -26.26
C ILE A 807 29.78 41.38 -26.19
N GLU A 808 29.27 40.90 -27.31
CA GLU A 808 28.69 39.55 -27.35
C GLU A 808 29.76 38.50 -27.06
N ASP A 809 30.98 38.71 -27.55
CA ASP A 809 32.06 37.76 -27.29
C ASP A 809 32.42 37.73 -25.81
N LEU A 810 32.56 38.90 -25.19
CA LEU A 810 32.82 38.94 -23.75
C LEU A 810 31.68 38.31 -22.95
N LEU A 811 30.43 38.52 -23.38
CA LEU A 811 29.31 37.87 -22.71
C LEU A 811 29.39 36.35 -22.85
N PHE A 812 29.77 35.86 -24.02
CA PHE A 812 29.83 34.42 -24.24
C PHE A 812 30.96 33.77 -23.46
N ASN A 813 32.10 34.46 -23.36
CA ASN A 813 33.24 33.89 -22.64
C ASN A 813 33.02 33.92 -21.13
N LYS A 814 32.24 34.87 -20.63
CA LYS A 814 32.02 34.96 -19.18
C LYS A 814 31.28 33.75 -18.65
N VAL A 815 30.25 33.30 -19.37
CA VAL A 815 29.46 32.16 -18.94
C VAL A 815 30.19 30.86 -19.25
N ASN A 845 21.57 6.98 -17.86
CA ASN A 845 20.42 6.13 -17.59
C ASN A 845 19.14 6.76 -18.11
N GLY A 846 19.08 6.97 -19.42
CA GLY A 846 17.92 7.61 -20.03
C GLY A 846 17.92 9.12 -19.97
N LEU A 847 18.99 9.74 -19.50
CA LEU A 847 19.07 11.19 -19.41
C LEU A 847 19.67 11.73 -20.70
N THR A 848 18.86 12.46 -21.46
CA THR A 848 19.28 13.03 -22.73
C THR A 848 18.99 14.52 -22.75
N VAL A 849 19.76 15.23 -23.57
CA VAL A 849 19.57 16.67 -23.79
C VAL A 849 19.27 16.90 -25.26
N LEU A 850 18.20 17.63 -25.54
CA LEU A 850 17.80 17.90 -26.91
C LEU A 850 18.35 19.25 -27.36
N PRO A 851 19.01 19.32 -28.51
CA PRO A 851 19.58 20.59 -28.95
C PRO A 851 18.49 21.59 -29.27
N PRO A 852 18.73 22.87 -29.04
CA PRO A 852 17.71 23.89 -29.35
C PRO A 852 17.50 24.03 -30.85
N LEU A 853 16.30 24.52 -31.20
CA LEU A 853 15.95 24.66 -32.61
C LEU A 853 16.75 25.76 -33.27
N LEU A 854 16.88 26.92 -32.62
CA LEU A 854 17.61 28.06 -33.17
C LEU A 854 19.03 28.05 -32.64
N THR A 855 19.99 28.23 -33.54
CA THR A 855 21.40 28.23 -33.18
C THR A 855 21.90 29.64 -32.90
N ASP A 856 23.10 29.70 -32.32
CA ASP A 856 23.67 30.98 -31.90
C ASP A 856 23.89 31.91 -33.08
N GLU A 857 24.26 31.35 -34.23
CA GLU A 857 24.44 32.18 -35.42
C GLU A 857 23.12 32.81 -35.86
N MET A 858 22.02 32.04 -35.79
CA MET A 858 20.72 32.60 -36.13
C MET A 858 20.29 33.69 -35.14
N ILE A 859 20.55 33.47 -33.85
CA ILE A 859 20.26 34.51 -32.86
C ILE A 859 21.06 35.76 -33.16
N ALA A 860 22.34 35.61 -33.48
CA ALA A 860 23.17 36.76 -33.82
C ALA A 860 22.66 37.46 -35.07
N GLN A 861 22.17 36.70 -36.05
CA GLN A 861 21.62 37.30 -37.25
C GLN A 861 20.38 38.13 -36.93
N TYR A 862 19.49 37.61 -36.08
CA TYR A 862 18.34 38.39 -35.63
C TYR A 862 18.77 39.68 -34.94
N THR A 863 19.74 39.59 -34.03
CA THR A 863 20.16 40.78 -33.30
C THR A 863 20.79 41.80 -34.25
N SER A 864 21.59 41.34 -35.21
CA SER A 864 22.19 42.25 -36.18
C SER A 864 21.14 42.90 -37.05
N ALA A 865 20.12 42.14 -37.47
CA ALA A 865 19.05 42.72 -38.25
C ALA A 865 18.31 43.79 -37.47
N LEU A 866 18.02 43.52 -36.19
CA LEU A 866 17.33 44.50 -35.36
C LEU A 866 18.18 45.76 -35.19
N LEU A 867 19.49 45.59 -34.95
CA LEU A 867 20.37 46.73 -34.78
C LEU A 867 20.42 47.59 -36.05
N ALA A 868 20.61 46.94 -37.20
CA ALA A 868 20.68 47.68 -38.45
C ALA A 868 19.37 48.39 -38.76
N GLY A 869 18.25 47.71 -38.54
CA GLY A 869 16.96 48.34 -38.77
C GLY A 869 16.75 49.55 -37.89
N THR A 870 17.05 49.42 -36.60
CA THR A 870 16.92 50.55 -35.70
C THR A 870 17.79 51.71 -36.16
N ILE A 871 19.08 51.44 -36.40
CA ILE A 871 20.04 52.50 -36.72
C ILE A 871 19.62 53.23 -37.99
N THR A 872 19.19 52.49 -39.02
CA THR A 872 18.91 53.11 -40.30
C THR A 872 17.46 53.53 -40.49
N SER A 873 16.56 53.26 -39.54
CA SER A 873 15.16 53.61 -39.76
C SER A 873 14.43 54.21 -38.56
N GLY A 874 15.06 54.38 -37.41
CA GLY A 874 14.31 54.88 -36.27
C GLY A 874 13.33 53.82 -35.80
N TRP A 875 12.06 54.20 -35.70
CA TRP A 875 11.00 53.29 -35.27
C TRP A 875 10.02 52.96 -36.37
N THR A 876 10.29 53.39 -37.61
CA THR A 876 9.33 53.20 -38.69
C THR A 876 9.21 51.73 -39.10
N PHE A 877 10.29 50.97 -38.99
CA PHE A 877 10.26 49.59 -39.45
C PHE A 877 9.45 48.69 -38.53
N GLY A 878 9.21 49.11 -37.28
CA GLY A 878 8.39 48.31 -36.39
C GLY A 878 6.91 48.46 -36.62
N ALA A 879 6.51 49.52 -37.33
CA ALA A 879 5.10 49.81 -37.62
C ALA A 879 4.73 49.54 -39.07
N GLY A 880 5.58 49.91 -40.02
CA GLY A 880 5.31 49.71 -41.41
C GLY A 880 6.56 49.40 -42.21
N PRO A 881 6.60 49.86 -43.45
CA PRO A 881 7.82 49.69 -44.26
C PRO A 881 8.95 50.55 -43.73
N ALA A 882 10.17 50.06 -43.90
CA ALA A 882 11.34 50.77 -43.40
C ALA A 882 11.56 52.05 -44.22
N LEU A 883 11.79 53.16 -43.51
CA LEU A 883 12.02 54.46 -44.13
C LEU A 883 13.33 55.03 -43.59
N GLN A 884 14.24 55.37 -44.49
CA GLN A 884 15.54 55.86 -44.06
C GLN A 884 15.42 57.27 -43.50
N ILE A 885 16.38 57.63 -42.64
CA ILE A 885 16.40 58.91 -41.96
C ILE A 885 17.79 59.15 -41.40
N PRO A 886 18.39 60.33 -41.61
CA PRO A 886 19.71 60.60 -41.04
C PRO A 886 19.70 60.47 -39.52
N PHE A 887 20.78 59.91 -38.98
CA PHE A 887 20.83 59.65 -37.54
C PHE A 887 20.79 60.93 -36.70
N PRO A 888 21.47 62.02 -37.05
CA PRO A 888 21.27 63.26 -36.28
C PRO A 888 19.82 63.71 -36.27
N MET A 889 19.10 63.59 -37.39
CA MET A 889 17.70 63.98 -37.39
C MET A 889 16.86 63.05 -36.52
N GLN A 890 17.16 61.75 -36.55
CA GLN A 890 16.45 60.82 -35.67
C GLN A 890 16.68 61.17 -34.21
N MET A 891 17.93 61.50 -33.84
CA MET A 891 18.21 61.89 -32.46
C MET A 891 17.54 63.21 -32.11
N ALA A 892 17.40 64.12 -33.09
CA ALA A 892 16.64 65.33 -32.86
C ALA A 892 15.19 65.02 -32.54
N TYR A 893 14.60 64.08 -33.28
CA TYR A 893 13.25 63.63 -32.95
C TYR A 893 13.18 63.04 -31.56
N ARG A 894 14.19 62.24 -31.18
CA ARG A 894 14.20 61.61 -29.86
C ARG A 894 14.25 62.66 -28.75
N PHE A 895 15.07 63.69 -28.92
CA PHE A 895 15.04 64.81 -27.96
C PHE A 895 13.69 65.50 -27.97
N ASN A 896 13.12 65.73 -29.16
CA ASN A 896 11.82 66.40 -29.24
C ASN A 896 10.74 65.60 -28.52
N GLY A 897 10.93 64.29 -28.40
CA GLY A 897 9.96 63.46 -27.71
C GLY A 897 9.97 63.56 -26.21
N ILE A 898 10.97 64.19 -25.61
CA ILE A 898 11.06 64.31 -24.16
C ILE A 898 11.04 65.77 -23.70
N GLY A 899 10.53 66.66 -24.54
CA GLY A 899 10.34 68.04 -24.12
C GLY A 899 11.56 68.92 -24.23
N VAL A 900 12.52 68.56 -25.09
CA VAL A 900 13.70 69.38 -25.35
C VAL A 900 13.73 69.71 -26.83
N THR A 901 13.90 70.99 -27.15
CA THR A 901 13.88 71.43 -28.54
C THR A 901 15.14 70.94 -29.27
N GLN A 902 15.07 71.00 -30.60
CA GLN A 902 16.11 70.46 -31.45
C GLN A 902 17.37 71.32 -31.46
N ASN A 903 17.28 72.56 -31.00
CA ASN A 903 18.46 73.43 -30.93
C ASN A 903 19.56 72.78 -30.10
N VAL A 904 19.19 72.10 -29.01
CA VAL A 904 20.19 71.52 -28.11
C VAL A 904 21.06 70.53 -28.86
N LEU A 905 20.43 69.59 -29.57
CA LEU A 905 21.20 68.61 -30.33
C LEU A 905 21.95 69.27 -31.48
N TYR A 906 21.27 70.11 -32.26
CA TYR A 906 21.91 70.66 -33.44
C TYR A 906 23.06 71.62 -33.07
N GLU A 907 23.17 72.00 -31.80
CA GLU A 907 24.31 72.81 -31.37
C GLU A 907 25.30 72.06 -30.48
N ASN A 908 24.95 70.88 -29.96
CA ASN A 908 25.85 70.09 -29.13
C ASN A 908 26.05 68.67 -29.67
N GLN A 909 25.92 68.52 -31.00
CA GLN A 909 26.14 67.23 -31.65
C GLN A 909 27.48 66.60 -31.25
N LYS A 910 28.56 67.37 -31.33
CA LYS A 910 29.89 66.82 -31.04
C LYS A 910 30.00 66.34 -29.61
N LEU A 911 29.52 67.15 -28.66
CA LEU A 911 29.55 66.77 -27.26
C LEU A 911 28.74 65.50 -27.01
N ILE A 912 27.54 65.42 -27.62
CA ILE A 912 26.70 64.25 -27.41
C ILE A 912 27.35 63.00 -27.99
N ALA A 913 27.95 63.12 -29.17
CA ALA A 913 28.63 61.97 -29.77
C ALA A 913 29.81 61.50 -28.91
N ASN A 914 30.59 62.45 -28.39
CA ASN A 914 31.71 62.09 -27.54
C ASN A 914 31.23 61.38 -26.27
N GLN A 915 30.16 61.90 -25.66
CA GLN A 915 29.62 61.26 -24.46
C GLN A 915 29.11 59.86 -24.77
N PHE A 916 28.45 59.69 -25.91
CA PHE A 916 27.95 58.38 -26.31
C PHE A 916 29.09 57.38 -26.44
N ASN A 917 30.15 57.76 -27.16
CA ASN A 917 31.27 56.85 -27.35
C ASN A 917 31.94 56.52 -26.02
N SER A 918 32.12 57.53 -25.17
CA SER A 918 32.74 57.29 -23.87
C SER A 918 31.90 56.34 -23.03
N ALA A 919 30.59 56.52 -23.03
CA ALA A 919 29.71 55.64 -22.27
C ALA A 919 29.77 54.21 -22.79
N ILE A 920 29.80 54.04 -24.11
CA ILE A 920 29.91 52.70 -24.67
C ILE A 920 31.21 52.03 -24.22
N GLY A 921 32.32 52.77 -24.28
CA GLY A 921 33.58 52.21 -23.81
C GLY A 921 33.56 51.84 -22.35
N LYS A 922 32.96 52.69 -21.52
CA LYS A 922 32.85 52.40 -20.09
C LYS A 922 32.00 51.15 -19.86
N ILE A 923 30.92 50.99 -20.62
CA ILE A 923 30.09 49.79 -20.48
C ILE A 923 30.89 48.54 -20.83
N GLN A 924 31.66 48.61 -21.91
CA GLN A 924 32.48 47.45 -22.27
C GLN A 924 33.49 47.11 -21.18
N ASP A 925 34.14 48.13 -20.63
CA ASP A 925 35.13 47.89 -19.59
C ASP A 925 34.48 47.32 -18.33
N SER A 926 33.30 47.83 -17.96
CA SER A 926 32.65 47.31 -16.76
C SER A 926 32.22 45.88 -16.99
N LEU A 927 31.67 45.58 -18.17
CA LEU A 927 31.24 44.23 -18.48
C LEU A 927 32.41 43.26 -18.39
N SER A 928 33.60 43.71 -18.74
CA SER A 928 34.76 42.83 -18.57
C SER A 928 35.18 42.73 -17.11
N SER A 929 35.56 43.86 -16.51
CA SER A 929 36.10 43.87 -15.16
C SER A 929 35.02 44.13 -14.11
N THR A 930 33.91 43.43 -14.21
CA THR A 930 32.95 43.39 -13.12
C THR A 930 33.03 42.07 -12.35
N PRO A 931 32.71 42.08 -11.06
CA PRO A 931 32.72 40.84 -10.25
C PRO A 931 31.45 40.00 -10.42
N SER A 932 31.40 39.28 -11.55
CA SER A 932 30.34 38.33 -11.86
C SER A 932 28.95 38.99 -11.84
N ALA A 933 28.77 39.95 -12.75
CA ALA A 933 27.47 40.59 -12.91
C ALA A 933 26.45 39.66 -13.55
N LEU A 934 26.91 38.65 -14.28
CA LEU A 934 26.03 37.70 -14.97
C LEU A 934 25.62 36.56 -14.04
N GLY A 935 24.99 36.95 -12.93
CA GLY A 935 24.54 35.95 -11.97
C GLY A 935 23.19 35.36 -12.31
N LYS A 936 22.33 36.14 -12.96
CA LYS A 936 20.99 35.64 -13.31
C LYS A 936 21.07 34.48 -14.29
N LEU A 937 21.97 34.56 -15.27
CA LEU A 937 22.11 33.49 -16.24
C LEU A 937 22.92 32.31 -15.73
N GLN A 938 23.62 32.47 -14.60
CA GLN A 938 24.37 31.39 -14.00
C GLN A 938 23.55 30.62 -12.96
N ASP A 939 22.65 31.31 -12.26
CA ASP A 939 21.86 30.66 -11.22
C ASP A 939 20.96 29.59 -11.80
N VAL A 940 20.40 29.83 -12.99
CA VAL A 940 19.52 28.85 -13.63
C VAL A 940 20.29 27.56 -13.93
N VAL A 941 21.48 27.71 -14.51
CA VAL A 941 22.31 26.55 -14.83
C VAL A 941 22.69 25.80 -13.56
N ASN A 942 23.06 26.55 -12.51
CA ASN A 942 23.42 25.92 -11.24
C ASN A 942 22.25 25.12 -10.68
N GLN A 943 21.04 25.70 -10.71
CA GLN A 943 19.87 25.02 -10.17
C GLN A 943 19.56 23.76 -10.96
N ASN A 944 19.60 23.84 -12.30
CA ASN A 944 19.32 22.67 -13.11
C ASN A 944 20.35 21.57 -12.88
N ALA A 945 21.62 21.95 -12.78
CA ALA A 945 22.67 20.97 -12.52
C ALA A 945 22.47 20.30 -11.17
N GLN A 946 22.12 21.09 -10.15
CA GLN A 946 21.89 20.52 -8.82
C GLN A 946 20.71 19.55 -8.84
N ALA A 947 19.62 19.92 -9.52
CA ALA A 947 18.46 19.05 -9.60
C ALA A 947 18.80 17.73 -10.27
N LEU A 948 19.51 17.80 -11.41
CA LEU A 948 19.87 16.58 -12.12
C LEU A 948 20.82 15.72 -11.29
N ASN A 949 21.78 16.37 -10.60
CA ASN A 949 22.72 15.62 -9.77
C ASN A 949 21.99 14.91 -8.63
N THR A 950 21.04 15.58 -7.99
CA THR A 950 20.27 14.94 -6.92
C THR A 950 19.46 13.77 -7.48
N LEU A 951 18.85 13.95 -8.64
CA LEU A 951 18.06 12.88 -9.23
C LEU A 951 18.92 11.66 -9.53
N VAL A 952 20.12 11.88 -10.08
CA VAL A 952 20.97 10.74 -10.43
C VAL A 952 21.58 10.12 -9.17
N LYS A 953 21.80 10.92 -8.11
CA LYS A 953 22.33 10.38 -6.87
C LYS A 953 21.28 9.54 -6.13
N GLN A 954 20.00 9.87 -6.29
CA GLN A 954 18.95 9.12 -5.62
C GLN A 954 18.89 7.66 -6.07
N LEU A 955 19.53 7.30 -7.18
CA LEU A 955 19.48 5.94 -7.70
C LEU A 955 20.30 4.96 -6.87
N SER A 956 21.05 5.43 -5.87
CA SER A 956 21.94 4.60 -5.07
C SER A 956 21.48 4.51 -3.61
N SER A 957 20.18 4.30 -3.40
CA SER A 957 19.61 4.20 -2.07
C SER A 957 18.90 2.85 -1.92
N ASN A 958 18.91 2.34 -0.69
CA ASN A 958 18.32 1.03 -0.43
C ASN A 958 16.80 1.07 -0.45
N PHE A 959 16.22 2.15 0.07
CA PHE A 959 14.76 2.31 0.21
C PHE A 959 14.14 1.20 1.06
N GLY A 960 14.95 0.54 1.89
CA GLY A 960 14.48 -0.54 2.73
C GLY A 960 14.83 -1.94 2.25
N ALA A 961 15.27 -2.07 1.01
CA ALA A 961 15.67 -3.37 0.50
C ALA A 961 17.04 -3.77 1.07
N ILE A 962 17.46 -4.99 0.75
CA ILE A 962 18.75 -5.50 1.23
C ILE A 962 19.89 -5.19 0.28
N SER A 963 19.60 -4.64 -0.90
CA SER A 963 20.64 -4.26 -1.84
C SER A 963 20.06 -3.25 -2.82
N SER A 964 20.89 -2.29 -3.24
CA SER A 964 20.49 -1.28 -4.20
C SER A 964 20.82 -1.66 -5.64
N VAL A 965 21.32 -2.87 -5.87
CA VAL A 965 21.65 -3.35 -7.20
C VAL A 965 20.60 -4.36 -7.63
N LEU A 966 19.80 -3.98 -8.63
CA LEU A 966 18.71 -4.84 -9.08
C LEU A 966 19.25 -6.15 -9.66
N ASN A 967 20.35 -6.08 -10.41
CA ASN A 967 20.95 -7.29 -10.93
C ASN A 967 21.43 -8.19 -9.81
N ASP A 968 22.03 -7.61 -8.76
CA ASP A 968 22.49 -8.40 -7.63
C ASP A 968 21.34 -9.10 -6.93
N ILE A 969 20.27 -8.36 -6.63
CA ILE A 969 19.15 -8.98 -5.93
C ILE A 969 18.48 -10.03 -6.80
N LEU A 970 18.36 -9.79 -8.11
CA LEU A 970 17.75 -10.77 -9.00
C LEU A 970 18.58 -12.04 -9.07
N SER A 971 19.91 -11.89 -9.12
CA SER A 971 20.78 -13.07 -9.13
C SER A 971 20.68 -13.83 -7.82
N ARG A 972 20.68 -13.12 -6.69
CA ARG A 972 20.74 -13.80 -5.40
C ARG A 972 19.44 -14.51 -5.06
N LEU A 973 18.30 -13.84 -5.26
CA LEU A 973 17.05 -14.31 -4.70
C LEU A 973 16.12 -14.86 -5.78
N ASP A 974 15.16 -15.66 -5.32
CA ASP A 974 14.12 -16.22 -6.16
C ASP A 974 12.98 -15.20 -6.33
N PRO A 975 12.12 -15.41 -7.33
CA PRO A 975 11.06 -14.44 -7.62
C PRO A 975 10.17 -14.13 -6.41
N PRO A 976 9.81 -15.11 -5.57
CA PRO A 976 8.91 -14.77 -4.44
C PRO A 976 9.42 -13.67 -3.52
N GLU A 977 10.72 -13.49 -3.41
CA GLU A 977 11.27 -12.39 -2.61
C GLU A 977 11.77 -11.24 -3.47
N ALA A 978 12.24 -11.55 -4.68
CA ALA A 978 12.59 -10.51 -5.63
C ALA A 978 11.42 -9.59 -5.88
N GLU A 979 10.20 -10.11 -5.88
CA GLU A 979 9.02 -9.27 -6.09
C GLU A 979 8.97 -8.17 -5.04
N VAL A 980 9.14 -8.54 -3.76
CA VAL A 980 9.07 -7.56 -2.68
C VAL A 980 10.20 -6.54 -2.81
N GLN A 981 11.43 -7.03 -3.03
CA GLN A 981 12.57 -6.11 -3.08
C GLN A 981 12.43 -5.11 -4.22
N ILE A 982 12.11 -5.60 -5.42
CA ILE A 982 11.92 -4.71 -6.56
C ILE A 982 10.73 -3.78 -6.35
N ASP A 983 9.68 -4.25 -5.68
CA ASP A 983 8.55 -3.37 -5.40
C ASP A 983 8.99 -2.18 -4.56
N ARG A 984 9.77 -2.44 -3.51
CA ARG A 984 10.28 -1.35 -2.68
C ARG A 984 11.13 -0.39 -3.52
N LEU A 985 12.03 -0.94 -4.33
CA LEU A 985 12.94 -0.10 -5.11
C LEU A 985 12.16 0.77 -6.10
N ILE A 986 11.19 0.19 -6.81
CA ILE A 986 10.45 0.96 -7.79
C ILE A 986 9.58 2.00 -7.12
N THR A 987 9.03 1.70 -5.94
CA THR A 987 8.27 2.72 -5.21
C THR A 987 9.14 3.93 -4.92
N GLY A 988 10.35 3.70 -4.38
CA GLY A 988 11.23 4.81 -4.07
C GLY A 988 11.61 5.61 -5.30
N ARG A 989 11.98 4.91 -6.39
CA ARG A 989 12.41 5.60 -7.59
C ARG A 989 11.28 6.40 -8.22
N LEU A 990 10.05 5.85 -8.19
CA LEU A 990 8.90 6.57 -8.72
C LEU A 990 8.64 7.84 -7.92
N GLN A 991 8.76 7.76 -6.60
CA GLN A 991 8.60 8.97 -5.77
C GLN A 991 9.61 10.04 -6.15
N SER A 992 10.88 9.62 -6.31
CA SER A 992 11.92 10.59 -6.68
C SER A 992 11.63 11.23 -8.03
N LEU A 993 11.22 10.42 -9.01
CA LEU A 993 10.93 10.97 -10.33
C LEU A 993 9.77 11.95 -10.30
N GLN A 994 8.72 11.63 -9.54
CA GLN A 994 7.58 12.55 -9.42
C GLN A 994 8.01 13.88 -8.83
N THR A 995 8.82 13.84 -7.77
CA THR A 995 9.29 15.09 -7.16
C THR A 995 10.10 15.92 -8.16
N TYR A 996 10.98 15.25 -8.92
CA TYR A 996 11.79 15.96 -9.90
C TYR A 996 10.91 16.64 -10.95
N VAL A 997 9.91 15.91 -11.46
CA VAL A 997 9.05 16.47 -12.50
C VAL A 997 8.28 17.68 -11.98
N THR A 998 7.76 17.58 -10.75
CA THR A 998 7.03 18.71 -10.18
C THR A 998 7.92 19.94 -10.07
N GLN A 999 9.15 19.75 -9.57
CA GLN A 999 10.07 20.88 -9.44
C GLN A 999 10.38 21.49 -10.79
N GLN A 1000 10.58 20.65 -11.82
CA GLN A 1000 10.88 21.16 -13.15
C GLN A 1000 9.73 22.00 -13.69
N LEU A 1001 8.49 21.54 -13.51
CA LEU A 1001 7.34 22.32 -13.96
C LEU A 1001 7.27 23.67 -13.26
N ILE A 1002 7.48 23.67 -11.94
CA ILE A 1002 7.38 24.91 -11.19
C ILE A 1002 8.44 25.91 -11.65
N ARG A 1003 9.66 25.43 -11.91
CA ARG A 1003 10.71 26.34 -12.38
C ARG A 1003 10.42 26.84 -13.80
N ALA A 1004 9.89 25.96 -14.66
CA ALA A 1004 9.59 26.36 -16.03
C ALA A 1004 8.54 27.46 -16.08
N ALA A 1005 7.58 27.45 -15.16
CA ALA A 1005 6.60 28.53 -15.13
C ALA A 1005 7.27 29.89 -14.93
N GLU A 1006 8.19 29.96 -13.97
CA GLU A 1006 8.90 31.22 -13.71
C GLU A 1006 9.75 31.63 -14.90
N ILE A 1007 10.42 30.67 -15.54
CA ILE A 1007 11.22 30.99 -16.72
C ILE A 1007 10.34 31.56 -17.82
N ARG A 1008 9.14 30.98 -18.01
CA ARG A 1008 8.23 31.50 -19.03
C ARG A 1008 7.80 32.92 -18.71
N ALA A 1009 7.51 33.21 -17.44
CA ALA A 1009 7.14 34.57 -17.06
C ALA A 1009 8.26 35.56 -17.38
N SER A 1010 9.51 35.18 -17.05
CA SER A 1010 10.63 36.06 -17.36
C SER A 1010 10.79 36.27 -18.86
N ALA A 1011 10.59 35.21 -19.64
CA ALA A 1011 10.69 35.33 -21.09
C ALA A 1011 9.62 36.26 -21.66
N ASN A 1012 8.40 36.18 -21.12
CA ASN A 1012 7.35 37.09 -21.56
C ASN A 1012 7.70 38.54 -21.22
N LEU A 1013 8.25 38.77 -20.03
CA LEU A 1013 8.67 40.13 -19.68
C LEU A 1013 9.76 40.63 -20.63
N ALA A 1014 10.71 39.75 -20.97
CA ALA A 1014 11.78 40.15 -21.88
C ALA A 1014 11.23 40.49 -23.27
N ALA A 1015 10.28 39.69 -23.75
CA ALA A 1015 9.68 39.98 -25.06
C ALA A 1015 8.95 41.32 -25.05
N THR A 1016 8.18 41.59 -23.99
CA THR A 1016 7.49 42.86 -23.89
C THR A 1016 8.49 44.03 -23.87
N LYS A 1017 9.56 43.88 -23.10
CA LYS A 1017 10.57 44.94 -23.03
C LYS A 1017 11.20 45.18 -24.40
N MET A 1018 11.55 44.11 -25.11
CA MET A 1018 12.14 44.27 -26.44
C MET A 1018 11.19 45.02 -27.36
N SER A 1019 9.93 44.57 -27.42
CA SER A 1019 8.98 45.16 -28.35
C SER A 1019 8.73 46.63 -28.02
N GLU A 1020 8.60 46.97 -26.74
CA GLU A 1020 8.23 48.32 -26.35
C GLU A 1020 9.41 49.28 -26.22
N CYS A 1021 10.65 48.77 -26.18
CA CYS A 1021 11.79 49.63 -25.91
C CYS A 1021 12.83 49.66 -27.01
N VAL A 1022 12.90 48.64 -27.87
CA VAL A 1022 13.85 48.65 -28.98
C VAL A 1022 13.20 49.20 -30.25
N LEU A 1023 11.95 48.87 -30.50
CA LEU A 1023 11.24 49.29 -31.70
C LEU A 1023 10.56 50.65 -31.54
N GLY A 1024 10.74 51.31 -30.40
CA GLY A 1024 10.12 52.61 -30.21
C GLY A 1024 10.70 53.30 -29.00
N GLN A 1025 10.05 54.40 -28.63
CA GLN A 1025 10.42 55.18 -27.45
C GLN A 1025 9.27 55.13 -26.45
N SER A 1026 9.59 54.81 -25.20
CA SER A 1026 8.59 54.59 -24.17
C SER A 1026 8.63 55.70 -23.14
N LYS A 1027 7.46 56.11 -22.67
CA LYS A 1027 7.32 57.14 -21.66
C LYS A 1027 7.10 56.58 -20.26
N ARG A 1028 7.08 55.26 -20.11
CA ARG A 1028 6.92 54.66 -18.79
C ARG A 1028 8.19 54.85 -17.97
N VAL A 1029 8.03 55.25 -16.72
CA VAL A 1029 9.16 55.61 -15.87
C VAL A 1029 9.86 54.35 -15.39
N ASP A 1030 11.20 54.35 -15.47
CA ASP A 1030 12.07 53.28 -14.99
C ASP A 1030 11.85 51.96 -15.72
N PHE A 1031 10.98 51.94 -16.74
CA PHE A 1031 10.81 50.73 -17.53
C PHE A 1031 12.03 50.44 -18.38
N CYS A 1032 12.74 51.48 -18.81
CA CYS A 1032 13.90 51.37 -19.69
C CYS A 1032 15.08 52.12 -19.09
N GLY A 1033 15.35 51.89 -17.82
CA GLY A 1033 16.46 52.52 -17.15
C GLY A 1033 16.11 53.85 -16.52
N LYS A 1034 16.97 54.30 -15.62
CA LYS A 1034 16.76 55.56 -14.93
C LYS A 1034 16.92 56.73 -15.88
N GLY A 1035 16.12 57.76 -15.67
CA GLY A 1035 16.15 58.95 -16.53
C GLY A 1035 15.17 58.86 -17.67
N TYR A 1036 15.22 59.89 -18.52
CA TYR A 1036 14.34 59.95 -19.68
C TYR A 1036 14.90 59.09 -20.80
N HIS A 1037 14.07 58.22 -21.35
CA HIS A 1037 14.52 57.21 -22.29
C HIS A 1037 14.72 57.80 -23.67
N LEU A 1038 15.79 57.37 -24.34
CA LEU A 1038 16.10 57.78 -25.71
C LEU A 1038 16.03 56.62 -26.69
N MET A 1039 16.79 55.56 -26.45
CA MET A 1039 16.82 54.40 -27.33
C MET A 1039 17.60 53.29 -26.62
N SER A 1040 17.50 52.09 -27.17
CA SER A 1040 18.19 50.94 -26.59
C SER A 1040 18.52 49.95 -27.69
N PHE A 1041 19.54 49.11 -27.41
CA PHE A 1041 20.01 48.12 -28.36
C PHE A 1041 20.11 46.76 -27.69
N PRO A 1042 19.79 45.69 -28.40
CA PRO A 1042 19.87 44.35 -27.81
C PRO A 1042 21.19 43.66 -28.10
N GLN A 1043 21.54 42.74 -27.21
CA GLN A 1043 22.72 41.89 -27.37
C GLN A 1043 22.37 40.49 -26.91
N SER A 1044 22.78 39.49 -27.69
CA SER A 1044 22.48 38.11 -27.34
C SER A 1044 23.42 37.62 -26.26
N ALA A 1045 23.00 36.56 -25.58
CA ALA A 1045 23.76 35.96 -24.49
C ALA A 1045 23.32 34.52 -24.34
N PRO A 1046 24.15 33.67 -23.70
CA PRO A 1046 23.74 32.28 -23.50
C PRO A 1046 22.47 32.15 -22.67
N HIS A 1047 21.39 31.67 -23.30
CA HIS A 1047 20.10 31.47 -22.63
C HIS A 1047 19.57 32.78 -22.03
N GLY A 1048 19.76 33.88 -22.75
CA GLY A 1048 19.29 35.16 -22.26
C GLY A 1048 19.59 36.26 -23.25
N VAL A 1049 19.16 37.47 -22.87
CA VAL A 1049 19.33 38.67 -23.68
C VAL A 1049 19.82 39.79 -22.78
N VAL A 1050 20.48 40.77 -23.39
CA VAL A 1050 21.05 41.91 -22.68
C VAL A 1050 20.69 43.18 -23.44
N PHE A 1051 20.18 44.18 -22.71
CA PHE A 1051 19.80 45.46 -23.28
C PHE A 1051 20.80 46.54 -22.85
N LEU A 1052 20.99 47.53 -23.71
CA LEU A 1052 21.80 48.70 -23.41
C LEU A 1052 20.90 49.93 -23.52
N HIS A 1053 20.38 50.40 -22.39
CA HIS A 1053 19.46 51.52 -22.39
C HIS A 1053 20.23 52.84 -22.39
N VAL A 1054 19.88 53.72 -23.32
CA VAL A 1054 20.47 55.05 -23.44
C VAL A 1054 19.45 56.06 -22.94
N THR A 1055 19.86 56.88 -21.98
CA THR A 1055 18.95 57.81 -21.32
C THR A 1055 19.57 59.20 -21.27
N TYR A 1056 18.75 60.16 -20.82
CA TYR A 1056 19.13 61.57 -20.75
C TYR A 1056 19.00 62.03 -19.30
N VAL A 1057 20.08 62.59 -18.76
CA VAL A 1057 20.12 62.97 -17.35
C VAL A 1057 20.52 64.43 -17.21
N PRO A 1058 19.74 65.25 -16.51
CA PRO A 1058 20.12 66.65 -16.30
C PRO A 1058 21.22 66.79 -15.26
N ALA A 1059 21.83 67.97 -15.25
CA ALA A 1059 22.91 68.26 -14.31
C ALA A 1059 23.09 69.77 -14.21
N GLN A 1060 23.86 70.18 -13.19
CA GLN A 1060 24.27 71.58 -12.99
C GLN A 1060 23.06 72.51 -12.85
N GLU A 1061 22.34 72.29 -11.74
CA GLU A 1061 21.15 73.06 -11.44
C GLU A 1061 21.50 74.50 -11.09
N LYS A 1062 20.50 75.37 -11.20
CA LYS A 1062 20.62 76.75 -10.77
C LYS A 1062 19.28 77.22 -10.21
N ASN A 1063 19.33 77.94 -9.09
CA ASN A 1063 18.13 78.45 -8.45
C ASN A 1063 17.70 79.77 -9.09
N PHE A 1064 16.38 80.00 -9.10
CA PHE A 1064 15.81 81.22 -9.67
C PHE A 1064 14.60 81.64 -8.85
N THR A 1065 13.96 82.72 -9.29
CA THR A 1065 12.72 83.20 -8.70
C THR A 1065 11.64 83.15 -9.77
N THR A 1066 10.49 82.54 -9.46
CA THR A 1066 9.46 82.26 -10.44
C THR A 1066 8.15 82.93 -10.06
N ALA A 1067 7.27 83.04 -11.06
CA ALA A 1067 5.95 83.61 -10.90
C ALA A 1067 4.97 82.85 -11.79
N PRO A 1068 3.68 82.80 -11.41
CA PRO A 1068 2.71 82.05 -12.22
C PRO A 1068 2.15 82.84 -13.40
N ALA A 1069 2.13 84.16 -13.31
CA ALA A 1069 1.56 84.98 -14.38
C ALA A 1069 2.11 86.40 -14.27
N ILE A 1070 1.74 87.24 -15.24
CA ILE A 1070 2.23 88.61 -15.34
C ILE A 1070 1.08 89.53 -15.73
N CYS A 1071 0.98 90.68 -15.06
CA CYS A 1071 0.01 91.71 -15.38
C CYS A 1071 0.68 92.76 -16.28
N HIS A 1072 0.03 93.08 -17.40
CA HIS A 1072 0.54 94.07 -18.33
C HIS A 1072 -0.35 95.30 -18.41
N ASP A 1073 -1.62 95.13 -18.78
CA ASP A 1073 -2.55 96.24 -18.90
C ASP A 1073 -3.90 95.86 -18.31
N GLY A 1074 -3.88 95.23 -17.13
CA GLY A 1074 -5.07 94.66 -16.55
C GLY A 1074 -5.40 93.26 -17.03
N LYS A 1075 -4.62 92.71 -17.95
CA LYS A 1075 -4.76 91.34 -18.40
C LYS A 1075 -3.76 90.44 -17.68
N ALA A 1076 -4.04 89.14 -17.71
CA ALA A 1076 -3.17 88.13 -17.11
C ALA A 1076 -2.56 87.28 -18.21
N HIS A 1077 -1.24 87.17 -18.22
CA HIS A 1077 -0.52 86.43 -19.24
C HIS A 1077 0.06 85.16 -18.64
N PHE A 1078 -0.10 84.05 -19.36
CA PHE A 1078 0.42 82.76 -18.95
C PHE A 1078 1.34 82.20 -20.03
N PRO A 1079 2.39 81.47 -19.65
CA PRO A 1079 3.30 80.92 -20.68
C PRO A 1079 2.60 79.88 -21.53
N ARG A 1080 2.89 79.90 -22.83
CA ARG A 1080 2.35 78.87 -23.72
C ARG A 1080 2.97 77.52 -23.39
N GLU A 1081 4.30 77.46 -23.30
CA GLU A 1081 5.00 76.31 -22.75
C GLU A 1081 6.27 76.82 -22.09
N GLY A 1082 6.46 76.50 -20.82
CA GLY A 1082 7.60 76.93 -20.05
C GLY A 1082 7.17 77.61 -18.77
N VAL A 1083 8.12 78.32 -18.15
CA VAL A 1083 7.90 79.02 -16.89
C VAL A 1083 8.53 80.39 -16.97
N PHE A 1084 8.11 81.26 -16.04
CA PHE A 1084 8.71 82.57 -15.88
C PHE A 1084 9.85 82.49 -14.88
N VAL A 1085 11.02 83.03 -15.25
CA VAL A 1085 12.17 83.05 -14.36
C VAL A 1085 12.77 84.44 -14.36
N SER A 1086 13.55 84.72 -13.32
CA SER A 1086 14.17 86.02 -13.14
C SER A 1086 15.42 85.88 -12.31
N ASN A 1087 16.43 86.70 -12.62
CA ASN A 1087 17.64 86.77 -11.79
C ASN A 1087 17.61 87.98 -10.86
N GLY A 1088 16.42 88.42 -10.47
CA GLY A 1088 16.26 89.57 -9.60
C GLY A 1088 16.04 90.88 -10.30
N THR A 1089 16.34 90.97 -11.60
CA THR A 1089 16.20 92.21 -12.35
C THR A 1089 15.17 92.13 -13.47
N HIS A 1090 15.31 91.15 -14.37
CA HIS A 1090 14.44 91.04 -15.53
C HIS A 1090 13.81 89.66 -15.57
N TRP A 1091 12.68 89.57 -16.28
CA TRP A 1091 11.90 88.35 -16.39
C TRP A 1091 12.01 87.80 -17.81
N PHE A 1092 12.24 86.50 -17.91
CA PHE A 1092 12.29 85.80 -19.20
C PHE A 1092 11.40 84.57 -19.14
N VAL A 1093 11.25 83.91 -20.28
CA VAL A 1093 10.61 82.60 -20.36
C VAL A 1093 11.67 81.60 -20.79
N THR A 1094 11.49 80.35 -20.37
CA THR A 1094 12.47 79.31 -20.64
C THR A 1094 11.80 77.96 -20.62
N GLN A 1095 12.50 76.97 -21.16
CA GLN A 1095 12.00 75.60 -21.17
C GLN A 1095 12.04 75.01 -19.77
N ARG A 1096 11.33 73.89 -19.59
CA ARG A 1096 11.24 73.24 -18.29
C ARG A 1096 12.41 72.30 -18.02
N ASN A 1097 13.25 72.03 -19.01
CA ASN A 1097 14.32 71.05 -18.85
C ASN A 1097 15.68 71.54 -19.31
N PHE A 1098 15.80 72.80 -19.72
CA PHE A 1098 17.09 73.34 -20.17
C PHE A 1098 17.01 74.85 -20.12
N TYR A 1099 17.91 75.48 -19.37
CA TYR A 1099 17.85 76.92 -19.16
C TYR A 1099 18.20 77.64 -20.47
N GLU A 1100 17.21 78.30 -21.06
CA GLU A 1100 17.41 79.08 -22.28
C GLU A 1100 16.46 80.26 -22.23
N PRO A 1101 16.91 81.40 -21.71
CA PRO A 1101 16.01 82.54 -21.56
C PRO A 1101 15.65 83.17 -22.90
N GLN A 1102 14.41 83.67 -22.96
CA GLN A 1102 13.92 84.38 -24.13
C GLN A 1102 13.14 85.60 -23.68
N ILE A 1103 13.17 86.65 -24.50
CA ILE A 1103 12.43 87.88 -24.18
C ILE A 1103 10.94 87.61 -24.29
N ILE A 1104 10.20 88.00 -23.25
CA ILE A 1104 8.77 87.71 -23.18
C ILE A 1104 8.02 88.65 -24.13
N THR A 1105 7.21 88.06 -25.00
CA THR A 1105 6.40 88.82 -25.94
C THR A 1105 5.00 88.21 -25.98
N THR A 1106 4.19 88.65 -26.95
CA THR A 1106 2.85 88.10 -27.12
C THR A 1106 2.84 86.80 -27.90
N ASP A 1107 3.97 86.37 -28.46
CA ASP A 1107 4.05 85.10 -29.16
C ASP A 1107 4.38 83.92 -28.25
N ASN A 1108 4.74 84.19 -26.99
CA ASN A 1108 5.01 83.14 -26.02
C ASN A 1108 3.91 82.99 -24.97
N THR A 1109 2.96 83.91 -24.93
CA THR A 1109 1.94 83.93 -23.88
C THR A 1109 0.56 84.13 -24.49
N PHE A 1110 -0.45 83.61 -23.81
CA PHE A 1110 -1.84 83.89 -24.12
C PHE A 1110 -2.46 84.73 -23.00
N VAL A 1111 -3.69 85.18 -23.24
CA VAL A 1111 -4.37 86.12 -22.36
C VAL A 1111 -5.67 85.48 -21.87
N SER A 1112 -5.91 85.57 -20.56
CA SER A 1112 -7.14 85.07 -19.98
C SER A 1112 -7.40 85.77 -18.65
N GLY A 1113 -8.60 86.30 -18.49
CA GLY A 1113 -8.99 86.88 -17.22
C GLY A 1113 -8.41 88.27 -17.00
N ASN A 1114 -8.28 88.63 -15.72
CA ASN A 1114 -7.74 89.94 -15.33
C ASN A 1114 -6.82 89.73 -14.13
N CYS A 1115 -6.46 90.84 -13.48
CA CYS A 1115 -5.37 90.86 -12.51
C CYS A 1115 -5.79 90.48 -11.10
N ASP A 1116 -7.09 90.37 -10.81
CA ASP A 1116 -7.56 90.23 -9.44
C ASP A 1116 -7.97 88.81 -9.08
N VAL A 1117 -7.66 87.84 -9.93
CA VAL A 1117 -8.06 86.46 -9.70
C VAL A 1117 -6.87 85.56 -9.38
N VAL A 1118 -5.72 85.81 -9.98
CA VAL A 1118 -4.53 84.99 -9.75
C VAL A 1118 -3.83 85.48 -8.48
N ILE A 1119 -3.29 84.53 -7.71
CA ILE A 1119 -2.62 84.83 -6.46
C ILE A 1119 -1.11 84.83 -6.70
N GLY A 1120 -0.44 85.89 -6.29
CA GLY A 1120 0.99 86.00 -6.45
C GLY A 1120 1.42 86.34 -7.87
N ILE A 1121 0.93 87.47 -8.38
CA ILE A 1121 1.19 87.91 -9.74
C ILE A 1121 1.97 89.22 -9.66
N VAL A 1122 3.01 89.34 -10.48
CA VAL A 1122 3.92 90.48 -10.46
C VAL A 1122 3.76 91.37 -11.69
N ASN A 1123 3.95 92.66 -11.47
CA ASN A 1123 3.86 93.68 -12.51
C ASN A 1123 5.03 93.53 -13.47
N ASN A 1124 4.80 93.76 -14.77
CA ASN A 1124 5.90 93.69 -15.72
C ASN A 1124 5.49 94.30 -17.06
N THR A 1125 6.23 93.99 -18.13
CA THR A 1125 5.95 94.47 -19.48
C THR A 1125 6.03 93.30 -20.45
N VAL A 1126 5.05 93.17 -21.33
CA VAL A 1126 5.04 92.11 -22.34
C VAL A 1126 5.17 92.81 -23.69
N TYR A 1127 6.33 92.63 -24.33
CA TYR A 1127 6.65 93.35 -25.54
C TYR A 1127 5.75 92.94 -26.70
N ASP A 1128 5.51 93.89 -27.61
CA ASP A 1128 4.66 93.66 -28.77
C ASP A 1128 5.50 93.76 -30.02
N PRO A 1129 5.58 92.70 -30.85
CA PRO A 1129 6.42 92.78 -32.05
C PRO A 1129 5.87 93.72 -33.12
N LEU A 1130 4.59 94.10 -33.04
CA LEU A 1130 4.01 95.02 -34.01
C LEU A 1130 3.56 96.30 -33.31
N ALA B 16 -47.45 13.21 30.47
CA ALA B 16 -47.07 14.34 29.63
C ALA B 16 -45.61 14.22 29.19
N TYR B 17 -45.22 15.05 28.24
CA TYR B 17 -43.87 15.06 27.70
C TYR B 17 -43.24 16.43 27.90
N THR B 18 -41.91 16.47 27.81
CA THR B 18 -41.17 17.71 27.94
C THR B 18 -39.95 17.66 27.03
N ASN B 19 -39.53 18.83 26.56
CA ASN B 19 -38.32 18.93 25.77
C ASN B 19 -37.10 18.97 26.68
N SER B 20 -35.99 18.39 26.19
CA SER B 20 -34.78 18.30 26.99
C SER B 20 -34.04 19.63 27.10
N PHE B 21 -34.35 20.60 26.25
CA PHE B 21 -33.63 21.88 26.19
C PHE B 21 -32.16 21.56 25.94
N THR B 22 -31.24 22.06 26.74
CA THR B 22 -29.82 21.72 26.63
C THR B 22 -29.38 21.18 27.99
N ARG B 23 -29.60 19.89 28.22
CA ARG B 23 -29.28 19.26 29.48
C ARG B 23 -28.62 17.91 29.24
N GLY B 24 -27.81 17.48 30.20
CA GLY B 24 -27.21 16.15 30.15
C GLY B 24 -25.91 16.07 29.38
N VAL B 25 -25.00 16.99 29.66
CA VAL B 25 -23.67 16.98 29.05
C VAL B 25 -22.65 16.80 30.17
N TYR B 26 -21.88 15.71 30.10
CA TYR B 26 -20.87 15.39 31.09
C TYR B 26 -19.48 15.57 30.49
N TYR B 27 -18.46 15.25 31.28
CA TYR B 27 -17.09 15.31 30.82
C TYR B 27 -16.72 14.00 30.14
N PRO B 28 -16.43 14.00 28.84
CA PRO B 28 -16.17 12.72 28.14
C PRO B 28 -15.01 11.94 28.71
N ASP B 29 -13.99 12.61 29.22
CA ASP B 29 -12.80 11.92 29.72
C ASP B 29 -12.22 12.72 30.89
N LYS B 30 -11.07 12.27 31.37
CA LYS B 30 -10.41 12.85 32.55
C LYS B 30 -9.14 13.60 32.18
N VAL B 31 -9.17 14.31 31.06
CA VAL B 31 -8.01 15.02 30.54
C VAL B 31 -8.30 16.51 30.58
N PHE B 32 -7.44 17.27 31.26
CA PHE B 32 -7.64 18.71 31.40
C PHE B 32 -7.43 19.42 30.06
N ARG B 33 -8.32 20.35 29.76
CA ARG B 33 -8.21 21.21 28.58
C ARG B 33 -8.66 22.62 28.97
N SER B 34 -8.18 23.60 28.22
CA SER B 34 -8.47 24.99 28.55
C SER B 34 -8.46 25.84 27.29
N SER B 35 -9.50 26.66 27.14
CA SER B 35 -9.59 27.66 26.06
C SER B 35 -9.41 27.00 24.69
N VAL B 36 -10.01 25.83 24.51
CA VAL B 36 -9.89 25.09 23.26
C VAL B 36 -11.26 24.54 22.89
N LEU B 37 -11.58 24.58 21.60
CA LEU B 37 -12.82 24.02 21.06
C LEU B 37 -12.53 22.60 20.60
N HIS B 38 -13.02 21.62 21.36
CA HIS B 38 -12.75 20.21 21.08
C HIS B 38 -14.01 19.52 20.59
N SER B 39 -13.85 18.71 19.55
CA SER B 39 -14.94 17.92 18.98
C SER B 39 -14.71 16.45 19.30
N THR B 40 -15.74 15.79 19.82
CA THR B 40 -15.61 14.39 20.23
C THR B 40 -16.93 13.68 19.95
N GLN B 41 -16.86 12.34 19.99
CA GLN B 41 -18.02 11.49 19.76
C GLN B 41 -18.22 10.59 20.97
N ASP B 42 -19.45 10.52 21.47
CA ASP B 42 -19.80 9.71 22.63
C ASP B 42 -21.33 9.63 22.69
N LEU B 43 -21.82 8.90 23.68
CA LEU B 43 -23.26 8.79 23.90
C LEU B 43 -23.76 10.01 24.64
N PHE B 44 -24.68 10.76 24.02
CA PHE B 44 -25.19 11.99 24.59
C PHE B 44 -26.70 12.02 24.47
N LEU B 45 -27.32 12.84 25.31
CA LEU B 45 -28.75 13.10 25.21
C LEU B 45 -29.00 14.14 24.12
N PRO B 46 -29.74 13.79 23.06
CA PRO B 46 -29.96 14.76 21.98
C PRO B 46 -30.66 16.01 22.46
N PHE B 47 -30.27 17.15 21.91
CA PHE B 47 -30.85 18.42 22.30
C PHE B 47 -32.31 18.49 21.86
N PHE B 48 -33.13 19.15 22.68
CA PHE B 48 -34.54 19.37 22.38
C PHE B 48 -35.28 18.05 22.12
N SER B 49 -34.95 17.03 22.90
CA SER B 49 -35.58 15.73 22.79
C SER B 49 -36.67 15.56 23.83
N ASN B 50 -37.59 14.64 23.55
CA ASN B 50 -38.73 14.40 24.44
C ASN B 50 -38.33 13.47 25.57
N VAL B 51 -38.63 13.87 26.80
CA VAL B 51 -38.35 13.07 27.99
C VAL B 51 -39.67 12.69 28.63
N THR B 52 -39.85 11.40 28.89
CA THR B 52 -41.06 10.91 29.53
C THR B 52 -41.14 11.41 30.96
N TRP B 53 -42.34 11.77 31.41
CA TRP B 53 -42.55 12.35 32.73
C TRP B 53 -43.29 11.36 33.61
N PHE B 54 -42.82 11.20 34.84
CA PHE B 54 -43.46 10.37 35.85
C PHE B 54 -43.63 11.17 37.14
N HIS B 55 -44.63 10.79 37.92
CA HIS B 55 -44.89 11.46 39.19
C HIS B 55 -45.51 10.48 40.16
N ALA B 56 -45.41 10.81 41.44
CA ALA B 56 -45.96 9.99 42.53
C ALA B 56 -45.44 8.55 42.48
N ASN B 70 -45.41 3.44 39.58
CA ASN B 70 -43.98 3.51 39.28
C ASN B 70 -43.49 2.18 38.71
N PRO B 71 -43.70 1.98 37.41
CA PRO B 71 -43.34 0.70 36.80
C PRO B 71 -41.91 0.66 36.31
N VAL B 72 -41.52 -0.47 35.71
CA VAL B 72 -40.17 -0.65 35.21
C VAL B 72 -40.04 0.00 33.83
N LEU B 73 -38.80 0.35 33.48
CA LEU B 73 -38.49 0.95 32.19
C LEU B 73 -37.31 0.23 31.54
N PRO B 74 -37.31 0.11 30.22
CA PRO B 74 -36.15 -0.49 29.53
C PRO B 74 -34.92 0.37 29.67
N PHE B 75 -33.75 -0.29 29.62
CA PHE B 75 -32.48 0.40 29.81
C PHE B 75 -31.91 0.91 28.48
N ASN B 76 -31.88 0.06 27.46
CA ASN B 76 -31.30 0.37 26.15
C ASN B 76 -29.81 0.69 26.37
N ASP B 77 -29.28 1.73 25.72
CA ASP B 77 -27.88 2.11 25.85
C ASP B 77 -27.81 3.42 26.62
N GLY B 78 -27.75 3.32 27.95
CA GLY B 78 -27.64 4.48 28.80
C GLY B 78 -28.98 5.13 29.09
N VAL B 79 -29.13 5.67 30.30
CA VAL B 79 -30.37 6.30 30.74
C VAL B 79 -30.04 7.60 31.45
N TYR B 80 -30.79 8.65 31.13
CA TYR B 80 -30.70 9.93 31.83
C TYR B 80 -31.79 9.99 32.89
N PHE B 81 -31.41 10.39 34.11
CA PHE B 81 -32.34 10.45 35.23
C PHE B 81 -32.22 11.81 35.89
N ALA B 82 -33.37 12.43 36.18
CA ALA B 82 -33.41 13.70 36.87
C ALA B 82 -34.68 13.76 37.70
N SER B 83 -34.60 14.42 38.86
CA SER B 83 -35.73 14.49 39.77
C SER B 83 -35.59 15.74 40.63
N THR B 84 -36.69 16.11 41.28
CA THR B 84 -36.73 17.28 42.15
C THR B 84 -37.51 17.00 43.42
N ASN B 88 -34.79 13.14 49.23
CA ASN B 88 -35.39 12.68 50.47
C ASN B 88 -36.33 11.51 50.22
N ILE B 89 -37.42 11.78 49.49
CA ILE B 89 -38.41 10.75 49.19
C ILE B 89 -37.80 9.70 48.25
N ILE B 90 -36.97 10.12 47.31
CA ILE B 90 -36.35 9.19 46.37
C ILE B 90 -35.42 8.26 47.13
N ARG B 91 -35.57 6.95 46.88
CA ARG B 91 -34.81 5.95 47.60
C ARG B 91 -33.52 5.57 46.87
N GLY B 92 -33.65 5.13 45.61
CA GLY B 92 -32.50 4.66 44.87
C GLY B 92 -32.92 4.03 43.57
N TRP B 93 -31.98 3.36 42.92
CA TRP B 93 -32.19 2.74 41.62
C TRP B 93 -31.72 1.30 41.65
N ILE B 94 -32.42 0.46 40.90
CA ILE B 94 -32.13 -0.97 40.83
C ILE B 94 -32.08 -1.39 39.37
N PHE B 95 -31.14 -2.28 39.04
CA PHE B 95 -30.90 -2.69 37.67
C PHE B 95 -30.82 -4.21 37.58
N GLY B 96 -31.14 -4.73 36.41
CA GLY B 96 -31.10 -6.16 36.18
C GLY B 96 -32.02 -6.61 35.06
N THR B 97 -31.65 -7.68 34.36
CA THR B 97 -32.46 -8.16 33.25
C THR B 97 -33.83 -8.64 33.73
N THR B 98 -33.84 -9.53 34.72
CA THR B 98 -35.07 -10.01 35.31
C THR B 98 -35.50 -9.21 36.54
N LEU B 99 -34.58 -8.42 37.11
CA LEU B 99 -34.85 -7.56 38.25
C LEU B 99 -35.39 -8.36 39.44
N SER B 101 -34.23 -12.16 41.26
CA SER B 101 -35.12 -13.24 40.85
C SER B 101 -34.37 -14.56 40.78
N LYS B 102 -33.66 -14.78 39.66
CA LYS B 102 -32.86 -15.97 39.48
C LYS B 102 -31.46 -15.70 38.94
N THR B 103 -31.21 -14.55 38.33
CA THR B 103 -29.91 -14.20 37.76
C THR B 103 -29.31 -13.02 38.53
N GLN B 104 -28.02 -12.79 38.29
CA GLN B 104 -27.31 -11.70 38.95
C GLN B 104 -27.91 -10.36 38.56
N SER B 105 -27.97 -9.43 39.52
CA SER B 105 -28.60 -8.14 39.29
C SER B 105 -27.88 -7.08 40.10
N LEU B 106 -28.05 -5.83 39.68
CA LEU B 106 -27.48 -4.68 40.37
C LEU B 106 -28.38 -4.25 41.53
N LEU B 107 -27.79 -3.50 42.46
CA LEU B 107 -28.54 -2.99 43.61
C LEU B 107 -27.78 -1.78 44.15
N ILE B 108 -28.34 -0.59 43.94
CA ILE B 108 -27.74 0.67 44.40
C ILE B 108 -28.82 1.39 45.20
N VAL B 109 -28.76 1.31 46.52
CA VAL B 109 -29.72 1.94 47.41
C VAL B 109 -29.00 2.99 48.24
N ASN B 110 -29.47 4.23 48.17
CA ASN B 110 -28.87 5.30 48.96
C ASN B 110 -29.35 5.22 50.41
N ASN B 111 -28.62 5.89 51.29
CA ASN B 111 -28.88 5.84 52.71
C ASN B 111 -28.62 7.21 53.31
N ALA B 112 -29.30 7.48 54.44
CA ALA B 112 -29.00 8.70 55.19
C ALA B 112 -27.57 8.68 55.72
N THR B 113 -27.10 7.52 56.17
CA THR B 113 -25.73 7.34 56.61
C THR B 113 -24.96 6.70 55.46
N ASN B 114 -24.07 7.49 54.83
CA ASN B 114 -23.21 7.03 53.75
C ASN B 114 -24.10 6.57 52.58
N VAL B 115 -23.63 5.58 51.82
CA VAL B 115 -24.39 5.03 50.70
C VAL B 115 -24.05 3.55 50.58
N VAL B 116 -25.05 2.76 50.21
CA VAL B 116 -24.94 1.30 50.17
C VAL B 116 -24.93 0.85 48.71
N ILE B 117 -23.90 0.10 48.33
CA ILE B 117 -23.78 -0.47 47.00
C ILE B 117 -23.38 -1.93 47.15
N LYS B 118 -24.25 -2.84 46.68
CA LYS B 118 -23.95 -4.27 46.70
C LYS B 118 -24.55 -4.92 45.46
N VAL B 119 -23.92 -6.01 45.02
CA VAL B 119 -24.35 -6.74 43.85
C VAL B 119 -24.33 -8.23 44.16
N CYS B 120 -25.47 -8.89 44.01
CA CYS B 120 -25.58 -10.34 44.18
C CYS B 120 -26.97 -10.79 43.77
N GLU B 121 -27.19 -12.10 43.84
CA GLU B 121 -28.48 -12.68 43.52
C GLU B 121 -29.52 -12.32 44.58
N PHE B 122 -30.73 -12.02 44.13
CA PHE B 122 -31.86 -11.80 45.03
C PHE B 122 -33.13 -12.44 44.49
N CYS B 155 -22.22 -11.57 49.32
CA CYS B 155 -22.69 -11.34 47.97
C CYS B 155 -21.53 -11.35 46.96
N THR B 156 -21.85 -11.08 45.70
CA THR B 156 -20.82 -11.07 44.65
C THR B 156 -20.04 -9.76 44.62
N PHE B 157 -20.54 -8.70 45.26
CA PHE B 157 -19.86 -7.42 45.31
C PHE B 157 -20.52 -6.54 46.36
N GLU B 158 -19.70 -5.72 47.03
CA GLU B 158 -20.18 -4.72 47.96
C GLU B 158 -19.29 -3.49 47.85
N TYR B 159 -19.86 -2.34 48.18
CA TYR B 159 -19.10 -1.10 48.20
C TYR B 159 -19.87 -0.04 48.98
N VAL B 160 -19.14 0.81 49.71
CA VAL B 160 -19.73 1.90 50.47
C VAL B 160 -18.85 3.13 50.28
N SER B 161 -19.48 4.27 50.03
CA SER B 161 -18.76 5.54 49.89
C SER B 161 -19.12 6.50 51.02
N ASN B 177 -33.37 20.28 45.48
CA ASN B 177 -33.56 21.11 44.30
C ASN B 177 -33.55 20.26 43.03
N LEU B 178 -32.39 20.20 42.38
CA LEU B 178 -32.22 19.44 41.15
C LEU B 178 -31.10 18.42 41.34
N ARG B 179 -31.36 17.18 40.91
CA ARG B 179 -30.37 16.11 40.98
C ARG B 179 -30.41 15.34 39.68
N GLU B 180 -29.29 15.34 38.95
CA GLU B 180 -29.20 14.72 37.64
C GLU B 180 -28.21 13.56 37.69
N PHE B 181 -28.50 12.51 36.93
CA PHE B 181 -27.64 11.33 36.86
C PHE B 181 -27.67 10.78 35.44
N VAL B 182 -26.51 10.30 34.98
CA VAL B 182 -26.33 9.90 33.59
C VAL B 182 -25.87 8.44 33.55
N PHE B 183 -26.42 7.62 34.44
CA PHE B 183 -26.12 6.18 34.45
C PHE B 183 -26.00 5.61 33.05
N LYS B 184 -24.89 4.91 32.80
CA LYS B 184 -24.62 4.35 31.49
C LYS B 184 -23.79 3.08 31.66
N ASN B 185 -23.85 2.22 30.65
CA ASN B 185 -23.12 0.96 30.67
C ASN B 185 -22.54 0.64 29.29
N TYR B 189 -17.63 -0.93 31.72
CA TYR B 189 -18.33 -1.28 32.95
C TYR B 189 -19.39 -0.24 33.29
N PHE B 190 -19.61 -0.03 34.57
CA PHE B 190 -20.65 0.88 35.07
C PHE B 190 -20.04 2.25 35.34
N LYS B 191 -20.61 3.28 34.72
CA LYS B 191 -20.16 4.65 34.88
C LYS B 191 -21.32 5.51 35.36
N ILE B 192 -21.04 6.41 36.30
CA ILE B 192 -22.07 7.27 36.88
C ILE B 192 -21.52 8.69 36.97
N TYR B 193 -22.36 9.66 36.59
CA TYR B 193 -22.04 11.07 36.71
C TYR B 193 -23.16 11.77 37.46
N SER B 194 -22.84 12.88 38.11
CA SER B 194 -23.82 13.60 38.91
C SER B 194 -23.49 15.08 38.95
N LYS B 195 -24.52 15.88 39.20
CA LYS B 195 -24.41 17.32 39.36
C LYS B 195 -25.73 17.84 39.91
N HIS B 196 -25.64 18.76 40.87
CA HIS B 196 -26.81 19.35 41.51
C HIS B 196 -26.81 20.85 41.30
N THR B 197 -27.98 21.40 41.02
CA THR B 197 -28.13 22.82 40.74
C THR B 197 -29.28 23.39 41.55
N PRO B 198 -29.22 24.67 41.91
CA PRO B 198 -30.33 25.29 42.64
C PRO B 198 -31.55 25.49 41.77
N ILE B 199 -32.69 25.66 42.43
CA ILE B 199 -33.95 25.87 41.74
C ILE B 199 -33.92 27.18 40.95
N LEU B 205 -37.78 21.27 34.32
CA LEU B 205 -36.43 21.46 33.78
C LEU B 205 -36.21 22.90 33.35
N PRO B 206 -35.12 23.50 33.82
CA PRO B 206 -34.84 24.90 33.51
C PRO B 206 -34.00 25.05 32.23
N GLN B 207 -34.08 26.25 31.66
CA GLN B 207 -33.32 26.58 30.47
C GLN B 207 -31.94 27.09 30.85
N GLY B 208 -30.92 26.49 30.26
CA GLY B 208 -29.55 26.84 30.56
C GLY B 208 -28.62 25.68 30.28
N PHE B 209 -27.38 25.84 30.70
CA PHE B 209 -26.34 24.83 30.51
C PHE B 209 -25.58 24.61 31.81
N SER B 210 -25.30 23.35 32.11
CA SER B 210 -24.51 22.98 33.27
C SER B 210 -23.95 21.58 33.06
N ALA B 211 -22.63 21.44 33.23
CA ALA B 211 -21.98 20.16 32.97
C ALA B 211 -22.17 19.21 34.14
N LEU B 212 -21.69 17.97 33.98
CA LEU B 212 -21.79 16.95 35.01
C LEU B 212 -20.42 16.28 35.19
N GLU B 213 -20.05 16.04 36.47
CA GLU B 213 -18.74 15.47 36.77
C GLU B 213 -18.87 13.99 37.15
N PRO B 214 -17.88 13.17 36.77
CA PRO B 214 -17.93 11.74 37.12
C PRO B 214 -17.69 11.52 38.60
N LEU B 215 -18.31 10.46 39.13
CA LEU B 215 -18.11 10.09 40.53
C LEU B 215 -17.74 8.63 40.73
N VAL B 216 -18.31 7.73 39.93
CA VAL B 216 -18.27 6.29 40.20
C VAL B 216 -17.77 5.57 38.96
N ASP B 217 -16.83 4.65 39.16
CA ASP B 217 -16.23 3.89 38.06
C ASP B 217 -16.02 2.43 38.49
N LEU B 218 -17.04 1.83 39.08
CA LEU B 218 -16.94 0.46 39.54
C LEU B 218 -16.81 -0.49 38.36
N PRO B 219 -15.86 -1.43 38.38
CA PRO B 219 -15.67 -2.42 37.28
C PRO B 219 -16.42 -3.74 37.44
N ILE B 220 -17.73 -3.70 37.19
CA ILE B 220 -18.57 -4.89 37.19
C ILE B 220 -19.17 -5.06 35.81
N GLY B 221 -19.05 -6.26 35.25
CA GLY B 221 -19.56 -6.54 33.92
C GLY B 221 -20.72 -7.51 33.90
N ILE B 222 -21.90 -7.02 33.53
CA ILE B 222 -23.09 -7.87 33.39
C ILE B 222 -24.11 -7.09 32.57
N ASN B 223 -24.99 -7.82 31.88
CA ASN B 223 -26.00 -7.18 31.07
C ASN B 223 -27.10 -6.55 31.92
N ILE B 224 -27.60 -5.41 31.48
CA ILE B 224 -28.74 -4.74 32.09
C ILE B 224 -29.72 -4.39 30.98
N THR B 225 -30.99 -4.72 31.19
CA THR B 225 -32.00 -4.48 30.17
C THR B 225 -33.19 -3.71 30.75
N ARG B 226 -33.46 -3.91 32.04
CA ARG B 226 -34.60 -3.28 32.70
C ARG B 226 -34.13 -2.41 33.85
N PHE B 227 -34.81 -1.28 34.03
CA PHE B 227 -34.45 -0.28 35.03
C PHE B 227 -35.69 0.13 35.81
N GLN B 228 -35.56 0.24 37.13
CA GLN B 228 -36.66 0.64 37.99
C GLN B 228 -36.13 1.49 39.12
N THR B 229 -37.00 2.36 39.65
CA THR B 229 -36.66 3.19 40.80
C THR B 229 -37.87 3.36 41.72
N TYR B 254 -40.56 12.35 38.60
CA TYR B 254 -39.24 12.54 38.01
C TYR B 254 -39.30 12.48 36.49
N TYR B 255 -38.13 12.42 35.85
CA TYR B 255 -38.04 12.39 34.41
C TYR B 255 -37.04 11.32 33.99
N VAL B 256 -37.20 10.84 32.75
CA VAL B 256 -36.35 9.78 32.21
C VAL B 256 -35.90 10.19 30.81
N GLY B 257 -34.59 10.10 30.56
CA GLY B 257 -34.03 10.35 29.26
C GLY B 257 -33.37 9.11 28.68
N TYR B 258 -32.78 9.28 27.50
CA TYR B 258 -32.09 8.21 26.82
C TYR B 258 -30.88 8.77 26.08
N LEU B 259 -29.93 7.90 25.78
CA LEU B 259 -28.68 8.29 25.15
C LEU B 259 -28.60 7.75 23.72
N GLN B 260 -27.96 8.52 22.86
CA GLN B 260 -27.75 8.16 21.47
C GLN B 260 -26.33 8.49 21.07
N PRO B 261 -25.76 7.76 20.09
CA PRO B 261 -24.38 8.04 19.65
C PRO B 261 -24.28 9.20 18.66
N ARG B 262 -24.22 10.41 19.20
CA ARG B 262 -24.11 11.63 18.42
C ARG B 262 -22.84 12.37 18.81
N THR B 263 -22.09 12.84 17.81
CA THR B 263 -20.90 13.62 18.08
C THR B 263 -21.28 15.02 18.56
N PHE B 264 -20.44 15.58 19.42
CA PHE B 264 -20.68 16.89 20.02
C PHE B 264 -19.46 17.77 19.86
N LEU B 265 -19.70 19.08 19.86
CA LEU B 265 -18.65 20.09 19.88
C LEU B 265 -18.67 20.77 21.24
N LEU B 266 -17.53 20.74 21.93
CA LEU B 266 -17.44 21.22 23.32
C LEU B 266 -16.55 22.45 23.39
N LYS B 267 -16.92 23.39 24.25
CA LYS B 267 -16.20 24.64 24.44
C LYS B 267 -15.72 24.72 25.88
N TYR B 268 -14.42 24.96 26.05
CA TYR B 268 -13.81 25.13 27.36
C TYR B 268 -13.41 26.58 27.57
N ASN B 269 -13.65 27.08 28.77
CA ASN B 269 -13.24 28.43 29.13
C ASN B 269 -11.80 28.39 29.65
N GLU B 270 -11.34 29.50 30.23
CA GLU B 270 -9.95 29.59 30.67
C GLU B 270 -9.65 28.67 31.85
N ASN B 271 -10.66 28.33 32.66
CA ASN B 271 -10.46 27.48 33.83
C ASN B 271 -10.71 26.01 33.56
N GLY B 272 -11.05 25.64 32.33
CA GLY B 272 -11.31 24.25 31.99
C GLY B 272 -12.72 23.78 32.25
N THR B 273 -13.67 24.68 32.44
CA THR B 273 -15.06 24.32 32.71
C THR B 273 -15.89 24.50 31.45
N ILE B 274 -16.67 23.47 31.10
CA ILE B 274 -17.48 23.51 29.90
C ILE B 274 -18.60 24.53 30.07
N THR B 275 -18.73 25.43 29.10
CA THR B 275 -19.75 26.48 29.15
C THR B 275 -20.75 26.43 28.01
N ASP B 276 -20.44 25.76 26.90
CA ASP B 276 -21.37 25.69 25.78
C ASP B 276 -21.06 24.46 24.96
N ALA B 277 -22.03 24.06 24.15
CA ALA B 277 -21.88 22.88 23.30
C ALA B 277 -22.80 23.00 22.09
N VAL B 278 -22.48 22.24 21.05
CA VAL B 278 -23.24 22.23 19.80
C VAL B 278 -23.58 20.79 19.45
N ASP B 279 -24.84 20.54 19.08
CA ASP B 279 -25.28 19.22 18.64
C ASP B 279 -25.06 19.11 17.15
N CYS B 280 -24.05 18.33 16.75
CA CYS B 280 -23.58 18.33 15.37
C CYS B 280 -24.57 17.72 14.38
N ALA B 281 -25.63 17.06 14.84
CA ALA B 281 -26.57 16.41 13.95
C ALA B 281 -27.99 16.94 14.12
N LEU B 282 -28.15 18.13 14.70
CA LEU B 282 -29.48 18.67 14.96
C LEU B 282 -30.03 19.42 13.75
N ASP B 283 -29.32 20.45 13.28
CA ASP B 283 -29.78 21.33 12.24
C ASP B 283 -28.66 21.59 11.26
N PRO B 284 -28.98 22.03 10.03
CA PRO B 284 -27.91 22.40 9.09
C PRO B 284 -27.01 23.51 9.61
N LEU B 285 -27.56 24.47 10.37
CA LEU B 285 -26.72 25.49 10.99
C LEU B 285 -25.72 24.86 11.95
N SER B 286 -26.17 23.88 12.74
CA SER B 286 -25.26 23.18 13.65
C SER B 286 -24.22 22.39 12.87
N GLU B 287 -24.61 21.80 11.74
CA GLU B 287 -23.65 21.08 10.91
C GLU B 287 -22.58 22.02 10.38
N THR B 288 -22.98 23.21 9.92
CA THR B 288 -22.01 24.19 9.45
C THR B 288 -21.10 24.64 10.58
N LYS B 289 -21.67 24.85 11.77
CA LYS B 289 -20.85 25.23 12.92
C LYS B 289 -19.81 24.16 13.24
N CYS B 290 -20.22 22.89 13.22
CA CYS B 290 -19.28 21.80 13.50
C CYS B 290 -18.21 21.70 12.42
N THR B 291 -18.60 21.89 11.15
CA THR B 291 -17.63 21.83 10.06
C THR B 291 -16.60 22.94 10.19
N LEU B 292 -17.05 24.16 10.49
CA LEU B 292 -16.14 25.29 10.62
C LEU B 292 -15.40 25.32 11.95
N LYS B 293 -15.82 24.51 12.93
CA LYS B 293 -15.24 24.51 14.27
C LYS B 293 -15.29 25.90 14.89
N SER B 294 -16.40 26.60 14.68
CA SER B 294 -16.60 27.93 15.23
C SER B 294 -18.02 28.07 15.72
N PHE B 295 -18.21 28.91 16.74
CA PHE B 295 -19.53 29.17 17.29
C PHE B 295 -20.26 30.30 16.59
N THR B 296 -19.58 31.01 15.69
CA THR B 296 -20.18 32.10 14.94
C THR B 296 -19.81 31.93 13.47
N VAL B 297 -20.79 32.12 12.59
CA VAL B 297 -20.63 31.89 11.17
C VAL B 297 -20.90 33.19 10.43
N GLU B 298 -19.99 33.56 9.53
CA GLU B 298 -20.16 34.76 8.72
C GLU B 298 -21.02 34.46 7.50
N LYS B 299 -21.55 35.53 6.90
CA LYS B 299 -22.43 35.38 5.74
C LYS B 299 -21.70 34.74 4.58
N GLY B 300 -22.35 33.79 3.94
CA GLY B 300 -21.75 33.09 2.82
C GLY B 300 -22.43 31.75 2.60
N ILE B 301 -21.86 30.99 1.68
CA ILE B 301 -22.35 29.66 1.33
C ILE B 301 -21.26 28.64 1.61
N TYR B 302 -21.58 27.61 2.38
CA TYR B 302 -20.61 26.61 2.80
C TYR B 302 -21.12 25.22 2.41
N GLN B 303 -20.17 24.31 2.19
CA GLN B 303 -20.46 22.92 1.92
C GLN B 303 -20.17 22.09 3.15
N THR B 304 -21.12 21.23 3.54
CA THR B 304 -21.01 20.45 4.76
C THR B 304 -20.80 18.97 4.52
N SER B 305 -21.65 18.34 3.72
CA SER B 305 -21.60 16.90 3.53
C SER B 305 -22.07 16.59 2.11
N ASN B 306 -22.40 15.32 1.85
CA ASN B 306 -22.87 14.87 0.56
C ASN B 306 -24.08 13.97 0.73
N PHE B 307 -24.85 13.85 -0.34
CA PHE B 307 -26.11 13.11 -0.33
C PHE B 307 -26.08 12.04 -1.40
N ARG B 308 -26.60 10.86 -1.07
CA ARG B 308 -26.55 9.71 -1.97
C ARG B 308 -27.76 8.82 -1.71
N VAL B 309 -28.50 8.50 -2.76
CA VAL B 309 -29.68 7.66 -2.64
C VAL B 309 -29.24 6.24 -2.32
N GLN B 310 -29.92 5.60 -1.34
CA GLN B 310 -29.57 4.26 -0.91
C GLN B 310 -30.45 3.23 -1.61
N PRO B 311 -29.92 2.05 -1.89
CA PRO B 311 -30.72 1.01 -2.54
C PRO B 311 -31.81 0.48 -1.62
N THR B 312 -32.87 -0.03 -2.23
CA THR B 312 -34.02 -0.54 -1.49
C THR B 312 -34.02 -2.05 -1.32
N GLU B 313 -33.40 -2.79 -2.24
CA GLU B 313 -33.41 -4.24 -2.18
C GLU B 313 -32.29 -4.76 -3.08
N SER B 314 -32.28 -6.08 -3.30
CA SER B 314 -31.26 -6.73 -4.12
C SER B 314 -31.90 -7.73 -5.05
N ILE B 315 -31.26 -7.96 -6.20
CA ILE B 315 -31.78 -8.85 -7.24
C ILE B 315 -30.63 -9.72 -7.75
N VAL B 316 -30.88 -11.02 -7.89
CA VAL B 316 -29.92 -11.96 -8.47
C VAL B 316 -30.61 -12.66 -9.64
N ARG B 317 -29.93 -12.68 -10.78
CA ARG B 317 -30.48 -13.27 -12.00
C ARG B 317 -29.48 -14.26 -12.59
N PHE B 318 -29.96 -15.45 -12.93
CA PHE B 318 -29.17 -16.51 -13.55
C PHE B 318 -29.97 -17.11 -14.70
N PRO B 319 -29.28 -17.67 -15.70
CA PRO B 319 -29.97 -18.20 -16.87
C PRO B 319 -30.76 -19.46 -16.55
N ASN B 320 -31.56 -19.88 -17.52
CA ASN B 320 -32.31 -21.13 -17.42
C ASN B 320 -31.37 -22.30 -17.14
N ILE B 321 -31.95 -23.39 -16.64
CA ILE B 321 -31.19 -24.61 -16.34
C ILE B 321 -31.63 -25.68 -17.34
N THR B 322 -30.64 -26.37 -17.94
CA THR B 322 -30.92 -27.34 -18.98
C THR B 322 -30.57 -28.77 -18.56
N ASN B 323 -29.32 -28.99 -18.17
CA ASN B 323 -28.86 -30.31 -17.77
C ASN B 323 -29.19 -30.60 -16.31
N LEU B 324 -29.52 -31.86 -16.02
CA LEU B 324 -29.74 -32.31 -14.65
C LEU B 324 -29.03 -33.64 -14.46
N CYS B 325 -28.58 -33.89 -13.24
CA CYS B 325 -27.75 -35.06 -12.98
C CYS B 325 -28.59 -36.34 -12.97
N PRO B 326 -28.04 -37.45 -13.45
CA PRO B 326 -28.79 -38.72 -13.50
C PRO B 326 -28.65 -39.53 -12.22
N PHE B 327 -29.04 -38.92 -11.09
CA PHE B 327 -29.01 -39.65 -9.83
C PHE B 327 -30.03 -40.77 -9.78
N GLY B 328 -31.08 -40.69 -10.60
CA GLY B 328 -32.11 -41.72 -10.55
C GLY B 328 -31.59 -43.09 -10.96
N GLU B 329 -30.81 -43.16 -12.04
CA GLU B 329 -30.31 -44.44 -12.51
C GLU B 329 -29.17 -45.00 -11.67
N VAL B 330 -28.80 -44.33 -10.57
CA VAL B 330 -27.84 -44.89 -9.64
C VAL B 330 -28.49 -45.32 -8.33
N PHE B 331 -29.55 -44.63 -7.90
CA PHE B 331 -30.26 -44.96 -6.67
C PHE B 331 -31.50 -45.80 -6.88
N ASN B 332 -32.17 -45.64 -8.02
CA ASN B 332 -33.39 -46.39 -8.33
C ASN B 332 -33.14 -47.58 -9.24
N ALA B 333 -31.87 -47.99 -9.37
CA ALA B 333 -31.52 -49.13 -10.20
C ALA B 333 -32.14 -50.42 -9.66
N THR B 334 -32.52 -51.31 -10.56
CA THR B 334 -33.25 -52.52 -10.17
C THR B 334 -32.33 -53.48 -9.40
N ARG B 335 -31.13 -53.73 -9.91
CA ARG B 335 -30.21 -54.68 -9.31
C ARG B 335 -28.87 -54.00 -9.05
N PHE B 336 -28.41 -54.03 -7.81
CA PHE B 336 -27.11 -53.52 -7.44
C PHE B 336 -26.04 -54.60 -7.61
N ALA B 337 -24.79 -54.18 -7.58
CA ALA B 337 -23.67 -55.09 -7.78
C ALA B 337 -23.19 -55.67 -6.47
N SER B 338 -22.49 -56.81 -6.57
CA SER B 338 -21.90 -57.42 -5.40
C SER B 338 -20.78 -56.54 -4.84
N VAL B 339 -20.55 -56.67 -3.52
CA VAL B 339 -19.58 -55.80 -2.86
C VAL B 339 -18.17 -56.03 -3.41
N TYR B 340 -17.84 -57.28 -3.75
CA TYR B 340 -16.50 -57.57 -4.24
C TYR B 340 -16.28 -57.10 -5.67
N ALA B 341 -17.33 -56.64 -6.35
CA ALA B 341 -17.24 -56.12 -7.72
C ALA B 341 -18.04 -54.83 -7.83
N TRP B 342 -17.82 -53.91 -6.89
CA TRP B 342 -18.62 -52.70 -6.81
C TRP B 342 -18.50 -51.89 -8.11
N ASN B 343 -19.63 -51.36 -8.56
CA ASN B 343 -19.71 -50.64 -9.82
C ASN B 343 -19.60 -49.14 -9.57
N ARG B 344 -18.86 -48.45 -10.44
CA ARG B 344 -18.57 -47.03 -10.28
C ARG B 344 -19.05 -46.27 -11.51
N LYS B 345 -19.61 -45.08 -11.29
CA LYS B 345 -20.06 -44.21 -12.37
C LYS B 345 -19.51 -42.81 -12.14
N ARG B 346 -19.28 -42.10 -13.25
CA ARG B 346 -18.79 -40.74 -13.23
C ARG B 346 -19.91 -39.75 -13.50
N ILE B 347 -19.78 -38.54 -12.95
CA ILE B 347 -20.74 -37.47 -13.14
C ILE B 347 -19.97 -36.22 -13.53
N SER B 348 -20.39 -35.58 -14.62
CA SER B 348 -19.74 -34.36 -15.11
C SER B 348 -20.70 -33.65 -16.05
N ASN B 349 -20.35 -32.41 -16.40
CA ASN B 349 -21.14 -31.57 -17.29
C ASN B 349 -22.59 -31.49 -16.81
N CYS B 350 -22.74 -31.26 -15.51
CA CYS B 350 -24.04 -31.36 -14.87
C CYS B 350 -24.14 -30.38 -13.72
N VAL B 351 -25.38 -30.16 -13.27
CA VAL B 351 -25.66 -29.45 -12.03
C VAL B 351 -26.41 -30.40 -11.10
N ALA B 352 -25.91 -30.56 -9.88
CA ALA B 352 -26.48 -31.50 -8.93
C ALA B 352 -27.46 -30.78 -8.01
N ASP B 353 -28.21 -31.59 -7.25
CA ASP B 353 -29.15 -31.05 -6.26
C ASP B 353 -29.24 -32.08 -5.12
N TYR B 354 -28.49 -31.84 -4.06
CA TYR B 354 -28.42 -32.77 -2.94
C TYR B 354 -29.51 -32.52 -1.89
N SER B 355 -30.19 -31.37 -1.96
CA SER B 355 -31.20 -31.07 -0.94
C SER B 355 -32.36 -32.06 -1.01
N VAL B 356 -32.78 -32.45 -2.21
CA VAL B 356 -33.86 -33.41 -2.34
C VAL B 356 -33.46 -34.76 -1.74
N LEU B 357 -32.22 -35.19 -2.01
CA LEU B 357 -31.72 -36.43 -1.43
C LEU B 357 -31.69 -36.36 0.09
N TYR B 358 -31.20 -35.24 0.64
CA TYR B 358 -31.09 -35.13 2.08
C TYR B 358 -32.44 -35.00 2.75
N ASN B 359 -33.44 -34.46 2.05
CA ASN B 359 -34.78 -34.33 2.59
C ASN B 359 -35.70 -35.48 2.21
N SER B 360 -35.18 -36.49 1.50
CA SER B 360 -36.00 -37.66 1.17
C SER B 360 -36.54 -38.34 2.43
N ALA B 361 -35.78 -38.27 3.53
CA ALA B 361 -36.23 -38.79 4.83
C ALA B 361 -36.51 -40.28 4.80
N SER B 362 -35.87 -41.00 3.88
CA SER B 362 -36.00 -42.45 3.80
C SER B 362 -34.70 -43.19 4.10
N PHE B 363 -33.56 -42.55 3.92
CA PHE B 363 -32.28 -43.20 4.22
C PHE B 363 -32.07 -43.26 5.72
N SER B 364 -31.51 -44.37 6.20
CA SER B 364 -31.25 -44.58 7.62
C SER B 364 -29.82 -44.26 8.00
N THR B 365 -29.01 -43.74 7.08
CA THR B 365 -27.62 -43.38 7.38
C THR B 365 -27.15 -42.37 6.35
N PHE B 366 -26.83 -41.16 6.79
CA PHE B 366 -26.34 -40.09 5.92
C PHE B 366 -25.19 -39.40 6.65
N LYS B 367 -23.98 -39.90 6.45
CA LYS B 367 -22.79 -39.38 7.11
C LYS B 367 -21.88 -38.74 6.08
N CYS B 368 -21.51 -37.48 6.31
CA CYS B 368 -20.66 -36.73 5.40
C CYS B 368 -19.38 -36.34 6.11
N TYR B 369 -18.25 -36.69 5.51
CA TYR B 369 -16.94 -36.46 6.09
C TYR B 369 -16.29 -35.24 5.44
N GLY B 370 -15.98 -34.23 6.26
CA GLY B 370 -15.31 -33.04 5.76
C GLY B 370 -16.21 -32.01 5.12
N VAL B 371 -17.52 -32.19 5.18
CA VAL B 371 -18.46 -31.23 4.59
C VAL B 371 -19.83 -31.47 5.21
N SER B 372 -20.54 -30.38 5.47
CA SER B 372 -21.88 -30.57 6.03
C SER B 372 -22.90 -30.70 4.91
N PRO B 373 -23.89 -31.58 5.06
CA PRO B 373 -24.89 -31.75 3.99
C PRO B 373 -25.67 -30.49 3.67
N THR B 374 -25.93 -29.64 4.67
CA THR B 374 -26.73 -28.44 4.43
C THR B 374 -26.01 -27.48 3.49
N LYS B 375 -24.69 -27.37 3.62
CA LYS B 375 -23.89 -26.49 2.78
C LYS B 375 -23.40 -27.17 1.50
N LEU B 376 -24.09 -28.22 1.05
CA LEU B 376 -23.68 -28.93 -0.16
C LEU B 376 -24.26 -28.33 -1.43
N ASN B 377 -25.14 -27.34 -1.33
CA ASN B 377 -25.76 -26.73 -2.49
C ASN B 377 -25.07 -25.44 -2.93
N ASP B 378 -23.97 -25.05 -2.27
CA ASP B 378 -23.35 -23.75 -2.52
C ASP B 378 -21.87 -23.89 -2.83
N LEU B 379 -21.47 -24.98 -3.49
CA LEU B 379 -20.07 -25.15 -3.86
C LEU B 379 -20.00 -26.07 -5.07
N CYS B 380 -18.91 -25.92 -5.84
CA CYS B 380 -18.76 -26.60 -7.11
C CYS B 380 -17.58 -27.56 -7.06
N PHE B 381 -17.66 -28.61 -7.86
CA PHE B 381 -16.65 -29.66 -7.93
C PHE B 381 -16.19 -29.79 -9.39
N THR B 382 -15.26 -30.70 -9.63
CA THR B 382 -14.83 -31.01 -10.99
C THR B 382 -15.47 -32.29 -11.52
N ASN B 383 -15.35 -33.40 -10.79
CA ASN B 383 -16.02 -34.64 -11.14
C ASN B 383 -16.40 -35.36 -9.87
N VAL B 384 -17.57 -36.01 -9.88
CA VAL B 384 -18.11 -36.68 -8.71
C VAL B 384 -18.16 -38.18 -9.01
N TYR B 385 -17.56 -38.97 -8.11
CA TYR B 385 -17.51 -40.42 -8.26
C TYR B 385 -18.60 -41.05 -7.41
N ALA B 386 -19.39 -41.92 -8.02
CA ALA B 386 -20.45 -42.63 -7.32
C ALA B 386 -20.27 -44.13 -7.52
N ASP B 387 -20.24 -44.87 -6.42
CA ASP B 387 -20.14 -46.32 -6.47
C ASP B 387 -21.10 -46.92 -5.46
N SER B 388 -21.55 -48.14 -5.74
CA SER B 388 -22.63 -48.74 -4.97
C SER B 388 -22.44 -50.25 -4.89
N PHE B 389 -23.03 -50.83 -3.85
CA PHE B 389 -22.96 -52.27 -3.60
C PHE B 389 -23.97 -52.58 -2.49
N VAL B 390 -24.09 -53.87 -2.17
CA VAL B 390 -25.04 -54.34 -1.16
C VAL B 390 -24.29 -55.21 -0.16
N ILE B 391 -24.47 -54.94 1.13
CA ILE B 391 -23.83 -55.68 2.20
C ILE B 391 -24.85 -55.97 3.29
N ARG B 392 -24.43 -56.73 4.29
CA ARG B 392 -25.31 -57.10 5.39
C ARG B 392 -25.58 -55.90 6.28
N GLY B 393 -26.57 -56.06 7.17
CA GLY B 393 -26.94 -54.99 8.07
C GLY B 393 -26.00 -54.75 9.23
N ASP B 394 -25.08 -55.67 9.48
CA ASP B 394 -24.11 -55.51 10.56
C ASP B 394 -22.76 -55.01 10.08
N GLU B 395 -22.46 -55.16 8.79
CA GLU B 395 -21.20 -54.67 8.22
C GLU B 395 -21.29 -53.23 7.75
N VAL B 396 -22.43 -52.56 7.97
CA VAL B 396 -22.59 -51.19 7.50
C VAL B 396 -21.64 -50.25 8.25
N ARG B 397 -21.29 -50.58 9.49
CA ARG B 397 -20.39 -49.72 10.26
C ARG B 397 -18.95 -49.82 9.80
N GLN B 398 -18.61 -50.80 8.96
CA GLN B 398 -17.25 -50.93 8.46
C GLN B 398 -16.96 -49.98 7.30
N ILE B 399 -17.98 -49.37 6.70
CA ILE B 399 -17.77 -48.43 5.58
C ILE B 399 -17.57 -47.06 6.21
N ALA B 400 -16.32 -46.81 6.62
CA ALA B 400 -15.94 -45.55 7.25
C ALA B 400 -14.42 -45.45 7.27
N PRO B 401 -13.85 -44.25 7.29
CA PRO B 401 -12.39 -44.13 7.30
C PRO B 401 -11.81 -44.65 8.61
N GLY B 402 -10.88 -45.59 8.51
CA GLY B 402 -10.23 -46.14 9.68
C GLY B 402 -11.07 -47.17 10.40
N GLN B 403 -11.43 -48.25 9.70
CA GLN B 403 -12.21 -49.34 10.29
C GLN B 403 -11.64 -50.66 9.82
N THR B 404 -11.87 -51.69 10.63
CA THR B 404 -11.35 -53.03 10.36
C THR B 404 -12.49 -54.03 10.28
N GLY B 405 -12.25 -55.11 9.56
CA GLY B 405 -13.26 -56.12 9.32
C GLY B 405 -13.06 -56.77 7.98
N LYS B 406 -13.87 -57.80 7.72
CA LYS B 406 -13.74 -58.56 6.48
C LYS B 406 -14.04 -57.67 5.27
N ILE B 407 -15.13 -56.90 5.34
CA ILE B 407 -15.51 -56.06 4.21
C ILE B 407 -14.45 -55.01 3.95
N ALA B 408 -14.06 -54.27 4.99
CA ALA B 408 -13.10 -53.19 4.84
C ALA B 408 -11.70 -53.70 4.53
N ASP B 409 -11.43 -54.98 4.78
CA ASP B 409 -10.10 -55.54 4.53
C ASP B 409 -9.97 -56.23 3.18
N TYR B 410 -11.05 -56.81 2.65
CA TYR B 410 -10.95 -57.60 1.43
C TYR B 410 -11.81 -57.11 0.28
N ASN B 411 -12.79 -56.23 0.51
CA ASN B 411 -13.71 -55.83 -0.57
C ASN B 411 -13.65 -54.35 -0.88
N TYR B 412 -13.80 -53.48 0.11
CA TYR B 412 -13.87 -52.05 -0.12
C TYR B 412 -13.11 -51.32 0.96
N LYS B 413 -12.21 -50.42 0.56
CA LYS B 413 -11.38 -49.68 1.49
C LYS B 413 -11.49 -48.18 1.23
N LEU B 414 -11.59 -47.41 2.30
CA LEU B 414 -11.71 -45.96 2.24
C LEU B 414 -10.45 -45.31 2.78
N PRO B 415 -9.89 -44.32 2.08
CA PRO B 415 -8.68 -43.66 2.58
C PRO B 415 -8.97 -42.85 3.84
N ASP B 416 -7.92 -42.62 4.62
CA ASP B 416 -8.06 -41.88 5.87
C ASP B 416 -8.32 -40.40 5.64
N ASP B 417 -7.93 -39.86 4.48
CA ASP B 417 -8.22 -38.48 4.11
C ASP B 417 -9.46 -38.38 3.23
N PHE B 418 -10.42 -39.28 3.42
CA PHE B 418 -11.60 -39.32 2.57
C PHE B 418 -12.48 -38.10 2.78
N THR B 419 -13.04 -37.60 1.68
CA THR B 419 -14.06 -36.56 1.71
C THR B 419 -15.23 -37.01 0.86
N GLY B 420 -16.44 -36.84 1.38
CA GLY B 420 -17.64 -37.30 0.72
C GLY B 420 -18.68 -37.72 1.73
N CYS B 421 -19.69 -38.41 1.24
CA CYS B 421 -20.82 -38.82 2.05
C CYS B 421 -21.13 -40.29 1.84
N VAL B 422 -21.63 -40.93 2.90
CA VAL B 422 -22.01 -42.34 2.87
C VAL B 422 -23.50 -42.43 3.13
N ILE B 423 -24.23 -43.03 2.19
CA ILE B 423 -25.69 -43.14 2.26
C ILE B 423 -26.06 -44.62 2.22
N ALA B 424 -26.95 -45.03 3.11
CA ALA B 424 -27.40 -46.41 3.17
C ALA B 424 -28.85 -46.45 3.62
N TRP B 425 -29.57 -47.48 3.18
CA TRP B 425 -30.96 -47.65 3.57
C TRP B 425 -31.35 -49.12 3.42
N ASN B 426 -32.22 -49.57 4.32
CA ASN B 426 -32.66 -50.96 4.31
C ASN B 426 -33.45 -51.27 3.05
N SER B 427 -33.20 -52.44 2.47
CA SER B 427 -33.84 -52.85 1.23
C SER B 427 -34.26 -54.32 1.30
N ASN B 428 -34.88 -54.70 2.42
CA ASN B 428 -35.29 -56.10 2.59
C ASN B 428 -36.38 -56.50 1.62
N ASN B 429 -37.16 -55.55 1.11
CA ASN B 429 -38.28 -55.89 0.24
C ASN B 429 -37.86 -56.23 -1.17
N LEU B 430 -36.66 -55.83 -1.59
CA LEU B 430 -36.26 -55.90 -2.99
C LEU B 430 -35.14 -56.90 -3.27
N ASP B 431 -34.36 -57.28 -2.26
CA ASP B 431 -33.17 -58.09 -2.47
C ASP B 431 -33.23 -59.45 -1.80
N SER B 432 -34.31 -59.77 -1.08
CA SER B 432 -34.45 -61.05 -0.41
C SER B 432 -35.73 -61.73 -0.87
N LYS B 433 -35.63 -63.03 -1.12
CA LYS B 433 -36.75 -63.84 -1.59
C LYS B 433 -36.85 -65.11 -0.76
N VAL B 434 -38.07 -65.66 -0.72
CA VAL B 434 -38.29 -66.92 -0.02
C VAL B 434 -37.46 -68.02 -0.67
N GLY B 435 -36.95 -68.93 0.15
CA GLY B 435 -36.02 -69.93 -0.31
C GLY B 435 -34.58 -69.47 -0.39
N GLY B 436 -34.30 -68.23 0.04
CA GLY B 436 -32.94 -67.73 0.07
C GLY B 436 -32.47 -67.16 -1.26
N ASN B 437 -31.74 -66.05 -1.20
CA ASN B 437 -31.13 -65.44 -2.37
C ASN B 437 -29.62 -65.64 -2.28
N TYR B 438 -29.03 -66.25 -3.31
CA TYR B 438 -27.62 -66.59 -3.32
C TYR B 438 -26.89 -65.93 -4.49
N ASN B 439 -27.41 -64.80 -4.97
CA ASN B 439 -26.80 -64.08 -6.09
C ASN B 439 -25.88 -62.95 -5.64
N TYR B 440 -25.67 -62.79 -4.34
CA TYR B 440 -24.77 -61.77 -3.81
C TYR B 440 -23.59 -62.47 -3.15
N LEU B 441 -22.37 -62.03 -3.50
CA LEU B 441 -21.14 -62.65 -3.03
C LEU B 441 -20.29 -61.63 -2.31
N TYR B 442 -19.32 -62.13 -1.54
CA TYR B 442 -18.34 -61.29 -0.88
C TYR B 442 -17.07 -62.08 -0.65
N ARG B 443 -15.92 -61.43 -0.84
CA ARG B 443 -14.65 -62.10 -0.65
C ARG B 443 -14.45 -62.43 0.82
N LEU B 444 -13.84 -63.59 1.08
CA LEU B 444 -13.65 -64.06 2.44
C LEU B 444 -12.24 -64.55 2.74
N PHE B 445 -11.44 -64.88 1.72
CA PHE B 445 -10.06 -65.29 1.91
C PHE B 445 -9.16 -64.47 1.00
N ARG B 446 -8.04 -64.00 1.56
CA ARG B 446 -7.08 -63.21 0.81
C ARG B 446 -5.79 -63.17 1.61
N LYS B 447 -4.69 -62.84 0.94
CA LYS B 447 -3.36 -62.84 1.54
C LYS B 447 -2.87 -61.45 1.93
N SER B 448 -3.63 -60.40 1.64
CA SER B 448 -3.24 -59.05 2.01
C SER B 448 -4.46 -58.14 1.95
N ASN B 449 -4.34 -56.99 2.59
CA ASN B 449 -5.43 -56.02 2.64
C ASN B 449 -5.41 -55.13 1.41
N LEU B 450 -6.60 -54.67 1.02
CA LEU B 450 -6.73 -53.84 -0.17
C LEU B 450 -6.21 -52.44 0.09
N LYS B 451 -5.62 -51.85 -0.95
CA LYS B 451 -5.32 -50.43 -0.93
C LYS B 451 -6.61 -49.63 -1.07
N PRO B 452 -6.62 -48.37 -0.64
CA PRO B 452 -7.84 -47.56 -0.75
C PRO B 452 -8.32 -47.47 -2.19
N PHE B 453 -9.62 -47.65 -2.38
CA PHE B 453 -10.27 -47.59 -3.69
C PHE B 453 -9.62 -48.56 -4.67
N GLU B 454 -9.73 -49.84 -4.34
CA GLU B 454 -9.19 -50.91 -5.16
C GLU B 454 -10.20 -52.04 -5.26
N ARG B 455 -10.09 -52.82 -6.34
CA ARG B 455 -10.96 -53.96 -6.56
C ARG B 455 -10.13 -55.16 -6.97
N ASP B 456 -10.72 -56.35 -6.81
CA ASP B 456 -10.14 -57.59 -7.31
C ASP B 456 -11.27 -58.59 -7.53
N ILE B 457 -11.28 -59.20 -8.71
CA ILE B 457 -12.35 -60.14 -9.05
C ILE B 457 -11.74 -61.47 -9.51
N SER B 458 -10.47 -61.68 -9.17
CA SER B 458 -9.84 -62.96 -9.46
C SER B 458 -10.35 -64.02 -8.48
N THR B 459 -10.58 -65.22 -9.00
CA THR B 459 -11.09 -66.33 -8.21
C THR B 459 -10.10 -67.49 -8.19
N GLU B 460 -8.82 -67.19 -8.11
CA GLU B 460 -7.81 -68.24 -7.97
C GLU B 460 -7.99 -68.94 -6.63
N ILE B 461 -7.72 -70.25 -6.62
CA ILE B 461 -7.95 -71.06 -5.44
C ILE B 461 -7.01 -70.60 -4.32
N TYR B 462 -7.56 -70.44 -3.12
CA TYR B 462 -6.77 -69.99 -1.99
C TYR B 462 -5.82 -71.10 -1.55
N GLN B 463 -4.63 -70.70 -1.12
CA GLN B 463 -3.59 -71.64 -0.70
C GLN B 463 -3.41 -71.52 0.82
N ALA B 464 -4.20 -72.28 1.55
CA ALA B 464 -4.08 -72.35 3.00
C ALA B 464 -3.20 -73.52 3.40
N GLY B 465 -2.70 -73.47 4.64
CA GLY B 465 -1.81 -74.52 5.07
C GLY B 465 -0.45 -74.44 4.38
N SER B 466 0.28 -75.54 4.44
CA SER B 466 1.61 -75.63 3.85
C SER B 466 1.63 -76.37 2.52
N THR B 467 0.89 -77.47 2.42
CA THR B 467 0.89 -78.26 1.19
C THR B 467 0.24 -77.47 0.06
N PRO B 468 0.92 -77.30 -1.08
CA PRO B 468 0.33 -76.54 -2.19
C PRO B 468 -0.74 -77.35 -2.91
N CYS B 469 -1.50 -76.64 -3.74
CA CYS B 469 -2.59 -77.25 -4.50
C CYS B 469 -2.89 -76.39 -5.70
N ASN B 470 -3.63 -76.95 -6.65
CA ASN B 470 -3.96 -76.25 -7.89
C ASN B 470 -5.22 -76.85 -8.49
N GLY B 471 -6.18 -75.99 -8.82
CA GLY B 471 -7.39 -76.42 -9.48
C GLY B 471 -8.30 -77.32 -8.69
N VAL B 472 -8.08 -77.46 -7.38
CA VAL B 472 -8.88 -78.34 -6.54
C VAL B 472 -9.20 -77.62 -5.24
N GLU B 473 -10.34 -77.99 -4.63
CA GLU B 473 -10.80 -77.40 -3.39
C GLU B 473 -10.91 -78.45 -2.29
N GLY B 474 -10.11 -79.51 -2.37
CA GLY B 474 -10.26 -80.65 -1.48
C GLY B 474 -9.99 -80.37 -0.03
N PHE B 475 -8.74 -80.11 0.32
CA PHE B 475 -8.35 -79.89 1.72
C PHE B 475 -7.36 -78.73 1.79
N ASN B 476 -7.61 -77.81 2.71
CA ASN B 476 -6.77 -76.63 2.93
C ASN B 476 -6.67 -75.74 1.70
N CYS B 477 -7.64 -75.86 0.79
CA CYS B 477 -7.72 -75.01 -0.39
C CYS B 477 -9.18 -74.62 -0.58
N TYR B 478 -9.50 -73.35 -0.31
CA TYR B 478 -10.87 -72.90 -0.18
C TYR B 478 -11.20 -71.92 -1.29
N PHE B 479 -12.42 -72.02 -1.80
CA PHE B 479 -12.89 -71.05 -2.78
C PHE B 479 -13.01 -69.69 -2.11
N PRO B 480 -12.39 -68.65 -2.67
CA PRO B 480 -12.38 -67.35 -1.97
C PRO B 480 -13.77 -66.76 -1.77
N LEU B 481 -14.55 -66.60 -2.83
CA LEU B 481 -15.83 -65.92 -2.73
C LEU B 481 -16.85 -66.79 -2.00
N GLN B 482 -17.52 -66.20 -1.02
CA GLN B 482 -18.67 -66.82 -0.36
C GLN B 482 -19.94 -66.27 -0.98
N SER B 483 -21.08 -66.69 -0.44
CA SER B 483 -22.39 -66.27 -0.93
C SER B 483 -23.26 -65.84 0.23
N TYR B 484 -23.74 -64.60 0.18
CA TYR B 484 -24.70 -64.13 1.18
C TYR B 484 -25.99 -64.92 1.07
N GLY B 485 -26.53 -65.31 2.23
CA GLY B 485 -27.83 -65.93 2.25
C GLY B 485 -28.89 -65.00 2.78
N PHE B 486 -29.71 -64.43 1.88
CA PHE B 486 -30.70 -63.44 2.25
C PHE B 486 -32.09 -64.07 2.22
N GLN B 487 -32.81 -63.93 3.33
CA GLN B 487 -34.18 -64.42 3.44
C GLN B 487 -35.05 -63.34 4.06
N PRO B 488 -36.32 -63.22 3.62
CA PRO B 488 -37.17 -62.15 4.13
C PRO B 488 -37.47 -62.27 5.62
N THR B 489 -37.31 -63.44 6.21
CA THR B 489 -37.59 -63.65 7.63
C THR B 489 -36.36 -63.48 8.51
N ASN B 490 -35.22 -63.10 7.93
CA ASN B 490 -34.01 -62.91 8.71
C ASN B 490 -34.20 -61.79 9.73
N GLY B 491 -33.25 -61.71 10.66
CA GLY B 491 -33.28 -60.66 11.66
C GLY B 491 -32.94 -59.30 11.07
N VAL B 492 -33.12 -58.27 11.90
CA VAL B 492 -32.82 -56.91 11.46
C VAL B 492 -31.35 -56.76 11.09
N GLY B 493 -30.47 -57.46 11.79
CA GLY B 493 -29.06 -57.40 11.51
C GLY B 493 -28.59 -58.23 10.34
N TYR B 494 -29.48 -58.98 9.70
CA TYR B 494 -29.12 -59.83 8.58
C TYR B 494 -29.79 -59.44 7.26
N GLN B 495 -30.80 -58.57 7.29
CA GLN B 495 -31.43 -58.14 6.06
C GLN B 495 -30.47 -57.28 5.24
N PRO B 496 -30.51 -57.38 3.92
CA PRO B 496 -29.54 -56.65 3.10
C PRO B 496 -29.76 -55.15 3.15
N TYR B 497 -28.67 -54.41 2.96
CA TYR B 497 -28.71 -52.95 2.90
C TYR B 497 -28.01 -52.49 1.62
N ARG B 498 -28.51 -51.37 1.08
CA ARG B 498 -27.96 -50.80 -0.15
C ARG B 498 -27.14 -49.57 0.22
N VAL B 499 -25.89 -49.53 -0.25
CA VAL B 499 -24.93 -48.49 0.13
C VAL B 499 -24.51 -47.73 -1.12
N VAL B 500 -24.43 -46.41 -1.00
CA VAL B 500 -23.93 -45.54 -2.06
C VAL B 500 -22.95 -44.56 -1.45
N VAL B 501 -21.76 -44.44 -2.05
CA VAL B 501 -20.70 -43.59 -1.53
C VAL B 501 -20.33 -42.57 -2.60
N LEU B 502 -20.22 -41.31 -2.20
CA LEU B 502 -19.81 -40.23 -3.09
C LEU B 502 -18.46 -39.69 -2.63
N SER B 503 -17.65 -39.28 -3.61
CA SER B 503 -16.33 -38.74 -3.34
C SER B 503 -16.12 -37.46 -4.13
N PHE B 504 -15.41 -36.50 -3.52
CA PHE B 504 -15.14 -35.22 -4.14
C PHE B 504 -13.64 -34.95 -4.08
N GLU B 505 -13.21 -33.93 -4.82
CA GLU B 505 -11.79 -33.54 -4.83
C GLU B 505 -11.57 -32.08 -4.42
N LEU B 506 -12.39 -31.16 -4.94
CA LEU B 506 -12.30 -29.73 -4.58
C LEU B 506 -10.92 -29.16 -4.84
N LEU B 507 -10.27 -29.62 -5.92
CA LEU B 507 -8.92 -29.17 -6.21
C LEU B 507 -8.66 -29.28 -7.71
N HIS B 508 -7.93 -28.28 -8.24
CA HIS B 508 -7.47 -28.14 -9.62
C HIS B 508 -8.61 -28.14 -10.62
N ALA B 509 -8.28 -27.89 -11.90
CA ALA B 509 -9.17 -28.01 -13.05
C ALA B 509 -10.29 -26.98 -13.01
N PRO B 510 -10.93 -26.68 -14.15
CA PRO B 510 -12.14 -25.85 -14.12
C PRO B 510 -13.32 -26.66 -13.60
N ALA B 511 -14.06 -26.07 -12.67
CA ALA B 511 -15.20 -26.77 -12.08
C ALA B 511 -16.26 -27.04 -13.15
N THR B 512 -16.96 -28.16 -13.00
CA THR B 512 -17.93 -28.60 -13.99
C THR B 512 -19.28 -28.98 -13.41
N VAL B 513 -19.35 -29.38 -12.13
CA VAL B 513 -20.61 -29.66 -11.45
C VAL B 513 -20.77 -28.65 -10.33
N CYS B 514 -21.93 -28.00 -10.29
CA CYS B 514 -22.21 -26.93 -9.35
C CYS B 514 -23.54 -27.18 -8.68
N GLY B 515 -23.76 -26.48 -7.56
CA GLY B 515 -25.04 -26.48 -6.91
C GLY B 515 -26.05 -25.70 -7.73
N PRO B 516 -27.33 -25.87 -7.44
CA PRO B 516 -28.37 -25.16 -8.21
C PRO B 516 -28.53 -23.71 -7.79
N LYS B 517 -27.65 -22.85 -8.31
CA LYS B 517 -27.78 -21.42 -8.12
C LYS B 517 -29.06 -20.92 -8.77
N LYS B 518 -29.85 -20.17 -8.01
CA LYS B 518 -31.17 -19.74 -8.44
C LYS B 518 -31.22 -18.22 -8.58
N SER B 519 -32.40 -17.71 -8.91
CA SER B 519 -32.58 -16.31 -9.24
C SER B 519 -33.85 -15.80 -8.56
N THR B 520 -34.24 -14.57 -8.89
CA THR B 520 -35.43 -13.93 -8.34
C THR B 520 -36.07 -13.11 -9.46
N ASN B 521 -36.99 -12.22 -9.06
CA ASN B 521 -37.70 -11.40 -10.03
C ASN B 521 -36.94 -10.10 -10.28
N LEU B 522 -37.45 -9.31 -11.22
CA LEU B 522 -36.81 -8.07 -11.66
C LEU B 522 -37.67 -6.87 -11.32
N VAL B 523 -37.02 -5.72 -11.17
CA VAL B 523 -37.67 -4.45 -10.93
C VAL B 523 -37.14 -3.43 -11.93
N LYS B 524 -37.69 -2.22 -11.90
CA LYS B 524 -37.26 -1.16 -12.80
C LYS B 524 -37.40 0.18 -12.12
N ASN B 525 -36.59 1.14 -12.59
CA ASN B 525 -36.66 2.54 -12.16
C ASN B 525 -36.40 2.71 -10.67
N LYS B 526 -35.61 1.81 -10.08
CA LYS B 526 -35.26 1.88 -8.67
C LYS B 526 -33.80 1.50 -8.49
N CYS B 527 -33.06 2.27 -7.70
CA CYS B 527 -31.67 1.96 -7.42
C CYS B 527 -31.62 0.67 -6.60
N VAL B 528 -31.11 -0.40 -7.19
CA VAL B 528 -31.07 -1.72 -6.58
C VAL B 528 -29.66 -2.28 -6.70
N ASN B 529 -29.50 -3.52 -6.26
CA ASN B 529 -28.23 -4.23 -6.26
C ASN B 529 -28.37 -5.44 -7.19
N PHE B 530 -28.08 -5.23 -8.48
CA PHE B 530 -28.22 -6.28 -9.46
C PHE B 530 -27.03 -7.23 -9.40
N ASN B 531 -27.28 -8.50 -9.71
CA ASN B 531 -26.24 -9.53 -9.74
C ASN B 531 -26.40 -10.39 -10.98
N PHE B 532 -26.54 -9.75 -12.14
CA PHE B 532 -26.65 -10.48 -13.40
C PHE B 532 -25.43 -11.36 -13.61
N ASN B 533 -25.62 -12.68 -13.55
CA ASN B 533 -24.51 -13.63 -13.66
C ASN B 533 -23.40 -13.25 -12.69
N GLY B 534 -22.15 -13.28 -13.14
CA GLY B 534 -21.07 -12.84 -12.28
C GLY B 534 -20.98 -11.33 -12.14
N LEU B 535 -21.58 -10.60 -13.08
CA LEU B 535 -21.56 -9.14 -13.05
C LEU B 535 -22.37 -8.62 -11.86
N THR B 536 -21.82 -7.63 -11.16
CA THR B 536 -22.46 -7.06 -9.99
C THR B 536 -22.41 -5.53 -10.09
N GLY B 537 -22.88 -4.88 -9.03
CA GLY B 537 -22.90 -3.43 -8.95
C GLY B 537 -24.28 -2.92 -8.60
N THR B 538 -24.37 -1.60 -8.53
CA THR B 538 -25.62 -0.92 -8.20
C THR B 538 -25.96 0.10 -9.27
N GLY B 539 -27.25 0.26 -9.53
CA GLY B 539 -27.69 1.20 -10.54
C GLY B 539 -29.19 1.20 -10.68
N VAL B 540 -29.67 1.96 -11.66
CA VAL B 540 -31.10 2.07 -11.95
C VAL B 540 -31.34 1.40 -13.29
N LEU B 541 -31.88 0.19 -13.25
CA LEU B 541 -32.18 -0.53 -14.49
C LEU B 541 -33.37 0.11 -15.20
N THR B 542 -33.25 0.28 -16.51
CA THR B 542 -34.32 0.87 -17.31
C THR B 542 -34.24 0.32 -18.72
N GLU B 543 -35.37 0.42 -19.43
CA GLU B 543 -35.47 -0.11 -20.78
C GLU B 543 -34.56 0.67 -21.73
N SER B 544 -33.94 -0.05 -22.66
CA SER B 544 -33.00 0.54 -23.62
C SER B 544 -33.33 0.06 -25.03
N ASN B 545 -33.01 0.89 -26.01
CA ASN B 545 -33.25 0.58 -27.41
C ASN B 545 -31.98 0.12 -28.13
N LYS B 546 -30.91 -0.17 -27.40
CA LYS B 546 -29.69 -0.66 -28.03
C LYS B 546 -29.91 -2.04 -28.63
N LYS B 547 -29.12 -2.37 -29.64
CA LYS B 547 -29.23 -3.63 -30.38
C LYS B 547 -27.91 -4.39 -30.24
N PHE B 548 -27.85 -5.30 -29.28
CA PHE B 548 -26.67 -6.15 -29.13
C PHE B 548 -26.54 -7.11 -30.31
N LEU B 549 -25.30 -7.49 -30.60
CA LEU B 549 -25.05 -8.59 -31.50
C LEU B 549 -25.46 -9.89 -30.82
N PRO B 550 -25.88 -10.91 -31.59
CA PRO B 550 -26.50 -12.10 -30.97
C PRO B 550 -25.69 -12.75 -29.85
N PHE B 551 -24.37 -12.82 -29.98
CA PHE B 551 -23.56 -13.48 -28.97
C PHE B 551 -23.01 -12.53 -27.92
N GLN B 552 -23.36 -11.25 -27.97
CA GLN B 552 -22.87 -10.29 -27.00
C GLN B 552 -23.70 -10.32 -25.73
N GLN B 553 -23.03 -10.32 -24.58
CA GLN B 553 -23.71 -10.44 -23.30
C GLN B 553 -24.01 -9.08 -22.67
N PHE B 554 -22.98 -8.28 -22.41
CA PHE B 554 -23.14 -6.99 -21.76
C PHE B 554 -22.32 -5.94 -22.49
N GLY B 555 -22.90 -4.74 -22.61
CA GLY B 555 -22.23 -3.64 -23.26
C GLY B 555 -21.20 -2.96 -22.38
N ARG B 556 -20.54 -1.95 -22.95
CA ARG B 556 -19.51 -1.21 -22.25
C ARG B 556 -19.48 0.22 -22.79
N ASP B 557 -18.76 1.08 -22.09
CA ASP B 557 -18.66 2.49 -22.42
C ASP B 557 -17.28 2.81 -22.97
N ILE B 558 -17.12 4.03 -23.46
CA ILE B 558 -15.83 4.49 -23.98
C ILE B 558 -14.78 4.47 -22.86
N ALA B 559 -15.18 4.82 -21.64
CA ALA B 559 -14.29 4.82 -20.50
C ALA B 559 -14.31 3.48 -19.75
N ASP B 560 -14.74 2.41 -20.42
CA ASP B 560 -14.81 1.07 -19.84
C ASP B 560 -15.68 1.06 -18.58
N THR B 561 -16.95 1.42 -18.77
CA THR B 561 -17.95 1.41 -17.72
C THR B 561 -19.15 0.61 -18.18
N THR B 562 -19.62 -0.31 -17.34
CA THR B 562 -20.77 -1.13 -17.70
C THR B 562 -22.02 -0.26 -17.74
N ASP B 563 -22.70 -0.24 -18.89
CA ASP B 563 -23.89 0.58 -19.03
C ASP B 563 -25.00 -0.11 -19.83
N ALA B 564 -24.92 -1.44 -20.00
CA ALA B 564 -25.94 -2.17 -20.72
C ALA B 564 -25.80 -3.66 -20.42
N VAL B 565 -26.91 -4.30 -20.04
CA VAL B 565 -26.92 -5.71 -19.68
C VAL B 565 -28.13 -6.36 -20.32
N ARG B 566 -27.95 -7.56 -20.85
CA ARG B 566 -29.04 -8.37 -21.38
C ARG B 566 -29.48 -9.38 -20.33
N ASP B 567 -30.79 -9.44 -20.08
CA ASP B 567 -31.31 -10.37 -19.09
C ASP B 567 -31.15 -11.80 -19.58
N PRO B 568 -30.59 -12.70 -18.76
CA PRO B 568 -30.35 -14.07 -19.22
C PRO B 568 -31.62 -14.85 -19.53
N GLN B 569 -32.56 -14.88 -18.58
CA GLN B 569 -33.75 -15.70 -18.75
C GLN B 569 -34.60 -15.20 -19.92
N THR B 570 -34.87 -13.90 -19.97
CA THR B 570 -35.62 -13.27 -21.05
C THR B 570 -34.68 -12.33 -21.78
N LEU B 571 -34.23 -12.73 -22.97
CA LEU B 571 -33.27 -11.94 -23.73
C LEU B 571 -33.86 -10.58 -24.09
N GLU B 572 -33.34 -9.53 -23.46
CA GLU B 572 -33.83 -8.17 -23.65
C GLU B 572 -32.78 -7.21 -23.14
N ILE B 573 -32.64 -6.07 -23.81
CA ILE B 573 -31.57 -5.12 -23.53
C ILE B 573 -32.04 -4.14 -22.46
N LEU B 574 -31.21 -3.95 -21.44
CA LEU B 574 -31.50 -3.01 -20.36
C LEU B 574 -30.39 -1.97 -20.28
N ASP B 575 -30.73 -0.80 -19.74
CA ASP B 575 -29.81 0.31 -19.60
C ASP B 575 -29.55 0.55 -18.12
N ILE B 576 -28.29 0.85 -17.78
CA ILE B 576 -27.86 1.03 -16.40
C ILE B 576 -27.35 2.46 -16.24
N THR B 577 -27.93 3.19 -15.29
CA THR B 577 -27.47 4.51 -14.92
C THR B 577 -27.42 4.58 -13.39
N PRO B 578 -26.33 5.08 -12.81
CA PRO B 578 -26.25 5.12 -11.34
C PRO B 578 -27.28 6.06 -10.76
N CYS B 579 -27.80 5.71 -9.59
CA CYS B 579 -28.77 6.56 -8.93
C CYS B 579 -28.08 7.79 -8.34
N SER B 580 -28.88 8.85 -8.18
CA SER B 580 -28.33 10.19 -8.06
C SER B 580 -27.49 10.37 -6.79
N PHE B 581 -26.52 11.27 -6.87
CA PHE B 581 -25.71 11.68 -5.74
C PHE B 581 -25.24 13.10 -6.00
N GLY B 582 -24.84 13.79 -4.92
CA GLY B 582 -24.34 15.14 -5.06
C GLY B 582 -24.05 15.74 -3.71
N GLY B 583 -23.43 16.92 -3.75
CA GLY B 583 -23.09 17.63 -2.53
C GLY B 583 -24.27 18.39 -1.95
N VAL B 584 -24.06 18.87 -0.72
CA VAL B 584 -25.06 19.65 0.00
C VAL B 584 -24.40 20.92 0.50
N SER B 585 -25.06 22.06 0.28
CA SER B 585 -24.55 23.35 0.68
C SER B 585 -25.62 24.11 1.46
N VAL B 586 -25.16 24.95 2.38
CA VAL B 586 -26.04 25.72 3.26
C VAL B 586 -25.80 27.21 3.01
N ILE B 587 -26.87 27.93 2.71
CA ILE B 587 -26.83 29.36 2.44
C ILE B 587 -27.37 30.08 3.65
N THR B 588 -26.53 30.89 4.30
CA THR B 588 -26.92 31.61 5.51
C THR B 588 -26.36 33.01 5.47
N PRO B 589 -27.06 33.97 6.07
CA PRO B 589 -26.45 35.25 6.42
C PRO B 589 -25.62 35.09 7.69
N GLY B 590 -25.09 36.21 8.17
CA GLY B 590 -24.35 36.18 9.42
C GLY B 590 -25.24 35.74 10.56
N THR B 591 -24.68 34.87 11.42
CA THR B 591 -25.42 34.44 12.60
C THR B 591 -25.79 35.60 13.50
N ASN B 592 -25.00 36.68 13.49
CA ASN B 592 -25.36 37.89 14.20
C ASN B 592 -26.66 38.47 13.66
N THR B 593 -26.83 38.45 12.33
CA THR B 593 -28.03 39.03 11.72
C THR B 593 -29.27 38.19 12.01
N SER B 594 -29.18 36.88 11.84
CA SER B 594 -30.34 36.00 12.00
C SER B 594 -29.84 34.58 12.22
N ASN B 595 -30.78 33.63 12.26
CA ASN B 595 -30.46 32.22 12.46
C ASN B 595 -31.21 31.30 11.51
N GLN B 596 -31.78 31.85 10.44
CA GLN B 596 -32.51 31.06 9.45
C GLN B 596 -31.59 30.74 8.29
N VAL B 597 -31.66 29.50 7.80
CA VAL B 597 -30.78 29.00 6.78
C VAL B 597 -31.58 28.36 5.65
N ALA B 598 -30.92 28.21 4.50
CA ALA B 598 -31.47 27.52 3.35
C ALA B 598 -30.47 26.48 2.86
N VAL B 599 -30.98 25.42 2.24
CA VAL B 599 -30.18 24.29 1.82
C VAL B 599 -30.29 24.16 0.31
N LEU B 600 -29.16 24.02 -0.36
CA LEU B 600 -29.11 23.78 -1.81
C LEU B 600 -28.61 22.36 -2.06
N TYR B 601 -29.44 21.54 -2.66
CA TYR B 601 -29.06 20.19 -3.05
C TYR B 601 -28.52 20.22 -4.47
N GLN B 602 -27.23 19.91 -4.62
CA GLN B 602 -26.53 20.15 -5.88
C GLN B 602 -26.81 19.06 -6.90
N ASP B 603 -27.25 19.48 -8.10
CA ASP B 603 -27.34 18.60 -9.27
C ASP B 603 -28.21 17.37 -9.01
N VAL B 604 -29.24 17.53 -8.19
CA VAL B 604 -30.19 16.46 -7.90
C VAL B 604 -31.61 16.97 -8.17
N ASN B 605 -32.44 16.07 -8.69
CA ASN B 605 -33.72 16.42 -9.30
C ASN B 605 -34.81 16.35 -8.23
N CYS B 606 -35.71 17.34 -8.26
CA CYS B 606 -36.51 17.64 -7.07
C CYS B 606 -37.55 16.57 -6.85
N THR B 607 -37.12 15.31 -6.74
CA THR B 607 -37.98 14.19 -6.40
C THR B 607 -37.39 13.28 -5.33
N GLU B 608 -36.07 13.25 -5.19
CA GLU B 608 -35.40 12.33 -4.29
C GLU B 608 -35.32 12.84 -2.86
N VAL B 609 -35.81 14.04 -2.60
CA VAL B 609 -35.76 14.62 -1.27
C VAL B 609 -37.10 14.47 -0.56
N ASN B 630 -42.02 25.12 -0.22
CA ASN B 630 -41.22 26.08 -0.98
C ASN B 630 -39.99 25.43 -1.59
N VAL B 631 -40.21 24.54 -2.56
CA VAL B 631 -39.15 23.86 -3.27
C VAL B 631 -38.98 24.54 -4.63
N PHE B 632 -37.77 24.98 -4.93
CA PHE B 632 -37.47 25.72 -6.15
C PHE B 632 -36.41 24.98 -6.94
N GLN B 633 -36.50 25.09 -8.27
CA GLN B 633 -35.64 24.34 -9.19
C GLN B 633 -34.74 25.31 -9.95
N THR B 634 -33.44 24.99 -9.98
CA THR B 634 -32.45 25.76 -10.72
C THR B 634 -31.62 24.80 -11.57
N ARG B 635 -30.71 25.38 -12.36
CA ARG B 635 -29.75 24.55 -13.09
C ARG B 635 -28.66 24.02 -12.19
N ALA B 636 -28.37 24.71 -11.09
CA ALA B 636 -27.34 24.25 -10.16
C ALA B 636 -27.85 23.08 -9.33
N GLY B 637 -29.11 23.09 -8.97
CA GLY B 637 -29.67 22.02 -8.16
C GLY B 637 -31.04 22.39 -7.64
N CYS B 638 -31.46 21.67 -6.60
CA CYS B 638 -32.78 21.85 -6.01
C CYS B 638 -32.64 22.68 -4.74
N LEU B 639 -33.29 23.84 -4.71
CA LEU B 639 -33.14 24.80 -3.62
C LEU B 639 -34.35 24.73 -2.69
N ILE B 640 -34.07 24.60 -1.39
CA ILE B 640 -35.10 24.44 -0.37
C ILE B 640 -34.98 25.57 0.64
N GLY B 641 -36.09 26.26 0.89
CA GLY B 641 -36.13 27.29 1.91
C GLY B 641 -36.00 28.71 1.42
N ALA B 642 -36.01 28.94 0.11
CA ALA B 642 -35.90 30.28 -0.45
C ALA B 642 -37.11 30.58 -1.32
N GLU B 643 -37.65 31.78 -1.19
CA GLU B 643 -38.85 32.20 -1.90
C GLU B 643 -38.45 32.95 -3.17
N HIS B 644 -38.93 32.48 -4.31
CA HIS B 644 -38.64 33.14 -5.57
C HIS B 644 -39.38 34.46 -5.68
N VAL B 645 -38.77 35.42 -6.37
CA VAL B 645 -39.34 36.74 -6.58
C VAL B 645 -39.22 37.10 -8.06
N ASN B 646 -39.84 38.23 -8.42
CA ASN B 646 -39.82 38.72 -9.78
C ASN B 646 -38.82 39.85 -10.01
N ASN B 647 -38.25 40.41 -8.94
CA ASN B 647 -37.40 41.58 -9.05
C ASN B 647 -36.01 41.16 -9.53
N SER B 648 -35.06 42.09 -9.45
CA SER B 648 -33.67 41.82 -9.83
C SER B 648 -32.78 42.75 -9.03
N TYR B 649 -31.91 42.18 -8.21
CA TYR B 649 -31.00 42.94 -7.35
C TYR B 649 -29.57 42.57 -7.67
N GLU B 650 -28.64 43.31 -7.07
CA GLU B 650 -27.23 42.97 -7.18
C GLU B 650 -26.96 41.66 -6.44
N CYS B 651 -26.02 40.88 -6.98
CA CYS B 651 -25.71 39.58 -6.40
C CYS B 651 -25.07 39.75 -5.03
N ASP B 652 -25.55 38.96 -4.06
CA ASP B 652 -25.02 38.97 -2.71
C ASP B 652 -24.35 37.65 -2.35
N ILE B 653 -25.07 36.54 -2.47
CA ILE B 653 -24.54 35.21 -2.22
C ILE B 653 -24.72 34.38 -3.49
N PRO B 654 -23.68 34.25 -4.31
CA PRO B 654 -23.84 33.57 -5.60
C PRO B 654 -24.17 32.09 -5.40
N ILE B 655 -24.94 31.56 -6.35
CA ILE B 655 -25.33 30.15 -6.36
C ILE B 655 -24.91 29.46 -7.66
N GLY B 656 -25.29 30.04 -8.79
CA GLY B 656 -24.93 29.49 -10.08
C GLY B 656 -25.97 29.84 -11.13
N ALA B 657 -25.52 29.93 -12.38
CA ALA B 657 -26.37 30.22 -13.53
C ALA B 657 -27.14 31.53 -13.35
N GLY B 658 -26.49 32.52 -12.76
CA GLY B 658 -27.10 33.83 -12.61
C GLY B 658 -28.17 33.91 -11.55
N ILE B 659 -28.08 33.07 -10.52
CA ILE B 659 -29.05 33.07 -9.42
C ILE B 659 -28.30 33.42 -8.13
N CYS B 660 -28.83 34.39 -7.40
CA CYS B 660 -28.24 34.83 -6.14
C CYS B 660 -29.33 34.93 -5.08
N ALA B 661 -28.92 34.81 -3.82
CA ALA B 661 -29.84 34.84 -2.69
C ALA B 661 -29.32 35.81 -1.64
N SER B 662 -30.26 36.47 -0.95
CA SER B 662 -29.89 37.42 0.08
C SER B 662 -30.99 37.48 1.13
N TYR B 663 -30.63 37.99 2.30
CA TYR B 663 -31.56 38.12 3.42
C TYR B 663 -32.15 39.53 3.37
N GLN B 664 -33.39 39.63 2.86
CA GLN B 664 -34.03 40.92 2.66
C GLN B 664 -35.48 40.84 3.13
N THR B 665 -36.03 42.01 3.44
CA THR B 665 -37.40 42.11 3.94
C THR B 665 -38.41 41.59 2.90
N SER B 678 -41.80 39.57 7.64
CA SER B 678 -41.01 40.64 7.04
C SER B 678 -39.73 40.09 6.43
N GLN B 679 -38.73 39.86 7.27
CA GLN B 679 -37.45 39.36 6.80
C GLN B 679 -37.55 37.90 6.41
N SER B 680 -36.88 37.54 5.32
CA SER B 680 -36.83 36.16 4.84
C SER B 680 -35.64 36.03 3.89
N ILE B 681 -35.55 34.89 3.21
CA ILE B 681 -34.50 34.63 2.23
C ILE B 681 -35.16 34.49 0.87
N ILE B 682 -34.64 35.23 -0.12
CA ILE B 682 -35.23 35.30 -1.44
C ILE B 682 -34.17 34.95 -2.47
N ALA B 683 -34.58 34.20 -3.50
CA ALA B 683 -33.71 33.85 -4.61
C ALA B 683 -34.23 34.51 -5.87
N TYR B 684 -33.35 35.17 -6.61
CA TYR B 684 -33.73 35.99 -7.75
C TYR B 684 -32.73 35.76 -8.87
N THR B 685 -32.81 36.62 -9.90
CA THR B 685 -31.84 36.67 -10.98
C THR B 685 -31.06 37.97 -10.87
N MET B 686 -29.74 37.88 -10.86
CA MET B 686 -28.91 39.05 -10.63
C MET B 686 -29.06 40.07 -11.75
N SER B 687 -28.96 41.34 -11.38
CA SER B 687 -29.08 42.45 -12.31
C SER B 687 -27.70 42.99 -12.63
N LEU B 688 -27.39 43.11 -13.93
CA LEU B 688 -26.06 43.54 -14.34
C LEU B 688 -25.82 45.00 -14.02
N GLY B 689 -26.81 45.85 -14.24
CA GLY B 689 -26.66 47.27 -13.96
C GLY B 689 -27.89 48.03 -14.40
N ALA B 690 -27.81 49.35 -14.26
CA ALA B 690 -28.91 50.22 -14.61
C ALA B 690 -28.97 50.45 -16.12
N GLU B 691 -30.19 50.44 -16.66
CA GLU B 691 -30.38 50.64 -18.08
C GLU B 691 -30.08 52.09 -18.46
N ASN B 692 -29.45 52.27 -19.61
CA ASN B 692 -29.07 53.60 -20.07
C ASN B 692 -29.08 53.64 -21.59
N SER B 693 -29.20 54.85 -22.13
CA SER B 693 -29.18 55.04 -23.58
C SER B 693 -28.76 56.48 -23.85
N VAL B 694 -27.55 56.66 -24.36
CA VAL B 694 -27.01 58.00 -24.62
C VAL B 694 -27.65 58.56 -25.87
N ALA B 695 -27.95 59.86 -25.85
CA ALA B 695 -28.57 60.54 -26.98
C ALA B 695 -27.51 60.83 -28.04
N TYR B 696 -27.68 60.26 -29.23
CA TYR B 696 -26.70 60.38 -30.30
C TYR B 696 -27.32 61.04 -31.52
N SER B 697 -26.56 61.94 -32.14
CA SER B 697 -26.94 62.56 -33.40
C SER B 697 -25.68 63.12 -34.05
N ASN B 698 -25.77 63.38 -35.35
CA ASN B 698 -24.61 63.84 -36.11
C ASN B 698 -24.38 65.35 -35.98
N ASN B 699 -24.99 65.99 -34.98
CA ASN B 699 -24.75 67.41 -34.73
C ASN B 699 -24.48 67.76 -33.28
N SER B 700 -24.72 66.84 -32.34
CA SER B 700 -24.71 67.15 -30.93
C SER B 700 -23.40 66.72 -30.28
N ILE B 701 -22.97 67.49 -29.28
CA ILE B 701 -21.78 67.18 -28.49
C ILE B 701 -22.00 67.72 -27.08
N ALA B 702 -21.49 66.98 -26.10
CA ALA B 702 -21.61 67.35 -24.69
C ALA B 702 -20.23 67.66 -24.13
N ILE B 703 -20.08 68.84 -23.54
CA ILE B 703 -18.81 69.32 -23.01
C ILE B 703 -19.01 69.61 -21.52
N PRO B 704 -18.17 69.07 -20.64
CA PRO B 704 -18.35 69.34 -19.21
C PRO B 704 -18.05 70.80 -18.87
N THR B 705 -18.73 71.28 -17.83
CA THR B 705 -18.56 72.65 -17.35
C THR B 705 -18.05 72.73 -15.92
N ASN B 706 -17.75 71.59 -15.30
CA ASN B 706 -17.25 71.56 -13.93
C ASN B 706 -16.45 70.28 -13.76
N PHE B 707 -15.89 70.09 -12.57
CA PHE B 707 -15.05 68.94 -12.30
C PHE B 707 -15.10 68.59 -10.82
N THR B 708 -14.60 67.40 -10.50
CA THR B 708 -14.44 66.96 -9.13
C THR B 708 -13.10 66.26 -8.98
N ILE B 709 -12.54 66.33 -7.78
CA ILE B 709 -11.30 65.64 -7.44
C ILE B 709 -11.66 64.47 -6.53
N SER B 710 -11.30 63.27 -6.95
CA SER B 710 -11.64 62.05 -6.24
C SER B 710 -10.40 61.29 -5.85
N VAL B 711 -10.44 60.64 -4.69
CA VAL B 711 -9.33 59.85 -4.16
C VAL B 711 -9.83 58.43 -3.91
N THR B 712 -9.10 57.45 -4.42
CA THR B 712 -9.42 56.04 -4.23
C THR B 712 -8.23 55.34 -3.59
N THR B 713 -8.45 54.08 -3.21
CA THR B 713 -7.43 53.28 -2.54
C THR B 713 -7.22 51.97 -3.30
N GLU B 714 -6.01 51.42 -3.16
CA GLU B 714 -5.68 50.12 -3.72
C GLU B 714 -4.75 49.40 -2.77
N ILE B 715 -5.02 48.11 -2.53
CA ILE B 715 -4.30 47.31 -1.55
C ILE B 715 -3.70 46.11 -2.26
N LEU B 716 -2.40 45.87 -2.04
CA LEU B 716 -1.70 44.77 -2.68
C LEU B 716 -0.77 44.10 -1.66
N PRO B 717 -0.89 42.79 -1.47
CA PRO B 717 0.10 42.07 -0.65
C PRO B 717 1.46 42.07 -1.30
N VAL B 718 2.50 42.05 -0.48
CA VAL B 718 3.88 42.15 -0.93
C VAL B 718 4.72 40.96 -0.48
N SER B 719 4.70 40.66 0.82
CA SER B 719 5.56 39.64 1.39
C SER B 719 4.73 38.59 2.13
N MET B 720 5.44 37.57 2.64
CA MET B 720 4.81 36.46 3.33
C MET B 720 5.67 36.11 4.54
N THR B 721 5.05 35.46 5.52
CA THR B 721 5.76 35.05 6.73
C THR B 721 6.80 34.00 6.40
N LYS B 722 8.00 34.16 6.93
CA LYS B 722 9.10 33.22 6.70
C LYS B 722 9.06 32.12 7.75
N THR B 723 9.12 30.87 7.29
CA THR B 723 9.06 29.72 8.18
C THR B 723 10.10 28.69 7.74
N SER B 724 10.51 27.85 8.70
CA SER B 724 11.47 26.80 8.45
C SER B 724 11.08 25.57 9.25
N VAL B 725 11.19 24.40 8.64
CA VAL B 725 10.79 23.13 9.26
C VAL B 725 11.95 22.16 9.18
N ASP B 726 12.27 21.53 10.31
CA ASP B 726 13.33 20.53 10.38
C ASP B 726 12.72 19.15 10.13
N CYS B 727 13.20 18.49 9.07
CA CYS B 727 12.62 17.20 8.69
C CYS B 727 12.81 16.16 9.77
N THR B 728 14.05 16.00 10.24
CA THR B 728 14.35 14.95 11.20
C THR B 728 13.67 15.21 12.54
N MET B 729 13.62 16.47 12.98
CA MET B 729 12.92 16.80 14.21
C MET B 729 11.42 16.54 14.07
N TYR B 730 10.84 16.89 12.92
CA TYR B 730 9.41 16.69 12.72
C TYR B 730 9.05 15.22 12.64
N ILE B 731 9.89 14.41 12.00
CA ILE B 731 9.55 13.01 11.75
C ILE B 731 9.98 12.14 12.92
N CYS B 732 11.28 12.08 13.18
CA CYS B 732 11.84 11.23 14.24
C CYS B 732 12.38 12.15 15.33
N GLY B 733 11.52 12.50 16.28
CA GLY B 733 11.92 13.40 17.33
C GLY B 733 12.84 12.76 18.36
N ASP B 734 14.12 13.14 18.31
CA ASP B 734 15.12 12.70 19.30
C ASP B 734 15.15 11.18 19.45
N SER B 735 15.16 10.50 18.31
CA SER B 735 15.21 9.04 18.27
C SER B 735 16.32 8.59 17.34
N THR B 736 17.39 8.02 17.92
CA THR B 736 18.54 7.61 17.11
C THR B 736 18.18 6.51 16.13
N GLU B 737 17.41 5.51 16.59
CA GLU B 737 17.05 4.42 15.69
C GLU B 737 16.07 4.86 14.62
N CYS B 738 15.17 5.79 14.93
CA CYS B 738 14.30 6.34 13.90
C CYS B 738 15.11 7.14 12.88
N SER B 739 16.13 7.87 13.34
CA SER B 739 17.01 8.57 12.41
C SER B 739 17.76 7.58 11.52
N ASN B 740 18.23 6.48 12.10
CA ASN B 740 18.89 5.45 11.31
C ASN B 740 17.96 4.86 10.25
N LEU B 741 16.70 4.61 10.62
CA LEU B 741 15.73 4.12 9.65
C LEU B 741 15.50 5.15 8.55
N LEU B 742 15.40 6.43 8.91
CA LEU B 742 15.16 7.48 7.93
C LEU B 742 16.36 7.70 7.01
N LEU B 743 17.56 7.36 7.47
CA LEU B 743 18.77 7.65 6.71
C LEU B 743 18.86 6.91 5.38
N GLN B 744 18.01 5.90 5.16
CA GLN B 744 18.09 5.13 3.92
C GLN B 744 17.56 5.91 2.72
N TYR B 745 16.61 6.82 2.94
CA TYR B 745 15.93 7.46 1.82
C TYR B 745 16.86 8.41 1.06
N GLY B 746 17.58 9.28 1.77
CA GLY B 746 18.54 10.14 1.10
C GLY B 746 18.34 11.63 1.29
N SER B 747 18.32 12.38 0.18
CA SER B 747 18.30 13.83 0.17
C SER B 747 16.88 14.41 0.32
N PHE B 748 15.95 13.61 0.82
CA PHE B 748 14.56 14.04 0.99
C PHE B 748 14.42 15.13 2.04
N CYS B 749 15.45 15.38 2.84
CA CYS B 749 15.50 16.51 3.75
C CYS B 749 16.19 17.72 3.14
N THR B 750 17.32 17.50 2.47
CA THR B 750 18.06 18.61 1.88
C THR B 750 17.23 19.32 0.83
N GLN B 751 16.46 18.57 0.04
CA GLN B 751 15.60 19.19 -0.96
C GLN B 751 14.61 20.16 -0.33
N LEU B 752 13.88 19.69 0.70
CA LEU B 752 12.88 20.54 1.33
C LEU B 752 13.51 21.74 2.02
N ASN B 753 14.64 21.53 2.69
CA ASN B 753 15.30 22.64 3.37
C ASN B 753 15.77 23.69 2.36
N ARG B 754 16.32 23.25 1.22
CA ARG B 754 16.74 24.19 0.19
C ARG B 754 15.54 24.97 -0.35
N ALA B 755 14.42 24.30 -0.59
CA ALA B 755 13.25 24.98 -1.11
C ALA B 755 12.75 26.03 -0.12
N LEU B 756 12.68 25.67 1.16
CA LEU B 756 12.18 26.62 2.16
C LEU B 756 13.13 27.80 2.33
N THR B 757 14.45 27.56 2.28
CA THR B 757 15.41 28.66 2.36
C THR B 757 15.27 29.59 1.17
N GLY B 758 15.07 29.02 -0.03
CA GLY B 758 14.85 29.85 -1.20
C GLY B 758 13.62 30.72 -1.07
N ILE B 759 12.52 30.15 -0.56
CA ILE B 759 11.31 30.95 -0.36
C ILE B 759 11.59 32.07 0.64
N ALA B 760 12.29 31.75 1.74
CA ALA B 760 12.56 32.75 2.76
C ALA B 760 13.38 33.91 2.21
N VAL B 761 14.39 33.61 1.39
CA VAL B 761 15.20 34.68 0.82
C VAL B 761 14.39 35.48 -0.19
N GLU B 762 13.57 34.80 -1.01
CA GLU B 762 12.76 35.50 -1.98
C GLU B 762 11.78 36.46 -1.32
N GLN B 763 11.34 36.15 -0.10
CA GLN B 763 10.46 37.08 0.62
C GLN B 763 11.14 38.42 0.87
N ASP B 764 12.39 38.38 1.37
CA ASP B 764 13.12 39.61 1.60
C ASP B 764 13.42 40.34 0.30
N LYS B 765 13.74 39.59 -0.76
CA LYS B 765 13.96 40.23 -2.06
C LYS B 765 12.71 40.97 -2.53
N ASN B 766 11.55 40.33 -2.38
CA ASN B 766 10.28 40.96 -2.76
C ASN B 766 10.05 42.22 -1.95
N THR B 767 10.29 42.16 -0.64
CA THR B 767 10.07 43.33 0.20
C THR B 767 11.00 44.47 -0.20
N GLN B 768 12.26 44.16 -0.52
CA GLN B 768 13.21 45.21 -0.85
C GLN B 768 12.88 45.87 -2.19
N GLU B 769 12.52 45.06 -3.20
CA GLU B 769 12.36 45.60 -4.55
C GLU B 769 11.28 46.67 -4.65
N VAL B 770 10.33 46.70 -3.72
CA VAL B 770 9.23 47.67 -3.82
C VAL B 770 9.66 49.01 -3.23
N PHE B 771 9.99 49.02 -1.94
CA PHE B 771 10.26 50.27 -1.25
C PHE B 771 11.65 50.84 -1.58
N ALA B 772 12.65 49.98 -1.75
CA ALA B 772 14.02 50.45 -1.96
C ALA B 772 14.18 50.99 -3.37
N GLN B 773 13.58 52.15 -3.61
CA GLN B 773 13.65 52.82 -4.90
C GLN B 773 14.15 54.26 -4.83
N VAL B 774 14.49 54.77 -3.65
CA VAL B 774 14.97 56.13 -3.50
C VAL B 774 16.38 56.10 -2.94
N LYS B 775 17.27 56.92 -3.52
CA LYS B 775 18.68 56.91 -3.12
C LYS B 775 18.90 57.64 -1.80
N GLN B 776 18.20 58.75 -1.58
CA GLN B 776 18.45 59.60 -0.43
C GLN B 776 17.16 59.85 0.35
N ILE B 777 17.31 60.07 1.65
CA ILE B 777 16.17 60.23 2.56
C ILE B 777 15.85 61.71 2.62
N TYR B 778 14.90 62.14 1.79
CA TYR B 778 14.47 63.53 1.80
C TYR B 778 13.61 63.82 3.02
N LYS B 779 13.78 65.01 3.58
CA LYS B 779 13.00 65.47 4.73
C LYS B 779 12.09 66.61 4.31
N THR B 780 10.87 66.60 4.86
CA THR B 780 9.90 67.65 4.56
C THR B 780 10.35 68.97 5.20
N PRO B 781 9.99 70.10 4.58
CA PRO B 781 10.35 71.39 5.18
C PRO B 781 9.62 71.59 6.51
N PRO B 782 10.19 72.37 7.42
CA PRO B 782 9.55 72.56 8.73
C PRO B 782 8.17 73.19 8.66
N ILE B 783 7.94 74.10 7.71
CA ILE B 783 6.70 74.86 7.64
C ILE B 783 5.85 74.30 6.51
N LYS B 784 4.57 74.04 6.81
CA LYS B 784 3.61 73.55 5.83
C LYS B 784 2.81 74.75 5.32
N ASP B 785 3.15 75.21 4.12
CA ASP B 785 2.49 76.36 3.51
C ASP B 785 2.26 76.08 2.02
N PHE B 786 1.77 74.87 1.73
CA PHE B 786 1.64 74.40 0.36
C PHE B 786 0.39 74.97 -0.32
N GLY B 787 0.29 76.30 -0.30
CA GLY B 787 -0.77 76.97 -1.04
C GLY B 787 -2.18 76.60 -0.63
N GLY B 788 -2.37 76.15 0.61
CA GLY B 788 -3.69 75.77 1.09
C GLY B 788 -3.92 74.28 1.15
N PHE B 789 -3.06 73.49 0.51
CA PHE B 789 -3.16 72.04 0.58
C PHE B 789 -2.72 71.53 1.95
N ASN B 790 -3.29 70.39 2.34
CA ASN B 790 -3.17 69.81 3.67
C ASN B 790 -2.77 68.36 3.59
N PHE B 791 -1.50 68.07 3.91
CA PHE B 791 -0.98 66.72 3.89
C PHE B 791 -0.83 66.16 5.30
N SER B 792 -1.60 66.68 6.26
CA SER B 792 -1.42 66.28 7.65
C SER B 792 -1.79 64.83 7.89
N GLN B 793 -2.71 64.28 7.09
CA GLN B 793 -3.21 62.94 7.34
C GLN B 793 -2.31 61.86 6.77
N ILE B 794 -1.25 62.23 6.03
CA ILE B 794 -0.33 61.25 5.48
C ILE B 794 1.12 61.51 5.85
N LEU B 795 1.49 62.70 6.32
CA LEU B 795 2.84 62.95 6.76
C LEU B 795 3.09 62.33 8.14
N PRO B 796 4.34 62.01 8.46
CA PRO B 796 4.62 61.38 9.74
C PRO B 796 4.24 62.27 10.92
N ASP B 797 3.81 61.64 12.00
CA ASP B 797 3.39 62.34 13.20
C ASP B 797 4.50 62.32 14.23
N PRO B 798 5.13 63.45 14.56
CA PRO B 798 6.21 63.42 15.56
C PRO B 798 5.76 63.00 16.94
N SER B 799 4.48 63.21 17.28
CA SER B 799 4.00 62.88 18.62
C SER B 799 4.05 61.38 18.88
N LYS B 800 3.63 60.58 17.90
CA LYS B 800 3.56 59.14 18.09
C LYS B 800 4.98 58.58 18.26
N PRO B 801 5.17 57.62 19.16
CA PRO B 801 6.52 57.04 19.34
C PRO B 801 7.08 56.37 18.09
N SER B 802 6.23 55.75 17.27
CA SER B 802 6.71 55.03 16.09
C SER B 802 6.84 55.91 14.85
N LYS B 803 6.35 57.14 14.90
CA LYS B 803 6.52 58.11 13.82
C LYS B 803 5.89 57.62 12.52
N ARG B 804 4.60 57.29 12.59
CA ARG B 804 3.85 56.94 11.39
C ARG B 804 2.56 57.73 11.35
N SER B 805 2.03 57.87 10.13
CA SER B 805 0.89 58.73 9.87
C SER B 805 -0.38 58.17 10.53
N PRO B 806 -1.39 59.00 10.75
CA PRO B 806 -2.65 58.49 11.30
C PRO B 806 -3.28 57.38 10.45
N ILE B 807 -3.22 57.52 9.13
CA ILE B 807 -3.78 56.47 8.27
C ILE B 807 -2.97 55.19 8.40
N GLU B 808 -1.65 55.30 8.53
CA GLU B 808 -0.83 54.12 8.73
C GLU B 808 -1.14 53.45 10.06
N ASP B 809 -1.38 54.25 11.11
CA ASP B 809 -1.79 53.69 12.40
C ASP B 809 -3.13 52.97 12.28
N LEU B 810 -4.08 53.58 11.57
CA LEU B 810 -5.38 52.93 11.38
C LEU B 810 -5.23 51.61 10.64
N LEU B 811 -4.37 51.57 9.61
CA LEU B 811 -4.13 50.34 8.88
C LEU B 811 -3.46 49.29 9.75
N PHE B 812 -2.54 49.70 10.61
CA PHE B 812 -1.83 48.76 11.47
C PHE B 812 -2.67 48.27 12.63
N ASN B 813 -3.72 49.00 13.00
CA ASN B 813 -4.61 48.57 14.08
C ASN B 813 -5.80 47.76 13.58
N LYS B 814 -5.88 47.49 12.28
CA LYS B 814 -6.97 46.72 11.71
C LYS B 814 -6.55 45.30 11.29
N VAL B 815 -5.31 44.91 11.56
CA VAL B 815 -4.85 43.56 11.24
C VAL B 815 -4.11 42.96 12.43
N LYS B 843 6.60 24.85 22.83
CA LYS B 843 5.28 24.86 22.22
C LYS B 843 5.37 24.54 20.73
N PHE B 844 6.53 24.04 20.30
CA PHE B 844 6.75 23.69 18.91
C PHE B 844 7.82 22.63 18.83
N ASN B 845 7.90 21.97 17.66
CA ASN B 845 8.87 20.90 17.42
C ASN B 845 9.38 21.01 15.98
N GLY B 846 10.48 21.74 15.81
CA GLY B 846 11.10 21.90 14.51
C GLY B 846 10.55 23.03 13.68
N LEU B 847 9.56 23.77 14.17
CA LEU B 847 8.96 24.88 13.44
C LEU B 847 9.44 26.19 14.04
N THR B 848 9.86 27.12 13.16
CA THR B 848 10.36 28.40 13.62
C THR B 848 10.00 29.47 12.58
N VAL B 849 10.07 30.72 13.00
CA VAL B 849 9.79 31.87 12.14
C VAL B 849 11.01 32.79 12.17
N LEU B 850 11.47 33.20 10.99
CA LEU B 850 12.63 34.07 10.89
C LEU B 850 12.20 35.52 10.79
N PRO B 851 12.81 36.43 11.54
CA PRO B 851 12.40 37.83 11.48
C PRO B 851 12.75 38.43 10.13
N PRO B 852 11.96 39.40 9.65
CA PRO B 852 12.28 40.03 8.38
C PRO B 852 13.51 40.92 8.48
N LEU B 853 14.21 41.05 7.35
CA LEU B 853 15.42 41.87 7.32
C LEU B 853 15.10 43.34 7.53
N LEU B 854 14.03 43.83 6.90
CA LEU B 854 13.60 45.21 7.02
C LEU B 854 12.50 45.32 8.07
N THR B 855 12.66 46.27 8.98
CA THR B 855 11.69 46.48 10.05
C THR B 855 10.69 47.57 9.67
N ASP B 856 9.62 47.66 10.47
CA ASP B 856 8.56 48.62 10.21
C ASP B 856 9.07 50.05 10.27
N GLU B 857 10.07 50.31 11.13
CA GLU B 857 10.65 51.64 11.18
C GLU B 857 11.33 52.01 9.87
N MET B 858 12.07 51.07 9.29
CA MET B 858 12.74 51.35 8.01
C MET B 858 11.72 51.48 6.87
N ILE B 859 10.66 50.66 6.91
CA ILE B 859 9.61 50.81 5.90
C ILE B 859 8.96 52.19 5.99
N ALA B 860 8.68 52.64 7.22
CA ALA B 860 8.11 53.96 7.42
C ALA B 860 9.06 55.05 6.96
N GLN B 861 10.37 54.87 7.19
CA GLN B 861 11.34 55.86 6.74
C GLN B 861 11.37 55.96 5.23
N TYR B 862 11.35 54.80 4.54
CA TYR B 862 11.27 54.81 3.08
C TYR B 862 10.01 55.52 2.60
N THR B 863 8.86 55.19 3.18
CA THR B 863 7.62 55.81 2.73
C THR B 863 7.63 57.31 2.96
N SER B 864 8.14 57.75 4.11
CA SER B 864 8.23 59.18 4.40
C SER B 864 9.16 59.89 3.44
N ALA B 865 10.30 59.27 3.14
CA ALA B 865 11.23 59.88 2.18
C ALA B 865 10.60 60.01 0.81
N LEU B 866 9.91 58.96 0.35
CA LEU B 866 9.25 59.02 -0.95
C LEU B 866 8.18 60.10 -0.96
N LEU B 867 7.38 60.19 0.10
CA LEU B 867 6.30 61.18 0.14
C LEU B 867 6.86 62.60 0.14
N ALA B 868 7.89 62.85 0.95
CA ALA B 868 8.47 64.19 1.00
C ALA B 868 9.11 64.56 -0.34
N GLY B 869 9.84 63.61 -0.95
CA GLY B 869 10.43 63.89 -2.25
C GLY B 869 9.39 64.20 -3.31
N THR B 870 8.31 63.41 -3.33
CA THR B 870 7.23 63.69 -4.26
C THR B 870 6.67 65.09 -4.03
N ILE B 871 6.29 65.39 -2.78
CA ILE B 871 5.65 66.66 -2.46
C ILE B 871 6.52 67.83 -2.86
N THR B 872 7.83 67.74 -2.61
CA THR B 872 8.70 68.88 -2.85
C THR B 872 9.34 68.91 -4.23
N SER B 873 9.21 67.86 -5.05
CA SER B 873 9.91 67.87 -6.33
C SER B 873 9.14 67.30 -7.52
N GLY B 874 7.89 66.89 -7.37
CA GLY B 874 7.21 66.30 -8.51
C GLY B 874 7.87 65.00 -8.91
N TRP B 875 8.23 64.89 -10.18
CA TRP B 875 8.90 63.71 -10.72
C TRP B 875 10.38 63.93 -10.98
N THR B 876 10.90 65.13 -10.70
CA THR B 876 12.30 65.41 -10.97
C THR B 876 13.21 64.55 -10.11
N PHE B 877 12.84 64.29 -8.86
CA PHE B 877 13.67 63.44 -8.00
C PHE B 877 13.69 62.01 -8.50
N GLY B 878 12.57 61.53 -9.06
CA GLY B 878 12.57 60.21 -9.67
C GLY B 878 13.42 60.15 -10.93
N ALA B 879 13.34 61.19 -11.76
CA ALA B 879 14.07 61.16 -13.03
C ALA B 879 15.57 61.36 -12.83
N GLY B 880 15.97 62.15 -11.82
CA GLY B 880 17.35 62.46 -11.59
C GLY B 880 17.54 63.21 -10.29
N PRO B 881 18.35 64.26 -10.31
CA PRO B 881 18.50 65.10 -9.13
C PRO B 881 17.20 65.84 -8.81
N ALA B 882 16.95 66.03 -7.52
CA ALA B 882 15.71 66.65 -7.07
C ALA B 882 15.73 68.15 -7.33
N LEU B 883 14.64 68.66 -7.91
CA LEU B 883 14.49 70.08 -8.22
C LEU B 883 13.24 70.59 -7.53
N GLN B 884 13.38 71.67 -6.77
CA GLN B 884 12.25 72.22 -6.04
C GLN B 884 11.34 73.01 -6.99
N ILE B 885 10.06 73.07 -6.63
CA ILE B 885 9.05 73.76 -7.44
C ILE B 885 7.81 73.96 -6.57
N PRO B 886 7.17 75.14 -6.63
CA PRO B 886 5.95 75.34 -5.83
C PRO B 886 4.86 74.35 -6.19
N PHE B 887 4.11 73.94 -5.17
CA PHE B 887 3.06 72.94 -5.37
C PHE B 887 1.96 73.41 -6.33
N PRO B 888 1.46 74.65 -6.26
CA PRO B 888 0.52 75.09 -7.30
C PRO B 888 1.07 74.99 -8.70
N MET B 889 2.36 75.29 -8.90
CA MET B 889 2.94 75.14 -10.23
C MET B 889 3.04 73.67 -10.63
N GLN B 890 3.34 72.80 -9.68
CA GLN B 890 3.34 71.36 -9.97
C GLN B 890 1.95 70.90 -10.39
N MET B 891 0.91 71.36 -9.68
CA MET B 891 -0.45 71.02 -10.07
C MET B 891 -0.81 71.61 -11.43
N ALA B 892 -0.28 72.78 -11.76
CA ALA B 892 -0.48 73.33 -13.10
C ALA B 892 0.13 72.42 -14.16
N TYR B 893 1.34 71.91 -13.90
CA TYR B 893 1.95 70.92 -14.77
C TYR B 893 1.03 69.72 -14.94
N ARG B 894 0.54 69.18 -13.83
CA ARG B 894 -0.27 67.96 -13.88
C ARG B 894 -1.56 68.20 -14.66
N PHE B 895 -2.21 69.34 -14.46
CA PHE B 895 -3.41 69.67 -15.23
C PHE B 895 -3.07 69.80 -16.71
N ASN B 896 -1.96 70.47 -17.04
CA ASN B 896 -1.55 70.59 -18.42
C ASN B 896 -1.21 69.23 -19.04
N GLY B 897 -0.93 68.22 -18.20
CA GLY B 897 -0.61 66.90 -18.72
C GLY B 897 -1.81 66.15 -19.26
N ILE B 898 -3.02 66.53 -18.88
CA ILE B 898 -4.23 65.83 -19.33
C ILE B 898 -5.06 66.70 -20.27
N GLY B 899 -4.45 67.70 -20.89
CA GLY B 899 -5.14 68.49 -21.89
C GLY B 899 -6.04 69.57 -21.35
N VAL B 900 -5.76 70.07 -20.14
CA VAL B 900 -6.51 71.17 -19.55
C VAL B 900 -5.56 72.31 -19.27
N THR B 901 -5.91 73.51 -19.72
CA THR B 901 -5.05 74.67 -19.54
C THR B 901 -4.94 75.05 -18.07
N GLN B 902 -3.82 75.68 -17.73
CA GLN B 902 -3.46 75.92 -16.34
C GLN B 902 -4.19 77.09 -15.70
N ASN B 903 -4.84 77.95 -16.51
CA ASN B 903 -5.64 79.02 -15.93
C ASN B 903 -6.80 78.47 -15.11
N VAL B 904 -7.27 77.27 -15.45
CA VAL B 904 -8.33 76.64 -14.67
C VAL B 904 -7.90 76.46 -13.23
N LEU B 905 -6.71 75.88 -13.02
CA LEU B 905 -6.19 75.72 -11.67
C LEU B 905 -5.87 77.07 -11.04
N TYR B 906 -5.23 77.97 -11.81
CA TYR B 906 -4.86 79.25 -11.22
C TYR B 906 -6.06 80.11 -10.85
N GLU B 907 -7.26 79.77 -11.34
CA GLU B 907 -8.47 80.46 -10.95
C GLU B 907 -9.38 79.67 -10.02
N ASN B 908 -9.16 78.36 -9.86
CA ASN B 908 -9.95 77.54 -8.94
C ASN B 908 -9.08 76.86 -7.90
N GLN B 909 -7.94 77.48 -7.56
CA GLN B 909 -7.05 76.95 -6.53
C GLN B 909 -7.79 76.64 -5.23
N LYS B 910 -8.61 77.58 -4.75
CA LYS B 910 -9.26 77.39 -3.45
C LYS B 910 -10.22 76.22 -3.49
N LEU B 911 -11.04 76.14 -4.54
CA LEU B 911 -11.97 75.02 -4.68
C LEU B 911 -11.23 73.69 -4.76
N ILE B 912 -10.15 73.64 -5.52
CA ILE B 912 -9.42 72.39 -5.68
C ILE B 912 -8.79 71.96 -4.37
N ALA B 913 -8.22 72.91 -3.62
CA ALA B 913 -7.64 72.58 -2.32
C ALA B 913 -8.71 72.08 -1.35
N ASN B 914 -9.86 72.74 -1.33
CA ASN B 914 -10.94 72.29 -0.44
C ASN B 914 -11.40 70.89 -0.81
N GLN B 915 -11.56 70.61 -2.11
CA GLN B 915 -11.98 69.29 -2.54
C GLN B 915 -10.94 68.23 -2.16
N PHE B 916 -9.65 68.55 -2.33
CA PHE B 916 -8.61 67.60 -1.99
C PHE B 916 -8.64 67.28 -0.50
N ASN B 917 -8.72 68.31 0.35
CA ASN B 917 -8.75 68.08 1.79
C ASN B 917 -9.99 67.29 2.20
N SER B 918 -11.15 67.63 1.65
CA SER B 918 -12.36 66.91 1.98
C SER B 918 -12.28 65.45 1.55
N ALA B 919 -11.70 65.20 0.36
CA ALA B 919 -11.54 63.82 -0.10
C ALA B 919 -10.63 63.03 0.81
N ILE B 920 -9.51 63.63 1.25
CA ILE B 920 -8.61 62.93 2.17
C ILE B 920 -9.34 62.60 3.47
N GLY B 921 -10.08 63.58 4.01
CA GLY B 921 -10.83 63.33 5.24
C GLY B 921 -11.86 62.23 5.07
N LYS B 922 -12.56 62.22 3.94
CA LYS B 922 -13.57 61.19 3.69
C LYS B 922 -12.93 59.81 3.56
N ILE B 923 -11.76 59.73 2.92
CA ILE B 923 -11.06 58.44 2.84
C ILE B 923 -10.68 57.96 4.23
N GLN B 924 -10.16 58.86 5.07
CA GLN B 924 -9.79 58.44 6.42
C GLN B 924 -11.01 57.97 7.20
N ASP B 925 -12.13 58.69 7.08
CA ASP B 925 -13.33 58.29 7.80
C ASP B 925 -13.87 56.95 7.30
N SER B 926 -13.86 56.73 5.98
CA SER B 926 -14.41 55.51 5.43
C SER B 926 -13.52 54.31 5.70
N LEU B 927 -12.21 54.52 5.87
CA LEU B 927 -11.32 53.41 6.15
C LEU B 927 -11.64 52.77 7.49
N SER B 928 -11.94 53.59 8.50
CA SER B 928 -12.27 53.05 9.82
C SER B 928 -13.54 52.21 9.77
N SER B 929 -14.58 52.69 9.09
CA SER B 929 -15.82 51.95 8.93
C SER B 929 -15.63 50.82 7.93
N THR B 930 -16.63 49.93 7.88
CA THR B 930 -16.63 48.75 7.02
C THR B 930 -15.34 47.95 7.25
N PRO B 931 -15.23 47.25 8.38
CA PRO B 931 -13.97 46.55 8.69
C PRO B 931 -13.73 45.31 7.83
N SER B 932 -13.83 45.47 6.51
CA SER B 932 -13.56 44.37 5.60
C SER B 932 -12.79 44.82 4.36
N ALA B 933 -12.32 46.06 4.32
CA ALA B 933 -11.57 46.53 3.16
C ALA B 933 -10.25 45.79 3.01
N LEU B 934 -9.55 45.54 4.11
CA LEU B 934 -8.27 44.83 4.09
C LEU B 934 -8.55 43.32 4.07
N GLY B 935 -9.02 42.85 2.93
CA GLY B 935 -9.37 41.45 2.77
C GLY B 935 -8.25 40.57 2.29
N LYS B 936 -7.42 41.07 1.37
CA LYS B 936 -6.38 40.25 0.76
C LYS B 936 -5.32 39.84 1.78
N LEU B 937 -4.87 40.79 2.60
CA LEU B 937 -3.85 40.48 3.60
C LEU B 937 -4.37 39.47 4.61
N GLN B 938 -5.61 39.67 5.07
CA GLN B 938 -6.20 38.72 6.01
C GLN B 938 -6.35 37.34 5.37
N ASP B 939 -6.71 37.29 4.09
CA ASP B 939 -6.84 36.01 3.41
C ASP B 939 -5.49 35.29 3.35
N VAL B 940 -4.42 36.02 3.03
CA VAL B 940 -3.09 35.41 2.98
C VAL B 940 -2.70 34.86 4.34
N VAL B 941 -2.90 35.68 5.38
CA VAL B 941 -2.52 35.26 6.74
C VAL B 941 -3.32 34.02 7.14
N ASN B 942 -4.62 34.03 6.87
CA ASN B 942 -5.48 32.91 7.25
C ASN B 942 -5.07 31.65 6.52
N GLN B 943 -4.76 31.76 5.22
CA GLN B 943 -4.36 30.58 4.46
C GLN B 943 -3.08 29.99 5.01
N ASN B 944 -2.09 30.84 5.28
CA ASN B 944 -0.82 30.32 5.81
C ASN B 944 -1.02 29.67 7.17
N ALA B 945 -1.78 30.33 8.05
CA ALA B 945 -2.01 29.77 9.38
C ALA B 945 -2.76 28.45 9.31
N GLN B 946 -3.75 28.36 8.42
CA GLN B 946 -4.52 27.13 8.29
C GLN B 946 -3.67 25.99 7.76
N ALA B 947 -2.80 26.28 6.78
CA ALA B 947 -1.89 25.25 6.28
C ALA B 947 -0.95 24.76 7.36
N LEU B 948 -0.40 25.69 8.15
CA LEU B 948 0.49 25.29 9.24
C LEU B 948 -0.25 24.46 10.28
N ASN B 949 -1.48 24.85 10.60
CA ASN B 949 -2.28 24.09 11.57
C ASN B 949 -2.57 22.68 11.06
N THR B 950 -2.88 22.55 9.78
CA THR B 950 -3.10 21.21 9.21
C THR B 950 -1.83 20.38 9.30
N LEU B 951 -0.68 20.98 8.98
CA LEU B 951 0.58 20.26 9.07
C LEU B 951 0.84 19.78 10.48
N VAL B 952 0.57 20.63 11.48
CA VAL B 952 0.78 20.24 12.86
C VAL B 952 -0.20 19.14 13.27
N LYS B 953 -1.46 19.25 12.83
CA LYS B 953 -2.47 18.26 13.19
C LYS B 953 -2.15 16.89 12.60
N GLN B 954 -1.49 16.86 11.44
CA GLN B 954 -1.18 15.58 10.80
C GLN B 954 -0.19 14.73 11.61
N LEU B 955 0.26 15.20 12.77
CA LEU B 955 1.23 14.48 13.59
C LEU B 955 0.59 13.45 14.51
N SER B 956 -0.74 13.32 14.48
CA SER B 956 -1.43 12.42 15.41
C SER B 956 -2.25 11.39 14.66
N SER B 957 -1.65 10.75 13.66
CA SER B 957 -2.31 9.72 12.86
C SER B 957 -1.53 8.41 12.98
N ASN B 958 -2.27 7.30 13.04
CA ASN B 958 -1.64 5.99 13.20
C ASN B 958 -0.94 5.55 11.94
N PHE B 959 -1.53 5.83 10.77
CA PHE B 959 -1.02 5.38 9.47
C PHE B 959 -0.93 3.85 9.40
N GLY B 960 -1.73 3.15 10.19
CA GLY B 960 -1.69 1.71 10.25
C GLY B 960 -0.85 1.13 11.36
N ALA B 961 -0.05 1.94 12.04
CA ALA B 961 0.76 1.47 13.14
C ALA B 961 -0.10 1.23 14.38
N ILE B 962 0.50 0.57 15.38
CA ILE B 962 -0.23 0.29 16.61
C ILE B 962 -0.52 1.57 17.38
N SER B 963 0.35 2.58 17.26
CA SER B 963 0.17 3.83 17.96
C SER B 963 0.87 4.94 17.19
N SER B 964 0.54 6.18 17.53
CA SER B 964 1.13 7.35 16.91
C SER B 964 2.19 8.01 17.78
N VAL B 965 2.65 7.33 18.82
CA VAL B 965 3.69 7.86 19.71
C VAL B 965 4.94 7.02 19.52
N LEU B 966 6.02 7.67 19.05
CA LEU B 966 7.25 6.95 18.71
C LEU B 966 7.86 6.31 19.95
N ASN B 967 7.99 7.07 21.04
CA ASN B 967 8.56 6.51 22.25
C ASN B 967 7.68 5.42 22.83
N ASP B 968 6.36 5.55 22.70
CA ASP B 968 5.46 4.51 23.15
C ASP B 968 5.69 3.20 22.41
N ILE B 969 5.73 3.26 21.07
CA ILE B 969 5.95 2.02 20.32
C ILE B 969 7.38 1.53 20.45
N LEU B 970 8.32 2.39 20.86
CA LEU B 970 9.70 1.95 21.07
C LEU B 970 9.88 1.26 22.41
N SER B 971 9.12 1.67 23.42
CA SER B 971 9.23 1.09 24.76
C SER B 971 8.31 -0.11 24.95
N ARG B 972 7.68 -0.58 23.88
CA ARG B 972 6.73 -1.68 23.94
C ARG B 972 7.13 -2.87 23.08
N LEU B 973 7.82 -2.65 21.97
CA LEU B 973 8.24 -3.71 21.07
C LEU B 973 9.76 -3.70 20.92
N ASP B 974 10.32 -4.86 20.62
CA ASP B 974 11.75 -4.99 20.40
C ASP B 974 12.13 -4.53 18.99
N PRO B 975 13.41 -4.20 18.78
CA PRO B 975 13.85 -3.73 17.46
C PRO B 975 13.57 -4.73 16.35
N PRO B 976 13.52 -6.05 16.63
CA PRO B 976 13.13 -6.98 15.56
C PRO B 976 11.81 -6.64 14.88
N GLU B 977 10.81 -6.11 15.60
CA GLU B 977 9.52 -5.85 14.99
C GLU B 977 8.97 -4.45 15.27
N ALA B 978 9.79 -3.53 15.77
CA ALA B 978 9.39 -2.12 15.81
C ALA B 978 9.63 -1.40 14.49
N GLU B 979 10.46 -1.99 13.62
CA GLU B 979 10.85 -1.32 12.38
C GLU B 979 9.67 -1.11 11.43
N VAL B 980 8.72 -2.05 11.40
CA VAL B 980 7.58 -1.89 10.50
C VAL B 980 6.74 -0.68 10.89
N GLN B 981 6.44 -0.54 12.19
CA GLN B 981 5.69 0.61 12.66
C GLN B 981 6.46 1.91 12.41
N ILE B 982 7.76 1.89 12.68
CA ILE B 982 8.57 3.09 12.45
C ILE B 982 8.55 3.48 10.98
N ASP B 983 8.62 2.49 10.09
CA ASP B 983 8.59 2.75 8.65
C ASP B 983 7.25 3.35 8.22
N ARG B 984 6.15 2.81 8.75
CA ARG B 984 4.84 3.35 8.42
C ARG B 984 4.73 4.82 8.83
N LEU B 985 5.15 5.12 10.07
CA LEU B 985 5.10 6.50 10.54
C LEU B 985 5.98 7.41 9.69
N ILE B 986 7.18 6.94 9.34
CA ILE B 986 8.10 7.74 8.54
C ILE B 986 7.49 8.05 7.18
N THR B 987 6.90 7.04 6.53
CA THR B 987 6.31 7.25 5.22
C THR B 987 5.18 8.29 5.30
N GLY B 988 4.30 8.15 6.29
CA GLY B 988 3.20 9.09 6.41
C GLY B 988 3.67 10.53 6.60
N ARG B 989 4.60 10.71 7.54
CA ARG B 989 5.06 12.07 7.83
C ARG B 989 5.83 12.67 6.67
N LEU B 990 6.60 11.84 5.95
CA LEU B 990 7.32 12.32 4.77
C LEU B 990 6.34 12.79 3.69
N GLN B 991 5.28 12.02 3.46
CA GLN B 991 4.28 12.45 2.47
C GLN B 991 3.63 13.76 2.87
N SER B 992 3.32 13.91 4.17
CA SER B 992 2.72 15.16 4.63
C SER B 992 3.65 16.35 4.39
N LEU B 993 4.94 16.18 4.72
CA LEU B 993 5.89 17.26 4.48
C LEU B 993 6.00 17.61 3.00
N GLN B 994 6.01 16.60 2.13
CA GLN B 994 6.09 16.85 0.70
C GLN B 994 4.90 17.69 0.23
N THR B 995 3.70 17.32 0.65
CA THR B 995 2.51 18.08 0.25
C THR B 995 2.59 19.52 0.73
N TYR B 996 2.98 19.71 1.99
CA TYR B 996 3.07 21.06 2.53
C TYR B 996 4.06 21.90 1.75
N VAL B 997 5.23 21.33 1.42
CA VAL B 997 6.26 22.08 0.71
C VAL B 997 5.77 22.49 -0.67
N THR B 998 5.09 21.57 -1.38
CA THR B 998 4.59 21.91 -2.70
C THR B 998 3.58 23.05 -2.65
N GLN B 999 2.64 22.99 -1.70
CA GLN B 999 1.66 24.06 -1.56
C GLN B 999 2.34 25.39 -1.26
N GLN B 1000 3.34 25.37 -0.36
CA GLN B 1000 4.05 26.60 -0.02
C GLN B 1000 4.76 27.18 -1.23
N LEU B 1001 5.37 26.33 -2.06
CA LEU B 1001 6.07 26.81 -3.25
C LEU B 1001 5.10 27.53 -4.19
N ILE B 1002 3.93 26.92 -4.43
CA ILE B 1002 2.98 27.53 -5.36
C ILE B 1002 2.50 28.87 -4.82
N ARG B 1003 2.16 28.92 -3.52
CA ARG B 1003 1.67 30.17 -2.95
C ARG B 1003 2.75 31.25 -2.98
N ALA B 1004 4.01 30.87 -2.75
CA ALA B 1004 5.11 31.84 -2.83
C ALA B 1004 5.25 32.40 -4.23
N ALA B 1005 5.10 31.55 -5.25
CA ALA B 1005 5.15 32.05 -6.63
C ALA B 1005 4.05 33.08 -6.88
N GLU B 1006 2.83 32.80 -6.42
CA GLU B 1006 1.76 33.76 -6.60
C GLU B 1006 2.06 35.08 -5.89
N ILE B 1007 2.57 35.00 -4.66
CA ILE B 1007 2.88 36.21 -3.90
C ILE B 1007 3.97 37.02 -4.60
N ARG B 1008 4.96 36.33 -5.20
CA ARG B 1008 6.00 37.04 -5.92
C ARG B 1008 5.43 37.79 -7.12
N ALA B 1009 4.51 37.16 -7.83
CA ALA B 1009 3.87 37.85 -8.96
C ALA B 1009 3.14 39.11 -8.47
N SER B 1010 2.42 39.00 -7.36
CA SER B 1010 1.72 40.17 -6.82
C SER B 1010 2.71 41.27 -6.43
N ALA B 1011 3.83 40.89 -5.82
CA ALA B 1011 4.82 41.88 -5.43
C ALA B 1011 5.43 42.59 -6.63
N ASN B 1012 5.68 41.84 -7.71
CA ASN B 1012 6.18 42.47 -8.93
C ASN B 1012 5.19 43.48 -9.48
N LEU B 1013 3.90 43.11 -9.48
CA LEU B 1013 2.88 44.07 -9.93
C LEU B 1013 2.88 45.32 -9.06
N ALA B 1014 2.98 45.15 -7.74
CA ALA B 1014 2.98 46.30 -6.84
C ALA B 1014 4.19 47.20 -7.10
N ALA B 1015 5.36 46.60 -7.32
CA ALA B 1015 6.55 47.40 -7.59
C ALA B 1015 6.39 48.19 -8.88
N THR B 1016 5.86 47.56 -9.93
CA THR B 1016 5.65 48.29 -11.18
C THR B 1016 4.66 49.43 -10.99
N LYS B 1017 3.57 49.18 -10.25
CA LYS B 1017 2.59 50.24 -10.01
C LYS B 1017 3.21 51.40 -9.26
N MET B 1018 4.04 51.12 -8.25
CA MET B 1018 4.72 52.19 -7.54
C MET B 1018 5.60 52.99 -8.48
N SER B 1019 6.46 52.30 -9.25
CA SER B 1019 7.40 52.98 -10.11
C SER B 1019 6.72 53.83 -11.18
N GLU B 1020 5.53 53.44 -11.62
CA GLU B 1020 4.88 54.14 -12.72
C GLU B 1020 3.81 55.14 -12.29
N CYS B 1021 3.26 55.02 -11.07
CA CYS B 1021 2.26 55.99 -10.62
C CYS B 1021 2.77 56.96 -9.56
N VAL B 1022 3.76 56.57 -8.75
CA VAL B 1022 4.24 57.45 -7.69
C VAL B 1022 5.35 58.37 -8.17
N LEU B 1023 6.32 57.84 -8.91
CA LEU B 1023 7.46 58.62 -9.36
C LEU B 1023 7.18 59.39 -10.64
N GLY B 1024 5.98 59.28 -11.20
CA GLY B 1024 5.64 60.02 -12.40
C GLY B 1024 4.15 60.00 -12.62
N GLN B 1025 3.74 60.56 -13.74
CA GLN B 1025 2.34 60.58 -14.16
C GLN B 1025 2.16 59.62 -15.32
N SER B 1026 1.10 58.81 -15.26
CA SER B 1026 0.87 57.75 -16.23
C SER B 1026 -0.39 58.05 -17.04
N LYS B 1027 -0.40 57.56 -18.27
CA LYS B 1027 -1.53 57.75 -19.18
C LYS B 1027 -2.23 56.45 -19.53
N ARG B 1028 -1.83 55.34 -18.91
CA ARG B 1028 -2.54 54.08 -19.10
C ARG B 1028 -3.83 54.10 -18.29
N VAL B 1029 -4.97 53.96 -18.97
CA VAL B 1029 -6.26 54.14 -18.33
C VAL B 1029 -6.49 53.05 -17.30
N ASP B 1030 -7.02 53.45 -16.13
CA ASP B 1030 -7.36 52.58 -15.02
C ASP B 1030 -6.15 51.88 -14.40
N PHE B 1031 -4.92 52.25 -14.81
CA PHE B 1031 -3.75 51.66 -14.18
C PHE B 1031 -3.48 52.29 -12.81
N CYS B 1032 -3.70 53.58 -12.67
CA CYS B 1032 -3.49 54.26 -11.39
C CYS B 1032 -4.76 54.97 -10.95
N GLY B 1033 -5.88 54.27 -11.01
CA GLY B 1033 -7.16 54.80 -10.56
C GLY B 1033 -8.07 55.17 -11.72
N LYS B 1034 -9.37 55.20 -11.42
CA LYS B 1034 -10.37 55.51 -12.44
C LYS B 1034 -10.49 57.02 -12.62
N GLY B 1035 -10.45 57.47 -13.87
CA GLY B 1035 -10.44 58.88 -14.17
C GLY B 1035 -9.15 59.30 -14.86
N TYR B 1036 -8.87 60.59 -14.87
CA TYR B 1036 -7.61 61.10 -15.42
C TYR B 1036 -6.61 61.24 -14.29
N HIS B 1037 -5.50 60.53 -14.39
CA HIS B 1037 -4.55 60.45 -13.28
C HIS B 1037 -3.85 61.78 -13.06
N LEU B 1038 -3.69 62.15 -11.79
CA LEU B 1038 -2.93 63.33 -11.41
C LEU B 1038 -1.69 62.97 -10.60
N MET B 1039 -1.85 62.25 -9.50
CA MET B 1039 -0.73 61.84 -8.66
C MET B 1039 -1.23 60.80 -7.68
N SER B 1040 -0.30 60.15 -7.00
CA SER B 1040 -0.64 59.14 -6.01
C SER B 1040 0.39 59.17 -4.90
N PHE B 1041 -0.04 58.79 -3.69
CA PHE B 1041 0.83 58.75 -2.53
C PHE B 1041 0.78 57.36 -1.91
N PRO B 1042 1.91 56.82 -1.47
CA PRO B 1042 1.94 55.49 -0.89
C PRO B 1042 1.77 55.50 0.63
N GLN B 1043 1.32 54.36 1.14
CA GLN B 1043 1.23 54.12 2.58
C GLN B 1043 1.68 52.69 2.85
N SER B 1044 2.18 52.46 4.05
CA SER B 1044 2.73 51.16 4.43
C SER B 1044 1.75 50.42 5.33
N ALA B 1045 1.52 49.16 5.03
CA ALA B 1045 0.63 48.28 5.78
C ALA B 1045 1.39 46.98 6.07
N PRO B 1046 0.98 46.25 7.11
CA PRO B 1046 1.68 45.00 7.43
C PRO B 1046 1.59 44.00 6.29
N HIS B 1047 2.76 43.59 5.79
CA HIS B 1047 2.88 42.62 4.70
C HIS B 1047 2.16 43.11 3.44
N GLY B 1048 2.26 44.41 3.16
CA GLY B 1048 1.59 44.94 1.98
C GLY B 1048 1.87 46.42 1.83
N VAL B 1049 1.16 47.02 0.87
CA VAL B 1049 1.28 48.44 0.58
C VAL B 1049 -0.09 48.96 0.15
N VAL B 1050 -0.32 50.26 0.38
CA VAL B 1050 -1.58 50.90 0.07
C VAL B 1050 -1.30 52.17 -0.72
N PHE B 1051 -2.00 52.35 -1.83
CA PHE B 1051 -1.87 53.52 -2.68
C PHE B 1051 -3.11 54.39 -2.57
N LEU B 1052 -2.90 55.71 -2.67
CA LEU B 1052 -3.98 56.70 -2.67
C LEU B 1052 -3.94 57.44 -4.00
N HIS B 1053 -4.73 56.97 -4.97
CA HIS B 1053 -4.73 57.57 -6.30
C HIS B 1053 -5.63 58.79 -6.32
N VAL B 1054 -5.11 59.89 -6.86
CA VAL B 1054 -5.84 61.15 -7.00
C VAL B 1054 -6.13 61.35 -8.48
N THR B 1055 -7.41 61.52 -8.82
CA THR B 1055 -7.84 61.58 -10.22
C THR B 1055 -8.74 62.78 -10.43
N TYR B 1056 -9.02 63.07 -11.70
CA TYR B 1056 -9.81 64.22 -12.11
C TYR B 1056 -11.03 63.71 -12.87
N VAL B 1057 -12.21 64.16 -12.47
CA VAL B 1057 -13.46 63.64 -13.03
C VAL B 1057 -14.37 64.78 -13.47
N PRO B 1058 -14.82 64.79 -14.73
CA PRO B 1058 -15.80 65.80 -15.16
C PRO B 1058 -17.12 65.63 -14.41
N ALA B 1059 -17.80 66.76 -14.19
CA ALA B 1059 -18.95 66.78 -13.29
C ALA B 1059 -20.27 67.09 -14.00
N GLN B 1060 -20.36 68.23 -14.69
CA GLN B 1060 -21.64 68.69 -15.23
C GLN B 1060 -21.46 68.98 -16.72
N GLU B 1061 -22.27 68.32 -17.55
CA GLU B 1061 -22.19 68.45 -19.00
C GLU B 1061 -23.36 69.28 -19.52
N LYS B 1062 -23.22 69.72 -20.77
CA LYS B 1062 -24.24 70.52 -21.42
C LYS B 1062 -24.10 70.33 -22.93
N ASN B 1063 -25.19 69.94 -23.58
CA ASN B 1063 -25.14 69.62 -25.01
C ASN B 1063 -25.07 70.90 -25.85
N PHE B 1064 -24.43 70.78 -27.01
CA PHE B 1064 -24.25 71.89 -27.93
C PHE B 1064 -24.46 71.39 -29.36
N THR B 1065 -24.26 72.30 -30.31
CA THR B 1065 -24.30 71.97 -31.74
C THR B 1065 -22.91 72.21 -32.32
N THR B 1066 -22.37 71.19 -32.97
CA THR B 1066 -20.99 71.20 -33.46
C THR B 1066 -20.97 71.26 -34.99
N ALA B 1067 -19.75 71.38 -35.52
CA ALA B 1067 -19.51 71.44 -36.96
C ALA B 1067 -18.05 71.12 -37.20
N PRO B 1068 -17.70 70.44 -38.30
CA PRO B 1068 -16.30 70.02 -38.50
C PRO B 1068 -15.40 71.14 -39.00
N ALA B 1069 -15.95 72.08 -39.75
CA ALA B 1069 -15.13 73.15 -40.33
C ALA B 1069 -16.02 74.35 -40.63
N ILE B 1070 -15.38 75.44 -41.04
CA ILE B 1070 -16.04 76.71 -41.32
C ILE B 1070 -15.54 77.26 -42.65
N CYS B 1071 -16.46 77.76 -43.46
CA CYS B 1071 -16.12 78.38 -44.74
C CYS B 1071 -16.20 79.91 -44.60
N HIS B 1072 -15.11 80.58 -44.96
CA HIS B 1072 -15.01 82.03 -44.80
C HIS B 1072 -14.95 82.75 -46.15
N ASP B 1073 -13.99 82.41 -46.99
CA ASP B 1073 -13.85 82.98 -48.33
C ASP B 1073 -13.69 81.88 -49.36
N GLY B 1074 -14.45 80.80 -49.23
CA GLY B 1074 -14.28 79.62 -50.04
C GLY B 1074 -13.25 78.65 -49.51
N LYS B 1075 -12.52 79.00 -48.46
CA LYS B 1075 -11.57 78.10 -47.83
C LYS B 1075 -12.24 77.36 -46.67
N ALA B 1076 -11.50 76.41 -46.10
CA ALA B 1076 -11.98 75.62 -44.98
C ALA B 1076 -11.06 75.86 -43.78
N HIS B 1077 -11.67 76.20 -42.64
CA HIS B 1077 -10.93 76.46 -41.41
C HIS B 1077 -11.18 75.33 -40.44
N PHE B 1078 -10.10 74.67 -40.00
CA PHE B 1078 -10.20 73.63 -39.00
C PHE B 1078 -9.67 74.12 -37.66
N PRO B 1079 -10.22 73.66 -36.54
CA PRO B 1079 -9.73 74.12 -35.24
C PRO B 1079 -8.33 73.60 -34.96
N ARG B 1080 -7.55 74.42 -34.26
CA ARG B 1080 -6.16 74.05 -33.96
C ARG B 1080 -6.11 72.99 -32.88
N GLU B 1081 -6.64 73.29 -31.70
CA GLU B 1081 -6.62 72.36 -30.57
C GLU B 1081 -7.95 72.40 -29.83
N GLY B 1082 -9.05 72.46 -30.57
CA GLY B 1082 -10.36 72.51 -29.96
C GLY B 1082 -11.45 72.03 -30.90
N VAL B 1083 -12.68 72.46 -30.61
CA VAL B 1083 -13.84 72.12 -31.41
C VAL B 1083 -14.70 73.36 -31.62
N PHE B 1084 -15.53 73.32 -32.65
CA PHE B 1084 -16.51 74.36 -32.91
C PHE B 1084 -17.82 74.00 -32.22
N VAL B 1085 -18.32 74.94 -31.41
CA VAL B 1085 -19.60 74.76 -30.73
C VAL B 1085 -20.45 76.00 -30.94
N SER B 1086 -21.76 75.83 -30.80
CA SER B 1086 -22.71 76.91 -30.99
C SER B 1086 -23.72 76.90 -29.86
N ASN B 1087 -24.06 78.10 -29.38
CA ASN B 1087 -25.08 78.26 -28.35
C ASN B 1087 -26.47 78.52 -28.93
N GLY B 1088 -26.60 78.47 -30.25
CA GLY B 1088 -27.89 78.68 -30.90
C GLY B 1088 -27.83 79.70 -32.01
N THR B 1089 -27.02 80.75 -31.82
CA THR B 1089 -26.90 81.81 -32.81
C THR B 1089 -25.46 82.23 -33.11
N HIS B 1090 -24.50 81.84 -32.29
CA HIS B 1090 -23.10 82.21 -32.50
C HIS B 1090 -22.23 80.97 -32.37
N TRP B 1091 -21.04 81.05 -32.99
CA TRP B 1091 -20.09 79.94 -33.01
C TRP B 1091 -18.84 80.33 -32.24
N PHE B 1092 -18.29 79.37 -31.49
CA PHE B 1092 -17.12 79.59 -30.66
C PHE B 1092 -16.19 78.39 -30.76
N VAL B 1093 -14.95 78.59 -30.31
CA VAL B 1093 -13.98 77.52 -30.15
C VAL B 1093 -13.70 77.33 -28.66
N THR B 1094 -13.68 76.09 -28.21
CA THR B 1094 -13.50 75.77 -26.81
C THR B 1094 -12.59 74.55 -26.68
N GLN B 1095 -12.08 74.34 -25.47
CA GLN B 1095 -11.31 73.15 -25.17
C GLN B 1095 -12.19 71.91 -25.27
N ARG B 1096 -11.56 70.74 -25.21
CA ARG B 1096 -12.26 69.47 -25.33
C ARG B 1096 -12.67 68.89 -23.98
N ASN B 1097 -12.28 69.52 -22.86
CA ASN B 1097 -12.56 68.98 -21.55
C ASN B 1097 -13.10 70.01 -20.56
N PHE B 1098 -13.36 71.24 -21.00
CA PHE B 1098 -13.86 72.28 -20.11
C PHE B 1098 -14.43 73.39 -20.95
N TYR B 1099 -15.68 73.76 -20.67
CA TYR B 1099 -16.34 74.79 -21.47
C TYR B 1099 -15.67 76.14 -21.25
N GLU B 1100 -15.26 76.78 -22.34
CA GLU B 1100 -14.57 78.06 -22.30
C GLU B 1100 -14.67 78.73 -23.66
N PRO B 1101 -15.79 79.39 -23.98
CA PRO B 1101 -15.97 79.91 -25.33
C PRO B 1101 -14.94 80.97 -25.67
N GLN B 1102 -14.56 81.01 -26.95
CA GLN B 1102 -13.59 81.97 -27.46
C GLN B 1102 -14.04 82.45 -28.83
N ILE B 1103 -13.54 83.60 -29.22
CA ILE B 1103 -13.87 84.18 -30.52
C ILE B 1103 -13.03 83.51 -31.60
N ILE B 1104 -13.68 83.06 -32.66
CA ILE B 1104 -12.99 82.38 -33.74
C ILE B 1104 -12.13 83.39 -34.50
N THR B 1105 -10.80 83.22 -34.44
CA THR B 1105 -9.89 84.10 -35.14
C THR B 1105 -8.95 83.29 -36.04
N THR B 1106 -7.96 83.96 -36.62
CA THR B 1106 -6.93 83.26 -37.40
C THR B 1106 -5.82 82.70 -36.52
N ASP B 1107 -5.88 82.92 -35.21
CA ASP B 1107 -4.92 82.33 -34.28
C ASP B 1107 -5.40 81.01 -33.70
N ASN B 1108 -6.63 80.59 -34.02
CA ASN B 1108 -7.16 79.31 -33.56
C ASN B 1108 -7.44 78.34 -34.71
N THR B 1109 -7.32 78.77 -35.96
CA THR B 1109 -7.66 77.94 -37.11
C THR B 1109 -6.53 78.02 -38.13
N PHE B 1110 -6.44 76.98 -38.95
CA PHE B 1110 -5.51 76.94 -40.07
C PHE B 1110 -6.28 76.64 -41.35
N VAL B 1111 -5.85 77.25 -42.45
CA VAL B 1111 -6.54 77.14 -43.73
C VAL B 1111 -5.96 75.97 -44.51
N SER B 1112 -6.84 75.11 -45.04
CA SER B 1112 -6.40 73.96 -45.81
C SER B 1112 -7.55 73.53 -46.72
N GLY B 1113 -7.41 73.76 -48.02
CA GLY B 1113 -8.35 73.28 -49.00
C GLY B 1113 -9.38 74.31 -49.41
N ASN B 1114 -10.51 73.81 -49.92
CA ASN B 1114 -11.60 74.66 -50.36
C ASN B 1114 -12.92 74.27 -49.70
N CYS B 1115 -14.01 74.86 -50.19
CA CYS B 1115 -15.33 74.73 -49.58
C CYS B 1115 -16.19 73.69 -50.29
N ASP B 1116 -15.59 72.61 -50.79
CA ASP B 1116 -16.33 71.64 -51.58
C ASP B 1116 -16.18 70.21 -51.08
N VAL B 1117 -15.08 69.90 -50.41
CA VAL B 1117 -14.75 68.52 -50.09
C VAL B 1117 -15.29 68.09 -48.73
N VAL B 1118 -15.28 68.99 -47.74
CA VAL B 1118 -15.72 68.62 -46.40
C VAL B 1118 -17.23 68.40 -46.40
N ILE B 1119 -17.65 67.32 -45.73
CA ILE B 1119 -19.07 66.99 -45.62
C ILE B 1119 -19.61 67.56 -44.33
N GLY B 1120 -20.62 68.44 -44.43
CA GLY B 1120 -21.19 69.06 -43.26
C GLY B 1120 -20.60 70.39 -42.88
N ILE B 1121 -19.99 71.10 -43.82
CA ILE B 1121 -19.36 72.37 -43.50
C ILE B 1121 -20.44 73.44 -43.29
N VAL B 1122 -20.06 74.51 -42.60
CA VAL B 1122 -20.99 75.52 -42.09
C VAL B 1122 -20.46 76.91 -42.43
N ASN B 1123 -21.35 77.78 -42.94
CA ASN B 1123 -21.01 79.16 -43.20
C ASN B 1123 -20.80 79.88 -41.87
N ASN B 1124 -19.80 80.76 -41.82
CA ASN B 1124 -19.62 81.66 -40.68
C ASN B 1124 -18.59 82.73 -41.07
N THR B 1125 -18.22 83.55 -40.09
CA THR B 1125 -17.26 84.64 -40.29
C THR B 1125 -16.06 84.41 -39.39
N VAL B 1126 -14.86 84.58 -39.94
CA VAL B 1126 -13.62 84.40 -39.19
C VAL B 1126 -13.01 85.78 -39.01
N TYR B 1127 -13.18 86.37 -37.83
CA TYR B 1127 -12.58 87.66 -37.52
C TYR B 1127 -11.06 87.52 -37.44
N ASP B 1128 -10.36 88.61 -37.72
CA ASP B 1128 -8.92 88.66 -37.64
C ASP B 1128 -8.48 89.87 -36.82
N PRO B 1129 -7.36 89.77 -36.11
CA PRO B 1129 -6.91 90.87 -35.25
C PRO B 1129 -6.10 91.94 -35.97
N LEU B 1130 -6.09 91.96 -37.30
CA LEU B 1130 -5.35 92.97 -38.06
C LEU B 1130 -6.30 93.88 -38.81
N ALA C 16 4.53 -23.93 -51.75
CA ALA C 16 4.19 -22.56 -52.14
C ALA C 16 3.92 -21.69 -50.92
N TYR C 17 3.83 -20.38 -51.14
CA TYR C 17 3.56 -19.44 -50.07
C TYR C 17 2.75 -18.28 -50.62
N THR C 18 1.84 -17.76 -49.81
CA THR C 18 1.04 -16.59 -50.15
C THR C 18 0.94 -15.69 -48.93
N ASN C 19 0.68 -14.41 -49.19
CA ASN C 19 0.58 -13.43 -48.12
C ASN C 19 -0.83 -13.44 -47.52
N SER C 20 -0.90 -13.24 -46.20
CA SER C 20 -2.18 -13.27 -45.51
C SER C 20 -3.04 -12.05 -45.80
N PHE C 21 -2.45 -10.97 -46.31
CA PHE C 21 -3.14 -9.69 -46.52
C PHE C 21 -3.69 -9.26 -45.16
N THR C 22 -4.95 -8.85 -45.05
CA THR C 22 -5.56 -8.44 -43.79
C THR C 22 -6.72 -9.38 -43.52
N ARG C 23 -6.42 -10.53 -42.89
CA ARG C 23 -7.42 -11.54 -42.59
C ARG C 23 -7.15 -12.13 -41.22
N GLY C 24 -8.19 -12.68 -40.61
CA GLY C 24 -8.05 -13.40 -39.36
C GLY C 24 -8.20 -12.55 -38.12
N VAL C 25 -9.26 -11.74 -38.07
CA VAL C 25 -9.56 -10.90 -36.91
C VAL C 25 -10.87 -11.37 -36.32
N TYR C 26 -10.83 -11.75 -35.04
CA TYR C 26 -11.99 -12.26 -34.32
C TYR C 26 -12.28 -11.40 -33.11
N TYR C 27 -13.53 -11.40 -32.68
CA TYR C 27 -13.91 -10.63 -31.50
C TYR C 27 -13.24 -11.21 -30.28
N PRO C 28 -12.38 -10.45 -29.58
CA PRO C 28 -11.68 -11.02 -28.42
C PRO C 28 -12.59 -11.45 -27.29
N ASP C 29 -13.72 -10.77 -27.11
CA ASP C 29 -14.65 -11.08 -26.03
C ASP C 29 -16.06 -10.76 -26.51
N LYS C 30 -17.02 -10.88 -25.59
CA LYS C 30 -18.44 -10.80 -25.92
C LYS C 30 -19.07 -9.50 -25.40
N VAL C 31 -18.34 -8.40 -25.49
CA VAL C 31 -18.84 -7.10 -25.06
C VAL C 31 -19.36 -6.34 -26.27
N PHE C 32 -20.09 -5.26 -26.01
CA PHE C 32 -20.67 -4.43 -27.06
C PHE C 32 -20.14 -3.01 -26.94
N ARG C 33 -19.48 -2.54 -27.99
CA ARG C 33 -19.00 -1.17 -28.08
C ARG C 33 -19.46 -0.57 -29.40
N SER C 34 -19.77 0.72 -29.38
CA SER C 34 -20.35 1.39 -30.53
C SER C 34 -19.54 2.63 -30.88
N SER C 35 -19.05 2.68 -32.11
CA SER C 35 -18.41 3.87 -32.69
C SER C 35 -17.27 4.38 -31.82
N VAL C 36 -16.43 3.45 -31.36
CA VAL C 36 -15.26 3.78 -30.55
C VAL C 36 -14.06 3.02 -31.10
N LEU C 37 -12.89 3.33 -30.53
CA LEU C 37 -11.65 2.66 -30.87
C LEU C 37 -11.11 1.97 -29.63
N HIS C 38 -10.76 0.69 -29.76
CA HIS C 38 -10.28 -0.10 -28.63
C HIS C 38 -8.93 -0.72 -28.96
N SER C 39 -8.06 -0.79 -27.96
CA SER C 39 -6.75 -1.41 -28.08
C SER C 39 -6.71 -2.64 -27.19
N THR C 40 -6.48 -3.81 -27.81
CA THR C 40 -6.47 -5.08 -27.09
C THR C 40 -5.19 -5.83 -27.41
N GLN C 41 -4.79 -6.71 -26.48
CA GLN C 41 -3.55 -7.45 -26.59
C GLN C 41 -3.89 -8.93 -26.45
N ASP C 42 -4.07 -9.61 -27.59
CA ASP C 42 -4.42 -11.02 -27.63
C ASP C 42 -3.54 -11.69 -28.69
N LEU C 43 -3.88 -12.93 -29.03
CA LEU C 43 -3.17 -13.66 -30.07
C LEU C 43 -3.91 -13.46 -31.39
N PHE C 44 -3.28 -12.73 -32.31
CA PHE C 44 -3.85 -12.44 -33.62
C PHE C 44 -2.95 -12.98 -34.72
N LEU C 45 -3.45 -12.91 -35.94
CA LEU C 45 -2.67 -13.29 -37.11
C LEU C 45 -1.96 -12.06 -37.66
N PRO C 46 -0.62 -12.03 -37.69
CA PRO C 46 0.08 -10.82 -38.14
C PRO C 46 -0.27 -10.46 -39.57
N PHE C 47 -0.38 -9.15 -39.82
CA PHE C 47 -0.74 -8.66 -41.14
C PHE C 47 0.39 -8.92 -42.13
N PHE C 48 0.01 -9.22 -43.37
CA PHE C 48 0.94 -9.44 -44.48
C PHE C 48 2.01 -10.47 -44.09
N SER C 49 1.56 -11.69 -43.84
CA SER C 49 2.43 -12.78 -43.44
C SER C 49 2.23 -13.97 -44.36
N ASN C 50 3.28 -14.76 -44.53
CA ASN C 50 3.20 -15.96 -45.37
C ASN C 50 2.31 -17.01 -44.71
N VAL C 51 1.42 -17.60 -45.52
CA VAL C 51 0.64 -18.77 -45.12
C VAL C 51 0.94 -19.88 -46.11
N THR C 52 1.27 -21.06 -45.58
CA THR C 52 1.63 -22.19 -46.44
C THR C 52 0.42 -22.66 -47.24
N TRP C 53 0.68 -23.09 -48.48
CA TRP C 53 -0.35 -23.55 -49.40
C TRP C 53 -0.20 -25.04 -49.60
N PHE C 54 -1.29 -25.78 -49.40
CA PHE C 54 -1.31 -27.23 -49.56
C PHE C 54 -2.24 -27.57 -50.73
N HIS C 55 -1.65 -27.65 -51.92
CA HIS C 55 -2.41 -27.95 -53.12
C HIS C 55 -2.59 -29.46 -53.29
N ASN C 70 -2.40 -35.56 -46.23
CA ASN C 70 -2.44 -35.20 -44.82
C ASN C 70 -1.03 -35.05 -44.25
N PRO C 71 -0.39 -33.91 -44.49
CA PRO C 71 0.98 -33.71 -43.99
C PRO C 71 1.03 -33.52 -42.48
N VAL C 72 2.24 -33.32 -41.94
CA VAL C 72 2.45 -33.21 -40.51
C VAL C 72 2.58 -31.73 -40.17
N LEU C 73 1.72 -31.24 -39.28
CA LEU C 73 1.70 -29.84 -38.88
C LEU C 73 1.73 -29.75 -37.36
N PRO C 74 2.70 -29.06 -36.77
CA PRO C 74 2.71 -28.90 -35.32
C PRO C 74 1.71 -27.85 -34.86
N PHE C 75 1.37 -27.92 -33.58
CA PHE C 75 0.39 -27.03 -32.95
C PHE C 75 1.15 -26.09 -32.02
N ASN C 76 1.44 -24.88 -32.50
CA ASN C 76 2.11 -23.85 -31.72
C ASN C 76 1.10 -22.74 -31.44
N ASP C 77 0.58 -22.72 -30.21
CA ASP C 77 -0.44 -21.77 -29.77
C ASP C 77 -1.62 -21.84 -30.75
N GLY C 78 -2.13 -20.70 -31.24
CA GLY C 78 -3.26 -20.75 -32.14
C GLY C 78 -2.87 -21.11 -33.56
N VAL C 79 -3.88 -21.55 -34.32
CA VAL C 79 -3.71 -21.91 -35.72
C VAL C 79 -4.87 -21.31 -36.52
N TYR C 80 -4.54 -20.58 -37.58
CA TYR C 80 -5.54 -20.03 -38.48
C TYR C 80 -5.69 -20.98 -39.67
N PHE C 81 -6.90 -21.48 -39.89
CA PHE C 81 -7.19 -22.47 -40.92
C PHE C 81 -8.19 -21.90 -41.89
N ALA C 82 -7.74 -21.58 -43.10
CA ALA C 82 -8.60 -21.08 -44.16
C ALA C 82 -8.65 -22.11 -45.28
N SER C 83 -9.86 -22.56 -45.62
CA SER C 83 -10.06 -23.55 -46.66
C SER C 83 -11.14 -23.09 -47.62
N THR C 84 -11.01 -23.51 -48.87
CA THR C 84 -11.97 -23.16 -49.91
C THR C 84 -12.31 -24.40 -50.73
N GLU C 85 -13.49 -24.38 -51.35
CA GLU C 85 -13.95 -25.49 -52.16
C GLU C 85 -14.56 -25.00 -53.46
N ILE C 90 -12.57 -31.67 -47.14
CA ILE C 90 -12.19 -31.19 -45.83
C ILE C 90 -13.39 -31.30 -44.89
N ARG C 91 -13.48 -32.42 -44.17
CA ARG C 91 -14.64 -32.66 -43.32
C ARG C 91 -14.26 -33.27 -41.99
N GLY C 92 -13.06 -33.01 -41.49
CA GLY C 92 -12.65 -33.61 -40.24
C GLY C 92 -11.44 -32.93 -39.65
N TRP C 93 -11.20 -33.22 -38.36
CA TRP C 93 -10.09 -32.65 -37.61
C TRP C 93 -9.70 -33.62 -36.50
N ILE C 94 -8.51 -33.41 -35.97
CA ILE C 94 -8.03 -34.18 -34.81
C ILE C 94 -6.97 -33.36 -34.10
N PHE C 95 -6.97 -33.44 -32.77
CA PHE C 95 -6.02 -32.70 -31.95
C PHE C 95 -5.61 -33.57 -30.77
N GLY C 96 -4.31 -33.67 -30.53
CA GLY C 96 -3.83 -34.49 -29.43
C GLY C 96 -2.33 -34.42 -29.32
N THR C 97 -1.78 -35.28 -28.45
CA THR C 97 -0.34 -35.35 -28.23
C THR C 97 0.29 -36.52 -28.99
N THR C 98 -0.26 -37.71 -28.86
CA THR C 98 0.27 -38.89 -29.55
C THR C 98 -0.82 -39.59 -30.35
N SER C 105 -7.58 -37.81 -27.47
CA SER C 105 -7.42 -36.83 -28.54
C SER C 105 -8.77 -36.34 -29.06
N LEU C 106 -8.79 -35.14 -29.60
CA LEU C 106 -10.02 -34.54 -30.08
C LEU C 106 -10.45 -35.16 -31.41
N LEU C 107 -11.64 -34.78 -31.85
CA LEU C 107 -12.16 -35.21 -33.15
C LEU C 107 -13.39 -34.38 -33.51
N ILE C 108 -13.46 -33.91 -34.75
CA ILE C 108 -14.60 -33.13 -35.23
C ILE C 108 -14.96 -33.64 -36.62
N VAL C 109 -16.25 -33.84 -36.88
CA VAL C 109 -16.74 -34.24 -38.18
C VAL C 109 -17.83 -33.25 -38.61
N ASN C 110 -17.74 -32.76 -39.83
CA ASN C 110 -18.71 -31.81 -40.37
C ASN C 110 -19.70 -32.47 -41.32
N ASN C 111 -19.66 -33.79 -41.44
CA ASN C 111 -20.54 -34.49 -42.37
C ASN C 111 -21.97 -34.54 -41.84
N ALA C 112 -22.90 -34.81 -42.76
CA ALA C 112 -24.33 -34.95 -42.46
C ALA C 112 -24.79 -33.67 -41.76
N THR C 113 -25.53 -33.76 -40.65
CA THR C 113 -25.98 -32.60 -39.89
C THR C 113 -25.63 -32.76 -38.42
N ASN C 114 -24.42 -33.25 -38.13
CA ASN C 114 -23.98 -33.46 -36.76
C ASN C 114 -22.50 -33.15 -36.65
N VAL C 115 -22.08 -32.81 -35.44
CA VAL C 115 -20.67 -32.50 -35.14
C VAL C 115 -20.29 -33.36 -33.93
N VAL C 116 -19.75 -34.54 -34.20
CA VAL C 116 -19.34 -35.45 -33.13
C VAL C 116 -17.99 -35.00 -32.59
N ILE C 117 -17.95 -34.68 -31.30
CA ILE C 117 -16.72 -34.25 -30.64
C ILE C 117 -16.44 -35.19 -29.49
N LYS C 118 -15.26 -35.81 -29.50
CA LYS C 118 -14.91 -36.84 -28.54
C LYS C 118 -13.46 -36.66 -28.13
N VAL C 119 -13.22 -36.69 -26.81
CA VAL C 119 -11.87 -36.53 -26.26
C VAL C 119 -11.24 -37.87 -25.91
N CYS C 120 -12.03 -38.94 -25.84
CA CYS C 120 -11.54 -40.24 -25.37
C CYS C 120 -10.46 -40.77 -26.32
N GLU C 121 -9.50 -41.49 -25.74
CA GLU C 121 -8.38 -42.00 -26.51
C GLU C 121 -8.84 -43.13 -27.42
N PHE C 122 -8.44 -43.06 -28.70
CA PHE C 122 -8.78 -44.10 -29.67
C PHE C 122 -7.78 -44.02 -30.82
N GLN C 123 -7.35 -45.18 -31.29
CA GLN C 123 -6.39 -45.27 -32.39
C GLN C 123 -7.12 -45.66 -33.67
N PHE C 124 -7.00 -44.84 -34.70
CA PHE C 124 -7.67 -45.09 -35.97
C PHE C 124 -6.78 -45.89 -36.92
N ASN C 154 -10.07 -43.73 -21.08
CA ASN C 154 -11.00 -43.01 -20.21
C ASN C 154 -11.83 -42.02 -21.00
N CYS C 155 -13.10 -42.37 -21.24
CA CYS C 155 -14.02 -41.53 -21.97
C CYS C 155 -14.75 -40.63 -20.98
N THR C 156 -14.47 -39.33 -21.05
CA THR C 156 -14.96 -38.38 -20.05
C THR C 156 -15.97 -37.38 -20.60
N PHE C 157 -15.64 -36.69 -21.69
CA PHE C 157 -16.45 -35.59 -22.18
C PHE C 157 -16.75 -35.85 -23.66
N GLU C 158 -18.04 -35.84 -24.00
CA GLU C 158 -18.50 -35.93 -25.38
C GLU C 158 -19.55 -34.86 -25.63
N TYR C 159 -19.37 -34.09 -26.69
CA TYR C 159 -20.28 -33.00 -27.03
C TYR C 159 -20.77 -33.17 -28.47
N VAL C 160 -22.07 -32.97 -28.67
CA VAL C 160 -22.69 -33.09 -29.98
C VAL C 160 -23.60 -31.89 -30.20
N SER C 161 -23.56 -31.33 -31.41
CA SER C 161 -24.43 -30.23 -31.78
C SER C 161 -24.53 -30.09 -33.30
N LYS C 176 -15.89 -20.73 -53.94
CA LYS C 176 -16.68 -19.59 -53.48
C LYS C 176 -16.85 -19.62 -51.97
N ASN C 177 -17.17 -20.79 -51.43
CA ASN C 177 -17.30 -20.96 -49.99
C ASN C 177 -15.93 -20.84 -49.33
N LEU C 178 -15.85 -19.98 -48.32
CA LEU C 178 -14.61 -19.76 -47.58
C LEU C 178 -14.86 -20.04 -46.10
N ARG C 179 -14.03 -20.90 -45.52
CA ARG C 179 -14.13 -21.27 -44.12
C ARG C 179 -12.90 -20.74 -43.38
N GLU C 180 -13.14 -19.90 -42.37
CA GLU C 180 -12.08 -19.34 -41.55
C GLU C 180 -12.22 -19.91 -40.14
N PHE C 181 -11.15 -20.52 -39.64
CA PHE C 181 -11.18 -21.19 -38.35
C PHE C 181 -10.01 -20.70 -37.50
N VAL C 182 -10.29 -20.44 -36.23
CA VAL C 182 -9.27 -20.06 -35.25
C VAL C 182 -9.40 -20.99 -34.05
N PHE C 183 -8.29 -21.57 -33.62
CA PHE C 183 -8.26 -22.53 -32.53
C PHE C 183 -7.34 -22.01 -31.43
N LYS C 184 -7.78 -22.16 -30.18
CA LYS C 184 -6.99 -21.78 -29.02
C LYS C 184 -7.29 -22.74 -27.89
N ASN C 185 -6.37 -22.77 -26.91
CA ASN C 185 -6.54 -23.64 -25.74
C ASN C 185 -5.89 -22.95 -24.54
N ILE C 186 -6.71 -22.28 -23.74
CA ILE C 186 -6.27 -21.64 -22.50
C ILE C 186 -7.19 -22.12 -21.39
N ASP C 187 -6.59 -22.50 -20.26
CA ASP C 187 -7.32 -23.04 -19.11
C ASP C 187 -8.17 -24.25 -19.49
N GLY C 188 -7.69 -25.02 -20.46
CA GLY C 188 -8.44 -26.18 -20.93
C GLY C 188 -9.74 -25.83 -21.63
N TYR C 189 -9.78 -24.70 -22.34
CA TYR C 189 -10.96 -24.28 -23.09
C TYR C 189 -10.64 -24.30 -24.57
N PHE C 190 -11.49 -24.96 -25.35
CA PHE C 190 -11.33 -25.02 -26.80
C PHE C 190 -12.31 -24.04 -27.44
N LYS C 191 -11.78 -23.15 -28.27
CA LYS C 191 -12.56 -22.08 -28.88
C LYS C 191 -12.47 -22.16 -30.39
N ILE C 192 -13.60 -21.92 -31.06
CA ILE C 192 -13.69 -21.97 -32.51
C ILE C 192 -14.44 -20.73 -32.98
N TYR C 193 -13.93 -20.10 -34.05
CA TYR C 193 -14.57 -18.96 -34.68
C TYR C 193 -14.74 -19.26 -36.16
N SER C 194 -15.82 -18.73 -36.74
CA SER C 194 -16.13 -19.04 -38.13
C SER C 194 -16.84 -17.86 -38.78
N LYS C 195 -16.71 -17.79 -40.11
CA LYS C 195 -17.38 -16.80 -40.93
C LYS C 195 -17.19 -17.19 -42.39
N HIS C 196 -18.26 -17.10 -43.18
CA HIS C 196 -18.20 -17.45 -44.59
C HIS C 196 -18.71 -16.29 -45.44
N THR C 197 -18.02 -16.03 -46.53
CA THR C 197 -18.38 -14.98 -47.47
C THR C 197 -18.14 -15.50 -48.89
N PRO C 198 -18.96 -15.06 -49.86
CA PRO C 198 -18.77 -15.46 -51.26
C PRO C 198 -17.51 -14.85 -51.87
N ASP C 204 -4.57 -17.17 -52.91
CA ASP C 204 -5.56 -16.45 -53.69
C ASP C 204 -6.58 -15.77 -52.76
N LEU C 205 -6.12 -15.40 -51.58
CA LEU C 205 -6.99 -14.75 -50.60
C LEU C 205 -7.29 -13.33 -51.06
N PRO C 206 -8.56 -12.96 -51.21
CA PRO C 206 -8.89 -11.63 -51.73
C PRO C 206 -8.60 -10.53 -50.72
N GLN C 207 -8.40 -9.32 -51.24
CA GLN C 207 -8.21 -8.16 -50.40
C GLN C 207 -9.54 -7.72 -49.81
N GLY C 208 -9.55 -7.49 -48.51
CA GLY C 208 -10.77 -7.10 -47.82
C GLY C 208 -10.67 -7.38 -46.35
N PHE C 209 -11.75 -7.08 -45.65
CA PHE C 209 -11.82 -7.25 -44.20
C PHE C 209 -13.14 -7.90 -43.83
N SER C 210 -13.09 -8.81 -42.86
CA SER C 210 -14.28 -9.49 -42.36
C SER C 210 -13.94 -10.14 -41.02
N ALA C 211 -14.83 -9.99 -40.06
CA ALA C 211 -14.59 -10.48 -38.71
C ALA C 211 -15.02 -11.93 -38.57
N LEU C 212 -14.56 -12.56 -37.50
CA LEU C 212 -14.88 -13.94 -37.18
C LEU C 212 -15.68 -13.98 -35.88
N GLU C 213 -16.80 -14.69 -35.89
CA GLU C 213 -17.66 -14.74 -34.72
C GLU C 213 -17.58 -16.11 -34.04
N PRO C 214 -17.62 -16.15 -32.71
CA PRO C 214 -17.47 -17.42 -32.01
C PRO C 214 -18.69 -18.32 -32.23
N LEU C 215 -18.43 -19.62 -32.21
CA LEU C 215 -19.49 -20.63 -32.33
C LEU C 215 -19.45 -21.67 -31.23
N VAL C 216 -18.26 -22.10 -30.80
CA VAL C 216 -18.12 -23.22 -29.88
C VAL C 216 -17.14 -22.82 -28.77
N ASP C 217 -17.41 -23.33 -27.56
CA ASP C 217 -16.50 -23.15 -26.43
C ASP C 217 -16.63 -24.37 -25.53
N LEU C 218 -15.57 -25.18 -25.47
CA LEU C 218 -15.62 -26.46 -24.79
C LEU C 218 -14.55 -26.56 -23.72
N PRO C 219 -14.89 -27.07 -22.53
CA PRO C 219 -13.87 -27.30 -21.48
C PRO C 219 -13.26 -28.69 -21.58
N ILE C 220 -12.40 -28.88 -22.58
CA ILE C 220 -11.76 -30.18 -22.80
C ILE C 220 -10.87 -30.54 -21.62
N GLY C 221 -10.05 -29.59 -21.17
CA GLY C 221 -9.16 -29.82 -20.05
C GLY C 221 -8.03 -30.80 -20.31
N ILE C 222 -7.49 -30.80 -21.54
CA ILE C 222 -6.31 -31.59 -21.88
C ILE C 222 -5.34 -30.69 -22.62
N ASN C 223 -4.12 -31.19 -22.80
CA ASN C 223 -3.06 -30.46 -23.47
C ASN C 223 -2.93 -30.93 -24.92
N ILE C 224 -2.75 -29.97 -25.83
CA ILE C 224 -2.61 -30.23 -27.25
C ILE C 224 -1.29 -29.62 -27.72
N THR C 225 -0.49 -30.42 -28.45
CA THR C 225 0.78 -29.95 -28.98
C THR C 225 1.00 -30.39 -30.41
N ARG C 226 -0.02 -30.92 -31.09
CA ARG C 226 0.10 -31.44 -32.45
C ARG C 226 -1.30 -31.72 -32.96
N PHE C 227 -1.50 -31.52 -34.26
CA PHE C 227 -2.79 -31.79 -34.87
C PHE C 227 -2.61 -32.36 -36.26
N GLN C 228 -3.73 -32.77 -36.86
CA GLN C 228 -3.76 -33.36 -38.19
C GLN C 228 -5.13 -33.07 -38.80
N THR C 229 -5.20 -33.12 -40.12
CA THR C 229 -6.43 -32.82 -40.84
C THR C 229 -7.06 -34.09 -41.39
N LEU C 230 -8.38 -34.11 -41.43
CA LEU C 230 -9.15 -35.22 -41.98
C LEU C 230 -10.09 -34.69 -43.05
N LEU C 231 -10.18 -35.43 -44.15
CA LEU C 231 -11.00 -34.99 -45.28
C LEU C 231 -12.10 -36.00 -45.59
N ALA C 253 -7.25 -27.68 -51.46
CA ALA C 253 -6.72 -26.33 -51.30
C ALA C 253 -7.11 -25.75 -49.94
N TYR C 254 -6.23 -25.93 -48.96
CA TYR C 254 -6.47 -25.42 -47.61
C TYR C 254 -5.20 -24.79 -47.09
N TYR C 255 -5.31 -23.57 -46.59
CA TYR C 255 -4.16 -22.80 -46.11
C TYR C 255 -4.01 -22.95 -44.60
N VAL C 256 -2.84 -22.58 -44.10
CA VAL C 256 -2.53 -22.67 -42.68
C VAL C 256 -1.79 -21.41 -42.27
N GLY C 257 -2.20 -20.82 -41.15
CA GLY C 257 -1.51 -19.69 -40.58
C GLY C 257 -1.35 -19.84 -39.10
N TYR C 258 -0.28 -19.26 -38.57
CA TYR C 258 0.07 -19.39 -37.17
C TYR C 258 -0.22 -18.09 -36.41
N LEU C 259 -0.42 -18.23 -35.11
CA LEU C 259 -0.86 -17.13 -34.25
C LEU C 259 0.31 -16.59 -33.44
N GLN C 260 0.32 -15.28 -33.22
CA GLN C 260 1.37 -14.62 -32.47
C GLN C 260 0.77 -13.68 -31.44
N PRO C 261 1.48 -13.45 -30.33
CA PRO C 261 1.00 -12.49 -29.31
C PRO C 261 1.33 -11.04 -29.65
N ARG C 262 0.47 -10.43 -30.46
CA ARG C 262 0.64 -9.07 -30.93
C ARG C 262 -0.43 -8.17 -30.32
N THR C 263 -0.41 -6.90 -30.74
CA THR C 263 -1.36 -5.91 -30.28
C THR C 263 -2.05 -5.27 -31.48
N PHE C 264 -3.36 -5.05 -31.35
CA PHE C 264 -4.17 -4.53 -32.44
C PHE C 264 -4.93 -3.30 -31.97
N LEU C 265 -5.66 -2.67 -32.90
CA LEU C 265 -6.49 -1.51 -32.61
C LEU C 265 -7.74 -1.62 -33.47
N LEU C 266 -8.85 -2.03 -32.86
CA LEU C 266 -10.07 -2.30 -33.59
C LEU C 266 -10.99 -1.09 -33.60
N LYS C 267 -11.77 -0.98 -34.67
CA LYS C 267 -12.70 0.14 -34.87
C LYS C 267 -14.11 -0.43 -34.98
N TYR C 268 -14.93 -0.20 -33.96
CA TYR C 268 -16.31 -0.66 -33.96
C TYR C 268 -17.21 0.35 -34.65
N ASN C 269 -18.20 -0.16 -35.38
CA ASN C 269 -19.20 0.69 -36.01
C ASN C 269 -20.26 1.07 -34.97
N GLU C 270 -21.39 1.62 -35.42
CA GLU C 270 -22.46 1.99 -34.51
C GLU C 270 -23.39 0.82 -34.18
N ASN C 271 -23.10 -0.38 -34.66
CA ASN C 271 -23.89 -1.56 -34.35
C ASN C 271 -23.04 -2.68 -33.76
N GLY C 272 -21.92 -2.33 -33.14
CA GLY C 272 -21.07 -3.32 -32.51
C GLY C 272 -20.42 -4.31 -33.47
N THR C 273 -19.94 -3.84 -34.61
CA THR C 273 -19.23 -4.67 -35.58
C THR C 273 -17.94 -3.97 -35.97
N ILE C 274 -16.82 -4.70 -35.87
CA ILE C 274 -15.53 -4.12 -36.21
C ILE C 274 -15.43 -3.96 -37.72
N THR C 275 -14.76 -2.89 -38.16
CA THR C 275 -14.66 -2.59 -39.58
C THR C 275 -13.20 -2.41 -40.02
N ASP C 276 -12.35 -1.96 -39.10
CA ASP C 276 -10.94 -1.76 -39.40
C ASP C 276 -10.09 -2.24 -38.23
N ALA C 277 -8.84 -2.57 -38.55
CA ALA C 277 -7.87 -3.01 -37.56
C ALA C 277 -6.48 -2.59 -38.01
N VAL C 278 -5.64 -2.20 -37.06
CA VAL C 278 -4.29 -1.72 -37.34
C VAL C 278 -3.31 -2.56 -36.52
N ASP C 279 -2.30 -3.12 -37.21
CA ASP C 279 -1.25 -3.87 -36.54
C ASP C 279 -0.18 -2.91 -36.05
N CYS C 280 -0.04 -2.79 -34.73
CA CYS C 280 0.82 -1.77 -34.15
C CYS C 280 2.28 -1.98 -34.53
N ALA C 281 2.73 -3.23 -34.58
CA ALA C 281 4.13 -3.56 -34.80
C ALA C 281 4.45 -3.85 -36.26
N LEU C 282 3.74 -3.19 -37.19
CA LEU C 282 3.98 -3.39 -38.61
C LEU C 282 4.97 -2.38 -39.19
N ASP C 283 4.73 -1.09 -38.97
CA ASP C 283 5.56 -0.05 -39.54
C ASP C 283 5.39 1.23 -38.72
N PRO C 284 6.31 2.19 -38.85
CA PRO C 284 6.23 3.39 -38.00
C PRO C 284 4.94 4.17 -38.13
N LEU C 285 4.31 4.17 -39.31
CA LEU C 285 3.02 4.85 -39.44
C LEU C 285 1.96 4.19 -38.55
N SER C 286 1.91 2.86 -38.55
CA SER C 286 1.00 2.17 -37.67
C SER C 286 1.37 2.37 -36.20
N GLU C 287 2.67 2.49 -35.90
CA GLU C 287 3.08 2.79 -34.54
C GLU C 287 2.56 4.15 -34.09
N THR C 288 2.66 5.16 -34.96
CA THR C 288 2.14 6.48 -34.64
C THR C 288 0.63 6.44 -34.47
N LYS C 289 -0.06 5.71 -35.35
CA LYS C 289 -1.51 5.58 -35.23
C LYS C 289 -1.90 4.95 -33.90
N CYS C 290 -1.18 3.89 -33.49
CA CYS C 290 -1.48 3.24 -32.22
C CYS C 290 -1.20 4.17 -31.05
N THR C 291 -0.12 4.93 -31.10
CA THR C 291 0.18 5.86 -30.01
C THR C 291 -0.88 6.95 -29.91
N LEU C 292 -1.33 7.47 -31.04
CA LEU C 292 -2.33 8.54 -31.04
C LEU C 292 -3.74 8.02 -30.84
N LYS C 293 -3.97 6.71 -30.92
CA LYS C 293 -5.30 6.11 -30.80
C LYS C 293 -6.26 6.70 -31.83
N SER C 294 -5.78 6.87 -33.05
CA SER C 294 -6.59 7.42 -34.13
C SER C 294 -6.11 6.84 -35.45
N PHE C 295 -6.97 6.93 -36.46
CA PHE C 295 -6.68 6.37 -37.77
C PHE C 295 -6.09 7.38 -38.75
N THR C 296 -6.25 8.67 -38.48
CA THR C 296 -5.66 9.72 -39.30
C THR C 296 -4.75 10.58 -38.44
N VAL C 297 -3.51 10.77 -38.88
CA VAL C 297 -2.51 11.57 -38.16
C VAL C 297 -2.18 12.80 -39.01
N GLU C 298 -2.15 13.96 -38.36
CA GLU C 298 -1.81 15.20 -39.03
C GLU C 298 -0.29 15.42 -39.00
N LYS C 299 0.16 16.39 -39.79
CA LYS C 299 1.58 16.61 -39.98
C LYS C 299 2.25 17.04 -38.68
N GLY C 300 3.50 16.66 -38.53
CA GLY C 300 4.26 16.98 -37.34
C GLY C 300 5.27 15.87 -37.06
N ILE C 301 5.77 15.88 -35.83
CA ILE C 301 6.75 14.90 -35.36
C ILE C 301 6.26 14.33 -34.03
N TYR C 302 6.36 13.00 -33.89
CA TYR C 302 5.87 12.32 -32.70
C TYR C 302 6.91 11.33 -32.19
N GLN C 303 7.05 11.25 -30.88
CA GLN C 303 7.88 10.23 -30.24
C GLN C 303 7.06 8.97 -30.04
N THR C 304 7.59 7.83 -30.50
CA THR C 304 6.76 6.62 -30.55
C THR C 304 7.38 5.44 -29.81
N SER C 305 8.70 5.38 -29.70
CA SER C 305 9.34 4.21 -29.10
C SER C 305 10.74 4.60 -28.62
N ASN C 306 11.54 3.58 -28.32
CA ASN C 306 12.91 3.77 -27.87
C ASN C 306 13.80 2.73 -28.57
N PHE C 307 15.09 3.03 -28.62
CA PHE C 307 16.06 2.21 -29.34
C PHE C 307 17.14 1.73 -28.37
N ARG C 308 17.60 0.49 -28.57
CA ARG C 308 18.61 -0.10 -27.72
C ARG C 308 19.34 -1.19 -28.50
N VAL C 309 20.64 -1.31 -28.28
CA VAL C 309 21.47 -2.29 -28.95
C VAL C 309 21.59 -3.50 -28.05
N GLN C 310 21.18 -4.66 -28.55
CA GLN C 310 21.20 -5.89 -27.77
C GLN C 310 22.62 -6.47 -27.68
N PRO C 311 22.95 -7.11 -26.56
CA PRO C 311 24.25 -7.78 -26.47
C PRO C 311 24.35 -8.93 -27.45
N THR C 312 25.55 -9.14 -27.98
CA THR C 312 25.77 -10.13 -29.02
C THR C 312 26.27 -11.47 -28.50
N GLU C 313 26.93 -11.49 -27.34
CA GLU C 313 27.50 -12.73 -26.81
C GLU C 313 27.65 -12.56 -25.30
N SER C 314 28.37 -13.49 -24.67
CA SER C 314 28.55 -13.51 -23.23
C SER C 314 30.01 -13.73 -22.90
N ILE C 315 30.42 -13.22 -21.74
CA ILE C 315 31.79 -13.36 -21.24
C ILE C 315 31.72 -13.75 -19.77
N VAL C 316 32.51 -14.76 -19.39
CA VAL C 316 32.66 -15.16 -18.00
C VAL C 316 34.14 -15.20 -17.66
N ARG C 317 34.49 -14.72 -16.47
CA ARG C 317 35.89 -14.68 -16.02
C ARG C 317 35.91 -14.96 -14.52
N PHE C 318 36.18 -16.23 -14.17
CA PHE C 318 36.32 -16.67 -12.80
C PHE C 318 37.79 -16.94 -12.50
N PRO C 319 38.21 -16.85 -11.23
CA PRO C 319 39.62 -17.11 -10.91
C PRO C 319 40.01 -18.54 -11.21
N ASN C 320 41.28 -18.72 -11.59
CA ASN C 320 41.79 -20.02 -12.03
C ASN C 320 42.26 -20.79 -10.81
N ILE C 321 41.36 -21.57 -10.22
CA ILE C 321 41.66 -22.42 -9.08
C ILE C 321 41.10 -23.81 -9.36
N THR C 322 41.87 -24.84 -9.01
CA THR C 322 41.44 -26.22 -9.16
C THR C 322 41.27 -26.95 -7.84
N ASN C 323 41.59 -26.31 -6.72
CA ASN C 323 41.48 -26.96 -5.42
C ASN C 323 40.02 -27.21 -5.06
N LEU C 324 39.70 -28.43 -4.66
CA LEU C 324 38.39 -28.70 -4.10
C LEU C 324 38.31 -28.15 -2.69
N CYS C 325 37.09 -28.09 -2.17
CA CYS C 325 36.87 -27.40 -0.91
C CYS C 325 36.64 -28.40 0.20
N PRO C 326 37.30 -28.25 1.35
CA PRO C 326 37.25 -29.27 2.43
C PRO C 326 35.97 -29.25 3.25
N PHE C 327 34.90 -29.75 2.65
CA PHE C 327 33.64 -29.93 3.36
C PHE C 327 33.52 -31.28 4.04
N GLY C 328 34.25 -32.29 3.56
CA GLY C 328 34.14 -33.62 4.13
C GLY C 328 34.61 -33.67 5.58
N GLU C 329 35.75 -33.02 5.87
CA GLU C 329 36.25 -33.03 7.23
C GLU C 329 35.40 -32.20 8.18
N VAL C 330 34.47 -31.41 7.66
CA VAL C 330 33.56 -30.64 8.50
C VAL C 330 32.25 -31.39 8.73
N PHE C 331 31.68 -31.98 7.67
CA PHE C 331 30.39 -32.66 7.82
C PHE C 331 30.53 -34.08 8.35
N ASN C 332 31.60 -34.78 8.00
CA ASN C 332 31.76 -36.19 8.29
C ASN C 332 32.61 -36.47 9.52
N ALA C 333 32.93 -35.43 10.32
CA ALA C 333 33.80 -35.61 11.46
C ALA C 333 33.16 -36.56 12.48
N THR C 334 34.01 -37.29 13.20
CA THR C 334 33.53 -38.33 14.10
C THR C 334 32.77 -37.75 15.29
N ARG C 335 33.35 -36.76 15.95
CA ARG C 335 32.75 -36.17 17.15
C ARG C 335 32.61 -34.67 16.96
N PHE C 336 31.38 -34.18 17.08
CA PHE C 336 31.14 -32.75 17.11
C PHE C 336 31.41 -32.20 18.50
N ALA C 337 31.33 -30.87 18.62
CA ALA C 337 31.63 -30.18 19.86
C ALA C 337 30.34 -29.84 20.60
N SER C 338 30.50 -29.54 21.89
CA SER C 338 29.37 -29.10 22.70
C SER C 338 28.87 -27.75 22.22
N VAL C 339 27.56 -27.53 22.36
CA VAL C 339 26.95 -26.31 21.86
C VAL C 339 27.53 -25.08 22.55
N TYR C 340 27.80 -25.20 23.85
CA TYR C 340 28.36 -24.06 24.58
C TYR C 340 29.80 -23.75 24.20
N ALA C 341 30.46 -24.63 23.44
CA ALA C 341 31.83 -24.46 23.00
C ALA C 341 31.95 -24.79 21.52
N TRP C 342 31.08 -24.21 20.71
CA TRP C 342 31.02 -24.55 19.30
C TRP C 342 32.33 -24.22 18.61
N ASN C 343 32.67 -25.03 17.60
CA ASN C 343 33.95 -24.92 16.90
C ASN C 343 33.76 -24.27 15.55
N ARG C 344 34.65 -23.35 15.20
CA ARG C 344 34.57 -22.58 13.98
C ARG C 344 35.70 -22.98 13.04
N LYS C 345 35.40 -23.03 11.74
CA LYS C 345 36.39 -23.33 10.73
C LYS C 345 36.32 -22.28 9.62
N ARG C 346 37.49 -21.83 9.18
CA ARG C 346 37.59 -20.85 8.11
C ARG C 346 37.84 -21.54 6.78
N ILE C 347 37.18 -21.06 5.73
CA ILE C 347 37.26 -21.64 4.40
C ILE C 347 37.73 -20.56 3.43
N SER C 348 38.75 -20.88 2.64
CA SER C 348 39.28 -19.92 1.67
C SER C 348 40.05 -20.68 0.61
N ASN C 349 40.27 -20.02 -0.53
CA ASN C 349 41.08 -20.54 -1.63
C ASN C 349 40.62 -21.92 -2.07
N CYS C 350 39.30 -22.09 -2.18
CA CYS C 350 38.71 -23.37 -2.58
C CYS C 350 37.64 -23.12 -3.63
N VAL C 351 37.38 -24.15 -4.43
CA VAL C 351 36.30 -24.14 -5.40
C VAL C 351 35.13 -24.89 -4.76
N ALA C 352 34.16 -24.14 -4.24
CA ALA C 352 33.05 -24.75 -3.53
C ALA C 352 32.07 -25.38 -4.52
N ASP C 353 31.28 -26.32 -4.00
CA ASP C 353 30.26 -26.99 -4.81
C ASP C 353 29.09 -27.31 -3.88
N TYR C 354 28.09 -26.44 -3.86
CA TYR C 354 26.94 -26.62 -2.99
C TYR C 354 25.82 -27.45 -3.62
N SER C 355 25.93 -27.78 -4.91
CA SER C 355 24.91 -28.60 -5.54
C SER C 355 24.85 -30.00 -4.94
N VAL C 356 26.03 -30.58 -4.65
CA VAL C 356 26.06 -31.94 -4.10
C VAL C 356 25.47 -31.96 -2.70
N LEU C 357 25.75 -30.94 -1.88
CA LEU C 357 25.20 -30.87 -0.54
C LEU C 357 23.67 -30.78 -0.58
N TYR C 358 23.14 -29.92 -1.46
CA TYR C 358 21.70 -29.75 -1.54
C TYR C 358 21.00 -31.00 -2.04
N ASN C 359 21.68 -31.80 -2.86
CA ASN C 359 21.10 -32.98 -3.48
C ASN C 359 21.46 -34.27 -2.77
N SER C 360 22.08 -34.19 -1.59
CA SER C 360 22.40 -35.40 -0.83
C SER C 360 21.14 -36.05 -0.27
N ALA C 361 20.09 -35.27 -0.04
CA ALA C 361 18.79 -35.78 0.40
C ALA C 361 18.88 -36.55 1.71
N SER C 362 19.82 -36.17 2.58
CA SER C 362 19.96 -36.79 3.88
C SER C 362 19.72 -35.83 5.03
N PHE C 363 19.46 -34.56 4.75
CA PHE C 363 19.19 -33.57 5.78
C PHE C 363 17.70 -33.29 5.86
N SER C 364 17.19 -33.11 7.08
CA SER C 364 15.79 -32.82 7.30
C SER C 364 15.52 -31.32 7.43
N THR C 365 16.54 -30.48 7.31
CA THR C 365 16.35 -29.03 7.44
C THR C 365 17.47 -28.34 6.69
N PHE C 366 17.15 -27.73 5.55
CA PHE C 366 18.10 -26.99 4.73
C PHE C 366 17.47 -25.63 4.44
N LYS C 367 17.68 -24.68 5.34
CA LYS C 367 17.04 -23.37 5.27
C LYS C 367 18.10 -22.31 4.99
N CYS C 368 17.83 -21.45 4.00
CA CYS C 368 18.77 -20.43 3.57
C CYS C 368 18.10 -19.06 3.67
N TYR C 369 18.80 -18.11 4.30
CA TYR C 369 18.30 -16.76 4.49
C TYR C 369 19.04 -15.80 3.56
N GLY C 370 18.27 -15.03 2.79
CA GLY C 370 18.84 -14.01 1.94
C GLY C 370 19.48 -14.50 0.66
N VAL C 371 19.41 -15.80 0.38
CA VAL C 371 19.99 -16.37 -0.83
C VAL C 371 19.31 -17.70 -1.08
N SER C 372 19.14 -18.04 -2.36
CA SER C 372 18.44 -19.30 -2.56
C SER C 372 19.43 -20.42 -2.88
N PRO C 373 19.18 -21.63 -2.38
CA PRO C 373 20.14 -22.73 -2.61
C PRO C 373 20.39 -23.04 -4.07
N THR C 374 19.37 -22.90 -4.93
CA THR C 374 19.53 -23.26 -6.34
C THR C 374 20.58 -22.37 -7.02
N LYS C 375 20.55 -21.07 -6.72
CA LYS C 375 21.47 -20.12 -7.33
C LYS C 375 22.76 -19.95 -6.54
N LEU C 376 23.15 -20.94 -5.74
CA LEU C 376 24.35 -20.85 -4.94
C LEU C 376 25.61 -21.25 -5.70
N ASN C 377 25.47 -21.81 -6.90
CA ASN C 377 26.61 -22.28 -7.68
C ASN C 377 27.17 -21.22 -8.62
N ASP C 378 26.59 -20.02 -8.63
CA ASP C 378 26.99 -18.97 -9.56
C ASP C 378 27.42 -17.70 -8.84
N LEU C 379 27.88 -17.84 -7.60
CA LEU C 379 28.23 -16.70 -6.76
C LEU C 379 29.66 -16.84 -6.28
N CYS C 380 30.26 -15.70 -5.93
CA CYS C 380 31.59 -15.64 -5.33
C CYS C 380 31.54 -14.97 -3.97
N PHE C 381 32.27 -15.54 -3.03
CA PHE C 381 32.41 -15.00 -1.69
C PHE C 381 33.87 -14.78 -1.37
N THR C 382 34.14 -13.88 -0.42
CA THR C 382 35.52 -13.67 0.00
C THR C 382 35.94 -14.70 1.04
N ASN C 383 35.07 -14.99 2.00
CA ASN C 383 35.34 -16.00 3.01
C ASN C 383 34.04 -16.68 3.39
N VAL C 384 34.15 -17.93 3.86
CA VAL C 384 33.01 -18.71 4.33
C VAL C 384 33.31 -19.18 5.74
N TYR C 385 32.37 -18.95 6.65
CA TYR C 385 32.50 -19.34 8.05
C TYR C 385 31.56 -20.52 8.32
N ALA C 386 32.13 -21.62 8.78
CA ALA C 386 31.38 -22.83 9.08
C ALA C 386 31.62 -23.21 10.54
N ASP C 387 30.54 -23.32 11.31
CA ASP C 387 30.61 -23.75 12.69
C ASP C 387 29.56 -24.81 12.93
N SER C 388 29.86 -25.74 13.84
CA SER C 388 29.02 -26.91 14.05
C SER C 388 28.92 -27.22 15.54
N PHE C 389 27.86 -27.91 15.90
CA PHE C 389 27.60 -28.33 17.28
C PHE C 389 26.44 -29.33 17.23
N VAL C 390 26.07 -29.84 18.41
CA VAL C 390 24.99 -30.82 18.53
C VAL C 390 24.06 -30.37 19.64
N ILE C 391 22.77 -30.28 19.32
CA ILE C 391 21.75 -29.86 20.26
C ILE C 391 20.59 -30.86 20.20
N ARG C 392 19.59 -30.64 21.05
CA ARG C 392 18.45 -31.54 21.14
C ARG C 392 17.57 -31.39 19.90
N GLY C 393 16.63 -32.33 19.74
CA GLY C 393 15.73 -32.32 18.61
C GLY C 393 14.58 -31.34 18.71
N ASP C 394 14.37 -30.72 19.87
CA ASP C 394 13.31 -29.75 20.05
C ASP C 394 13.79 -28.31 19.95
N GLU C 395 15.07 -28.05 20.21
CA GLU C 395 15.65 -26.72 20.13
C GLU C 395 16.13 -26.39 18.73
N VAL C 396 15.88 -27.26 17.75
CA VAL C 396 16.39 -27.06 16.39
C VAL C 396 15.80 -25.80 15.77
N ARG C 397 14.58 -25.42 16.15
CA ARG C 397 13.97 -24.24 15.57
C ARG C 397 14.38 -22.96 16.27
N GLN C 398 15.18 -23.05 17.33
CA GLN C 398 15.75 -21.86 17.96
C GLN C 398 16.96 -21.32 17.21
N ILE C 399 17.53 -22.09 16.28
CA ILE C 399 18.66 -21.64 15.47
C ILE C 399 18.07 -20.96 14.25
N ALA C 400 17.75 -19.68 14.41
CA ALA C 400 17.16 -18.86 13.36
C ALA C 400 17.17 -17.39 13.80
N PRO C 401 17.25 -16.44 12.88
CA PRO C 401 17.30 -15.03 13.29
C PRO C 401 16.00 -14.61 13.94
N GLY C 402 16.12 -13.95 15.09
CA GLY C 402 14.95 -13.49 15.82
C GLY C 402 14.19 -14.62 16.50
N GLN C 403 14.86 -15.33 17.41
CA GLN C 403 14.24 -16.42 18.15
C GLN C 403 14.68 -16.35 19.61
N THR C 404 13.86 -16.92 20.48
CA THR C 404 14.10 -16.86 21.92
C THR C 404 14.04 -18.26 22.52
N GLY C 405 14.78 -18.45 23.59
CA GLY C 405 14.88 -19.74 24.25
C GLY C 405 16.22 -19.85 24.96
N LYS C 406 16.39 -20.96 25.67
CA LYS C 406 17.61 -21.17 26.43
C LYS C 406 18.82 -21.22 25.51
N ILE C 407 18.72 -21.98 24.41
CA ILE C 407 19.85 -22.12 23.49
C ILE C 407 20.19 -20.77 22.86
N ALA C 408 19.18 -20.12 22.29
CA ALA C 408 19.40 -18.86 21.59
C ALA C 408 19.77 -17.72 22.53
N ASP C 409 19.54 -17.90 23.84
CA ASP C 409 19.84 -16.85 24.80
C ASP C 409 21.18 -17.03 25.50
N TYR C 410 21.64 -18.26 25.69
CA TYR C 410 22.84 -18.50 26.48
C TYR C 410 23.96 -19.21 25.74
N ASN C 411 23.70 -19.82 24.58
CA ASN C 411 24.73 -20.60 23.91
C ASN C 411 25.07 -20.07 22.51
N TYR C 412 24.08 -19.89 21.65
CA TYR C 412 24.35 -19.47 20.27
C TYR C 412 23.35 -18.40 19.87
N LYS C 413 23.85 -17.33 19.25
CA LYS C 413 23.01 -16.21 18.85
C LYS C 413 23.27 -15.88 17.39
N LEU C 414 22.19 -15.61 16.65
CA LEU C 414 22.25 -15.27 15.25
C LEU C 414 21.78 -13.83 15.05
N PRO C 415 22.53 -13.01 14.31
CA PRO C 415 22.13 -11.64 14.09
C PRO C 415 20.89 -11.55 13.20
N ASP C 416 20.18 -10.42 13.32
CA ASP C 416 18.92 -10.26 12.60
C ASP C 416 19.12 -10.27 11.09
N ASP C 417 20.17 -9.59 10.61
CA ASP C 417 20.45 -9.50 9.19
C ASP C 417 21.42 -10.59 8.72
N PHE C 418 21.42 -11.75 9.39
CA PHE C 418 22.33 -12.82 9.03
C PHE C 418 22.04 -13.34 7.64
N THR C 419 23.09 -13.64 6.88
CA THR C 419 22.98 -14.25 5.56
C THR C 419 23.76 -15.57 5.57
N GLY C 420 23.15 -16.60 5.03
CA GLY C 420 23.74 -17.92 5.04
C GLY C 420 22.66 -18.98 5.13
N CYS C 421 23.10 -20.23 5.30
CA CYS C 421 22.20 -21.36 5.32
C CYS C 421 22.40 -22.16 6.61
N VAL C 422 21.33 -22.83 7.03
CA VAL C 422 21.32 -23.65 8.24
C VAL C 422 20.98 -25.07 7.85
N ILE C 423 21.86 -26.01 8.20
CA ILE C 423 21.73 -27.41 7.81
C ILE C 423 21.74 -28.27 9.06
N ALA C 424 20.79 -29.19 9.16
CA ALA C 424 20.72 -30.09 10.31
C ALA C 424 20.14 -31.43 9.85
N TRP C 425 20.51 -32.48 10.58
CA TRP C 425 20.04 -33.83 10.26
C TRP C 425 20.14 -34.70 11.50
N ASN C 426 19.19 -35.62 11.63
CA ASN C 426 19.17 -36.51 12.79
C ASN C 426 20.37 -37.43 12.78
N SER C 427 20.96 -37.63 13.96
CA SER C 427 22.17 -38.43 14.10
C SER C 427 22.06 -39.32 15.34
N ASN C 428 20.92 -39.98 15.50
CA ASN C 428 20.70 -40.84 16.66
C ASN C 428 21.64 -42.04 16.68
N ASN C 429 22.15 -42.47 15.53
CA ASN C 429 22.94 -43.68 15.46
C ASN C 429 24.42 -43.47 15.78
N LEU C 430 24.84 -42.24 16.05
CA LEU C 430 26.25 -41.95 16.30
C LEU C 430 26.53 -41.29 17.64
N ASP C 431 25.59 -40.51 18.18
CA ASP C 431 25.84 -39.70 19.36
C ASP C 431 25.16 -40.23 20.62
N SER C 432 24.40 -41.32 20.52
CA SER C 432 23.67 -41.87 21.65
C SER C 432 24.08 -43.32 21.87
N LYS C 433 24.36 -43.67 23.13
CA LYS C 433 24.76 -45.02 23.50
C LYS C 433 23.87 -45.51 24.63
N VAL C 434 23.70 -46.83 24.70
CA VAL C 434 22.90 -47.43 25.76
C VAL C 434 23.53 -47.13 27.11
N GLY C 435 22.69 -46.86 28.10
CA GLY C 435 23.15 -46.40 29.39
C GLY C 435 23.29 -44.89 29.51
N GLY C 436 23.05 -44.15 28.42
CA GLY C 436 23.08 -42.71 28.47
C GLY C 436 24.43 -42.12 28.10
N ASN C 437 24.41 -41.07 27.28
CA ASN C 437 25.60 -40.32 26.92
C ASN C 437 25.58 -38.98 27.64
N TYR C 438 26.66 -38.65 28.34
CA TYR C 438 26.74 -37.44 29.14
C TYR C 438 27.94 -36.57 28.76
N ASN C 439 28.45 -36.72 27.55
CA ASN C 439 29.60 -35.95 27.09
C ASN C 439 29.21 -34.67 26.36
N TYR C 440 27.91 -34.39 26.24
CA TYR C 440 27.42 -33.16 25.62
C TYR C 440 26.79 -32.29 26.68
N LEU C 441 27.24 -31.03 26.76
CA LEU C 441 26.78 -30.09 27.77
C LEU C 441 26.11 -28.90 27.10
N TYR C 442 25.42 -28.10 27.92
CA TYR C 442 24.83 -26.85 27.45
C TYR C 442 24.61 -25.95 28.65
N ARG C 443 24.85 -24.65 28.45
CA ARG C 443 24.65 -23.70 29.53
C ARG C 443 23.18 -23.56 29.87
N LEU C 444 22.88 -23.35 31.14
CA LEU C 444 21.51 -23.16 31.60
C LEU C 444 21.33 -21.97 32.53
N PHE C 445 22.39 -21.45 33.13
CA PHE C 445 22.33 -20.28 34.00
C PHE C 445 23.29 -19.22 33.49
N ARG C 446 22.82 -17.97 33.47
CA ARG C 446 23.64 -16.85 33.05
C ARG C 446 22.98 -15.56 33.54
N LYS C 447 23.74 -14.47 33.46
CA LYS C 447 23.29 -13.17 33.96
C LYS C 447 22.79 -12.25 32.86
N SER C 448 23.13 -12.51 31.60
CA SER C 448 22.67 -11.68 30.50
C SER C 448 22.76 -12.48 29.21
N ASN C 449 22.07 -12.00 28.19
CA ASN C 449 22.04 -12.68 26.91
C ASN C 449 23.36 -12.49 26.17
N LEU C 450 23.46 -13.11 25.00
CA LEU C 450 24.69 -13.10 24.20
C LEU C 450 24.52 -12.20 22.98
N LYS C 451 25.54 -11.39 22.71
CA LYS C 451 25.63 -10.71 21.43
C LYS C 451 25.87 -11.74 20.32
N PRO C 452 25.47 -11.43 19.09
CA PRO C 452 25.58 -12.42 18.01
C PRO C 452 27.01 -12.90 17.82
N PHE C 453 27.14 -14.20 17.56
CA PHE C 453 28.44 -14.83 17.29
C PHE C 453 29.45 -14.58 18.42
N GLU C 454 28.97 -14.67 19.65
CA GLU C 454 29.82 -14.55 20.83
C GLU C 454 29.74 -15.84 21.65
N ARG C 455 30.90 -16.32 22.09
CA ARG C 455 30.99 -17.58 22.80
C ARG C 455 31.71 -17.38 24.12
N ASP C 456 31.20 -18.03 25.17
CA ASP C 456 31.82 -18.01 26.48
C ASP C 456 32.02 -19.43 26.97
N ILE C 457 33.12 -19.66 27.70
CA ILE C 457 33.46 -20.97 28.21
C ILE C 457 33.80 -20.96 29.70
N SER C 458 33.67 -19.82 30.36
CA SER C 458 33.92 -19.77 31.80
C SER C 458 32.86 -20.57 32.55
N THR C 459 33.30 -21.35 33.54
CA THR C 459 32.41 -22.18 34.34
C THR C 459 32.38 -21.74 35.80
N GLU C 460 32.54 -20.43 36.05
CA GLU C 460 32.47 -19.93 37.42
C GLU C 460 31.08 -20.13 37.99
N ILE C 461 31.02 -20.29 39.31
CA ILE C 461 29.76 -20.65 39.95
C ILE C 461 28.72 -19.55 39.74
N TYR C 462 27.46 -19.96 39.60
CA TYR C 462 26.37 -19.02 39.43
C TYR C 462 25.90 -18.48 40.77
N GLN C 463 25.47 -17.23 40.78
CA GLN C 463 25.06 -16.55 42.00
C GLN C 463 23.58 -16.24 41.92
N ALA C 464 22.75 -17.21 42.34
CA ALA C 464 21.33 -16.99 42.49
C ALA C 464 21.03 -16.56 43.93
N GLY C 465 19.75 -16.34 44.22
CA GLY C 465 19.41 -15.89 45.56
C GLY C 465 19.96 -14.50 45.84
N SER C 466 20.29 -14.27 47.09
CA SER C 466 20.85 -12.99 47.51
C SER C 466 22.17 -13.12 48.24
N THR C 467 22.35 -14.17 49.03
CA THR C 467 23.60 -14.34 49.77
C THR C 467 24.73 -14.71 48.81
N PRO C 468 25.86 -14.02 48.86
CA PRO C 468 26.98 -14.37 47.98
C PRO C 468 27.59 -15.71 48.34
N CYS C 469 28.19 -16.35 47.34
CA CYS C 469 28.84 -17.64 47.52
C CYS C 469 30.06 -17.72 46.62
N ASN C 470 30.95 -18.65 46.94
CA ASN C 470 32.20 -18.80 46.19
C ASN C 470 32.67 -20.24 46.29
N GLY C 471 32.88 -20.87 45.13
CA GLY C 471 33.44 -22.21 45.08
C GLY C 471 32.60 -23.28 45.74
N VAL C 472 31.32 -23.00 46.00
CA VAL C 472 30.45 -23.96 46.69
C VAL C 472 29.13 -24.04 45.94
N GLU C 473 28.42 -25.15 46.15
CA GLU C 473 27.15 -25.41 45.49
C GLU C 473 26.03 -25.62 46.51
N GLY C 474 26.13 -24.95 47.66
CA GLY C 474 25.22 -25.20 48.77
C GLY C 474 23.77 -24.85 48.53
N PHE C 475 23.47 -23.56 48.42
CA PHE C 475 22.10 -23.10 48.28
C PHE C 475 22.05 -21.91 47.34
N ASN C 476 21.19 -22.00 46.32
CA ASN C 476 21.04 -20.96 45.31
C ASN C 476 22.37 -20.62 44.65
N CYS C 477 23.22 -21.63 44.49
CA CYS C 477 24.51 -21.50 43.80
C CYS C 477 24.72 -22.80 43.03
N TYR C 478 24.48 -22.78 41.73
CA TYR C 478 24.48 -23.99 40.92
C TYR C 478 25.58 -23.91 39.88
N PHE C 479 26.07 -25.08 39.50
CA PHE C 479 27.00 -25.17 38.38
C PHE C 479 26.29 -24.77 37.10
N PRO C 480 26.85 -23.86 36.30
CA PRO C 480 26.11 -23.38 35.12
C PRO C 480 25.82 -24.46 34.11
N LEU C 481 26.84 -25.20 33.65
CA LEU C 481 26.66 -26.14 32.57
C LEU C 481 25.91 -27.38 33.05
N GLN C 482 24.85 -27.73 32.32
CA GLN C 482 24.12 -28.97 32.55
C GLN C 482 24.72 -30.06 31.66
N SER C 483 24.03 -31.19 31.55
CA SER C 483 24.51 -32.31 30.75
C SER C 483 23.33 -32.97 30.05
N TYR C 484 23.37 -33.00 28.71
CA TYR C 484 22.40 -33.75 27.95
C TYR C 484 22.51 -35.23 28.25
N GLY C 485 21.37 -35.90 28.37
CA GLY C 485 21.36 -37.34 28.49
C GLY C 485 20.72 -37.99 27.28
N PHE C 486 21.54 -38.60 26.43
CA PHE C 486 21.08 -39.19 25.17
C PHE C 486 21.06 -40.69 25.27
N GLN C 487 19.93 -41.29 24.88
CA GLN C 487 19.79 -42.74 24.77
C GLN C 487 19.16 -43.08 23.43
N PRO C 488 19.51 -44.24 22.85
CA PRO C 488 18.91 -44.60 21.56
C PRO C 488 17.42 -44.84 21.62
N THR C 489 16.86 -45.09 22.82
CA THR C 489 15.44 -45.37 22.97
C THR C 489 14.62 -44.12 23.28
N ASN C 490 15.24 -42.94 23.31
CA ASN C 490 14.50 -41.72 23.58
C ASN C 490 13.52 -41.41 22.45
N GLY C 491 12.59 -40.51 22.73
CA GLY C 491 11.64 -40.09 21.72
C GLY C 491 12.30 -39.26 20.64
N VAL C 492 11.55 -39.06 19.55
CA VAL C 492 12.06 -38.29 18.42
C VAL C 492 12.40 -36.87 18.85
N GLY C 493 11.68 -36.33 19.83
CA GLY C 493 11.94 -35.00 20.32
C GLY C 493 13.12 -34.88 21.27
N TYR C 494 13.83 -35.97 21.52
CA TYR C 494 14.98 -35.96 22.42
C TYR C 494 16.26 -36.51 21.79
N GLN C 495 16.18 -37.18 20.64
CA GLN C 495 17.37 -37.72 20.03
C GLN C 495 18.27 -36.58 19.54
N PRO C 496 19.59 -36.75 19.61
CA PRO C 496 20.49 -35.64 19.24
C PRO C 496 20.45 -35.34 17.76
N TYR C 497 20.75 -34.09 17.42
CA TYR C 497 20.83 -33.64 16.04
C TYR C 497 22.15 -32.93 15.82
N ARG C 498 22.67 -33.06 14.60
CA ARG C 498 23.91 -32.41 14.20
C ARG C 498 23.58 -31.20 13.34
N VAL C 499 24.08 -30.04 13.75
CA VAL C 499 23.74 -28.77 13.12
C VAL C 499 25.02 -28.15 12.57
N VAL C 500 24.97 -27.70 11.32
CA VAL C 500 26.07 -26.98 10.69
C VAL C 500 25.51 -25.68 10.11
N VAL C 501 26.16 -24.56 10.44
CA VAL C 501 25.71 -23.24 10.03
C VAL C 501 26.79 -22.60 9.17
N LEU C 502 26.41 -22.09 8.01
CA LEU C 502 27.30 -21.34 7.14
C LEU C 502 27.02 -19.85 7.26
N SER C 503 27.88 -19.05 6.64
CA SER C 503 27.71 -17.61 6.63
C SER C 503 28.54 -17.01 5.50
N PHE C 504 28.06 -15.89 4.96
CA PHE C 504 28.71 -15.23 3.84
C PHE C 504 28.77 -13.74 4.12
N GLU C 505 29.59 -13.03 3.35
CA GLU C 505 29.61 -11.58 3.51
C GLU C 505 29.37 -10.83 2.20
N LEU C 506 29.98 -11.25 1.09
CA LEU C 506 29.71 -10.71 -0.24
C LEU C 506 29.98 -9.20 -0.33
N LEU C 507 31.21 -8.81 -0.01
CA LEU C 507 31.61 -7.41 -0.16
C LEU C 507 33.14 -7.32 -0.02
N HIS C 508 33.63 -6.08 0.05
CA HIS C 508 35.04 -5.69 0.28
C HIS C 508 35.95 -6.42 -0.71
N ALA C 509 37.03 -7.05 -0.27
CA ALA C 509 38.14 -7.56 -1.07
C ALA C 509 37.69 -8.45 -2.22
N PRO C 510 38.51 -8.62 -3.26
CA PRO C 510 38.17 -9.56 -4.32
C PRO C 510 37.95 -10.96 -3.77
N ALA C 511 36.94 -11.65 -4.32
CA ALA C 511 36.49 -12.91 -3.74
C ALA C 511 37.53 -14.00 -3.94
N THR C 512 37.46 -15.01 -3.08
CA THR C 512 38.30 -16.19 -3.16
C THR C 512 37.49 -17.45 -3.41
N VAL C 513 36.46 -17.70 -2.61
CA VAL C 513 35.59 -18.87 -2.80
C VAL C 513 34.59 -18.56 -3.90
N CYS C 514 34.66 -19.32 -4.99
CA CYS C 514 33.75 -19.16 -6.11
C CYS C 514 33.20 -20.52 -6.52
N GLY C 515 32.04 -20.48 -7.18
CA GLY C 515 31.42 -21.69 -7.65
C GLY C 515 32.21 -22.32 -8.79
N PRO C 516 31.73 -23.46 -9.28
CA PRO C 516 32.46 -24.19 -10.32
C PRO C 516 32.22 -23.65 -11.72
N LYS C 517 31.68 -22.44 -11.82
CA LYS C 517 31.39 -21.86 -13.12
C LYS C 517 32.65 -21.73 -13.96
N LYS C 518 32.52 -22.05 -15.25
CA LYS C 518 33.66 -22.14 -16.15
C LYS C 518 34.12 -20.74 -16.58
N SER C 519 35.11 -20.71 -17.47
CA SER C 519 35.73 -19.48 -17.92
C SER C 519 35.71 -19.41 -19.44
N THR C 520 35.83 -18.18 -19.96
CA THR C 520 35.83 -17.96 -21.39
C THR C 520 36.67 -16.71 -21.69
N ASN C 521 37.30 -16.70 -22.85
CA ASN C 521 38.10 -15.56 -23.27
C ASN C 521 37.22 -14.34 -23.51
N LEU C 522 37.80 -13.17 -23.31
CA LEU C 522 37.08 -11.91 -23.42
C LEU C 522 37.27 -11.28 -24.80
N VAL C 523 36.33 -10.42 -25.17
CA VAL C 523 36.36 -9.70 -26.43
C VAL C 523 36.14 -8.22 -26.13
N LYS C 524 36.63 -7.36 -27.02
CA LYS C 524 36.57 -5.92 -26.82
C LYS C 524 35.87 -5.25 -28.00
N ASN C 525 35.43 -4.01 -27.77
CA ASN C 525 34.78 -3.18 -28.78
C ASN C 525 33.50 -3.82 -29.31
N LYS C 526 32.67 -4.30 -28.40
CA LYS C 526 31.37 -4.86 -28.76
C LYS C 526 30.47 -4.84 -27.53
N CYS C 527 29.16 -4.80 -27.79
CA CYS C 527 28.15 -4.84 -26.73
C CYS C 527 28.04 -6.28 -26.26
N VAL C 528 28.66 -6.58 -25.12
CA VAL C 528 28.74 -7.94 -24.60
C VAL C 528 28.19 -7.98 -23.18
N ASN C 529 27.83 -9.19 -22.75
CA ASN C 529 27.24 -9.41 -21.43
C ASN C 529 28.31 -9.99 -20.51
N PHE C 530 29.11 -9.11 -19.93
CA PHE C 530 30.19 -9.53 -19.05
C PHE C 530 29.66 -9.95 -17.69
N ASN C 531 30.33 -10.92 -17.09
CA ASN C 531 29.97 -11.41 -15.76
C ASN C 531 31.07 -11.20 -14.74
N PHE C 532 32.31 -11.60 -15.06
CA PHE C 532 33.45 -11.46 -14.16
C PHE C 532 33.16 -12.07 -12.80
N ASN C 533 33.20 -11.24 -11.75
CA ASN C 533 32.93 -11.67 -10.38
C ASN C 533 31.82 -10.79 -9.82
N GLY C 534 30.57 -11.21 -10.01
CA GLY C 534 29.45 -10.48 -9.47
C GLY C 534 29.11 -9.19 -10.19
N LEU C 535 29.53 -9.03 -11.44
CA LEU C 535 29.23 -7.86 -12.25
C LEU C 535 28.52 -8.33 -13.51
N THR C 536 27.20 -8.48 -13.42
CA THR C 536 26.41 -9.12 -14.47
C THR C 536 25.89 -8.13 -15.50
N GLY C 537 26.30 -6.87 -15.44
CA GLY C 537 25.82 -5.87 -16.36
C GLY C 537 26.40 -6.05 -17.77
N THR C 538 25.98 -5.16 -18.66
CA THR C 538 26.41 -5.16 -20.04
C THR C 538 27.14 -3.86 -20.37
N GLY C 539 27.99 -3.92 -21.38
CA GLY C 539 28.75 -2.75 -21.79
C GLY C 539 29.66 -3.07 -22.95
N VAL C 540 30.42 -2.06 -23.35
CA VAL C 540 31.38 -2.17 -24.44
C VAL C 540 32.77 -2.11 -23.83
N LEU C 541 33.43 -3.26 -23.73
CA LEU C 541 34.72 -3.33 -23.08
C LEU C 541 35.82 -2.78 -23.99
N THR C 542 36.65 -1.91 -23.45
CA THR C 542 37.77 -1.33 -24.19
C THR C 542 38.99 -1.29 -23.29
N GLU C 543 40.16 -1.14 -23.91
CA GLU C 543 41.39 -1.01 -23.16
C GLU C 543 41.37 0.27 -22.32
N SER C 544 41.76 0.14 -21.05
CA SER C 544 41.74 1.26 -20.14
C SER C 544 42.96 2.17 -20.33
N ASN C 545 42.92 3.33 -19.69
CA ASN C 545 44.03 4.26 -19.70
C ASN C 545 44.45 4.76 -18.32
N LYS C 546 43.56 4.72 -17.32
CA LYS C 546 43.91 5.22 -16.00
C LYS C 546 44.93 4.30 -15.32
N LYS C 547 45.83 4.90 -14.55
CA LYS C 547 46.90 4.17 -13.88
C LYS C 547 46.42 3.73 -12.50
N PHE C 548 45.89 2.51 -12.42
CA PHE C 548 45.42 1.98 -11.15
C PHE C 548 46.58 1.53 -10.27
N LEU C 549 46.38 1.62 -8.97
CA LEU C 549 47.35 1.16 -7.99
C LEU C 549 47.33 -0.36 -7.89
N PRO C 550 48.42 -0.97 -7.42
CA PRO C 550 48.45 -2.44 -7.32
C PRO C 550 47.34 -3.02 -6.46
N PHE C 551 46.87 -2.30 -5.44
CA PHE C 551 45.78 -2.76 -4.61
C PHE C 551 44.44 -2.18 -5.05
N GLN C 552 44.40 -1.40 -6.13
CA GLN C 552 43.21 -0.68 -6.55
C GLN C 552 42.78 -1.23 -7.90
N GLN C 553 41.60 -1.88 -7.93
CA GLN C 553 41.11 -2.50 -9.15
C GLN C 553 39.83 -1.86 -9.67
N PHE C 554 38.77 -1.79 -8.86
CA PHE C 554 37.51 -1.22 -9.33
C PHE C 554 37.60 0.30 -9.37
N GLY C 555 37.02 0.88 -10.42
CA GLY C 555 36.96 2.32 -10.57
C GLY C 555 35.53 2.82 -10.60
N ARG C 556 35.34 4.05 -10.14
CA ARG C 556 34.02 4.67 -10.11
C ARG C 556 34.15 6.15 -10.47
N ASP C 557 33.08 6.68 -11.05
CA ASP C 557 33.02 8.07 -11.46
C ASP C 557 32.43 8.91 -10.33
N ILE C 558 32.05 10.15 -10.65
CA ILE C 558 31.52 11.07 -9.65
C ILE C 558 30.24 10.51 -9.03
N ALA C 559 29.35 9.96 -9.87
CA ALA C 559 28.08 9.42 -9.41
C ALA C 559 28.19 8.02 -8.83
N ASP C 560 29.42 7.53 -8.61
CA ASP C 560 29.67 6.19 -8.07
C ASP C 560 29.04 5.12 -8.95
N THR C 561 29.50 5.06 -10.20
CA THR C 561 29.07 4.06 -11.16
C THR C 561 30.25 3.19 -11.55
N THR C 562 30.00 1.89 -11.71
CA THR C 562 31.05 0.94 -12.08
C THR C 562 31.69 1.34 -13.41
N ASP C 563 32.94 1.77 -13.38
CA ASP C 563 33.64 2.29 -14.54
C ASP C 563 34.64 1.31 -15.12
N ALA C 564 35.49 0.71 -14.29
CA ALA C 564 36.53 -0.19 -14.76
C ALA C 564 36.58 -1.42 -13.87
N VAL C 565 37.05 -2.52 -14.45
CA VAL C 565 37.18 -3.80 -13.75
C VAL C 565 38.55 -4.38 -14.06
N ARG C 566 39.03 -5.23 -13.16
CA ARG C 566 40.30 -5.91 -13.32
C ARG C 566 40.05 -7.37 -13.66
N ASP C 567 40.66 -7.84 -14.75
CA ASP C 567 40.45 -9.21 -15.20
C ASP C 567 41.11 -10.19 -14.23
N PRO C 568 40.37 -11.14 -13.65
CA PRO C 568 40.96 -12.03 -12.65
C PRO C 568 42.11 -12.88 -13.15
N GLN C 569 42.06 -13.34 -14.41
CA GLN C 569 43.05 -14.28 -14.92
C GLN C 569 44.28 -13.57 -15.48
N THR C 570 44.08 -12.73 -16.50
CA THR C 570 45.15 -11.95 -17.09
C THR C 570 45.06 -10.53 -16.56
N LEU C 571 46.09 -10.10 -15.83
CA LEU C 571 46.07 -8.79 -15.18
C LEU C 571 46.09 -7.70 -16.23
N GLU C 572 44.93 -7.10 -16.48
CA GLU C 572 44.79 -6.02 -17.45
C GLU C 572 43.46 -5.33 -17.19
N ILE C 573 43.48 -4.02 -17.14
CA ILE C 573 42.30 -3.25 -16.77
C ILE C 573 41.48 -2.93 -18.01
N LEU C 574 40.16 -3.01 -17.88
CA LEU C 574 39.24 -2.80 -18.99
C LEU C 574 38.23 -1.73 -18.61
N ASP C 575 37.93 -0.84 -19.56
CA ASP C 575 36.89 0.15 -19.37
C ASP C 575 35.51 -0.45 -19.66
N ILE C 576 34.47 0.26 -19.22
CA ILE C 576 33.09 -0.12 -19.48
C ILE C 576 32.33 1.12 -19.93
N THR C 577 31.62 1.00 -21.05
CA THR C 577 30.80 2.08 -21.59
C THR C 577 29.43 1.53 -21.90
N PRO C 578 28.34 2.18 -21.47
CA PRO C 578 27.01 1.66 -21.77
C PRO C 578 26.74 1.65 -23.26
N CYS C 579 26.01 0.63 -23.71
CA CYS C 579 25.69 0.49 -25.12
C CYS C 579 24.70 1.56 -25.55
N SER C 580 24.79 1.96 -26.82
CA SER C 580 24.07 3.14 -27.29
C SER C 580 22.56 2.95 -27.21
N PHE C 581 21.86 4.03 -26.87
CA PHE C 581 20.41 4.01 -26.79
C PHE C 581 19.90 5.42 -27.07
N GLY C 582 18.64 5.51 -27.46
CA GLY C 582 18.03 6.79 -27.75
C GLY C 582 16.59 6.61 -28.19
N GLY C 583 15.88 7.73 -28.23
CA GLY C 583 14.49 7.71 -28.65
C GLY C 583 14.33 7.68 -30.16
N VAL C 584 13.10 7.42 -30.58
CA VAL C 584 12.77 7.31 -32.00
C VAL C 584 11.58 8.25 -32.28
N SER C 585 11.71 9.06 -33.33
CA SER C 585 10.65 9.97 -33.74
C SER C 585 10.30 9.72 -35.20
N VAL C 586 9.03 9.94 -35.53
CA VAL C 586 8.51 9.70 -36.87
C VAL C 586 8.03 11.02 -37.45
N ILE C 587 8.47 11.32 -38.66
CA ILE C 587 8.10 12.54 -39.36
C ILE C 587 7.17 12.16 -40.51
N THR C 588 5.98 12.76 -40.52
CA THR C 588 4.97 12.44 -41.53
C THR C 588 4.36 13.72 -42.06
N PRO C 589 3.97 13.75 -43.34
CA PRO C 589 3.30 14.93 -43.89
C PRO C 589 1.80 14.98 -43.62
N GLY C 590 1.25 13.99 -42.96
CA GLY C 590 -0.18 13.94 -42.71
C GLY C 590 -0.83 12.87 -43.59
N THR C 591 -1.75 12.11 -42.99
CA THR C 591 -2.41 11.02 -43.71
C THR C 591 -3.24 11.54 -44.88
N ASN C 592 -3.81 12.74 -44.73
CA ASN C 592 -4.64 13.30 -45.80
C ASN C 592 -3.85 13.51 -47.09
N THR C 593 -2.54 13.70 -46.98
CA THR C 593 -1.71 13.92 -48.17
C THR C 593 -1.09 12.62 -48.67
N SER C 594 -0.31 11.95 -47.84
CA SER C 594 0.37 10.72 -48.24
C SER C 594 0.63 9.88 -47.00
N ASN C 595 1.11 8.65 -47.22
CA ASN C 595 1.41 7.72 -46.15
C ASN C 595 2.89 7.42 -46.01
N GLN C 596 3.75 8.26 -46.60
CA GLN C 596 5.19 8.10 -46.41
C GLN C 596 5.61 8.70 -45.07
N VAL C 597 6.75 8.22 -44.56
CA VAL C 597 7.27 8.66 -43.27
C VAL C 597 8.79 8.75 -43.34
N ALA C 598 9.35 9.44 -42.34
CA ALA C 598 10.79 9.49 -42.13
C ALA C 598 11.07 9.30 -40.65
N VAL C 599 12.11 8.52 -40.34
CA VAL C 599 12.41 8.13 -38.97
C VAL C 599 13.68 8.84 -38.53
N LEU C 600 13.65 9.37 -37.31
CA LEU C 600 14.78 10.07 -36.72
C LEU C 600 15.22 9.34 -35.45
N TYR C 601 16.50 9.01 -35.37
CA TYR C 601 17.06 8.39 -34.18
C TYR C 601 17.83 9.44 -33.38
N GLN C 602 17.51 9.55 -32.10
CA GLN C 602 18.06 10.60 -31.25
C GLN C 602 19.34 10.11 -30.58
N ASP C 603 20.41 10.91 -30.69
CA ASP C 603 21.68 10.67 -29.99
C ASP C 603 22.29 9.33 -30.36
N VAL C 604 21.98 8.81 -31.56
CA VAL C 604 22.52 7.55 -32.03
C VAL C 604 23.30 7.83 -33.31
N ASN C 605 24.53 7.31 -33.37
CA ASN C 605 25.32 7.46 -34.58
C ASN C 605 24.69 6.66 -35.72
N CYS C 606 24.86 7.18 -36.94
CA CYS C 606 24.18 6.62 -38.11
C CYS C 606 24.94 5.43 -38.72
N THR C 607 25.81 4.79 -37.93
CA THR C 607 26.47 3.56 -38.35
C THR C 607 26.03 2.33 -37.57
N GLU C 608 25.40 2.51 -36.42
CA GLU C 608 24.95 1.40 -35.59
C GLU C 608 23.47 1.08 -35.78
N VAL C 609 22.79 1.75 -36.71
CA VAL C 609 21.38 1.51 -36.93
C VAL C 609 21.17 0.64 -38.17
N ASN C 630 20.60 7.48 -48.90
CA ASN C 630 19.74 8.60 -48.56
C ASN C 630 19.70 8.83 -47.04
N VAL C 631 20.57 8.11 -46.33
CA VAL C 631 20.68 8.29 -44.89
C VAL C 631 21.44 9.58 -44.59
N PHE C 632 20.88 10.40 -43.70
CA PHE C 632 21.42 11.71 -43.38
C PHE C 632 21.84 11.73 -41.91
N GLN C 633 23.05 12.18 -41.64
CA GLN C 633 23.55 12.34 -40.28
C GLN C 633 23.56 13.83 -39.95
N THR C 634 22.79 14.21 -38.93
CA THR C 634 22.66 15.60 -38.50
C THR C 634 23.20 15.75 -37.08
N ARG C 635 23.12 16.97 -36.56
CA ARG C 635 23.56 17.23 -35.20
C ARG C 635 22.61 16.67 -34.15
N ALA C 636 21.42 16.23 -34.55
CA ALA C 636 20.48 15.62 -33.63
C ALA C 636 20.43 14.11 -33.72
N GLY C 637 20.91 13.53 -34.82
CA GLY C 637 20.92 12.08 -34.96
C GLY C 637 20.96 11.68 -36.42
N CYS C 638 20.65 10.42 -36.67
CA CYS C 638 20.63 9.85 -38.00
C CYS C 638 19.22 9.89 -38.57
N LEU C 639 19.09 10.45 -39.78
CA LEU C 639 17.81 10.62 -40.44
C LEU C 639 17.70 9.64 -41.60
N ILE C 640 16.59 8.90 -41.65
CA ILE C 640 16.38 7.85 -42.63
C ILE C 640 15.13 8.18 -43.43
N GLY C 641 15.23 8.09 -44.75
CA GLY C 641 14.11 8.31 -45.63
C GLY C 641 13.92 9.73 -46.11
N ALA C 642 14.75 10.68 -45.68
CA ALA C 642 14.65 12.07 -46.07
C ALA C 642 15.85 12.45 -46.93
N GLU C 643 15.59 12.96 -48.13
CA GLU C 643 16.66 13.37 -49.03
C GLU C 643 17.18 14.75 -48.65
N HIS C 644 18.48 14.94 -48.83
CA HIS C 644 19.15 16.18 -48.45
C HIS C 644 19.29 17.11 -49.65
N VAL C 645 18.99 18.38 -49.42
CA VAL C 645 19.12 19.44 -50.43
C VAL C 645 19.97 20.56 -49.85
N ASN C 646 20.13 21.63 -50.63
CA ASN C 646 20.94 22.76 -50.20
C ASN C 646 20.25 24.09 -50.47
N ASN C 647 18.92 24.09 -50.46
CA ASN C 647 18.15 25.32 -50.58
C ASN C 647 17.89 25.91 -49.19
N SER C 648 17.02 26.90 -49.11
CA SER C 648 16.68 27.52 -47.84
C SER C 648 15.24 28.01 -47.91
N TYR C 649 14.35 27.31 -47.22
CA TYR C 649 12.93 27.65 -47.17
C TYR C 649 12.55 28.02 -45.74
N GLU C 650 11.26 28.25 -45.53
CA GLU C 650 10.74 28.45 -44.18
C GLU C 650 10.54 27.10 -43.50
N CYS C 651 10.57 27.12 -42.17
CA CYS C 651 10.46 25.89 -41.42
C CYS C 651 9.03 25.37 -41.43
N ASP C 652 8.88 24.07 -41.68
CA ASP C 652 7.58 23.41 -41.67
C ASP C 652 7.46 22.41 -40.52
N ILE C 653 8.38 21.46 -40.44
CA ILE C 653 8.41 20.51 -39.33
C ILE C 653 9.77 20.60 -38.65
N PRO C 654 9.85 21.13 -37.43
CA PRO C 654 11.13 21.27 -36.76
C PRO C 654 11.76 19.92 -36.44
N ILE C 655 13.09 19.88 -36.49
CA ILE C 655 13.87 18.69 -36.17
C ILE C 655 14.90 18.98 -35.09
N GLY C 656 15.73 20.00 -35.30
CA GLY C 656 16.72 20.40 -34.33
C GLY C 656 17.98 20.91 -35.00
N ALA C 657 18.72 21.76 -34.28
CA ALA C 657 19.97 22.35 -34.78
C ALA C 657 19.75 23.10 -36.09
N GLY C 658 18.64 23.80 -36.19
CA GLY C 658 18.33 24.57 -37.38
C GLY C 658 18.10 23.74 -38.62
N ILE C 659 17.43 22.60 -38.48
CA ILE C 659 17.10 21.74 -39.60
C ILE C 659 15.59 21.47 -39.58
N CYS C 660 14.94 21.65 -40.73
CA CYS C 660 13.51 21.43 -40.86
C CYS C 660 13.26 20.49 -42.03
N ALA C 661 12.07 19.89 -42.03
CA ALA C 661 11.67 18.96 -43.07
C ALA C 661 10.28 19.30 -43.57
N SER C 662 10.03 19.02 -44.85
CA SER C 662 8.74 19.29 -45.46
C SER C 662 8.53 18.36 -46.64
N TYR C 663 7.27 18.20 -47.03
CA TYR C 663 6.88 17.34 -48.13
C TYR C 663 6.72 18.18 -49.38
N GLN C 664 7.47 17.86 -50.43
CA GLN C 664 7.46 18.63 -51.65
C GLN C 664 7.87 17.74 -52.82
N THR C 665 7.44 18.13 -54.01
CA THR C 665 7.77 17.38 -55.22
C THR C 665 9.26 17.39 -55.49
N GLN C 679 7.69 12.96 -55.89
CA GLN C 679 7.28 13.17 -54.49
C GLN C 679 8.24 12.48 -53.54
N SER C 680 8.65 13.20 -52.50
CA SER C 680 9.59 12.69 -51.50
C SER C 680 9.56 13.64 -50.31
N ILE C 681 10.45 13.40 -49.35
CA ILE C 681 10.59 14.23 -48.16
C ILE C 681 12.00 14.78 -48.12
N ILE C 682 12.11 16.10 -47.97
CA ILE C 682 13.40 16.78 -48.05
C ILE C 682 13.74 17.39 -46.69
N ALA C 683 15.03 17.42 -46.38
CA ALA C 683 15.54 18.06 -45.18
C ALA C 683 16.54 19.12 -45.58
N TYR C 684 16.35 20.33 -45.09
CA TYR C 684 17.15 21.48 -45.49
C TYR C 684 17.53 22.29 -44.25
N THR C 685 18.10 23.46 -44.48
CA THR C 685 18.42 24.41 -43.42
C THR C 685 17.45 25.58 -43.52
N MET C 686 16.80 25.90 -42.41
CA MET C 686 15.75 26.92 -42.41
C MET C 686 16.32 28.29 -42.76
N SER C 687 15.46 29.12 -43.35
CA SER C 687 15.83 30.46 -43.78
C SER C 687 15.16 31.47 -42.85
N LEU C 688 15.97 32.40 -42.32
CA LEU C 688 15.46 33.33 -41.31
C LEU C 688 14.48 34.33 -41.90
N GLY C 689 14.69 34.74 -43.15
CA GLY C 689 13.77 35.66 -43.78
C GLY C 689 14.34 36.19 -45.08
N ALA C 690 13.53 37.03 -45.73
CA ALA C 690 13.93 37.63 -47.00
C ALA C 690 15.00 38.69 -46.79
N GLU C 691 15.97 38.72 -47.69
CA GLU C 691 17.04 39.69 -47.62
C GLU C 691 16.54 41.08 -48.02
N ASN C 692 17.09 42.10 -47.38
CA ASN C 692 16.68 43.47 -47.66
C ASN C 692 17.76 44.43 -47.15
N SER C 693 18.01 45.48 -47.92
CA SER C 693 18.92 46.55 -47.51
C SER C 693 18.28 47.89 -47.82
N VAL C 694 18.36 48.81 -46.86
CA VAL C 694 17.76 50.13 -46.98
C VAL C 694 18.84 51.14 -47.34
N ALA C 695 18.54 51.99 -48.33
CA ALA C 695 19.50 52.97 -48.82
C ALA C 695 19.60 54.11 -47.82
N TYR C 696 20.73 54.21 -47.15
CA TYR C 696 20.97 55.23 -46.13
C TYR C 696 22.03 56.21 -46.60
N SER C 697 21.76 57.50 -46.37
CA SER C 697 22.73 58.55 -46.64
C SER C 697 22.38 59.76 -45.78
N ASN C 698 23.33 60.67 -45.65
CA ASN C 698 23.15 61.83 -44.79
C ASN C 698 22.33 62.93 -45.44
N ASN C 699 21.63 62.63 -46.54
CA ASN C 699 20.81 63.62 -47.23
C ASN C 699 19.42 63.13 -47.58
N SER C 700 19.15 61.82 -47.52
CA SER C 700 17.92 61.26 -48.04
C SER C 700 16.92 61.01 -46.92
N ILE C 701 15.64 61.27 -47.21
CA ILE C 701 14.54 61.00 -46.30
C ILE C 701 13.37 60.46 -47.12
N ALA C 702 12.61 59.56 -46.51
CA ALA C 702 11.46 58.93 -47.16
C ALA C 702 10.19 59.28 -46.41
N ILE C 703 9.16 59.68 -47.15
CA ILE C 703 7.89 60.11 -46.56
C ILE C 703 6.74 59.38 -47.25
N PRO C 704 5.85 58.74 -46.51
CA PRO C 704 4.69 58.08 -47.12
C PRO C 704 3.70 59.08 -47.71
N THR C 705 3.01 58.63 -48.75
CA THR C 705 2.00 59.44 -49.44
C THR C 705 0.62 58.81 -49.43
N ASN C 706 0.46 57.66 -48.79
CA ASN C 706 -0.80 56.92 -48.76
C ASN C 706 -0.80 55.96 -47.58
N PHE C 707 -2.00 55.55 -47.17
CA PHE C 707 -2.19 54.75 -45.98
C PHE C 707 -3.19 53.64 -46.28
N THR C 708 -3.14 52.60 -45.46
CA THR C 708 -4.13 51.54 -45.48
C THR C 708 -4.61 51.28 -44.07
N ILE C 709 -5.87 50.86 -43.95
CA ILE C 709 -6.48 50.53 -42.67
C ILE C 709 -6.56 49.02 -42.59
N SER C 710 -6.07 48.46 -41.48
CA SER C 710 -5.99 47.02 -41.31
C SER C 710 -6.65 46.62 -40.00
N VAL C 711 -7.16 45.39 -39.97
CA VAL C 711 -7.81 44.83 -38.79
C VAL C 711 -7.21 43.45 -38.54
N THR C 712 -6.80 43.20 -37.30
CA THR C 712 -6.22 41.92 -36.93
C THR C 712 -7.10 41.27 -35.86
N THR C 713 -6.62 40.15 -35.32
CA THR C 713 -7.40 39.36 -34.38
C THR C 713 -6.48 38.85 -33.28
N GLU C 714 -7.02 38.73 -32.07
CA GLU C 714 -6.29 38.21 -30.94
C GLU C 714 -7.22 37.35 -30.09
N ILE C 715 -6.74 36.19 -29.67
CA ILE C 715 -7.52 35.24 -28.88
C ILE C 715 -6.78 34.99 -27.57
N LEU C 716 -7.51 35.07 -26.46
CA LEU C 716 -6.94 34.86 -25.14
C LEU C 716 -7.88 34.00 -24.29
N PRO C 717 -7.38 32.91 -23.71
CA PRO C 717 -8.18 32.16 -22.75
C PRO C 717 -8.39 32.95 -21.47
N VAL C 718 -9.53 32.73 -20.83
CA VAL C 718 -9.93 33.46 -19.63
C VAL C 718 -10.21 32.53 -18.47
N SER C 719 -11.02 31.50 -18.67
CA SER C 719 -11.50 30.67 -17.58
C SER C 719 -11.39 29.19 -17.94
N MET C 720 -11.32 28.37 -16.91
CA MET C 720 -11.30 26.92 -17.01
C MET C 720 -12.69 26.35 -16.72
N THR C 721 -12.77 25.03 -16.62
CA THR C 721 -14.01 24.35 -16.25
C THR C 721 -13.98 24.03 -14.76
N LYS C 722 -15.05 24.42 -14.05
CA LYS C 722 -15.15 24.16 -12.62
C LYS C 722 -15.49 22.70 -12.38
N THR C 723 -14.68 22.02 -11.59
CA THR C 723 -14.86 20.61 -11.32
C THR C 723 -14.68 20.35 -9.82
N SER C 724 -15.24 19.24 -9.36
CA SER C 724 -15.12 18.81 -7.97
C SER C 724 -15.10 17.30 -7.93
N VAL C 725 -14.33 16.76 -7.00
CA VAL C 725 -14.13 15.32 -6.86
C VAL C 725 -14.37 14.92 -5.41
N ASP C 726 -15.21 13.92 -5.20
CA ASP C 726 -15.46 13.40 -3.86
C ASP C 726 -14.38 12.38 -3.53
N CYS C 727 -13.50 12.76 -2.59
CA CYS C 727 -12.34 11.93 -2.29
C CYS C 727 -12.75 10.55 -1.78
N THR C 728 -13.66 10.51 -0.81
CA THR C 728 -14.07 9.25 -0.22
C THR C 728 -14.78 8.36 -1.23
N MET C 729 -15.70 8.95 -2.00
CA MET C 729 -16.45 8.17 -2.98
C MET C 729 -15.53 7.64 -4.07
N TYR C 730 -14.53 8.41 -4.47
CA TYR C 730 -13.58 7.95 -5.48
C TYR C 730 -12.71 6.83 -4.95
N ILE C 731 -12.13 7.00 -3.75
CA ILE C 731 -11.19 6.02 -3.24
C ILE C 731 -11.91 4.71 -2.90
N CYS C 732 -13.02 4.81 -2.19
CA CYS C 732 -13.80 3.63 -1.79
C CYS C 732 -15.27 3.89 -2.09
N GLY C 733 -15.81 3.17 -3.07
CA GLY C 733 -17.20 3.34 -3.43
C GLY C 733 -18.14 2.42 -2.67
N ASP C 734 -18.77 2.94 -1.62
CA ASP C 734 -19.72 2.20 -0.79
C ASP C 734 -19.08 0.94 -0.21
N SER C 735 -18.06 1.15 0.62
CA SER C 735 -17.36 0.07 1.30
C SER C 735 -17.04 0.51 2.72
N THR C 736 -17.72 -0.07 3.70
CA THR C 736 -17.54 0.33 5.09
C THR C 736 -16.11 0.04 5.56
N GLU C 737 -15.58 -1.14 5.22
CA GLU C 737 -14.22 -1.48 5.61
C GLU C 737 -13.21 -0.53 5.00
N CYS C 738 -13.39 -0.22 3.70
CA CYS C 738 -12.48 0.71 3.03
C CYS C 738 -12.54 2.09 3.66
N SER C 739 -13.75 2.56 4.00
CA SER C 739 -13.89 3.86 4.63
C SER C 739 -13.21 3.87 6.00
N ASN C 740 -13.40 2.82 6.79
CA ASN C 740 -12.77 2.74 8.10
C ASN C 740 -11.25 2.74 7.98
N LEU C 741 -10.72 1.99 7.02
CA LEU C 741 -9.27 1.96 6.82
C LEU C 741 -8.75 3.32 6.36
N LEU C 742 -9.47 3.99 5.47
CA LEU C 742 -9.06 5.31 5.00
C LEU C 742 -9.14 6.35 6.11
N LEU C 743 -10.00 6.11 7.11
CA LEU C 743 -10.14 7.07 8.21
C LEU C 743 -8.84 7.24 9.00
N GLN C 744 -7.89 6.30 8.87
CA GLN C 744 -6.64 6.36 9.61
C GLN C 744 -5.53 7.04 8.82
N TYR C 745 -5.86 7.97 7.93
CA TYR C 745 -4.85 8.66 7.13
C TYR C 745 -4.76 10.15 7.40
N GLY C 746 -5.89 10.82 7.69
CA GLY C 746 -5.84 12.22 8.07
C GLY C 746 -6.80 13.13 7.32
N SER C 747 -6.28 14.25 6.82
CA SER C 747 -7.10 15.30 6.21
C SER C 747 -6.75 15.52 4.75
N PHE C 748 -6.28 14.47 4.07
CA PHE C 748 -5.91 14.60 2.66
C PHE C 748 -7.13 14.96 1.81
N CYS C 749 -8.26 14.28 2.05
CA CYS C 749 -9.46 14.56 1.27
C CYS C 749 -9.94 15.99 1.49
N THR C 750 -9.88 16.46 2.74
CA THR C 750 -10.25 17.84 3.03
C THR C 750 -9.34 18.82 2.30
N GLN C 751 -8.03 18.55 2.29
CA GLN C 751 -7.10 19.42 1.58
C GLN C 751 -7.43 19.49 0.10
N LEU C 752 -7.70 18.33 -0.51
CA LEU C 752 -8.03 18.30 -1.93
C LEU C 752 -9.32 19.06 -2.23
N ASN C 753 -10.34 18.86 -1.40
CA ASN C 753 -11.62 19.55 -1.62
C ASN C 753 -11.45 21.05 -1.49
N ARG C 754 -10.67 21.49 -0.49
CA ARG C 754 -10.42 22.92 -0.32
C ARG C 754 -9.70 23.50 -1.53
N ALA C 755 -8.70 22.79 -2.05
CA ALA C 755 -7.98 23.26 -3.22
C ALA C 755 -8.91 23.40 -4.43
N LEU C 756 -9.76 22.40 -4.66
CA LEU C 756 -10.67 22.46 -5.79
C LEU C 756 -11.67 23.60 -5.65
N THR C 757 -12.19 23.81 -4.44
CA THR C 757 -13.10 24.94 -4.22
C THR C 757 -12.42 26.27 -4.50
N GLY C 758 -11.16 26.41 -4.04
CA GLY C 758 -10.41 27.61 -4.36
C GLY C 758 -10.25 27.82 -5.84
N ILE C 759 -9.99 26.73 -6.59
CA ILE C 759 -9.85 26.84 -8.03
C ILE C 759 -11.14 27.36 -8.66
N ALA C 760 -12.28 26.80 -8.24
CA ALA C 760 -13.55 27.22 -8.82
C ALA C 760 -13.82 28.70 -8.55
N VAL C 761 -13.60 29.12 -7.29
CA VAL C 761 -13.83 30.52 -6.94
C VAL C 761 -12.90 31.42 -7.75
N GLU C 762 -11.66 30.98 -7.95
CA GLU C 762 -10.72 31.78 -8.74
C GLU C 762 -11.20 31.92 -10.19
N GLN C 763 -11.74 30.86 -10.76
CA GLN C 763 -12.26 30.95 -12.13
C GLN C 763 -13.40 31.96 -12.21
N ASP C 764 -14.32 31.91 -11.26
CA ASP C 764 -15.43 32.86 -11.26
C ASP C 764 -14.92 34.29 -11.12
N LYS C 765 -13.95 34.51 -10.23
CA LYS C 765 -13.40 35.86 -10.06
C LYS C 765 -12.70 36.33 -11.33
N ASN C 766 -11.99 35.42 -12.00
CA ASN C 766 -11.32 35.77 -13.26
C ASN C 766 -12.32 36.27 -14.28
N THR C 767 -13.39 35.51 -14.52
CA THR C 767 -14.38 35.93 -15.50
C THR C 767 -15.01 37.25 -15.11
N GLN C 768 -15.35 37.41 -13.82
CA GLN C 768 -15.98 38.64 -13.35
C GLN C 768 -15.09 39.84 -13.62
N GLU C 769 -13.81 39.75 -13.24
CA GLU C 769 -12.93 40.91 -13.38
C GLU C 769 -12.59 41.18 -14.84
N VAL C 770 -12.60 40.14 -15.68
CA VAL C 770 -12.31 40.38 -17.10
C VAL C 770 -13.46 41.12 -17.77
N PHE C 771 -14.71 40.71 -17.49
CA PHE C 771 -15.81 41.24 -18.29
C PHE C 771 -16.59 42.38 -17.64
N ALA C 772 -16.68 42.44 -16.31
CA ALA C 772 -17.50 43.46 -15.64
C ALA C 772 -16.70 44.75 -15.46
N GLN C 773 -16.52 45.45 -16.59
CA GLN C 773 -15.72 46.67 -16.61
C GLN C 773 -16.55 47.95 -16.68
N VAL C 774 -17.87 47.85 -16.85
CA VAL C 774 -18.72 49.01 -17.04
C VAL C 774 -19.76 49.06 -15.94
N LYS C 775 -20.10 50.29 -15.52
CA LYS C 775 -21.05 50.47 -14.43
C LYS C 775 -22.50 50.38 -14.90
N GLN C 776 -22.81 51.00 -16.03
CA GLN C 776 -24.15 51.01 -16.59
C GLN C 776 -24.18 50.19 -17.89
N ILE C 777 -25.35 50.11 -18.49
CA ILE C 777 -25.55 49.39 -19.74
C ILE C 777 -26.12 50.35 -20.77
N TYR C 778 -25.40 50.55 -21.86
CA TYR C 778 -25.79 51.48 -22.91
C TYR C 778 -26.44 50.73 -24.06
N LYS C 779 -27.16 51.49 -24.90
CA LYS C 779 -27.82 50.94 -26.07
C LYS C 779 -27.56 51.82 -27.28
N THR C 780 -27.35 51.20 -28.43
CA THR C 780 -27.14 51.93 -29.66
C THR C 780 -28.44 52.60 -30.11
N PRO C 781 -28.35 53.77 -30.74
CA PRO C 781 -29.55 54.42 -31.24
C PRO C 781 -30.16 53.62 -32.38
N PRO C 782 -31.48 53.69 -32.56
CA PRO C 782 -32.11 52.96 -33.68
C PRO C 782 -31.60 53.39 -35.04
N ILE C 783 -31.25 54.67 -35.21
CA ILE C 783 -30.68 55.12 -36.47
C ILE C 783 -29.25 54.63 -36.60
N LYS C 784 -28.79 54.49 -37.84
CA LYS C 784 -27.46 53.93 -38.13
C LYS C 784 -26.71 54.84 -39.10
N ASP C 785 -26.75 56.14 -38.82
CA ASP C 785 -26.04 57.14 -39.63
C ASP C 785 -24.71 57.49 -38.99
N PHE C 786 -23.80 56.53 -39.02
CA PHE C 786 -22.46 56.70 -38.44
C PHE C 786 -21.46 57.23 -39.45
N GLY C 787 -21.82 58.32 -40.14
CA GLY C 787 -20.90 58.97 -41.04
C GLY C 787 -20.45 58.13 -42.22
N GLY C 788 -21.17 57.04 -42.51
CA GLY C 788 -20.83 56.13 -43.59
C GLY C 788 -20.21 54.81 -43.19
N PHE C 789 -19.80 54.66 -41.93
CA PHE C 789 -19.24 53.39 -41.49
C PHE C 789 -20.36 52.37 -41.29
N ASN C 790 -20.02 51.10 -41.43
CA ASN C 790 -21.02 50.04 -41.33
C ASN C 790 -20.58 49.08 -40.23
N PHE C 791 -21.41 48.95 -39.19
CA PHE C 791 -21.11 48.12 -38.02
C PHE C 791 -22.03 46.91 -37.86
N SER C 792 -22.73 46.51 -38.92
CA SER C 792 -23.70 45.43 -38.80
C SER C 792 -23.06 44.08 -38.50
N GLN C 793 -21.76 43.93 -38.72
CA GLN C 793 -21.08 42.65 -38.52
C GLN C 793 -20.60 42.42 -37.10
N ILE C 794 -20.70 43.42 -36.22
CA ILE C 794 -20.28 43.25 -34.83
C ILE C 794 -21.37 43.58 -33.83
N LEU C 795 -22.40 44.34 -34.21
CA LEU C 795 -23.50 44.61 -33.32
C LEU C 795 -24.38 43.37 -33.15
N PRO C 796 -25.12 43.28 -32.05
CA PRO C 796 -25.99 42.11 -31.84
C PRO C 796 -27.02 41.97 -32.94
N ASP C 797 -27.33 40.71 -33.28
CA ASP C 797 -28.30 40.41 -34.32
C ASP C 797 -29.67 40.19 -33.68
N PRO C 798 -30.65 41.05 -33.94
CA PRO C 798 -31.96 40.90 -33.27
C PRO C 798 -32.79 39.78 -33.86
N SER C 799 -32.65 39.52 -35.16
CA SER C 799 -33.48 38.52 -35.82
C SER C 799 -33.25 37.14 -35.25
N LYS C 800 -31.99 36.71 -35.19
CA LYS C 800 -31.68 35.40 -34.64
C LYS C 800 -31.80 35.43 -33.11
N PRO C 801 -32.20 34.32 -32.50
CA PRO C 801 -32.31 34.28 -31.03
C PRO C 801 -30.95 34.37 -30.37
N SER C 802 -30.99 34.54 -29.04
CA SER C 802 -29.83 34.59 -28.16
C SER C 802 -29.07 35.91 -28.33
N LYS C 803 -29.46 36.72 -29.30
CA LYS C 803 -28.93 38.07 -29.50
C LYS C 803 -27.41 38.08 -29.53
N ARG C 804 -26.85 37.40 -30.52
CA ARG C 804 -25.40 37.36 -30.73
C ARG C 804 -25.06 37.84 -32.13
N SER C 805 -23.92 38.49 -32.25
CA SER C 805 -23.45 38.97 -33.55
C SER C 805 -23.05 37.79 -34.44
N PRO C 806 -23.09 37.98 -35.76
CA PRO C 806 -22.69 36.88 -36.65
C PRO C 806 -21.28 36.39 -36.42
N ILE C 807 -20.34 37.28 -36.11
CA ILE C 807 -18.98 36.86 -35.82
C ILE C 807 -18.96 36.01 -34.54
N GLU C 808 -19.76 36.39 -33.54
CA GLU C 808 -19.85 35.59 -32.32
C GLU C 808 -20.45 34.23 -32.61
N ASP C 809 -21.43 34.16 -33.52
CA ASP C 809 -22.01 32.88 -33.88
C ASP C 809 -20.99 31.98 -34.58
N LEU C 810 -20.20 32.56 -35.50
CA LEU C 810 -19.12 31.79 -36.12
C LEU C 810 -18.12 31.31 -35.08
N LEU C 811 -17.78 32.16 -34.10
CA LEU C 811 -16.85 31.75 -33.05
C LEU C 811 -17.42 30.60 -32.24
N PHE C 812 -18.71 30.66 -31.93
CA PHE C 812 -19.34 29.61 -31.12
C PHE C 812 -19.42 28.29 -31.89
N ASN C 813 -19.68 28.36 -33.19
CA ASN C 813 -19.83 27.13 -33.97
C ASN C 813 -18.49 26.43 -34.18
N LYS C 814 -17.38 27.17 -34.17
CA LYS C 814 -16.09 26.56 -34.46
C LYS C 814 -15.68 25.56 -33.37
N VAL C 815 -15.91 25.92 -32.10
CA VAL C 815 -15.54 25.05 -30.98
C VAL C 815 -16.76 24.18 -30.68
N THR C 816 -16.79 23.01 -31.30
CA THR C 816 -17.90 22.07 -31.12
C THR C 816 -17.46 20.64 -31.43
N ASN C 845 -19.12 9.01 -11.30
CA ASN C 845 -18.23 8.23 -10.45
C ASN C 845 -17.44 9.15 -9.53
N GLY C 846 -18.14 9.93 -8.72
CA GLY C 846 -17.50 10.89 -7.85
C GLY C 846 -16.99 12.14 -8.53
N LEU C 847 -17.35 12.36 -9.80
CA LEU C 847 -16.88 13.51 -10.56
C LEU C 847 -18.08 14.38 -10.88
N THR C 848 -18.01 15.66 -10.49
CA THR C 848 -19.08 16.61 -10.72
C THR C 848 -18.50 17.91 -11.28
N VAL C 849 -19.32 18.60 -12.06
CA VAL C 849 -18.96 19.89 -12.65
C VAL C 849 -19.97 20.93 -12.21
N LEU C 850 -19.48 22.12 -11.86
CA LEU C 850 -20.41 23.13 -11.40
C LEU C 850 -20.65 24.17 -12.50
N PRO C 851 -21.88 24.66 -12.63
CA PRO C 851 -22.16 25.64 -13.68
C PRO C 851 -21.47 26.96 -13.39
N PRO C 852 -21.06 27.69 -14.42
CA PRO C 852 -20.45 29.01 -14.19
C PRO C 852 -21.47 30.01 -13.68
N LEU C 853 -20.98 30.98 -12.91
CA LEU C 853 -21.85 31.97 -12.31
C LEU C 853 -22.50 32.87 -13.37
N LEU C 854 -21.73 33.27 -14.37
CA LEU C 854 -22.23 34.15 -15.44
C LEU C 854 -22.54 33.32 -16.68
N THR C 855 -23.70 33.56 -17.27
CA THR C 855 -24.12 32.83 -18.45
C THR C 855 -23.72 33.55 -19.73
N ASP C 856 -23.82 32.82 -20.84
CA ASP C 856 -23.44 33.37 -22.14
C ASP C 856 -24.28 34.59 -22.50
N GLU C 857 -25.56 34.59 -22.11
CA GLU C 857 -26.40 35.75 -22.38
C GLU C 857 -25.89 36.98 -21.64
N MET C 858 -25.50 36.82 -20.37
CA MET C 858 -24.97 37.95 -19.61
C MET C 858 -23.63 38.43 -20.17
N ILE C 859 -22.77 37.50 -20.59
CA ILE C 859 -21.51 37.89 -21.21
C ILE C 859 -21.77 38.67 -22.49
N ALA C 860 -22.73 38.21 -23.30
CA ALA C 860 -23.08 38.92 -24.53
C ALA C 860 -23.64 40.30 -24.23
N GLN C 861 -24.43 40.43 -23.16
CA GLN C 861 -24.96 41.74 -22.80
C GLN C 861 -23.84 42.70 -22.38
N TYR C 862 -22.87 42.19 -21.62
CA TYR C 862 -21.69 43.01 -21.29
C TYR C 862 -20.96 43.45 -22.56
N THR C 863 -20.72 42.52 -23.48
CA THR C 863 -19.99 42.87 -24.69
C THR C 863 -20.75 43.89 -25.52
N SER C 864 -22.07 43.73 -25.64
CA SER C 864 -22.88 44.68 -26.38
C SER C 864 -22.86 46.06 -25.73
N ALA C 865 -22.95 46.10 -24.39
CA ALA C 865 -22.89 47.38 -23.69
C ALA C 865 -21.56 48.07 -23.93
N LEU C 866 -20.45 47.32 -23.83
CA LEU C 866 -19.14 47.90 -24.08
C LEU C 866 -19.04 48.42 -25.51
N LEU C 867 -19.52 47.64 -26.48
CA LEU C 867 -19.41 48.05 -27.88
C LEU C 867 -20.22 49.30 -28.15
N ALA C 868 -21.46 49.35 -27.65
CA ALA C 868 -22.29 50.53 -27.88
C ALA C 868 -21.73 51.76 -27.18
N GLY C 869 -21.25 51.60 -25.94
CA GLY C 869 -20.64 52.72 -25.24
C GLY C 869 -19.42 53.25 -25.97
N THR C 870 -18.57 52.35 -26.46
CA THR C 870 -17.41 52.79 -27.24
C THR C 870 -17.86 53.55 -28.48
N ILE C 871 -18.76 52.96 -29.26
CA ILE C 871 -19.19 53.55 -30.53
C ILE C 871 -19.77 54.94 -30.30
N THR C 872 -20.58 55.11 -29.26
CA THR C 872 -21.28 56.37 -29.07
C THR C 872 -20.57 57.36 -28.16
N SER C 873 -19.44 57.00 -27.54
CA SER C 873 -18.81 57.95 -26.63
C SER C 873 -17.28 58.02 -26.70
N GLY C 874 -16.61 57.22 -27.51
CA GLY C 874 -15.16 57.22 -27.46
C GLY C 874 -14.63 56.66 -26.15
N TRP C 875 -13.84 57.45 -25.45
CA TRP C 875 -13.27 57.05 -24.16
C TRP C 875 -13.89 57.79 -22.99
N THR C 876 -14.83 58.71 -23.25
CA THR C 876 -15.41 59.50 -22.16
C THR C 876 -16.22 58.65 -21.20
N PHE C 877 -16.86 57.58 -21.70
CA PHE C 877 -17.66 56.75 -20.81
C PHE C 877 -16.79 55.93 -19.88
N GLY C 878 -15.57 55.60 -20.30
CA GLY C 878 -14.63 54.94 -19.41
C GLY C 878 -13.92 55.90 -18.48
N ALA C 879 -13.70 57.14 -18.92
CA ALA C 879 -13.06 58.12 -18.05
C ALA C 879 -14.01 58.59 -16.95
N GLY C 880 -15.25 58.90 -17.32
CA GLY C 880 -16.23 59.39 -16.38
C GLY C 880 -17.64 59.21 -16.91
N PRO C 881 -18.49 60.21 -16.73
CA PRO C 881 -19.83 60.15 -17.33
C PRO C 881 -19.75 60.15 -18.84
N ALA C 882 -20.69 59.44 -19.47
CA ALA C 882 -20.67 59.29 -20.92
C ALA C 882 -21.06 60.58 -21.60
N LEU C 883 -20.33 60.92 -22.66
CA LEU C 883 -20.58 62.12 -23.45
C LEU C 883 -20.64 61.72 -24.92
N GLN C 884 -21.65 62.21 -25.63
CA GLN C 884 -21.82 61.84 -27.01
C GLN C 884 -20.89 62.63 -27.92
N ILE C 885 -20.63 62.08 -29.09
CA ILE C 885 -19.71 62.67 -30.06
C ILE C 885 -19.94 62.01 -31.42
N PRO C 886 -20.05 62.78 -32.50
CA PRO C 886 -20.19 62.17 -33.82
C PRO C 886 -18.99 61.31 -34.16
N PHE C 887 -19.25 60.19 -34.85
CA PHE C 887 -18.18 59.23 -35.13
C PHE C 887 -17.08 59.80 -36.02
N PRO C 888 -17.36 60.54 -37.10
CA PRO C 888 -16.25 61.17 -37.83
C PRO C 888 -15.41 62.10 -36.97
N MET C 889 -16.01 62.84 -36.05
CA MET C 889 -15.24 63.69 -35.16
C MET C 889 -14.38 62.87 -34.21
N GLN C 890 -14.93 61.75 -33.71
CA GLN C 890 -14.14 60.87 -32.86
C GLN C 890 -12.95 60.28 -33.62
N MET C 891 -13.17 59.88 -34.86
CA MET C 891 -12.06 59.38 -35.67
C MET C 891 -11.05 60.48 -35.97
N ALA C 892 -11.51 61.73 -36.10
CA ALA C 892 -10.58 62.84 -36.25
C ALA C 892 -9.71 62.99 -35.00
N TYR C 893 -10.33 62.86 -33.83
CA TYR C 893 -9.56 62.83 -32.58
C TYR C 893 -8.51 61.73 -32.61
N ARG C 894 -8.91 60.53 -33.03
CA ARG C 894 -7.98 59.40 -33.02
C ARG C 894 -6.83 59.63 -33.98
N PHE C 895 -7.10 60.17 -35.17
CA PHE C 895 -6.02 60.52 -36.10
C PHE C 895 -5.11 61.58 -35.50
N ASN C 896 -5.68 62.59 -34.86
CA ASN C 896 -4.87 63.60 -34.18
C ASN C 896 -4.03 62.99 -33.08
N GLY C 897 -4.43 61.83 -32.55
CA GLY C 897 -3.68 61.19 -31.47
C GLY C 897 -2.44 60.43 -31.90
N ILE C 898 -2.22 60.25 -33.21
CA ILE C 898 -1.06 59.53 -33.71
C ILE C 898 -0.19 60.40 -34.60
N GLY C 899 -0.40 61.72 -34.60
CA GLY C 899 0.46 62.61 -35.33
C GLY C 899 0.01 62.94 -36.74
N VAL C 900 -1.24 62.66 -37.09
CA VAL C 900 -1.78 62.95 -38.41
C VAL C 900 -2.91 63.96 -38.25
N THR C 901 -2.86 65.03 -39.04
CA THR C 901 -3.86 66.09 -38.95
C THR C 901 -5.23 65.57 -39.38
N GLN C 902 -6.28 66.01 -38.67
CA GLN C 902 -7.64 65.61 -38.98
C GLN C 902 -8.08 66.04 -40.39
N ASN C 903 -7.37 67.00 -40.98
CA ASN C 903 -7.51 67.31 -42.39
C ASN C 903 -7.59 66.06 -43.25
N VAL C 904 -6.70 65.09 -42.97
CA VAL C 904 -6.61 63.90 -43.81
C VAL C 904 -7.92 63.12 -43.75
N LEU C 905 -8.46 62.95 -42.55
CA LEU C 905 -9.75 62.26 -42.42
C LEU C 905 -10.85 63.02 -43.13
N TYR C 906 -10.92 64.34 -42.91
CA TYR C 906 -12.01 65.09 -43.51
C TYR C 906 -11.90 65.15 -45.03
N GLU C 907 -10.73 64.85 -45.59
CA GLU C 907 -10.63 64.71 -47.05
C GLU C 907 -10.90 63.29 -47.54
N ASN C 908 -10.55 62.26 -46.77
CA ASN C 908 -10.61 60.87 -47.25
C ASN C 908 -11.57 60.01 -46.43
N GLN C 909 -12.64 60.63 -45.92
CA GLN C 909 -13.68 59.90 -45.18
C GLN C 909 -14.17 58.69 -45.95
N LYS C 910 -14.51 58.88 -47.23
CA LYS C 910 -15.12 57.79 -48.01
C LYS C 910 -14.15 56.62 -48.19
N LEU C 911 -12.90 56.92 -48.55
CA LEU C 911 -11.90 55.87 -48.70
C LEU C 911 -11.69 55.13 -47.40
N ILE C 912 -11.60 55.86 -46.28
CA ILE C 912 -11.36 55.21 -45.00
C ILE C 912 -12.53 54.32 -44.61
N ALA C 913 -13.76 54.79 -44.84
CA ALA C 913 -14.93 53.97 -44.54
C ALA C 913 -14.94 52.70 -45.39
N ASN C 914 -14.64 52.83 -46.67
CA ASN C 914 -14.62 51.66 -47.55
C ASN C 914 -13.56 50.65 -47.10
N GLN C 915 -12.37 51.15 -46.75
CA GLN C 915 -11.30 50.26 -46.28
C GLN C 915 -11.71 49.55 -45.00
N PHE C 916 -12.34 50.28 -44.07
CA PHE C 916 -12.77 49.67 -42.81
C PHE C 916 -13.78 48.57 -43.06
N ASN C 917 -14.78 48.83 -43.90
CA ASN C 917 -15.80 47.83 -44.19
C ASN C 917 -15.19 46.60 -44.86
N SER C 918 -14.30 46.83 -45.83
CA SER C 918 -13.66 45.71 -46.51
C SER C 918 -12.82 44.88 -45.55
N ALA C 919 -12.09 45.53 -44.64
CA ALA C 919 -11.30 44.79 -43.67
C ALA C 919 -12.18 43.95 -42.75
N ILE C 920 -13.30 44.52 -42.29
CA ILE C 920 -14.20 43.75 -41.44
C ILE C 920 -14.74 42.54 -42.18
N GLY C 921 -15.13 42.73 -43.45
CA GLY C 921 -15.61 41.60 -44.24
C GLY C 921 -14.55 40.53 -44.43
N LYS C 922 -13.30 40.94 -44.68
CA LYS C 922 -12.22 39.98 -44.84
C LYS C 922 -11.98 39.20 -43.56
N ILE C 923 -12.03 39.87 -42.42
CA ILE C 923 -11.86 39.15 -41.14
C ILE C 923 -12.98 38.14 -40.94
N GLN C 924 -14.21 38.53 -41.27
CA GLN C 924 -15.33 37.60 -41.14
C GLN C 924 -15.14 36.39 -42.04
N ASP C 925 -14.66 36.60 -43.27
CA ASP C 925 -14.57 35.48 -44.19
C ASP C 925 -13.40 34.58 -43.79
N SER C 926 -12.27 35.19 -43.41
CA SER C 926 -11.06 34.42 -43.17
C SER C 926 -11.16 33.60 -41.89
N LEU C 927 -11.96 34.06 -40.91
CA LEU C 927 -11.98 33.37 -39.63
C LEU C 927 -12.52 31.94 -39.78
N SER C 928 -13.59 31.79 -40.55
CA SER C 928 -14.16 30.46 -40.78
C SER C 928 -13.26 29.63 -41.69
N SER C 929 -12.65 30.25 -42.69
CA SER C 929 -11.81 29.53 -43.64
C SER C 929 -10.58 28.94 -42.96
N THR C 930 -9.94 29.69 -42.08
CA THR C 930 -8.75 29.18 -41.42
C THR C 930 -9.13 28.12 -40.39
N PRO C 931 -8.54 26.92 -40.45
CA PRO C 931 -8.91 25.86 -39.49
C PRO C 931 -8.42 26.12 -38.08
N SER C 932 -7.17 26.53 -37.94
CA SER C 932 -6.57 26.75 -36.62
C SER C 932 -6.86 28.16 -36.10
N ALA C 933 -8.14 28.53 -36.09
CA ALA C 933 -8.52 29.86 -35.65
C ALA C 933 -8.53 29.97 -34.12
N LEU C 934 -8.95 28.91 -33.43
CA LEU C 934 -9.10 28.95 -31.97
C LEU C 934 -8.29 27.84 -31.32
N GLY C 935 -7.02 27.75 -31.69
CA GLY C 935 -6.18 26.66 -31.22
C GLY C 935 -6.03 26.64 -29.71
N LYS C 936 -5.82 27.81 -29.10
CA LYS C 936 -5.64 27.86 -27.64
C LYS C 936 -6.91 27.43 -26.92
N LEU C 937 -8.06 27.95 -27.36
CA LEU C 937 -9.32 27.63 -26.71
C LEU C 937 -9.66 26.15 -26.88
N GLN C 938 -9.25 25.55 -28.00
CA GLN C 938 -9.46 24.11 -28.15
C GLN C 938 -8.48 23.32 -27.29
N ASP C 939 -7.23 23.81 -27.19
CA ASP C 939 -6.19 23.09 -26.46
C ASP C 939 -6.51 23.01 -24.98
N VAL C 940 -7.05 24.09 -24.40
CA VAL C 940 -7.39 24.08 -22.98
C VAL C 940 -8.40 22.98 -22.69
N VAL C 941 -9.46 22.91 -23.50
CA VAL C 941 -10.50 21.91 -23.32
C VAL C 941 -9.92 20.51 -23.51
N ASN C 942 -9.07 20.34 -24.53
CA ASN C 942 -8.47 19.03 -24.78
C ASN C 942 -7.64 18.58 -23.59
N GLN C 943 -6.84 19.49 -23.02
CA GLN C 943 -6.01 19.14 -21.87
C GLN C 943 -6.87 18.76 -20.68
N ASN C 944 -7.92 19.53 -20.41
CA ASN C 944 -8.78 19.21 -19.27
C ASN C 944 -9.44 17.84 -19.45
N ALA C 945 -9.96 17.58 -20.66
CA ALA C 945 -10.62 16.30 -20.92
C ALA C 945 -9.63 15.15 -20.79
N GLN C 946 -8.41 15.32 -21.30
CA GLN C 946 -7.43 14.25 -21.21
C GLN C 946 -7.04 13.98 -19.76
N ALA C 947 -6.88 15.02 -18.96
CA ALA C 947 -6.55 14.82 -17.55
C ALA C 947 -7.67 14.08 -16.83
N LEU C 948 -8.92 14.48 -17.07
CA LEU C 948 -10.04 13.78 -16.44
C LEU C 948 -10.09 12.32 -16.89
N ASN C 949 -9.87 12.08 -18.19
CA ASN C 949 -9.93 10.73 -18.72
C ASN C 949 -8.85 9.84 -18.11
N THR C 950 -7.62 10.34 -18.00
CA THR C 950 -6.57 9.52 -17.41
C THR C 950 -6.81 9.31 -15.92
N LEU C 951 -7.37 10.30 -15.22
CA LEU C 951 -7.72 10.10 -13.81
C LEU C 951 -8.75 9.01 -13.65
N VAL C 952 -9.78 8.99 -14.51
CA VAL C 952 -10.81 7.97 -14.37
C VAL C 952 -10.33 6.62 -14.88
N LYS C 953 -9.35 6.59 -15.79
CA LYS C 953 -8.81 5.33 -16.28
C LYS C 953 -7.85 4.70 -15.27
N GLN C 954 -7.21 5.52 -14.43
CA GLN C 954 -6.30 4.98 -13.42
C GLN C 954 -7.01 4.11 -12.38
N LEU C 955 -8.34 4.15 -12.32
CA LEU C 955 -9.10 3.41 -11.31
C LEU C 955 -9.08 1.91 -11.55
N SER C 956 -8.59 1.44 -12.70
CA SER C 956 -8.64 0.04 -13.08
C SER C 956 -7.26 -0.62 -13.05
N SER C 957 -6.45 -0.28 -12.04
CA SER C 957 -5.11 -0.82 -11.91
C SER C 957 -5.00 -1.67 -10.66
N ASN C 958 -4.18 -2.72 -10.74
CA ASN C 958 -4.01 -3.63 -9.60
C ASN C 958 -3.19 -2.98 -8.51
N PHE C 959 -2.16 -2.20 -8.88
CA PHE C 959 -1.22 -1.61 -7.93
C PHE C 959 -0.51 -2.67 -7.10
N GLY C 960 -0.35 -3.87 -7.67
CA GLY C 960 0.30 -4.97 -6.98
C GLY C 960 -0.61 -5.85 -6.15
N ALA C 961 -1.91 -5.53 -6.06
CA ALA C 961 -2.83 -6.34 -5.30
C ALA C 961 -3.28 -7.56 -6.11
N ILE C 962 -4.08 -8.41 -5.48
CA ILE C 962 -4.57 -9.61 -6.15
C ILE C 962 -5.50 -9.24 -7.30
N SER C 963 -6.45 -8.34 -7.03
CA SER C 963 -7.39 -7.88 -8.03
C SER C 963 -7.62 -6.39 -7.86
N SER C 964 -8.23 -5.77 -8.86
CA SER C 964 -8.51 -4.34 -8.84
C SER C 964 -9.95 -4.02 -8.51
N VAL C 965 -10.74 -5.00 -8.05
CA VAL C 965 -12.15 -4.80 -7.73
C VAL C 965 -12.41 -5.21 -6.28
N LEU C 966 -12.96 -4.27 -5.51
CA LEU C 966 -12.98 -4.39 -4.06
C LEU C 966 -14.00 -5.43 -3.59
N ASN C 967 -15.16 -5.49 -4.23
CA ASN C 967 -16.16 -6.48 -3.83
C ASN C 967 -15.64 -7.90 -4.04
N ASP C 968 -14.98 -8.15 -5.16
CA ASP C 968 -14.40 -9.47 -5.40
C ASP C 968 -13.26 -9.76 -4.42
N ILE C 969 -12.42 -8.77 -4.12
CA ILE C 969 -11.37 -8.98 -3.12
C ILE C 969 -11.99 -9.38 -1.79
N LEU C 970 -13.03 -8.68 -1.37
CA LEU C 970 -13.69 -8.99 -0.10
C LEU C 970 -14.31 -10.38 -0.13
N SER C 971 -14.93 -10.75 -1.25
CA SER C 971 -15.59 -12.04 -1.34
C SER C 971 -14.59 -13.19 -1.38
N ARG C 972 -13.40 -12.95 -1.92
CA ARG C 972 -12.40 -14.02 -2.02
C ARG C 972 -11.57 -14.16 -0.75
N LEU C 973 -10.92 -13.07 -0.33
CA LEU C 973 -9.93 -13.17 0.73
C LEU C 973 -10.58 -13.16 2.11
N ASP C 974 -9.79 -13.56 3.10
CA ASP C 974 -10.20 -13.54 4.49
C ASP C 974 -10.03 -12.14 5.08
N PRO C 975 -10.76 -11.84 6.16
CA PRO C 975 -10.62 -10.52 6.80
C PRO C 975 -9.20 -10.23 7.24
N PRO C 976 -8.46 -11.20 7.80
CA PRO C 976 -7.06 -10.89 8.19
C PRO C 976 -6.17 -10.48 7.03
N GLU C 977 -6.38 -11.03 5.84
CA GLU C 977 -5.47 -10.80 4.72
C GLU C 977 -5.94 -9.73 3.74
N ALA C 978 -7.24 -9.43 3.70
CA ALA C 978 -7.74 -8.43 2.76
C ALA C 978 -7.27 -7.02 3.09
N GLU C 979 -6.82 -6.80 4.33
CA GLU C 979 -6.39 -5.46 4.74
C GLU C 979 -5.21 -4.98 3.94
N VAL C 980 -4.24 -5.86 3.66
CA VAL C 980 -3.07 -5.46 2.89
C VAL C 980 -3.47 -5.02 1.48
N GLN C 981 -4.33 -5.80 0.83
CA GLN C 981 -4.76 -5.46 -0.52
C GLN C 981 -5.51 -4.13 -0.54
N ILE C 982 -6.41 -3.94 0.42
CA ILE C 982 -7.16 -2.68 0.48
C ILE C 982 -6.21 -1.51 0.72
N ASP C 983 -5.19 -1.71 1.56
CA ASP C 983 -4.21 -0.66 1.82
C ASP C 983 -3.45 -0.30 0.55
N ARG C 984 -3.04 -1.30 -0.24
CA ARG C 984 -2.34 -1.02 -1.48
C ARG C 984 -3.22 -0.23 -2.44
N LEU C 985 -4.49 -0.63 -2.57
CA LEU C 985 -5.41 0.09 -3.46
C LEU C 985 -5.59 1.53 -3.00
N ILE C 986 -5.76 1.74 -1.69
CA ILE C 986 -5.94 3.08 -1.16
C ILE C 986 -4.71 3.94 -1.44
N THR C 987 -3.52 3.39 -1.23
CA THR C 987 -2.30 4.13 -1.48
C THR C 987 -2.23 4.57 -2.95
N GLY C 988 -2.48 3.64 -3.87
CA GLY C 988 -2.40 3.98 -5.28
C GLY C 988 -3.39 5.08 -5.67
N ARG C 989 -4.65 4.94 -5.22
CA ARG C 989 -5.67 5.90 -5.62
C ARG C 989 -5.40 7.28 -5.00
N LEU C 990 -4.91 7.30 -3.75
CA LEU C 990 -4.57 8.57 -3.12
C LEU C 990 -3.43 9.27 -3.86
N GLN C 991 -2.42 8.51 -4.27
CA GLN C 991 -1.32 9.10 -5.05
C GLN C 991 -1.84 9.68 -6.36
N SER C 992 -2.74 8.96 -7.03
CA SER C 992 -3.30 9.46 -8.30
C SER C 992 -4.05 10.76 -8.07
N LEU C 993 -4.88 10.82 -7.02
CA LEU C 993 -5.62 12.04 -6.73
C LEU C 993 -4.68 13.21 -6.45
N GLN C 994 -3.61 12.97 -5.67
CA GLN C 994 -2.67 14.05 -5.37
C GLN C 994 -2.02 14.59 -6.64
N THR C 995 -1.60 13.68 -7.53
CA THR C 995 -1.00 14.13 -8.79
C THR C 995 -1.97 14.97 -9.61
N TYR C 996 -3.22 14.51 -9.70
CA TYR C 996 -4.21 15.25 -10.47
C TYR C 996 -4.42 16.64 -9.90
N VAL C 997 -4.50 16.75 -8.57
CA VAL C 997 -4.76 18.04 -7.95
C VAL C 997 -3.58 19.00 -8.17
N THR C 998 -2.35 18.49 -8.07
CA THR C 998 -1.20 19.36 -8.32
C THR C 998 -1.19 19.88 -9.75
N GLN C 999 -1.48 19.00 -10.73
CA GLN C 999 -1.54 19.44 -12.12
C GLN C 999 -2.63 20.50 -12.30
N GLN C 1000 -3.78 20.29 -11.69
CA GLN C 1000 -4.86 21.28 -11.78
C GLN C 1000 -4.42 22.62 -11.21
N LEU C 1001 -3.71 22.61 -10.08
CA LEU C 1001 -3.25 23.86 -9.48
C LEU C 1001 -2.34 24.63 -10.44
N ILE C 1002 -1.38 23.92 -11.05
CA ILE C 1002 -0.44 24.60 -11.94
C ILE C 1002 -1.18 25.19 -13.14
N ARG C 1003 -2.07 24.39 -13.75
CA ARG C 1003 -2.79 24.88 -14.92
C ARG C 1003 -3.67 26.07 -14.56
N ALA C 1004 -4.29 26.05 -13.37
CA ALA C 1004 -5.12 27.17 -12.95
C ALA C 1004 -4.29 28.44 -12.77
N ALA C 1005 -3.08 28.30 -12.23
CA ALA C 1005 -2.22 29.47 -12.10
C ALA C 1005 -1.89 30.07 -13.47
N GLU C 1006 -1.57 29.22 -14.44
CA GLU C 1006 -1.31 29.72 -15.79
C GLU C 1006 -2.53 30.43 -16.37
N ILE C 1007 -3.71 29.83 -16.20
CA ILE C 1007 -4.93 30.44 -16.74
C ILE C 1007 -5.20 31.78 -16.07
N ARG C 1008 -4.91 31.89 -14.77
CA ARG C 1008 -5.11 33.16 -14.08
C ARG C 1008 -4.18 34.23 -14.63
N ALA C 1009 -2.92 33.87 -14.91
CA ALA C 1009 -2.01 34.83 -15.54
C ALA C 1009 -2.55 35.31 -16.88
N SER C 1010 -3.05 34.37 -17.69
CA SER C 1010 -3.60 34.76 -18.99
C SER C 1010 -4.82 35.68 -18.83
N ALA C 1011 -5.67 35.38 -17.84
CA ALA C 1011 -6.85 36.21 -17.61
C ALA C 1011 -6.47 37.62 -17.18
N ASN C 1012 -5.44 37.74 -16.33
CA ASN C 1012 -4.97 39.07 -15.95
C ASN C 1012 -4.46 39.84 -17.15
N LEU C 1013 -3.71 39.17 -18.03
CA LEU C 1013 -3.24 39.85 -19.25
C LEU C 1013 -4.42 40.30 -20.10
N ALA C 1014 -5.44 39.45 -20.23
CA ALA C 1014 -6.61 39.80 -21.04
C ALA C 1014 -7.35 41.00 -20.45
N ALA C 1015 -7.50 41.04 -19.13
CA ALA C 1015 -8.15 42.16 -18.48
C ALA C 1015 -7.38 43.46 -18.71
N THR C 1016 -6.05 43.40 -18.60
CA THR C 1016 -5.24 44.59 -18.87
C THR C 1016 -5.41 45.04 -20.31
N LYS C 1017 -5.41 44.10 -21.26
CA LYS C 1017 -5.61 44.44 -22.66
C LYS C 1017 -6.95 45.14 -22.86
N MET C 1018 -8.01 44.57 -22.30
CA MET C 1018 -9.34 45.17 -22.44
C MET C 1018 -9.36 46.59 -21.91
N SER C 1019 -8.88 46.77 -20.67
CA SER C 1019 -8.95 48.09 -20.04
C SER C 1019 -8.14 49.11 -20.83
N GLU C 1020 -6.89 48.78 -21.18
CA GLU C 1020 -6.01 49.77 -21.79
C GLU C 1020 -6.20 49.90 -23.30
N CYS C 1021 -7.00 49.06 -23.94
CA CYS C 1021 -7.10 49.08 -25.39
C CYS C 1021 -8.50 49.32 -25.92
N VAL C 1022 -9.54 48.92 -25.19
CA VAL C 1022 -10.91 49.17 -25.64
C VAL C 1022 -11.45 50.49 -25.09
N LEU C 1023 -11.19 50.76 -23.81
CA LEU C 1023 -11.68 51.98 -23.18
C LEU C 1023 -10.79 53.18 -23.44
N GLY C 1024 -9.73 53.03 -24.24
CA GLY C 1024 -8.86 54.14 -24.53
C GLY C 1024 -7.97 53.83 -25.71
N GLN C 1025 -7.06 54.76 -26.00
CA GLN C 1025 -6.09 54.61 -27.07
C GLN C 1025 -4.69 54.61 -26.47
N SER C 1026 -3.89 53.62 -26.85
CA SER C 1026 -2.60 53.38 -26.21
C SER C 1026 -1.46 53.67 -27.19
N LYS C 1027 -0.39 54.26 -26.67
CA LYS C 1027 0.80 54.57 -27.45
C LYS C 1027 1.87 53.49 -27.35
N ARG C 1028 1.62 52.42 -26.60
CA ARG C 1028 2.58 51.32 -26.52
C ARG C 1028 2.68 50.59 -27.84
N VAL C 1029 3.88 50.13 -28.17
CA VAL C 1029 4.16 49.54 -29.48
C VAL C 1029 3.85 48.04 -29.42
N ASP C 1030 3.11 47.57 -30.41
CA ASP C 1030 2.75 46.16 -30.58
C ASP C 1030 1.99 45.60 -29.39
N PHE C 1031 1.40 46.47 -28.57
CA PHE C 1031 0.51 46.03 -27.50
C PHE C 1031 -0.92 45.82 -27.98
N CYS C 1032 -1.32 46.51 -29.04
CA CYS C 1032 -2.67 46.43 -29.60
C CYS C 1032 -2.61 46.22 -31.10
N GLY C 1033 -1.80 45.25 -31.53
CA GLY C 1033 -1.67 44.93 -32.94
C GLY C 1033 -0.53 45.70 -33.59
N LYS C 1034 -0.24 45.29 -34.83
CA LYS C 1034 0.86 45.88 -35.58
C LYS C 1034 0.42 47.18 -36.25
N GLY C 1035 1.22 48.22 -36.09
CA GLY C 1035 0.91 49.53 -36.62
C GLY C 1035 0.59 50.52 -35.51
N TYR C 1036 0.09 51.68 -35.93
CA TYR C 1036 -0.34 52.70 -34.99
C TYR C 1036 -1.79 52.44 -34.59
N HIS C 1037 -2.04 52.37 -33.29
CA HIS C 1037 -3.34 51.95 -32.79
C HIS C 1037 -4.38 53.05 -32.94
N LEU C 1038 -5.58 52.65 -33.36
CA LEU C 1038 -6.71 53.57 -33.48
C LEU C 1038 -7.83 53.20 -32.51
N MET C 1039 -8.34 51.98 -32.57
CA MET C 1039 -9.41 51.52 -31.70
C MET C 1039 -9.52 50.01 -31.85
N SER C 1040 -10.31 49.40 -30.96
CA SER C 1040 -10.55 47.97 -31.00
C SER C 1040 -11.91 47.67 -30.40
N PHE C 1041 -12.45 46.51 -30.77
CA PHE C 1041 -13.77 46.09 -30.32
C PHE C 1041 -13.70 44.69 -29.73
N PRO C 1042 -14.42 44.43 -28.64
CA PRO C 1042 -14.39 43.09 -28.04
C PRO C 1042 -15.50 42.20 -28.54
N GLN C 1043 -15.19 40.89 -28.58
CA GLN C 1043 -16.15 39.87 -28.91
C GLN C 1043 -15.97 38.70 -27.95
N SER C 1044 -17.08 38.08 -27.54
CA SER C 1044 -17.01 36.97 -26.61
C SER C 1044 -16.81 35.66 -27.35
N ALA C 1045 -16.34 34.66 -26.60
CA ALA C 1045 -16.05 33.35 -27.15
C ALA C 1045 -16.11 32.34 -26.02
N PRO C 1046 -16.32 31.05 -26.33
CA PRO C 1046 -16.36 30.04 -25.26
C PRO C 1046 -15.07 29.99 -24.45
N HIS C 1047 -15.17 30.34 -23.16
CA HIS C 1047 -14.03 30.34 -22.25
C HIS C 1047 -12.89 31.23 -22.75
N GLY C 1048 -13.24 32.39 -23.30
CA GLY C 1048 -12.22 33.30 -23.80
C GLY C 1048 -12.84 34.55 -24.36
N VAL C 1049 -11.97 35.42 -24.87
CA VAL C 1049 -12.37 36.69 -25.47
C VAL C 1049 -11.58 36.88 -26.76
N VAL C 1050 -12.12 37.69 -27.67
CA VAL C 1050 -11.51 37.97 -28.96
C VAL C 1050 -11.54 39.47 -29.19
N PHE C 1051 -10.41 40.02 -29.62
CA PHE C 1051 -10.28 41.44 -29.92
C PHE C 1051 -10.09 41.65 -31.41
N LEU C 1052 -10.56 42.81 -31.89
CA LEU C 1052 -10.41 43.21 -33.29
C LEU C 1052 -9.70 44.56 -33.32
N HIS C 1053 -8.37 44.52 -33.32
CA HIS C 1053 -7.59 45.74 -33.31
C HIS C 1053 -7.63 46.43 -34.68
N VAL C 1054 -7.82 47.74 -34.66
CA VAL C 1054 -7.84 48.57 -35.87
C VAL C 1054 -6.62 49.47 -35.82
N THR C 1055 -5.79 49.40 -36.87
CA THR C 1055 -4.50 50.06 -36.86
C THR C 1055 -4.29 50.85 -38.15
N TYR C 1056 -3.41 51.83 -38.07
CA TYR C 1056 -3.04 52.67 -39.20
C TYR C 1056 -1.61 52.34 -39.62
N VAL C 1057 -1.39 52.24 -40.93
CA VAL C 1057 -0.07 51.85 -41.44
C VAL C 1057 0.24 52.57 -42.74
N PRO C 1058 1.41 53.19 -42.88
CA PRO C 1058 1.76 53.85 -44.13
C PRO C 1058 1.95 52.84 -45.27
N ALA C 1059 1.63 53.28 -46.49
CA ALA C 1059 1.60 52.38 -47.63
C ALA C 1059 2.62 52.76 -48.71
N GLN C 1060 2.57 53.99 -49.23
CA GLN C 1060 3.23 54.33 -50.47
C GLN C 1060 4.10 55.57 -50.26
N GLU C 1061 5.40 55.44 -50.52
CA GLU C 1061 6.36 56.48 -50.18
C GLU C 1061 7.29 56.76 -51.35
N LYS C 1062 7.79 57.99 -51.38
CA LYS C 1062 8.91 58.41 -52.20
C LYS C 1062 10.04 58.86 -51.28
N ASN C 1063 11.14 59.33 -51.89
CA ASN C 1063 12.24 59.86 -51.11
C ASN C 1063 12.71 61.19 -51.68
N PHE C 1064 13.21 62.05 -50.79
CA PHE C 1064 13.62 63.40 -51.17
C PHE C 1064 14.98 63.75 -50.57
N THR C 1065 15.35 65.02 -50.66
CA THR C 1065 16.57 65.53 -50.05
C THR C 1065 16.19 66.51 -48.94
N THR C 1066 16.70 66.26 -47.74
CA THR C 1066 16.34 67.02 -46.55
C THR C 1066 17.49 67.91 -46.10
N ALA C 1067 17.20 68.73 -45.09
CA ALA C 1067 18.18 69.64 -44.52
C ALA C 1067 17.77 69.97 -43.09
N PRO C 1068 18.72 70.12 -42.16
CA PRO C 1068 18.36 70.35 -40.76
C PRO C 1068 17.87 71.76 -40.46
N ALA C 1069 18.38 72.76 -41.18
CA ALA C 1069 18.04 74.14 -40.89
C ALA C 1069 18.11 74.97 -42.17
N ILE C 1070 17.77 76.25 -42.06
CA ILE C 1070 17.68 77.15 -43.19
C ILE C 1070 18.29 78.49 -42.79
N CYS C 1071 19.09 79.08 -43.69
CA CYS C 1071 19.66 80.42 -43.50
C CYS C 1071 18.81 81.42 -44.26
N HIS C 1072 18.43 82.51 -43.59
CA HIS C 1072 17.69 83.58 -44.25
C HIS C 1072 18.47 84.88 -44.31
N ASP C 1073 18.88 85.42 -43.17
CA ASP C 1073 19.66 86.66 -43.10
C ASP C 1073 20.76 86.52 -42.05
N GLY C 1074 21.45 85.38 -42.06
CA GLY C 1074 22.36 85.06 -40.99
C GLY C 1074 21.70 84.42 -39.78
N LYS C 1075 20.40 84.14 -39.85
CA LYS C 1075 19.67 83.48 -38.78
C LYS C 1075 19.26 82.08 -39.23
N ALA C 1076 19.15 81.18 -38.26
CA ALA C 1076 18.83 79.78 -38.53
C ALA C 1076 17.38 79.51 -38.16
N HIS C 1077 16.63 78.95 -39.09
CA HIS C 1077 15.22 78.60 -38.88
C HIS C 1077 15.09 77.10 -38.73
N PHE C 1078 14.36 76.67 -37.72
CA PHE C 1078 14.08 75.26 -37.48
C PHE C 1078 12.59 75.01 -37.61
N PRO C 1079 12.19 73.82 -38.06
CA PRO C 1079 10.76 73.53 -38.18
C PRO C 1079 10.07 73.52 -36.82
N ARG C 1080 8.81 73.97 -36.81
CA ARG C 1080 8.03 73.95 -35.59
C ARG C 1080 7.50 72.56 -35.30
N GLU C 1081 6.69 72.02 -36.22
CA GLU C 1081 6.35 70.59 -36.20
C GLU C 1081 6.39 70.11 -37.64
N GLY C 1082 7.44 69.37 -37.99
CA GLY C 1082 7.60 68.87 -39.33
C GLY C 1082 9.07 68.76 -39.69
N VAL C 1083 9.32 68.49 -40.97
CA VAL C 1083 10.67 68.32 -41.47
C VAL C 1083 10.79 69.01 -42.83
N PHE C 1084 11.90 69.70 -43.04
CA PHE C 1084 12.16 70.34 -44.33
C PHE C 1084 12.36 69.29 -45.41
N VAL C 1085 12.06 69.67 -46.65
CA VAL C 1085 12.04 68.72 -47.76
C VAL C 1085 12.10 69.52 -49.05
N SER C 1086 12.55 68.87 -50.12
CA SER C 1086 12.65 69.49 -51.43
C SER C 1086 12.59 68.40 -52.49
N ASN C 1087 12.03 68.75 -53.65
CA ASN C 1087 12.03 67.83 -54.79
C ASN C 1087 13.15 68.10 -55.78
N GLY C 1088 14.03 69.05 -55.50
CA GLY C 1088 15.17 69.34 -56.34
C GLY C 1088 15.26 70.79 -56.80
N THR C 1089 14.14 71.52 -56.72
CA THR C 1089 14.09 72.91 -57.15
C THR C 1089 13.59 73.88 -56.09
N HIS C 1090 12.67 73.45 -55.22
CA HIS C 1090 12.09 74.31 -54.21
C HIS C 1090 12.04 73.55 -52.89
N TRP C 1091 12.07 74.30 -51.79
CA TRP C 1091 12.09 73.73 -50.45
C TRP C 1091 10.76 73.98 -49.77
N PHE C 1092 10.24 72.95 -49.10
CA PHE C 1092 8.96 73.03 -48.41
C PHE C 1092 9.09 72.39 -47.04
N VAL C 1093 8.01 72.45 -46.27
CA VAL C 1093 7.92 71.78 -44.98
C VAL C 1093 6.60 71.01 -44.95
N THR C 1094 6.66 69.77 -44.49
CA THR C 1094 5.47 68.91 -44.43
C THR C 1094 5.29 68.35 -43.04
N GLN C 1095 4.37 67.40 -42.88
CA GLN C 1095 4.24 66.65 -41.64
C GLN C 1095 5.28 65.54 -41.64
N ARG C 1096 5.18 64.62 -40.66
CA ARG C 1096 6.11 63.51 -40.58
C ARG C 1096 5.55 62.21 -41.13
N ASN C 1097 4.23 62.02 -41.12
CA ASN C 1097 3.62 60.76 -41.50
C ASN C 1097 2.76 60.87 -42.75
N PHE C 1098 2.84 61.97 -43.49
CA PHE C 1098 2.03 62.15 -44.69
C PHE C 1098 2.61 63.29 -45.51
N TYR C 1099 2.78 63.06 -46.80
CA TYR C 1099 3.36 64.08 -47.68
C TYR C 1099 2.31 65.15 -47.96
N GLU C 1100 2.60 66.39 -47.56
CA GLU C 1100 1.70 67.51 -47.74
C GLU C 1100 2.50 68.80 -47.72
N PRO C 1101 3.09 69.19 -48.85
CA PRO C 1101 4.02 70.33 -48.85
C PRO C 1101 3.32 71.65 -48.52
N GLN C 1102 4.04 72.52 -47.84
CA GLN C 1102 3.60 73.87 -47.52
C GLN C 1102 4.72 74.84 -47.85
N ILE C 1103 4.35 76.08 -48.12
CA ILE C 1103 5.36 77.11 -48.37
C ILE C 1103 5.98 77.53 -47.04
N ILE C 1104 7.25 77.91 -47.08
CA ILE C 1104 8.00 78.20 -45.86
C ILE C 1104 7.75 79.64 -45.46
N THR C 1105 7.18 79.84 -44.27
CA THR C 1105 6.93 81.19 -43.76
C THR C 1105 7.39 81.29 -42.31
N THR C 1106 7.10 82.41 -41.66
CA THR C 1106 7.49 82.59 -40.27
C THR C 1106 6.53 81.92 -39.29
N ASP C 1107 5.41 81.37 -39.78
CA ASP C 1107 4.49 80.61 -38.93
C ASP C 1107 4.82 79.13 -38.89
N ASN C 1108 5.80 78.68 -39.67
CA ASN C 1108 6.22 77.29 -39.67
C ASN C 1108 7.56 77.07 -38.99
N THR C 1109 8.32 78.14 -38.74
CA THR C 1109 9.69 78.03 -38.23
C THR C 1109 9.87 79.01 -37.08
N PHE C 1110 10.87 78.72 -36.25
CA PHE C 1110 11.27 79.60 -35.16
C PHE C 1110 12.78 79.81 -35.22
N VAL C 1111 13.20 81.04 -34.97
CA VAL C 1111 14.61 81.40 -35.09
C VAL C 1111 15.34 81.04 -33.81
N SER C 1112 16.56 80.52 -33.95
CA SER C 1112 17.40 80.20 -32.79
C SER C 1112 18.86 80.21 -33.24
N GLY C 1113 19.57 81.29 -32.92
CA GLY C 1113 21.00 81.36 -33.15
C GLY C 1113 21.40 82.05 -34.45
N ASN C 1114 22.50 81.59 -35.04
CA ASN C 1114 23.01 82.16 -36.28
C ASN C 1114 23.41 81.02 -37.21
N CYS C 1115 24.09 81.35 -38.30
CA CYS C 1115 24.37 80.42 -39.39
C CYS C 1115 25.78 79.87 -39.35
N ASP C 1116 26.34 79.63 -38.16
CA ASP C 1116 27.72 79.19 -38.05
C ASP C 1116 27.94 77.96 -37.20
N VAL C 1117 26.92 77.45 -36.50
CA VAL C 1117 27.07 76.33 -35.60
C VAL C 1117 26.49 75.05 -36.20
N VAL C 1118 25.28 75.15 -36.77
CA VAL C 1118 24.62 73.97 -37.31
C VAL C 1118 25.43 73.41 -38.47
N ILE C 1119 25.55 72.09 -38.52
CA ILE C 1119 26.27 71.40 -39.58
C ILE C 1119 25.29 70.98 -40.66
N GLY C 1120 25.57 71.38 -41.90
CA GLY C 1120 24.70 71.05 -43.01
C GLY C 1120 23.60 72.04 -43.31
N ILE C 1121 23.71 73.27 -42.83
CA ILE C 1121 22.65 74.25 -43.06
C ILE C 1121 22.69 74.69 -44.52
N VAL C 1122 21.53 75.12 -45.03
CA VAL C 1122 21.30 75.32 -46.45
C VAL C 1122 20.73 76.72 -46.70
N ASN C 1123 21.29 77.43 -47.69
CA ASN C 1123 20.76 78.74 -48.06
C ASN C 1123 19.35 78.60 -48.63
N ASN C 1124 18.50 79.57 -48.33
CA ASN C 1124 17.15 79.64 -48.88
C ASN C 1124 16.56 80.99 -48.52
N THR C 1125 15.30 81.19 -48.88
CA THR C 1125 14.57 82.41 -48.59
C THR C 1125 13.31 82.05 -47.80
N VAL C 1126 13.04 82.80 -46.73
CA VAL C 1126 11.87 82.57 -45.89
C VAL C 1126 10.88 83.69 -46.18
N TYR C 1127 9.69 83.33 -46.64
CA TYR C 1127 8.67 84.31 -46.96
C TYR C 1127 8.14 84.97 -45.70
N ASP C 1128 7.76 86.24 -45.82
CA ASP C 1128 7.19 86.99 -44.72
C ASP C 1128 5.70 87.18 -44.94
N PRO C 1129 4.83 86.58 -44.11
CA PRO C 1129 3.39 86.71 -44.34
C PRO C 1129 2.83 88.10 -44.03
N LEU C 1130 3.60 88.96 -43.37
CA LEU C 1130 3.15 90.31 -43.08
C LEU C 1130 3.00 91.11 -44.38
N GLN D 1 -57.87 -69.09 -0.16
CA GLN D 1 -58.61 -67.94 -0.68
C GLN D 1 -57.76 -67.16 -1.68
N SER D 2 -58.41 -66.60 -2.70
CA SER D 2 -57.71 -65.86 -3.75
C SER D 2 -57.47 -64.44 -3.29
N VAL D 3 -56.19 -64.08 -3.10
CA VAL D 3 -55.86 -62.71 -2.74
C VAL D 3 -56.13 -61.78 -3.91
N LEU D 4 -55.70 -62.17 -5.11
CA LEU D 4 -55.95 -61.38 -6.31
C LEU D 4 -57.36 -61.63 -6.81
N THR D 5 -58.08 -60.55 -7.12
CA THR D 5 -59.45 -60.65 -7.59
C THR D 5 -59.47 -60.80 -9.09
N GLN D 6 -60.22 -61.79 -9.58
CA GLN D 6 -60.27 -62.13 -11.00
C GLN D 6 -61.72 -62.41 -11.37
N PRO D 7 -62.13 -62.03 -12.59
CA PRO D 7 -63.50 -62.29 -13.01
C PRO D 7 -63.77 -63.79 -13.05
N PRO D 8 -65.01 -64.20 -12.77
CA PRO D 8 -65.28 -65.64 -12.67
C PRO D 8 -65.26 -66.35 -14.02
N SER D 9 -65.82 -65.75 -15.06
CA SER D 9 -65.87 -66.39 -16.36
C SER D 9 -65.98 -65.33 -17.45
N VAL D 10 -65.33 -65.60 -18.59
CA VAL D 10 -65.37 -64.73 -19.75
C VAL D 10 -65.81 -65.56 -20.95
N SER D 11 -66.87 -65.13 -21.62
CA SER D 11 -67.37 -65.84 -22.78
C SER D 11 -66.68 -65.35 -24.04
N GLY D 12 -67.10 -65.87 -25.19
CA GLY D 12 -66.55 -65.43 -26.45
C GLY D 12 -66.96 -66.34 -27.57
N ALA D 13 -66.65 -65.91 -28.79
CA ALA D 13 -66.89 -66.65 -30.02
C ALA D 13 -65.62 -66.62 -30.85
N PRO D 14 -65.43 -67.59 -31.74
CA PRO D 14 -64.22 -67.59 -32.56
C PRO D 14 -64.10 -66.34 -33.42
N GLY D 15 -62.89 -65.83 -33.53
CA GLY D 15 -62.62 -64.70 -34.40
C GLY D 15 -62.26 -63.40 -33.69
N GLN D 16 -62.96 -63.09 -32.60
CA GLN D 16 -62.77 -61.82 -31.92
C GLN D 16 -61.78 -61.97 -30.76
N ARG D 17 -61.68 -60.93 -29.94
CA ARG D 17 -60.72 -60.86 -28.85
C ARG D 17 -61.44 -60.88 -27.50
N VAL D 18 -60.77 -61.41 -26.49
CA VAL D 18 -61.28 -61.43 -25.13
C VAL D 18 -60.14 -61.02 -24.19
N THR D 19 -60.52 -60.36 -23.09
CA THR D 19 -59.55 -59.85 -22.13
C THR D 19 -59.90 -60.35 -20.73
N ILE D 20 -58.87 -60.72 -19.98
CA ILE D 20 -58.99 -61.10 -18.57
C ILE D 20 -58.25 -60.06 -17.75
N SER D 21 -58.94 -59.47 -16.78
CA SER D 21 -58.39 -58.38 -15.98
C SER D 21 -58.20 -58.86 -14.54
N CYS D 22 -56.94 -59.13 -14.18
CA CYS D 22 -56.58 -59.56 -12.83
C CYS D 22 -56.09 -58.35 -12.05
N THR D 23 -56.78 -58.03 -10.95
CA THR D 23 -56.48 -56.85 -10.16
C THR D 23 -55.94 -57.25 -8.79
N GLY D 24 -55.03 -56.43 -8.27
CA GLY D 24 -54.37 -56.71 -7.00
C GLY D 24 -54.41 -55.50 -6.08
N SER D 25 -53.85 -55.70 -4.89
CA SER D 25 -53.82 -54.67 -3.86
C SER D 25 -52.54 -53.86 -3.99
N SER D 26 -52.24 -53.05 -2.98
CA SER D 26 -51.03 -52.24 -2.99
C SER D 26 -49.78 -53.06 -2.67
N SER D 27 -49.92 -54.07 -1.80
CA SER D 27 -48.74 -54.84 -1.40
C SER D 27 -48.27 -55.78 -2.49
N ASN D 28 -49.21 -56.43 -3.18
CA ASN D 28 -48.85 -57.50 -4.11
C ASN D 28 -48.34 -56.94 -5.44
N ILE D 29 -49.19 -56.20 -6.15
CA ILE D 29 -48.86 -55.70 -7.47
C ILE D 29 -48.42 -54.24 -7.42
N GLY D 30 -49.02 -53.43 -6.55
CA GLY D 30 -48.66 -52.03 -6.43
C GLY D 30 -47.24 -51.80 -5.95
N ALA D 31 -46.57 -52.82 -5.43
CA ALA D 31 -45.20 -52.71 -4.96
C ALA D 31 -44.18 -52.84 -6.09
N GLY D 32 -44.62 -53.11 -7.32
CA GLY D 32 -43.73 -53.22 -8.46
C GLY D 32 -43.40 -54.62 -8.89
N TYR D 33 -43.95 -55.64 -8.23
CA TYR D 33 -43.71 -57.01 -8.62
C TYR D 33 -44.47 -57.35 -9.90
N ASP D 34 -43.96 -58.34 -10.63
CA ASP D 34 -44.52 -58.69 -11.93
C ASP D 34 -45.74 -59.60 -11.77
N VAL D 35 -46.30 -60.02 -12.90
CA VAL D 35 -47.50 -60.83 -12.94
C VAL D 35 -47.27 -62.00 -13.88
N HIS D 36 -47.77 -63.18 -13.50
CA HIS D 36 -47.56 -64.41 -14.26
C HIS D 36 -48.90 -65.06 -14.54
N TRP D 37 -48.99 -65.77 -15.67
CA TRP D 37 -50.21 -66.44 -16.06
C TRP D 37 -49.92 -67.87 -16.49
N TYR D 38 -50.76 -68.80 -16.03
CA TYR D 38 -50.69 -70.20 -16.40
C TYR D 38 -51.99 -70.61 -17.10
N GLN D 39 -51.94 -71.77 -17.75
CA GLN D 39 -53.11 -72.36 -18.37
C GLN D 39 -53.28 -73.79 -17.85
N GLN D 40 -54.47 -74.10 -17.34
CA GLN D 40 -54.79 -75.42 -16.82
C GLN D 40 -55.89 -76.02 -17.68
N LEU D 41 -55.50 -76.79 -18.70
CA LEU D 41 -56.47 -77.50 -19.50
C LEU D 41 -57.19 -78.54 -18.65
N PRO D 42 -58.44 -78.86 -18.98
CA PRO D 42 -59.21 -79.80 -18.15
C PRO D 42 -58.53 -81.16 -18.08
N GLY D 43 -58.47 -81.70 -16.86
CA GLY D 43 -57.86 -82.99 -16.65
C GLY D 43 -56.35 -83.02 -16.76
N ARG D 44 -55.70 -81.86 -16.57
CA ARG D 44 -54.25 -81.78 -16.70
C ARG D 44 -53.71 -80.79 -15.68
N ALA D 45 -52.41 -80.94 -15.38
CA ALA D 45 -51.75 -80.03 -14.46
C ALA D 45 -51.58 -78.66 -15.11
N PRO D 46 -51.58 -77.58 -14.32
CA PRO D 46 -51.36 -76.25 -14.88
C PRO D 46 -50.00 -76.15 -15.56
N LYS D 47 -49.96 -75.39 -16.66
CA LYS D 47 -48.75 -75.21 -17.44
C LYS D 47 -48.49 -73.71 -17.60
N LEU D 48 -47.21 -73.33 -17.54
CA LEU D 48 -46.83 -71.93 -17.70
C LEU D 48 -47.23 -71.44 -19.08
N LEU D 49 -47.88 -70.28 -19.11
CA LEU D 49 -48.38 -69.71 -20.36
C LEU D 49 -47.77 -68.34 -20.66
N ILE D 50 -47.74 -67.43 -19.68
CA ILE D 50 -47.13 -66.13 -19.85
C ILE D 50 -46.33 -65.79 -18.61
N PHE D 51 -45.01 -65.93 -18.69
CA PHE D 51 -44.12 -65.60 -17.58
C PHE D 51 -43.57 -64.20 -17.78
N ASP D 52 -43.51 -63.44 -16.67
CA ASP D 52 -43.18 -62.02 -16.69
C ASP D 52 -44.24 -61.24 -17.48
N ASN D 53 -44.16 -59.91 -17.45
CA ASN D 53 -45.12 -59.10 -18.20
C ASN D 53 -44.94 -59.36 -19.69
N ASN D 54 -45.97 -59.92 -20.32
CA ASN D 54 -45.90 -60.45 -21.69
C ASN D 54 -44.75 -61.46 -21.70
N ASN D 55 -43.84 -61.40 -22.68
CA ASN D 55 -42.64 -62.23 -22.70
C ASN D 55 -43.01 -63.72 -22.64
N ARG D 56 -43.72 -64.17 -23.66
CA ARG D 56 -44.18 -65.55 -23.70
C ARG D 56 -43.00 -66.51 -23.81
N PRO D 57 -43.13 -67.70 -23.22
CA PRO D 57 -42.05 -68.69 -23.31
C PRO D 57 -42.08 -69.48 -24.61
N SER D 58 -41.22 -70.50 -24.72
CA SER D 58 -41.20 -71.33 -25.90
C SER D 58 -42.46 -72.21 -25.97
N GLY D 59 -42.77 -72.64 -27.20
CA GLY D 59 -43.87 -73.57 -27.42
C GLY D 59 -45.25 -73.05 -27.10
N VAL D 60 -45.56 -71.83 -27.54
CA VAL D 60 -46.90 -71.26 -27.36
C VAL D 60 -47.22 -70.36 -28.54
N PRO D 61 -48.43 -70.41 -29.09
CA PRO D 61 -48.81 -69.47 -30.14
C PRO D 61 -48.79 -68.03 -29.64
N ASP D 62 -48.46 -67.11 -30.55
CA ASP D 62 -48.36 -65.71 -30.21
C ASP D 62 -49.71 -65.05 -29.99
N ARG D 63 -50.81 -65.80 -30.17
CA ARG D 63 -52.15 -65.26 -29.97
C ARG D 63 -52.37 -64.73 -28.55
N PHE D 64 -51.57 -65.19 -27.59
CA PHE D 64 -51.73 -64.79 -26.19
C PHE D 64 -50.77 -63.65 -25.88
N SER D 65 -51.31 -62.58 -25.31
CA SER D 65 -50.50 -61.44 -24.88
C SER D 65 -51.10 -60.84 -23.63
N GLY D 66 -50.27 -60.14 -22.86
CA GLY D 66 -50.72 -59.54 -21.62
C GLY D 66 -49.82 -58.38 -21.25
N SER D 67 -50.31 -57.58 -20.29
CA SER D 67 -49.58 -56.41 -19.83
C SER D 67 -50.05 -56.05 -18.43
N LYS D 68 -49.26 -55.22 -17.75
CA LYS D 68 -49.55 -54.77 -16.40
C LYS D 68 -49.43 -53.25 -16.33
N SER D 69 -50.27 -52.64 -15.50
CA SER D 69 -50.27 -51.20 -15.34
C SER D 69 -50.90 -50.85 -14.01
N GLY D 70 -50.28 -49.90 -13.29
CA GLY D 70 -50.80 -49.44 -12.03
C GLY D 70 -50.87 -50.51 -10.96
N THR D 71 -52.10 -50.92 -10.62
CA THR D 71 -52.32 -51.96 -9.61
C THR D 71 -53.10 -53.14 -10.16
N SER D 72 -53.10 -53.32 -11.48
CA SER D 72 -53.86 -54.39 -12.10
C SER D 72 -53.11 -54.86 -13.34
N ALA D 73 -53.49 -56.04 -13.82
CA ALA D 73 -52.92 -56.63 -15.02
C ALA D 73 -54.02 -57.17 -15.91
N SER D 74 -53.73 -57.28 -17.20
CA SER D 74 -54.69 -57.74 -18.18
C SER D 74 -54.03 -58.69 -19.17
N LEU D 75 -54.71 -59.79 -19.47
CA LEU D 75 -54.29 -60.74 -20.49
C LEU D 75 -55.28 -60.71 -21.64
N ALA D 76 -54.75 -60.71 -22.87
CA ALA D 76 -55.55 -60.59 -24.07
C ALA D 76 -55.33 -61.81 -24.95
N ILE D 77 -56.43 -62.36 -25.47
CA ILE D 77 -56.39 -63.49 -26.40
C ILE D 77 -56.84 -62.97 -27.76
N THR D 78 -55.97 -63.07 -28.76
CA THR D 78 -56.22 -62.54 -30.09
C THR D 78 -56.54 -63.68 -31.05
N GLY D 79 -57.58 -63.50 -31.84
CA GLY D 79 -57.99 -64.53 -32.78
C GLY D 79 -58.42 -65.81 -32.10
N LEU D 80 -59.36 -65.69 -31.16
CA LEU D 80 -59.76 -66.83 -30.33
C LEU D 80 -60.31 -67.96 -31.19
N GLN D 81 -59.98 -69.20 -30.81
CA GLN D 81 -60.53 -70.40 -31.41
C GLN D 81 -61.30 -71.19 -30.36
N THR D 82 -61.73 -72.39 -30.74
CA THR D 82 -62.52 -73.25 -29.87
C THR D 82 -61.71 -74.10 -28.92
N GLU D 83 -60.38 -74.19 -29.11
CA GLU D 83 -59.53 -75.04 -28.31
C GLU D 83 -58.99 -74.35 -27.05
N ASP D 84 -59.40 -73.11 -26.79
CA ASP D 84 -58.91 -72.35 -25.66
C ASP D 84 -59.79 -72.50 -24.42
N GLU D 85 -60.77 -73.40 -24.46
CA GLU D 85 -61.67 -73.62 -23.34
C GLU D 85 -60.88 -74.28 -22.20
N ALA D 86 -60.45 -73.48 -21.23
CA ALA D 86 -59.67 -73.96 -20.11
C ALA D 86 -59.71 -72.91 -19.00
N TYR D 87 -58.88 -73.09 -17.98
CA TYR D 87 -58.76 -72.15 -16.88
C TYR D 87 -57.45 -71.38 -16.99
N TYR D 88 -57.47 -70.13 -16.54
CA TYR D 88 -56.30 -69.26 -16.57
C TYR D 88 -56.18 -68.56 -15.23
N TYR D 89 -54.98 -68.58 -14.65
CA TYR D 89 -54.72 -68.06 -13.32
C TYR D 89 -53.64 -67.00 -13.38
N CYS D 90 -53.83 -65.93 -12.60
CA CYS D 90 -52.84 -64.87 -12.48
C CYS D 90 -52.10 -65.03 -11.15
N GLN D 91 -50.77 -64.91 -11.19
CA GLN D 91 -49.94 -65.15 -10.03
C GLN D 91 -48.97 -63.98 -9.85
N SER D 92 -48.62 -63.71 -8.59
CA SER D 92 -47.68 -62.64 -8.26
C SER D 92 -47.08 -62.96 -6.89
N TYR D 93 -46.41 -61.97 -6.31
CA TYR D 93 -45.76 -62.13 -5.01
C TYR D 93 -46.22 -61.01 -4.09
N ASP D 94 -46.25 -61.32 -2.79
CA ASP D 94 -46.68 -60.37 -1.76
C ASP D 94 -45.54 -60.14 -0.79
N ASN D 95 -45.33 -58.88 -0.42
CA ASN D 95 -44.21 -58.49 0.44
C ASN D 95 -44.62 -58.30 1.89
N SER D 96 -45.91 -58.37 2.21
CA SER D 96 -46.38 -58.26 3.59
C SER D 96 -46.70 -59.64 4.19
N LEU D 97 -47.56 -60.40 3.52
CA LEU D 97 -47.87 -61.75 3.98
C LEU D 97 -46.71 -62.72 3.75
N ILE D 98 -45.78 -62.37 2.86
CA ILE D 98 -44.57 -63.15 2.58
C ILE D 98 -44.93 -64.55 2.10
N LEU D 99 -45.55 -64.64 0.93
CA LEU D 99 -45.78 -65.89 0.21
C LEU D 99 -46.36 -65.56 -1.15
N ALA D 100 -46.07 -66.43 -2.13
CA ALA D 100 -46.64 -66.27 -3.46
C ALA D 100 -48.15 -66.44 -3.40
N VAL D 101 -48.86 -65.64 -4.18
CA VAL D 101 -50.31 -65.60 -4.16
C VAL D 101 -50.86 -65.88 -5.56
N PHE D 102 -52.02 -66.50 -5.60
CA PHE D 102 -52.66 -66.90 -6.85
C PHE D 102 -53.99 -66.18 -7.00
N GLY D 103 -54.51 -66.20 -8.23
CA GLY D 103 -55.81 -65.62 -8.50
C GLY D 103 -56.93 -66.65 -8.44
N GLY D 104 -58.16 -66.15 -8.54
CA GLY D 104 -59.32 -67.02 -8.49
C GLY D 104 -59.52 -67.86 -9.74
N GLY D 105 -58.95 -67.45 -10.86
CA GLY D 105 -59.09 -68.21 -12.09
C GLY D 105 -60.31 -67.80 -12.89
N THR D 106 -60.21 -67.99 -14.20
CA THR D 106 -61.29 -67.67 -15.12
C THR D 106 -61.50 -68.83 -16.07
N LYS D 107 -62.75 -69.23 -16.25
CA LYS D 107 -63.12 -70.30 -17.19
C LYS D 107 -63.54 -69.62 -18.50
N VAL D 108 -62.63 -69.59 -19.46
CA VAL D 108 -62.92 -68.99 -20.76
C VAL D 108 -63.81 -69.93 -21.55
N THR D 109 -64.95 -69.41 -22.01
CA THR D 109 -65.93 -70.19 -22.75
C THR D 109 -66.02 -69.64 -24.17
N VAL D 110 -65.94 -70.54 -25.15
CA VAL D 110 -66.01 -70.19 -26.57
C VAL D 110 -67.32 -70.71 -27.12
N LEU D 111 -68.14 -69.81 -27.65
CA LEU D 111 -69.45 -70.19 -28.18
C LEU D 111 -69.31 -70.77 -29.60
N GLU E 1 -36.14 -84.47 -21.54
CA GLU E 1 -37.16 -83.47 -21.19
C GLU E 1 -37.35 -83.39 -19.68
N VAL E 2 -37.69 -82.20 -19.19
CA VAL E 2 -37.93 -81.98 -17.77
C VAL E 2 -39.26 -82.64 -17.40
N GLN E 3 -39.20 -83.78 -16.72
CA GLN E 3 -40.38 -84.51 -16.30
C GLN E 3 -40.31 -84.80 -14.81
N LEU E 4 -41.47 -84.77 -14.16
CA LEU E 4 -41.57 -85.03 -12.73
C LEU E 4 -42.70 -85.99 -12.46
N VAL E 5 -42.43 -87.00 -11.64
CA VAL E 5 -43.43 -88.01 -11.27
C VAL E 5 -43.48 -88.08 -9.75
N GLU E 6 -44.68 -88.00 -9.19
CA GLU E 6 -44.88 -88.02 -7.75
C GLU E 6 -45.88 -89.10 -7.36
N SER E 7 -45.73 -89.61 -6.15
CA SER E 7 -46.58 -90.67 -5.62
C SER E 7 -46.56 -90.60 -4.11
N GLY E 8 -47.56 -91.23 -3.50
CA GLY E 8 -47.67 -91.26 -2.05
C GLY E 8 -49.02 -90.80 -1.53
N GLY E 9 -50.00 -90.70 -2.42
CA GLY E 9 -51.33 -90.30 -2.02
C GLY E 9 -52.23 -91.49 -1.72
N GLY E 10 -53.27 -91.23 -0.93
CA GLY E 10 -54.21 -92.27 -0.58
C GLY E 10 -55.30 -91.73 0.32
N VAL E 11 -56.22 -92.62 0.66
CA VAL E 11 -57.34 -92.30 1.54
C VAL E 11 -56.94 -92.68 2.96
N VAL E 12 -57.00 -91.72 3.89
CA VAL E 12 -56.57 -91.93 5.26
C VAL E 12 -57.61 -91.36 6.20
N GLN E 13 -57.65 -91.90 7.42
CA GLN E 13 -58.47 -91.37 8.49
C GLN E 13 -57.82 -90.13 9.09
N PRO E 14 -58.62 -89.23 9.66
CA PRO E 14 -58.05 -88.03 10.29
C PRO E 14 -57.14 -88.38 11.46
N GLY E 15 -56.06 -87.61 11.59
CA GLY E 15 -55.12 -87.76 12.68
C GLY E 15 -53.86 -88.52 12.31
N ARG E 16 -53.87 -89.29 11.23
CA ARG E 16 -52.71 -90.06 10.82
C ARG E 16 -51.80 -89.23 9.93
N SER E 17 -50.54 -89.67 9.81
CA SER E 17 -49.52 -88.97 9.07
C SER E 17 -49.19 -89.72 7.78
N LEU E 18 -48.87 -88.96 6.73
CA LEU E 18 -48.54 -89.51 5.42
C LEU E 18 -47.17 -88.98 4.98
N ARG E 19 -46.73 -89.46 3.81
CA ARG E 19 -45.42 -89.11 3.29
C ARG E 19 -45.40 -89.38 1.80
N LEU E 20 -45.16 -88.34 1.00
CA LEU E 20 -45.14 -88.46 -0.45
C LEU E 20 -43.94 -87.72 -1.00
N SER E 21 -43.52 -88.11 -2.20
CA SER E 21 -42.31 -87.58 -2.80
C SER E 21 -42.45 -87.56 -4.32
N CYS E 22 -41.60 -86.75 -4.96
CA CYS E 22 -41.51 -86.74 -6.42
C CYS E 22 -40.05 -86.85 -6.83
N ALA E 23 -39.79 -87.65 -7.85
CA ALA E 23 -38.45 -87.86 -8.39
C ALA E 23 -38.32 -87.14 -9.71
N ALA E 24 -37.28 -86.32 -9.83
CA ALA E 24 -37.04 -85.53 -11.04
C ALA E 24 -36.01 -86.20 -11.93
N SER E 25 -35.91 -85.71 -13.16
CA SER E 25 -34.96 -86.24 -14.12
C SER E 25 -34.82 -85.25 -15.26
N GLY E 26 -33.73 -85.40 -16.02
CA GLY E 26 -33.50 -84.60 -17.20
C GLY E 26 -32.79 -83.29 -16.97
N PHE E 27 -32.53 -82.92 -15.72
CA PHE E 27 -31.86 -81.67 -15.41
C PHE E 27 -31.09 -81.82 -14.11
N LYS E 28 -30.14 -80.91 -13.90
CA LYS E 28 -29.29 -80.94 -12.71
C LYS E 28 -30.14 -80.58 -11.50
N PHE E 29 -30.49 -81.59 -10.70
CA PHE E 29 -31.40 -81.39 -9.58
C PHE E 29 -30.82 -80.50 -8.50
N SER E 30 -29.49 -80.46 -8.36
CA SER E 30 -28.87 -79.73 -7.27
C SER E 30 -29.03 -78.22 -7.42
N LYS E 31 -29.11 -77.72 -8.65
CA LYS E 31 -29.06 -76.28 -8.87
C LYS E 31 -30.35 -75.60 -8.40
N PHE E 32 -31.50 -76.14 -8.76
CA PHE E 32 -32.76 -75.44 -8.62
C PHE E 32 -33.43 -75.74 -7.28
N ALA E 33 -33.85 -74.69 -6.58
CA ALA E 33 -34.76 -74.86 -5.46
C ALA E 33 -36.13 -75.25 -5.98
N MET E 34 -36.93 -75.88 -5.12
CA MET E 34 -38.19 -76.46 -5.56
C MET E 34 -39.29 -76.17 -4.55
N HIS E 35 -40.52 -76.06 -5.07
CA HIS E 35 -41.69 -75.68 -4.29
C HIS E 35 -42.71 -76.80 -4.28
N TRP E 36 -43.56 -76.79 -3.27
CA TRP E 36 -44.74 -77.65 -3.20
C TRP E 36 -45.98 -76.78 -3.32
N VAL E 37 -46.91 -77.17 -4.19
CA VAL E 37 -48.13 -76.43 -4.45
C VAL E 37 -49.31 -77.39 -4.45
N ARG E 38 -50.36 -77.06 -3.71
CA ARG E 38 -51.56 -77.85 -3.64
C ARG E 38 -52.73 -77.07 -4.23
N GLN E 39 -53.74 -77.81 -4.70
CA GLN E 39 -54.92 -77.21 -5.31
C GLN E 39 -56.15 -77.97 -4.86
N ALA E 40 -57.04 -77.29 -4.15
CA ALA E 40 -58.28 -77.90 -3.71
C ALA E 40 -59.16 -78.24 -4.93
N PRO E 41 -60.04 -79.24 -4.81
CA PRO E 41 -60.85 -79.63 -5.97
C PRO E 41 -61.88 -78.57 -6.35
N GLY E 42 -61.66 -77.93 -7.50
CA GLY E 42 -62.57 -76.93 -8.01
C GLY E 42 -62.26 -75.50 -7.62
N LYS E 43 -61.13 -75.26 -6.96
CA LYS E 43 -60.75 -73.93 -6.50
C LYS E 43 -59.39 -73.55 -7.09
N GLY E 44 -58.86 -72.42 -6.66
CA GLY E 44 -57.58 -71.95 -7.12
C GLY E 44 -56.43 -72.60 -6.39
N PRO E 45 -55.26 -72.65 -7.03
CA PRO E 45 -54.09 -73.25 -6.39
C PRO E 45 -53.62 -72.42 -5.20
N GLU E 46 -52.91 -73.09 -4.29
CA GLU E 46 -52.37 -72.46 -3.10
C GLU E 46 -50.93 -72.89 -2.91
N TRP E 47 -50.15 -72.05 -2.25
CA TRP E 47 -48.74 -72.31 -1.99
C TRP E 47 -48.58 -73.03 -0.65
N VAL E 48 -47.57 -73.89 -0.57
CA VAL E 48 -47.39 -74.75 0.59
C VAL E 48 -46.07 -74.48 1.30
N ALA E 49 -44.95 -74.71 0.61
CA ALA E 49 -43.63 -74.57 1.24
C ALA E 49 -42.58 -74.42 0.14
N VAL E 50 -41.31 -74.39 0.55
CA VAL E 50 -40.19 -74.26 -0.36
C VAL E 50 -38.93 -74.71 0.37
N ILE E 51 -38.03 -75.35 -0.37
CA ILE E 51 -36.75 -75.79 0.16
C ILE E 51 -35.65 -75.29 -0.77
N SER E 52 -34.52 -74.88 -0.20
CA SER E 52 -33.42 -74.34 -0.99
C SER E 52 -32.76 -75.45 -1.79
N TYR E 53 -31.69 -75.09 -2.51
CA TYR E 53 -31.01 -76.02 -3.39
C TYR E 53 -30.01 -76.91 -2.66
N ASP E 54 -29.80 -76.70 -1.36
CA ASP E 54 -28.96 -77.58 -0.56
C ASP E 54 -29.64 -78.07 0.71
N GLY E 55 -30.84 -77.60 1.01
CA GLY E 55 -31.57 -78.03 2.20
C GLY E 55 -31.23 -77.28 3.46
N ASN E 56 -30.26 -76.37 3.43
CA ASN E 56 -29.89 -75.63 4.63
C ASN E 56 -30.98 -74.66 5.05
N GLN E 57 -31.63 -74.02 4.08
CA GLN E 57 -32.67 -73.03 4.34
C GLN E 57 -33.98 -73.48 3.72
N TYR E 58 -35.08 -73.12 4.38
CA TYR E 58 -36.41 -73.50 3.93
C TYR E 58 -37.42 -72.49 4.45
N HIS E 59 -38.66 -72.63 3.98
CA HIS E 59 -39.75 -71.77 4.41
C HIS E 59 -41.06 -72.49 4.15
N SER E 60 -42.04 -72.21 5.00
CA SER E 60 -43.34 -72.86 4.93
C SER E 60 -44.45 -71.81 5.07
N ALA E 61 -45.61 -72.13 4.51
CA ALA E 61 -46.76 -71.26 4.63
C ALA E 61 -47.26 -71.24 6.08
N ASP E 62 -47.92 -70.14 6.44
CA ASP E 62 -48.38 -69.97 7.82
C ASP E 62 -49.44 -71.00 8.19
N SER E 63 -50.32 -71.32 7.24
CA SER E 63 -51.43 -72.22 7.54
C SER E 63 -50.95 -73.61 7.93
N VAL E 64 -49.94 -74.12 7.23
CA VAL E 64 -49.47 -75.48 7.44
C VAL E 64 -48.25 -75.53 8.36
N LYS E 65 -47.87 -74.40 8.94
CA LYS E 65 -46.72 -74.38 9.83
C LYS E 65 -47.00 -75.22 11.08
N GLY E 66 -45.98 -75.94 11.54
CA GLY E 66 -46.12 -76.83 12.66
C GLY E 66 -46.67 -78.20 12.35
N ARG E 67 -47.06 -78.45 11.09
CA ARG E 67 -47.57 -79.75 10.68
C ARG E 67 -46.90 -80.31 9.43
N PHE E 68 -46.29 -79.48 8.60
CA PHE E 68 -45.70 -79.91 7.33
C PHE E 68 -44.20 -79.70 7.38
N THR E 69 -43.44 -80.73 7.01
CA THR E 69 -42.00 -80.67 6.97
C THR E 69 -41.51 -81.24 5.65
N ILE E 70 -40.51 -80.59 5.05
CA ILE E 70 -39.97 -80.99 3.76
C ILE E 70 -38.47 -81.27 3.90
N SER E 71 -38.01 -82.33 3.26
CA SER E 71 -36.61 -82.70 3.23
C SER E 71 -36.18 -82.91 1.78
N ARG E 72 -34.89 -83.12 1.59
CA ARG E 72 -34.33 -83.21 0.25
C ARG E 72 -33.14 -84.15 0.25
N ASP E 73 -33.06 -85.02 -0.76
CA ASP E 73 -31.91 -85.88 -1.00
C ASP E 73 -31.34 -85.50 -2.35
N ASN E 74 -30.19 -84.84 -2.35
CA ASN E 74 -29.59 -84.37 -3.60
C ASN E 74 -29.00 -85.51 -4.41
N SER E 75 -28.61 -86.61 -3.75
CA SER E 75 -27.98 -87.72 -4.47
C SER E 75 -28.99 -88.53 -5.27
N PHE E 76 -30.16 -88.81 -4.68
CA PHE E 76 -31.15 -89.70 -5.29
C PHE E 76 -32.19 -88.96 -6.12
N ASN E 77 -32.05 -87.65 -6.29
CA ASN E 77 -32.94 -86.86 -7.14
C ASN E 77 -34.39 -86.95 -6.69
N THR E 78 -34.60 -86.99 -5.38
CA THR E 78 -35.92 -87.04 -4.79
C THR E 78 -36.03 -86.01 -3.67
N LEU E 79 -37.24 -85.47 -3.50
CA LEU E 79 -37.55 -84.56 -2.42
C LEU E 79 -38.79 -85.04 -1.69
N TYR E 80 -38.82 -84.85 -0.37
CA TYR E 80 -39.82 -85.45 0.49
C TYR E 80 -40.64 -84.37 1.18
N LEU E 81 -41.91 -84.68 1.43
CA LEU E 81 -42.80 -83.80 2.18
C LEU E 81 -43.53 -84.63 3.23
N GLN E 82 -43.46 -84.19 4.49
CA GLN E 82 -44.07 -84.88 5.61
C GLN E 82 -45.26 -84.09 6.13
N MET E 83 -46.41 -84.76 6.26
CA MET E 83 -47.58 -84.18 6.89
C MET E 83 -47.99 -85.02 8.09
N ASN E 84 -48.19 -84.36 9.23
CA ASN E 84 -48.59 -85.01 10.46
C ASN E 84 -49.92 -84.44 10.94
N SER E 85 -50.79 -85.32 11.44
CA SER E 85 -52.11 -84.95 11.96
C SER E 85 -52.93 -84.22 10.89
N LEU E 86 -53.26 -84.99 9.84
CA LEU E 86 -54.04 -84.45 8.74
C LEU E 86 -55.38 -83.92 9.21
N GLY E 87 -55.77 -82.77 8.66
CA GLY E 87 -57.05 -82.16 8.96
C GLY E 87 -58.04 -82.36 7.84
N PRO E 88 -59.32 -82.14 8.12
CA PRO E 88 -60.35 -82.36 7.10
C PRO E 88 -60.23 -81.46 5.89
N GLU E 89 -59.51 -80.34 6.00
CA GLU E 89 -59.32 -79.41 4.89
C GLU E 89 -57.96 -79.57 4.21
N ASP E 90 -57.31 -80.72 4.38
CA ASP E 90 -56.06 -81.02 3.70
C ASP E 90 -56.27 -81.81 2.41
N THR E 91 -57.52 -82.03 2.01
CA THR E 91 -57.82 -82.80 0.81
C THR E 91 -57.66 -81.91 -0.42
N ALA E 92 -56.70 -82.27 -1.28
CA ALA E 92 -56.40 -81.49 -2.48
C ALA E 92 -55.53 -82.34 -3.38
N VAL E 93 -55.04 -81.74 -4.47
CA VAL E 93 -54.08 -82.37 -5.37
C VAL E 93 -52.75 -81.65 -5.21
N TYR E 94 -51.70 -82.40 -4.92
CA TYR E 94 -50.40 -81.84 -4.56
C TYR E 94 -49.44 -81.96 -5.74
N TYR E 95 -48.93 -80.82 -6.19
CA TYR E 95 -47.88 -80.77 -7.21
C TYR E 95 -46.58 -80.31 -6.59
N CYS E 96 -45.47 -80.84 -7.09
CA CYS E 96 -44.14 -80.34 -6.75
C CYS E 96 -43.62 -79.56 -7.94
N ALA E 97 -43.25 -78.30 -7.72
CA ALA E 97 -42.92 -77.38 -8.79
C ALA E 97 -41.45 -76.96 -8.72
N ARG E 98 -40.96 -76.46 -9.84
CA ARG E 98 -39.56 -76.05 -9.99
C ARG E 98 -39.48 -74.54 -10.06
N ASP E 99 -38.48 -73.98 -9.36
CA ASP E 99 -38.30 -72.54 -9.34
C ASP E 99 -37.89 -72.04 -10.72
N GLY E 100 -38.20 -70.77 -10.99
CA GLY E 100 -37.93 -70.18 -12.29
C GLY E 100 -36.47 -69.81 -12.46
N PRO E 101 -35.92 -70.11 -13.64
CA PRO E 101 -34.50 -69.81 -13.90
C PRO E 101 -34.21 -68.32 -13.96
N ASP E 102 -34.96 -67.60 -14.79
CA ASP E 102 -34.73 -66.18 -15.03
C ASP E 102 -36.01 -65.40 -14.77
N THR E 103 -35.93 -64.41 -13.89
CA THR E 103 -37.09 -63.61 -13.52
C THR E 103 -36.97 -62.15 -13.94
N SER E 104 -35.91 -61.79 -14.66
CA SER E 104 -35.69 -60.45 -15.21
C SER E 104 -35.64 -59.46 -14.04
N GLY E 105 -36.49 -58.45 -13.98
CA GLY E 105 -36.34 -57.41 -12.98
C GLY E 105 -36.61 -57.91 -11.57
N TYR E 106 -35.92 -57.28 -10.61
CA TYR E 106 -36.07 -57.54 -9.18
C TYR E 106 -35.60 -58.94 -8.80
N TYR E 107 -35.38 -59.16 -7.50
CA TYR E 107 -34.91 -60.44 -7.00
C TYR E 107 -35.94 -61.20 -6.19
N ALA E 108 -37.09 -60.60 -5.89
CA ALA E 108 -38.11 -61.25 -5.07
C ALA E 108 -39.18 -61.95 -5.89
N ASN E 109 -39.22 -61.76 -7.20
CA ASN E 109 -40.24 -62.38 -8.03
C ASN E 109 -39.93 -63.86 -8.23
N ILE E 110 -40.95 -64.70 -8.08
CA ILE E 110 -40.82 -66.14 -8.22
C ILE E 110 -41.93 -66.66 -9.11
N TYR E 111 -41.63 -67.69 -9.89
CA TYR E 111 -42.62 -68.33 -10.74
C TYR E 111 -42.21 -69.78 -10.99
N PHE E 112 -43.21 -70.58 -11.36
CA PHE E 112 -43.04 -72.01 -11.55
C PHE E 112 -43.15 -72.33 -13.04
N ASP E 113 -42.12 -72.98 -13.58
CA ASP E 113 -42.07 -73.26 -15.02
C ASP E 113 -42.36 -74.70 -15.39
N PHE E 114 -42.15 -75.65 -14.48
CA PHE E 114 -42.40 -77.06 -14.76
C PHE E 114 -43.17 -77.67 -13.60
N TRP E 115 -44.22 -78.42 -13.92
CA TRP E 115 -45.11 -79.02 -12.94
C TRP E 115 -45.14 -80.53 -13.12
N GLY E 116 -45.48 -81.23 -12.04
CA GLY E 116 -45.64 -82.66 -12.10
C GLY E 116 -47.00 -83.07 -12.62
N GLN E 117 -47.64 -84.04 -11.96
CA GLN E 117 -48.97 -84.49 -12.34
C GLN E 117 -49.98 -84.42 -11.20
N GLY E 118 -49.57 -84.67 -9.97
CA GLY E 118 -50.43 -84.57 -8.82
C GLY E 118 -50.83 -85.95 -8.29
N THR E 119 -51.03 -86.02 -6.98
CA THR E 119 -51.52 -87.22 -6.32
C THR E 119 -52.73 -86.85 -5.47
N LEU E 120 -53.83 -87.58 -5.66
CA LEU E 120 -55.05 -87.27 -4.93
C LEU E 120 -54.89 -87.71 -3.48
N VAL E 121 -55.04 -86.76 -2.57
CA VAL E 121 -54.98 -87.03 -1.13
C VAL E 121 -56.30 -86.58 -0.52
N THR E 122 -56.95 -87.50 0.19
CA THR E 122 -58.24 -87.22 0.82
C THR E 122 -58.25 -87.79 2.23
N VAL E 123 -59.04 -87.15 3.09
CA VAL E 123 -59.18 -87.54 4.49
C VAL E 123 -60.65 -87.76 4.78
N SER E 124 -60.99 -88.95 5.26
CA SER E 124 -62.37 -89.32 5.61
C SER E 124 -62.30 -90.60 6.43
N SER E 125 -63.47 -91.19 6.68
CA SER E 125 -63.55 -92.44 7.43
C SER E 125 -64.76 -93.26 6.99
N GLN F 1 21.76 -66.32 21.28
CA GLN F 1 22.34 -66.73 20.02
C GLN F 1 23.46 -65.77 19.61
N SER F 2 24.38 -66.24 18.77
CA SER F 2 25.52 -65.44 18.33
C SER F 2 25.15 -64.73 17.03
N VAL F 3 24.99 -63.40 17.10
CA VAL F 3 24.71 -62.63 15.89
C VAL F 3 25.92 -62.67 14.95
N LEU F 4 27.11 -62.42 15.48
CA LEU F 4 28.33 -62.53 14.70
C LEU F 4 28.70 -63.99 14.49
N THR F 5 29.20 -64.31 13.30
CA THR F 5 29.65 -65.66 13.00
C THR F 5 31.15 -65.78 13.23
N GLN F 6 31.59 -67.02 13.46
CA GLN F 6 32.97 -67.26 13.85
C GLN F 6 33.32 -68.70 13.53
N PRO F 7 34.52 -68.99 13.03
CA PRO F 7 34.89 -70.38 12.75
C PRO F 7 34.86 -71.22 14.01
N PRO F 8 34.41 -72.48 13.92
CA PRO F 8 34.27 -73.29 15.15
C PRO F 8 35.58 -73.55 15.86
N SER F 9 36.67 -73.71 15.12
CA SER F 9 37.97 -73.98 15.74
C SER F 9 39.07 -73.61 14.75
N VAL F 10 40.27 -73.43 15.29
CA VAL F 10 41.44 -73.11 14.49
C VAL F 10 42.57 -74.05 14.91
N SER F 11 43.09 -74.81 13.95
CA SER F 11 44.23 -75.67 14.22
C SER F 11 45.52 -74.85 14.18
N GLY F 12 46.57 -75.42 14.75
CA GLY F 12 47.86 -74.76 14.74
C GLY F 12 48.89 -75.56 15.51
N ALA F 13 50.14 -75.27 15.21
CA ALA F 13 51.31 -75.84 15.87
C ALA F 13 52.27 -74.70 16.17
N PRO F 14 53.14 -74.87 17.18
CA PRO F 14 54.09 -73.80 17.51
C PRO F 14 54.98 -73.46 16.31
N GLY F 15 55.21 -72.16 16.12
CA GLY F 15 56.10 -71.70 15.08
C GLY F 15 55.46 -70.84 14.01
N GLN F 16 54.26 -71.20 13.56
CA GLN F 16 53.60 -70.49 12.48
C GLN F 16 52.50 -69.59 13.04
N ARG F 17 51.74 -68.98 12.13
CA ARG F 17 50.70 -68.01 12.47
C ARG F 17 49.32 -68.58 12.20
N VAL F 18 48.34 -68.09 12.95
CA VAL F 18 46.93 -68.46 12.75
C VAL F 18 46.09 -67.18 12.79
N THR F 19 44.96 -67.20 12.09
CA THR F 19 44.06 -66.06 12.03
C THR F 19 42.63 -66.52 12.19
N ILE F 20 41.81 -65.67 12.80
CA ILE F 20 40.39 -65.92 13.00
C ILE F 20 39.62 -64.77 12.37
N SER F 21 38.60 -65.10 11.58
CA SER F 21 37.80 -64.12 10.86
C SER F 21 36.43 -64.01 11.52
N CYS F 22 36.09 -62.80 11.97
CA CYS F 22 34.80 -62.52 12.60
C CYS F 22 33.98 -61.66 11.63
N THR F 23 32.98 -62.26 11.01
CA THR F 23 32.19 -61.61 9.98
C THR F 23 30.89 -61.05 10.56
N GLY F 24 30.54 -59.83 10.13
CA GLY F 24 29.35 -59.17 10.62
C GLY F 24 28.47 -58.71 9.48
N SER F 25 27.28 -58.26 9.85
CA SER F 25 26.27 -57.84 8.88
C SER F 25 26.40 -56.34 8.60
N SER F 26 25.39 -55.77 7.96
CA SER F 26 25.41 -54.33 7.65
C SER F 26 25.15 -53.48 8.88
N SER F 27 24.21 -53.90 9.73
CA SER F 27 23.81 -53.07 10.86
C SER F 27 24.89 -53.04 11.94
N ASN F 28 25.46 -54.21 12.27
CA ASN F 28 26.36 -54.30 13.42
C ASN F 28 27.74 -53.75 13.07
N ILE F 29 28.42 -54.36 12.10
CA ILE F 29 29.80 -53.99 11.79
C ILE F 29 29.91 -53.14 10.53
N GLY F 30 28.90 -53.15 9.66
CA GLY F 30 28.95 -52.32 8.46
C GLY F 30 28.69 -50.85 8.72
N ALA F 31 28.06 -50.51 9.84
CA ALA F 31 27.79 -49.11 10.16
C ALA F 31 29.09 -48.35 10.38
N GLY F 32 30.06 -48.96 11.05
CA GLY F 32 31.33 -48.31 11.29
C GLY F 32 31.87 -48.56 12.67
N TYR F 33 31.11 -49.29 13.50
CA TYR F 33 31.54 -49.59 14.84
C TYR F 33 32.75 -50.51 14.85
N ASP F 34 33.58 -50.39 15.87
CA ASP F 34 34.86 -51.08 15.93
C ASP F 34 34.66 -52.51 16.39
N VAL F 35 35.77 -53.21 16.64
CA VAL F 35 35.76 -54.61 17.06
C VAL F 35 36.69 -54.76 18.26
N HIS F 36 36.27 -55.56 19.23
CA HIS F 36 37.07 -55.84 20.41
C HIS F 36 37.17 -57.35 20.61
N TRP F 37 38.30 -57.78 21.17
CA TRP F 37 38.58 -59.20 21.34
C TRP F 37 38.93 -59.49 22.80
N TYR F 38 38.33 -60.53 23.35
CA TYR F 38 38.63 -60.99 24.70
C TYR F 38 39.28 -62.37 24.63
N GLN F 39 39.91 -62.76 25.74
CA GLN F 39 40.54 -64.07 25.87
C GLN F 39 40.08 -64.67 27.19
N GLN F 40 39.49 -65.86 27.13
CA GLN F 40 39.00 -66.57 28.31
C GLN F 40 39.83 -67.83 28.50
N LEU F 41 40.68 -67.83 29.52
CA LEU F 41 41.41 -69.04 29.87
C LEU F 41 40.44 -70.09 30.42
N PRO F 42 40.78 -71.38 30.30
CA PRO F 42 39.86 -72.42 30.76
C PRO F 42 39.62 -72.34 32.26
N GLY F 43 38.36 -72.18 32.64
CA GLY F 43 37.98 -72.10 34.04
C GLY F 43 38.12 -70.74 34.67
N ARG F 44 38.44 -69.70 33.89
CA ARG F 44 38.61 -68.35 34.40
C ARG F 44 37.67 -67.39 33.67
N ALA F 45 37.43 -66.24 34.31
CA ALA F 45 36.59 -65.23 33.69
C ALA F 45 37.28 -64.62 32.48
N PRO F 46 36.52 -64.24 31.46
CA PRO F 46 37.12 -63.61 30.28
C PRO F 46 37.84 -62.31 30.63
N LYS F 47 38.93 -62.04 29.92
CA LYS F 47 39.75 -60.87 30.14
C LYS F 47 39.91 -60.13 28.82
N LEU F 48 39.84 -58.80 28.88
CA LEU F 48 40.03 -57.98 27.69
C LEU F 48 41.42 -58.21 27.11
N LEU F 49 41.46 -58.45 25.80
CA LEU F 49 42.72 -58.78 25.12
C LEU F 49 43.10 -57.77 24.06
N ILE F 50 42.17 -57.41 23.18
CA ILE F 50 42.42 -56.43 22.11
C ILE F 50 41.22 -55.49 22.10
N PHE F 51 41.35 -54.35 22.77
CA PHE F 51 40.29 -53.34 22.76
C PHE F 51 40.50 -52.40 21.58
N ASP F 52 39.41 -52.09 20.88
CA ASP F 52 39.44 -51.32 19.64
C ASP F 52 40.23 -52.06 18.57
N ASN F 53 40.21 -51.55 17.34
CA ASN F 53 41.00 -52.16 16.27
C ASN F 53 42.49 -52.06 16.61
N ASN F 54 43.14 -53.21 16.75
CA ASN F 54 44.52 -53.30 17.25
C ASN F 54 44.52 -52.61 18.62
N ASN F 55 45.49 -51.74 18.93
CA ASN F 55 45.50 -50.94 20.15
C ASN F 55 45.45 -51.83 21.38
N ARG F 56 46.51 -52.61 21.55
CA ARG F 56 46.60 -53.53 22.67
C ARG F 56 46.64 -52.76 23.99
N PRO F 57 46.04 -53.30 25.05
CA PRO F 57 46.10 -52.65 26.36
C PRO F 57 47.41 -52.94 27.09
N SER F 58 47.50 -52.50 28.34
CA SER F 58 48.69 -52.79 29.14
C SER F 58 48.74 -54.27 29.51
N GLY F 59 49.97 -54.76 29.75
CA GLY F 59 50.18 -56.11 30.22
C GLY F 59 49.77 -57.21 29.25
N VAL F 60 50.14 -57.06 27.98
CA VAL F 60 49.84 -58.08 26.98
C VAL F 60 51.02 -58.20 26.02
N PRO F 61 51.43 -59.40 25.64
CA PRO F 61 52.51 -59.53 24.65
C PRO F 61 52.09 -59.01 23.28
N ASP F 62 53.09 -58.56 22.53
CA ASP F 62 52.86 -58.03 21.19
C ASP F 62 52.56 -59.10 20.14
N ARG F 63 52.46 -60.37 20.52
CA ARG F 63 52.19 -61.44 19.57
C ARG F 63 50.78 -61.37 18.99
N PHE F 64 49.89 -60.56 19.55
CA PHE F 64 48.50 -60.49 19.13
C PHE F 64 48.25 -59.20 18.38
N SER F 65 47.75 -59.31 17.15
CA SER F 65 47.42 -58.16 16.32
C SER F 65 46.13 -58.45 15.57
N GLY F 66 45.45 -57.37 15.18
CA GLY F 66 44.19 -57.52 14.47
C GLY F 66 43.88 -56.28 13.65
N SER F 67 42.88 -56.42 12.79
CA SER F 67 42.46 -55.32 11.92
C SER F 67 41.03 -55.59 11.46
N LYS F 68 40.40 -54.55 10.92
CA LYS F 68 39.04 -54.62 10.42
C LYS F 68 38.97 -53.98 9.04
N SER F 69 38.09 -54.50 8.20
CA SER F 69 37.93 -53.98 6.84
C SER F 69 36.56 -54.39 6.31
N GLY F 70 35.82 -53.41 5.78
CA GLY F 70 34.53 -53.68 5.17
C GLY F 70 33.48 -54.18 6.14
N THR F 71 33.12 -55.46 6.00
CA THR F 71 32.11 -56.08 6.85
C THR F 71 32.65 -57.27 7.63
N SER F 72 33.97 -57.36 7.76
CA SER F 72 34.60 -58.47 8.47
C SER F 72 35.78 -57.94 9.27
N ALA F 73 36.20 -58.74 10.25
CA ALA F 73 37.36 -58.42 11.07
C ALA F 73 38.20 -59.68 11.25
N SER F 74 39.47 -59.47 11.58
CA SER F 74 40.40 -60.58 11.73
C SER F 74 41.42 -60.26 12.81
N LEU F 75 41.82 -61.29 13.54
CA LEU F 75 42.87 -61.21 14.54
C LEU F 75 43.97 -62.21 14.18
N ALA F 76 45.22 -61.81 14.40
CA ALA F 76 46.37 -62.62 14.04
C ALA F 76 47.24 -62.87 15.26
N ILE F 77 47.70 -64.11 15.39
CA ILE F 77 48.64 -64.50 16.45
C ILE F 77 49.96 -64.85 15.80
N THR F 78 51.04 -64.24 16.28
CA THR F 78 52.36 -64.39 15.69
C THR F 78 53.24 -65.21 16.61
N GLY F 79 53.80 -66.30 16.10
CA GLY F 79 54.71 -67.13 16.86
C GLY F 79 54.09 -67.74 18.09
N LEU F 80 52.91 -68.34 17.94
CA LEU F 80 52.15 -68.86 19.06
C LEU F 80 52.91 -69.98 19.76
N GLN F 81 52.66 -70.11 21.06
CA GLN F 81 53.24 -71.18 21.87
C GLN F 81 52.11 -72.05 22.43
N THR F 82 52.47 -72.96 23.33
CA THR F 82 51.49 -73.82 23.98
C THR F 82 50.66 -73.07 25.02
N GLU F 83 51.04 -71.84 25.37
CA GLU F 83 50.30 -71.07 26.36
C GLU F 83 48.97 -70.56 25.83
N ASP F 84 48.81 -70.46 24.52
CA ASP F 84 47.64 -69.84 23.92
C ASP F 84 46.43 -70.75 23.86
N GLU F 85 46.42 -71.86 24.60
CA GLU F 85 45.27 -72.75 24.65
C GLU F 85 44.16 -72.09 25.45
N ALA F 86 43.18 -71.51 24.76
CA ALA F 86 42.06 -70.82 25.38
C ALA F 86 41.00 -70.58 24.31
N TYR F 87 39.98 -69.80 24.67
CA TYR F 87 38.96 -69.36 23.74
C TYR F 87 39.13 -67.88 23.45
N TYR F 88 38.55 -67.43 22.33
CA TYR F 88 38.64 -66.04 21.92
C TYR F 88 37.30 -65.62 21.34
N TYR F 89 36.87 -64.40 21.68
CA TYR F 89 35.57 -63.88 21.29
C TYR F 89 35.74 -62.52 20.63
N CYS F 90 34.90 -62.24 19.63
CA CYS F 90 34.85 -60.94 18.98
C CYS F 90 33.56 -60.24 19.37
N GLN F 91 33.66 -58.98 19.76
CA GLN F 91 32.53 -58.20 20.24
C GLN F 91 32.39 -56.92 19.43
N SER F 92 31.14 -56.49 19.25
CA SER F 92 30.84 -55.26 18.52
C SER F 92 29.52 -54.70 19.05
N TYR F 93 28.96 -53.74 18.33
CA TYR F 93 27.71 -53.11 18.71
C TYR F 93 26.77 -53.09 17.51
N ASP F 94 25.48 -53.21 17.80
CA ASP F 94 24.44 -53.22 16.77
C ASP F 94 23.48 -52.06 17.01
N ASN F 95 22.99 -51.47 15.93
CA ASN F 95 22.10 -50.32 16.02
C ASN F 95 20.65 -50.66 15.74
N SER F 96 20.37 -51.63 14.87
CA SER F 96 18.98 -52.01 14.62
C SER F 96 18.40 -52.81 15.77
N LEU F 97 19.19 -53.74 16.35
CA LEU F 97 18.73 -54.50 17.49
C LEU F 97 18.86 -53.73 18.80
N ILE F 98 19.79 -52.78 18.86
CA ILE F 98 19.99 -51.91 20.02
C ILE F 98 20.42 -52.76 21.21
N LEU F 99 21.61 -53.34 21.11
CA LEU F 99 22.30 -53.99 22.23
C LEU F 99 23.66 -54.47 21.74
N ALA F 100 24.60 -54.60 22.66
CA ALA F 100 25.90 -55.18 22.33
C ALA F 100 25.74 -56.66 21.99
N VAL F 101 26.51 -57.11 21.00
CA VAL F 101 26.39 -58.46 20.48
C VAL F 101 27.76 -59.13 20.54
N PHE F 102 27.78 -60.40 20.92
CA PHE F 102 29.00 -61.19 21.02
C PHE F 102 29.04 -62.23 19.91
N GLY F 103 30.27 -62.60 19.52
CA GLY F 103 30.44 -63.64 18.54
C GLY F 103 30.28 -65.03 19.13
N GLY F 104 30.34 -66.03 18.25
CA GLY F 104 30.18 -67.41 18.68
C GLY F 104 31.39 -68.00 19.37
N GLY F 105 32.52 -67.30 19.36
CA GLY F 105 33.72 -67.80 20.01
C GLY F 105 34.44 -68.86 19.20
N THR F 106 35.77 -68.86 19.27
CA THR F 106 36.58 -69.84 18.57
C THR F 106 37.53 -70.51 19.54
N LYS F 107 37.91 -71.74 19.22
CA LYS F 107 38.83 -72.52 20.04
C LYS F 107 40.15 -72.68 19.28
N VAL F 108 41.23 -72.30 19.93
CA VAL F 108 42.56 -72.39 19.34
C VAL F 108 43.30 -73.57 19.98
N THR F 109 43.71 -74.52 19.15
CA THR F 109 44.43 -75.69 19.61
C THR F 109 45.88 -75.62 19.13
N VAL F 110 46.79 -76.12 19.96
CA VAL F 110 48.22 -76.10 19.67
C VAL F 110 48.70 -77.54 19.56
N LEU F 111 49.23 -77.89 18.39
CA LEU F 111 49.73 -79.25 18.18
C LEU F 111 51.21 -79.34 18.55
N GLU G 1 44.79 -51.14 40.83
CA GLU G 1 44.15 -52.37 40.40
C GLU G 1 42.64 -52.29 40.57
N VAL G 2 41.91 -53.05 39.76
CA VAL G 2 40.45 -53.09 39.79
C VAL G 2 40.03 -54.54 40.01
N GLN G 3 39.19 -54.77 41.02
CA GLN G 3 38.67 -56.10 41.30
C GLN G 3 37.18 -56.00 41.58
N LEU G 4 36.43 -56.96 41.04
CA LEU G 4 34.98 -57.05 41.24
C LEU G 4 34.65 -58.39 41.84
N VAL G 5 33.86 -58.38 42.92
CA VAL G 5 33.44 -59.60 43.61
C VAL G 5 31.92 -59.62 43.68
N GLU G 6 31.33 -60.76 43.34
CA GLU G 6 29.88 -60.92 43.35
C GLU G 6 29.51 -62.22 44.06
N SER G 7 28.30 -62.24 44.60
CA SER G 7 27.79 -63.42 45.30
C SER G 7 26.28 -63.36 45.32
N GLY G 8 25.66 -64.50 45.61
CA GLY G 8 24.21 -64.56 45.70
C GLY G 8 23.58 -65.61 44.81
N GLY G 9 24.39 -66.56 44.32
CA GLY G 9 23.91 -67.60 43.44
C GLY G 9 23.67 -68.91 44.18
N GLY G 10 22.74 -69.70 43.68
CA GLY G 10 22.43 -70.98 44.28
C GLY G 10 21.34 -71.68 43.50
N VAL G 11 21.08 -72.91 43.89
CA VAL G 11 20.05 -73.73 43.26
C VAL G 11 18.68 -73.27 43.73
N VAL G 12 17.70 -73.28 42.83
CA VAL G 12 16.35 -72.85 43.17
C VAL G 12 15.38 -73.52 42.21
N GLN G 13 14.16 -73.77 42.68
CA GLN G 13 13.11 -74.31 41.83
C GLN G 13 12.54 -73.20 40.94
N PRO G 14 12.00 -73.57 39.78
CA PRO G 14 11.49 -72.55 38.85
C PRO G 14 10.33 -71.76 39.44
N GLY G 15 10.22 -70.51 39.04
CA GLY G 15 9.14 -69.64 39.45
C GLY G 15 9.47 -68.73 40.62
N ARG G 16 10.58 -68.95 41.31
CA ARG G 16 10.94 -68.15 42.47
C ARG G 16 11.65 -66.88 42.02
N SER G 17 12.22 -66.15 42.98
CA SER G 17 12.92 -64.90 42.70
C SER G 17 14.20 -64.86 43.52
N LEU G 18 15.28 -64.39 42.89
CA LEU G 18 16.59 -64.31 43.53
C LEU G 18 17.14 -62.90 43.39
N ARG G 19 18.08 -62.57 44.28
CA ARG G 19 18.68 -61.25 44.33
C ARG G 19 20.14 -61.40 44.71
N LEU G 20 21.04 -61.04 43.79
CA LEU G 20 22.47 -61.14 44.00
C LEU G 20 23.12 -59.79 43.71
N SER G 21 24.28 -59.57 44.32
CA SER G 21 24.97 -58.29 44.22
C SER G 21 26.44 -58.51 43.88
N CYS G 22 27.03 -57.48 43.29
CA CYS G 22 28.45 -57.45 42.99
C CYS G 22 29.09 -56.30 43.76
N ALA G 23 30.16 -56.60 44.49
CA ALA G 23 30.82 -55.62 45.35
C ALA G 23 32.11 -55.16 44.70
N ALA G 24 32.29 -53.85 44.61
CA ALA G 24 33.44 -53.25 43.94
C ALA G 24 34.44 -52.72 44.97
N SER G 25 35.63 -52.39 44.47
CA SER G 25 36.70 -51.81 45.27
C SER G 25 37.83 -51.40 44.35
N GLY G 26 38.65 -50.47 44.81
CA GLY G 26 39.85 -50.08 44.11
C GLY G 26 39.69 -48.94 43.12
N PHE G 27 38.48 -48.44 42.90
CA PHE G 27 38.28 -47.36 41.95
C PHE G 27 37.02 -46.58 42.34
N LYS G 28 36.89 -45.40 41.74
CA LYS G 28 35.77 -44.50 42.03
C LYS G 28 34.50 -45.09 41.45
N PHE G 29 33.69 -45.72 42.30
CA PHE G 29 32.49 -46.41 41.84
C PHE G 29 31.46 -45.46 41.24
N SER G 30 31.52 -44.17 41.58
CA SER G 30 30.48 -43.24 41.14
C SER G 30 30.56 -42.96 39.65
N LYS G 31 31.77 -42.77 39.12
CA LYS G 31 31.91 -42.23 37.77
C LYS G 31 31.51 -43.26 36.71
N PHE G 32 31.97 -44.50 36.85
CA PHE G 32 31.82 -45.48 35.80
C PHE G 32 30.45 -46.15 35.85
N ALA G 33 29.87 -46.37 34.68
CA ALA G 33 28.66 -47.17 34.55
C ALA G 33 28.99 -48.65 34.70
N MET G 34 27.95 -49.48 34.78
CA MET G 34 28.12 -50.90 35.02
C MET G 34 27.18 -51.69 34.12
N HIS G 35 27.61 -52.91 33.78
CA HIS G 35 26.84 -53.82 32.95
C HIS G 35 26.76 -55.18 33.63
N TRP G 36 25.73 -55.93 33.28
CA TRP G 36 25.60 -57.33 33.68
C TRP G 36 25.68 -58.20 32.43
N VAL G 37 26.54 -59.21 32.47
CA VAL G 37 26.74 -60.12 31.34
C VAL G 37 26.70 -61.54 31.86
N ARG G 38 25.92 -62.39 31.18
CA ARG G 38 25.81 -63.80 31.55
C ARG G 38 26.38 -64.66 30.44
N GLN G 39 26.82 -65.86 30.83
CA GLN G 39 27.44 -66.82 29.90
C GLN G 39 26.83 -68.20 30.16
N ALA G 40 26.13 -68.73 29.17
CA ALA G 40 25.59 -70.07 29.31
C ALA G 40 26.72 -71.08 29.32
N PRO G 41 26.51 -72.26 29.95
CA PRO G 41 27.58 -73.26 29.99
C PRO G 41 27.91 -73.81 28.60
N GLY G 42 29.13 -73.53 28.13
CA GLY G 42 29.60 -74.03 26.87
C GLY G 42 29.31 -73.15 25.67
N LYS G 43 28.53 -72.09 25.85
CA LYS G 43 28.14 -71.20 24.76
C LYS G 43 28.82 -69.85 24.92
N GLY G 44 28.48 -68.92 24.03
CA GLY G 44 29.04 -67.59 24.08
C GLY G 44 28.30 -66.68 25.03
N PRO G 45 28.98 -65.62 25.49
CA PRO G 45 28.34 -64.68 26.44
C PRO G 45 27.19 -63.92 25.81
N GLU G 46 26.23 -63.52 26.64
CA GLU G 46 25.08 -62.75 26.21
C GLU G 46 24.91 -61.54 27.10
N TRP G 47 24.60 -60.40 26.49
CA TRP G 47 24.38 -59.18 27.26
C TRP G 47 23.05 -59.23 27.99
N VAL G 48 23.00 -58.57 29.15
CA VAL G 48 21.80 -58.64 30.00
C VAL G 48 21.21 -57.27 30.26
N ALA G 49 21.95 -56.39 30.91
CA ALA G 49 21.40 -55.11 31.33
C ALA G 49 22.54 -54.11 31.53
N VAL G 50 22.16 -52.88 31.88
CA VAL G 50 23.11 -51.80 32.10
C VAL G 50 22.47 -50.76 33.00
N ILE G 51 23.28 -50.11 33.84
CA ILE G 51 22.84 -49.03 34.69
C ILE G 51 23.74 -47.83 34.44
N SER G 52 23.21 -46.63 34.66
CA SER G 52 23.96 -45.41 34.44
C SER G 52 24.92 -45.15 35.58
N TYR G 53 25.62 -44.02 35.53
CA TYR G 53 26.55 -43.66 36.58
C TYR G 53 25.86 -43.14 37.84
N ASP G 54 24.60 -42.72 37.73
CA ASP G 54 23.84 -42.25 38.88
C ASP G 54 22.57 -43.04 39.15
N GLY G 55 22.20 -43.97 38.28
CA GLY G 55 21.02 -44.79 38.49
C GLY G 55 19.73 -44.21 37.97
N ASN G 56 19.74 -42.98 37.46
CA ASN G 56 18.50 -42.39 36.95
C ASN G 56 18.04 -43.07 35.67
N GLN G 57 18.99 -43.51 34.83
CA GLN G 57 18.68 -44.12 33.55
C GLN G 57 19.21 -45.54 33.53
N TYR G 58 18.51 -46.41 32.80
CA TYR G 58 18.91 -47.80 32.67
C TYR G 58 18.31 -48.38 31.40
N HIS G 59 18.89 -49.49 30.95
CA HIS G 59 18.41 -50.20 29.77
C HIS G 59 18.55 -51.69 30.00
N SER G 60 17.65 -52.46 29.41
CA SER G 60 17.59 -53.90 29.61
C SER G 60 17.50 -54.59 28.26
N ALA G 61 17.95 -55.85 28.23
CA ALA G 61 17.82 -56.65 27.02
C ALA G 61 16.35 -56.99 26.76
N ASP G 62 16.06 -57.30 25.49
CA ASP G 62 14.69 -57.57 25.09
C ASP G 62 14.15 -58.81 25.80
N SER G 63 14.97 -59.86 25.89
CA SER G 63 14.50 -61.13 26.43
C SER G 63 14.10 -61.01 27.89
N VAL G 64 14.91 -60.33 28.70
CA VAL G 64 14.73 -60.35 30.15
C VAL G 64 13.91 -59.16 30.61
N LYS G 65 13.39 -58.38 29.66
CA LYS G 65 12.55 -57.25 30.02
C LYS G 65 11.25 -57.71 30.65
N GLY G 66 10.80 -56.99 31.68
CA GLY G 66 9.61 -57.32 32.39
C GLY G 66 9.79 -58.33 33.51
N ARG G 67 10.98 -58.92 33.64
CA ARG G 67 11.26 -59.87 34.71
C ARG G 67 12.60 -59.64 35.40
N PHE G 68 13.50 -58.84 34.85
CA PHE G 68 14.80 -58.58 35.44
C PHE G 68 14.89 -57.09 35.79
N THR G 69 15.34 -56.80 37.01
CA THR G 69 15.49 -55.42 37.46
C THR G 69 16.82 -55.28 38.19
N ILE G 70 17.49 -54.15 37.95
CA ILE G 70 18.78 -53.87 38.58
C ILE G 70 18.69 -52.55 39.33
N SER G 71 19.56 -52.40 40.32
CA SER G 71 19.60 -51.20 41.15
C SER G 71 21.05 -50.86 41.44
N ARG G 72 21.25 -49.84 42.29
CA ARG G 72 22.59 -49.35 42.57
C ARG G 72 22.57 -48.53 43.85
N ASP G 73 23.64 -48.64 44.63
CA ASP G 73 23.84 -47.79 45.81
C ASP G 73 25.26 -47.23 45.70
N ASN G 74 25.35 -45.95 45.28
CA ASN G 74 26.66 -45.35 45.03
C ASN G 74 27.47 -45.21 46.30
N SER G 75 26.83 -44.79 47.40
CA SER G 75 27.57 -44.55 48.63
C SER G 75 28.11 -45.84 49.24
N PHE G 76 27.30 -46.90 49.25
CA PHE G 76 27.67 -48.13 49.93
C PHE G 76 28.46 -49.06 49.00
N ASN G 77 28.60 -48.69 47.73
CA ASN G 77 29.45 -49.40 46.77
C ASN G 77 28.97 -50.83 46.51
N THR G 78 27.67 -50.98 46.27
CA THR G 78 27.12 -52.27 45.85
C THR G 78 26.11 -52.04 44.75
N LEU G 79 25.99 -53.02 43.86
CA LEU G 79 24.97 -53.02 42.82
C LEU G 79 24.24 -54.36 42.81
N TYR G 80 22.93 -54.32 42.65
CA TYR G 80 22.09 -55.50 42.80
C TYR G 80 21.37 -55.80 41.49
N LEU G 81 21.13 -57.09 41.26
CA LEU G 81 20.31 -57.56 40.15
C LEU G 81 19.19 -58.41 40.74
N GLN G 82 17.95 -58.14 40.35
CA GLN G 82 16.78 -58.85 40.84
C GLN G 82 16.14 -59.67 39.74
N MET G 83 16.02 -60.98 39.97
CA MET G 83 15.38 -61.88 39.03
C MET G 83 13.96 -62.19 39.49
N ASN G 84 13.06 -62.37 38.53
CA ASN G 84 11.68 -62.74 38.81
C ASN G 84 11.22 -63.85 37.88
N SER G 85 10.65 -64.91 38.46
CA SER G 85 10.04 -66.01 37.70
C SER G 85 11.04 -66.66 36.74
N LEU G 86 12.05 -67.29 37.33
CA LEU G 86 13.09 -67.94 36.54
C LEU G 86 12.54 -69.11 35.72
N GLY G 87 13.19 -69.35 34.59
CA GLY G 87 12.88 -70.46 33.74
C GLY G 87 14.12 -71.29 33.45
N PRO G 88 13.95 -72.46 32.84
CA PRO G 88 15.09 -73.36 32.64
C PRO G 88 16.21 -72.75 31.81
N GLU G 89 15.89 -71.82 30.90
CA GLU G 89 16.91 -71.19 30.07
C GLU G 89 17.75 -70.19 30.84
N ASP G 90 17.26 -69.70 31.98
CA ASP G 90 17.96 -68.63 32.71
C ASP G 90 19.24 -69.10 33.38
N THR G 91 19.50 -70.41 33.44
CA THR G 91 20.71 -70.88 34.10
C THR G 91 21.95 -70.52 33.28
N ALA G 92 22.93 -69.93 33.94
CA ALA G 92 24.18 -69.49 33.32
C ALA G 92 25.13 -69.08 34.43
N VAL G 93 26.27 -68.51 34.04
CA VAL G 93 27.22 -67.88 34.96
C VAL G 93 27.15 -66.38 34.74
N TYR G 94 26.91 -65.63 35.82
CA TYR G 94 26.63 -64.20 35.74
C TYR G 94 27.85 -63.42 36.20
N TYR G 95 28.37 -62.56 35.34
CA TYR G 95 29.51 -61.71 35.64
C TYR G 95 29.06 -60.26 35.74
N CYS G 96 29.66 -59.52 36.68
CA CYS G 96 29.46 -58.08 36.77
C CYS G 96 30.62 -57.39 36.06
N ALA G 97 30.30 -56.56 35.07
CA ALA G 97 31.30 -55.96 34.19
C ALA G 97 31.29 -54.44 34.33
N ARG G 98 32.41 -53.84 33.97
CA ARG G 98 32.61 -52.40 34.08
C ARG G 98 32.78 -51.80 32.69
N ASP G 99 32.20 -50.60 32.50
CA ASP G 99 32.28 -49.93 31.22
C ASP G 99 33.70 -49.43 30.95
N GLY G 100 34.03 -49.29 29.66
CA GLY G 100 35.35 -48.86 29.26
C GLY G 100 35.51 -47.36 29.30
N PRO G 101 36.66 -46.89 29.82
CA PRO G 101 36.88 -45.44 29.95
C PRO G 101 36.93 -44.72 28.61
N ASP G 102 37.82 -45.15 27.72
CA ASP G 102 38.05 -44.48 26.45
C ASP G 102 37.78 -45.44 25.30
N THR G 103 37.15 -44.91 24.24
CA THR G 103 36.74 -45.75 23.11
C THR G 103 37.08 -45.11 21.77
N SER G 104 37.84 -44.02 21.75
CA SER G 104 38.33 -43.37 20.53
C SER G 104 37.13 -42.96 19.68
N GLY G 105 37.04 -43.37 18.41
CA GLY G 105 36.03 -42.84 17.53
C GLY G 105 34.62 -43.26 17.92
N TYR G 106 33.67 -42.35 17.67
CA TYR G 106 32.24 -42.57 17.89
C TYR G 106 31.89 -42.65 19.37
N TYR G 107 30.67 -42.23 19.72
CA TYR G 107 30.20 -42.28 21.10
C TYR G 107 29.31 -43.48 21.37
N ALA G 108 29.07 -44.33 20.37
CA ALA G 108 28.19 -45.47 20.51
C ALA G 108 28.93 -46.80 20.70
N ASN G 109 30.25 -46.77 20.81
CA ASN G 109 31.03 -47.99 20.98
C ASN G 109 31.23 -48.27 22.47
N ILE G 110 30.99 -49.51 22.87
CA ILE G 110 31.10 -49.92 24.26
C ILE G 110 31.93 -51.20 24.32
N TYR G 111 32.69 -51.33 25.41
CA TYR G 111 33.50 -52.53 25.63
C TYR G 111 33.72 -52.70 27.12
N PHE G 112 34.05 -53.93 27.51
CA PHE G 112 34.18 -54.32 28.90
C PHE G 112 35.64 -54.59 29.21
N ASP G 113 36.20 -53.87 30.18
CA ASP G 113 37.62 -53.94 30.47
C ASP G 113 37.96 -54.77 31.69
N PHE G 114 37.15 -54.70 32.75
CA PHE G 114 37.40 -55.44 33.98
C PHE G 114 36.20 -56.30 34.32
N TRP G 115 36.45 -57.58 34.59
CA TRP G 115 35.41 -58.55 34.85
C TRP G 115 35.54 -59.09 36.28
N GLY G 116 34.42 -59.56 36.81
CA GLY G 116 34.40 -60.13 38.14
C GLY G 116 34.85 -61.58 38.14
N GLN G 117 34.11 -62.43 38.84
CA GLN G 117 34.42 -63.85 38.89
C GLN G 117 33.24 -64.72 38.46
N GLY G 118 32.04 -64.37 38.83
CA GLY G 118 30.87 -65.12 38.40
C GLY G 118 30.30 -65.95 39.53
N THR G 119 28.99 -66.18 39.46
CA THR G 119 28.26 -67.01 40.41
C THR G 119 27.37 -67.97 39.64
N LEU G 120 27.47 -69.26 39.97
CA LEU G 120 26.70 -70.28 39.26
C LEU G 120 25.24 -70.21 39.72
N VAL G 121 24.33 -69.97 38.78
CA VAL G 121 22.90 -69.92 39.04
C VAL G 121 22.24 -70.99 38.19
N THR G 122 21.57 -71.94 38.85
CA THR G 122 20.90 -73.03 38.17
C THR G 122 19.49 -73.21 38.72
N VAL G 123 18.59 -73.63 37.82
CA VAL G 123 17.18 -73.83 38.15
C VAL G 123 16.79 -75.25 37.79
N SER G 124 16.18 -75.95 38.73
CA SER G 124 15.73 -77.33 38.54
C SER G 124 14.81 -77.69 39.69
N SER G 125 14.28 -78.90 39.64
CA SER G 125 13.37 -79.38 40.68
C SER G 125 13.57 -80.87 40.93
N GLN H 1 3.86 -57.83 43.85
CA GLN H 1 4.78 -56.89 44.48
C GLN H 1 4.10 -55.57 44.80
N SER H 2 4.51 -54.93 45.89
CA SER H 2 3.94 -53.67 46.34
C SER H 2 4.97 -52.57 46.21
N VAL H 3 4.61 -51.50 45.49
CA VAL H 3 5.49 -50.34 45.38
C VAL H 3 5.58 -49.62 46.71
N LEU H 4 4.44 -49.39 47.36
CA LEU H 4 4.42 -48.72 48.65
C LEU H 4 5.02 -49.62 49.73
N THR H 5 5.68 -48.99 50.69
CA THR H 5 6.31 -49.69 51.80
C THR H 5 5.50 -49.47 53.07
N GLN H 6 5.19 -50.55 53.78
CA GLN H 6 4.34 -50.51 54.96
C GLN H 6 4.97 -51.36 56.05
N PRO H 7 4.86 -50.96 57.31
CA PRO H 7 5.43 -51.77 58.38
C PRO H 7 4.75 -53.12 58.46
N PRO H 8 5.47 -54.16 58.87
CA PRO H 8 4.89 -55.51 58.87
C PRO H 8 3.76 -55.69 59.86
N SER H 9 3.95 -55.22 61.10
CA SER H 9 2.95 -55.40 62.13
C SER H 9 3.09 -54.31 63.18
N VAL H 10 1.96 -53.94 63.79
CA VAL H 10 1.92 -52.96 64.86
C VAL H 10 1.12 -53.56 66.01
N SER H 11 1.75 -53.68 67.18
CA SER H 11 1.10 -54.23 68.36
C SER H 11 0.53 -53.11 69.23
N GLY H 12 -0.27 -53.51 70.21
CA GLY H 12 -0.87 -52.55 71.11
C GLY H 12 -1.80 -53.23 72.08
N ALA H 13 -2.32 -52.43 73.00
CA ALA H 13 -3.24 -52.86 74.04
C ALA H 13 -4.44 -51.94 74.04
N PRO H 14 -5.59 -52.40 74.54
CA PRO H 14 -6.78 -51.53 74.55
C PRO H 14 -6.54 -50.27 75.35
N GLY H 15 -7.08 -49.16 74.84
CA GLY H 15 -7.04 -47.90 75.55
C GLY H 15 -6.19 -46.81 74.91
N GLN H 16 -5.03 -47.16 74.40
CA GLN H 16 -4.10 -46.17 73.87
C GLN H 16 -4.18 -46.13 72.34
N ARG H 17 -3.29 -45.37 71.73
CA ARG H 17 -3.29 -45.13 70.29
C ARG H 17 -2.04 -45.72 69.65
N VAL H 18 -2.20 -46.26 68.44
CA VAL H 18 -1.08 -46.72 67.63
C VAL H 18 -1.28 -46.18 66.22
N THR H 19 -0.17 -46.04 65.50
CA THR H 19 -0.17 -45.44 64.17
C THR H 19 0.57 -46.32 63.18
N ILE H 20 0.14 -46.23 61.92
CA ILE H 20 0.76 -46.95 60.81
C ILE H 20 1.20 -45.92 59.78
N SER H 21 2.47 -45.99 59.38
CA SER H 21 3.07 -45.01 58.49
C SER H 21 3.34 -45.67 57.14
N CYS H 22 2.62 -45.22 56.10
CA CYS H 22 2.79 -45.71 54.75
C CYS H 22 3.61 -44.70 53.97
N THR H 23 4.78 -45.10 53.48
CA THR H 23 5.71 -44.21 52.79
C THR H 23 5.73 -44.53 51.30
N GLY H 24 5.97 -43.47 50.51
CA GLY H 24 5.94 -43.58 49.06
C GLY H 24 7.15 -42.92 48.43
N SER H 25 7.25 -43.10 47.12
CA SER H 25 8.38 -42.59 46.35
C SER H 25 8.04 -41.19 45.81
N SER H 26 8.85 -40.70 44.87
CA SER H 26 8.60 -39.39 44.29
C SER H 26 7.43 -39.41 43.32
N SER H 27 7.34 -40.45 42.49
CA SER H 27 6.33 -40.46 41.43
C SER H 27 4.94 -40.69 41.98
N ASN H 28 4.80 -41.56 42.98
CA ASN H 28 3.47 -41.98 43.42
C ASN H 28 2.83 -40.97 44.37
N ILE H 29 3.46 -40.71 45.52
CA ILE H 29 2.91 -39.81 46.52
C ILE H 29 3.52 -38.42 46.42
N GLY H 30 4.82 -38.34 46.14
CA GLY H 30 5.48 -37.05 45.99
C GLY H 30 4.90 -36.18 44.90
N ALA H 31 4.23 -36.78 43.92
CA ALA H 31 3.59 -35.99 42.86
C ALA H 31 2.49 -35.11 43.43
N GLY H 32 1.70 -35.63 44.35
CA GLY H 32 0.65 -34.85 44.97
C GLY H 32 -0.67 -35.59 45.10
N TYR H 33 -0.72 -36.82 44.60
CA TYR H 33 -1.94 -37.62 44.69
C TYR H 33 -2.23 -38.00 46.14
N ASP H 34 -3.51 -38.19 46.43
CA ASP H 34 -3.94 -38.46 47.80
C ASP H 34 -3.64 -39.91 48.18
N VAL H 35 -4.03 -40.28 49.39
CA VAL H 35 -3.81 -41.62 49.93
C VAL H 35 -5.13 -42.12 50.52
N HIS H 36 -5.44 -43.39 50.28
CA HIS H 36 -6.65 -44.01 50.78
C HIS H 36 -6.31 -45.28 51.53
N TRP H 37 -7.20 -45.67 52.44
CA TRP H 37 -6.97 -46.83 53.29
C TRP H 37 -8.21 -47.73 53.31
N TYR H 38 -7.98 -49.03 53.21
CA TYR H 38 -9.03 -50.03 53.33
C TYR H 38 -8.72 -50.97 54.49
N GLN H 39 -9.76 -51.62 54.99
CA GLN H 39 -9.62 -52.61 56.05
C GLN H 39 -10.35 -53.88 55.63
N GLN H 40 -9.67 -55.02 55.73
CA GLN H 40 -10.29 -56.31 55.51
C GLN H 40 -10.25 -57.12 56.81
N LEU H 41 -11.42 -57.58 57.25
CA LEU H 41 -11.48 -58.49 58.36
C LEU H 41 -11.08 -59.90 57.92
N PRO H 42 -10.63 -60.74 58.84
CA PRO H 42 -10.16 -62.08 58.43
C PRO H 42 -11.27 -62.88 57.78
N GLY H 43 -11.02 -63.29 56.54
CA GLY H 43 -11.97 -64.08 55.79
C GLY H 43 -13.02 -63.29 55.02
N ARG H 44 -12.91 -61.97 54.97
CA ARG H 44 -13.88 -61.14 54.28
C ARG H 44 -13.16 -60.22 53.29
N ALA H 45 -13.92 -59.77 52.29
CA ALA H 45 -13.36 -58.87 51.29
C ALA H 45 -13.04 -57.51 51.88
N PRO H 46 -12.00 -56.84 51.39
CA PRO H 46 -11.67 -55.50 51.90
C PRO H 46 -12.78 -54.51 51.61
N LYS H 47 -12.93 -53.55 52.52
CA LYS H 47 -13.92 -52.49 52.40
C LYS H 47 -13.25 -51.15 52.64
N LEU H 48 -13.82 -50.10 52.04
CA LEU H 48 -13.27 -48.76 52.17
C LEU H 48 -13.38 -48.28 53.61
N LEU H 49 -12.27 -47.74 54.13
CA LEU H 49 -12.22 -47.25 55.50
C LEU H 49 -11.87 -45.77 55.60
N ILE H 50 -10.89 -45.30 54.84
CA ILE H 50 -10.54 -43.89 54.81
C ILE H 50 -10.27 -43.47 53.37
N PHE H 51 -11.25 -42.84 52.73
CA PHE H 51 -11.09 -42.37 51.37
C PHE H 51 -10.65 -40.90 51.37
N ASP H 52 -9.68 -40.57 50.51
CA ASP H 52 -9.01 -39.28 50.50
C ASP H 52 -8.28 -39.05 51.82
N ASN H 53 -7.48 -37.98 51.90
CA ASN H 53 -6.82 -37.66 53.15
C ASN H 53 -7.86 -37.37 54.22
N ASN H 54 -7.86 -38.17 55.28
CA ASN H 54 -8.91 -38.15 56.32
C ASN H 54 -10.23 -38.37 55.58
N ASN H 55 -11.27 -37.57 55.83
CA ASN H 55 -12.52 -37.62 55.06
C ASN H 55 -13.15 -39.02 55.13
N ARG H 56 -13.57 -39.37 56.34
CA ARG H 56 -14.15 -40.68 56.58
C ARG H 56 -15.43 -40.85 55.76
N PRO H 57 -15.75 -42.07 55.34
CA PRO H 57 -16.99 -42.34 54.63
C PRO H 57 -18.15 -42.48 55.61
N SER H 58 -19.32 -42.80 55.06
CA SER H 58 -20.51 -42.96 55.88
C SER H 58 -20.45 -44.23 56.72
N GLY H 59 -21.08 -44.18 57.89
CA GLY H 59 -21.19 -45.34 58.75
C GLY H 59 -19.87 -45.88 59.27
N VAL H 60 -19.00 -45.00 59.75
CA VAL H 60 -17.70 -45.41 60.29
C VAL H 60 -17.48 -44.70 61.62
N PRO H 61 -16.85 -45.34 62.60
CA PRO H 61 -16.54 -44.63 63.85
C PRO H 61 -15.50 -43.53 63.63
N ASP H 62 -15.55 -42.53 64.52
CA ASP H 62 -14.60 -41.42 64.49
C ASP H 62 -13.20 -41.87 64.91
N ARG H 63 -13.07 -43.09 65.44
CA ARG H 63 -11.80 -43.55 65.98
C ARG H 63 -10.70 -43.64 64.93
N PHE H 64 -11.04 -43.62 63.65
CA PHE H 64 -10.07 -43.76 62.57
C PHE H 64 -9.86 -42.41 61.90
N SER H 65 -8.60 -41.98 61.83
CA SER H 65 -8.24 -40.74 61.16
C SER H 65 -6.78 -40.81 60.74
N GLY H 66 -6.42 -39.94 59.79
CA GLY H 66 -5.05 -39.91 59.30
C GLY H 66 -4.84 -38.69 58.43
N SER H 67 -3.57 -38.52 58.02
CA SER H 67 -3.19 -37.39 57.19
C SER H 67 -1.92 -37.75 56.43
N LYS H 68 -1.61 -36.93 55.43
CA LYS H 68 -0.45 -37.15 54.56
C LYS H 68 0.46 -35.92 54.64
N SER H 69 1.77 -36.17 54.65
CA SER H 69 2.74 -35.09 54.69
C SER H 69 3.99 -35.51 53.92
N GLY H 70 4.46 -34.62 53.04
CA GLY H 70 5.64 -34.92 52.25
C GLY H 70 5.41 -36.11 51.34
N THR H 71 6.28 -37.11 51.45
CA THR H 71 6.19 -38.32 50.65
C THR H 71 5.71 -39.52 51.48
N SER H 72 5.04 -39.27 52.60
CA SER H 72 4.56 -40.33 53.47
C SER H 72 3.19 -39.96 54.00
N ALA H 73 2.47 -40.98 54.50
CA ALA H 73 1.17 -40.78 55.11
C ALA H 73 1.05 -41.70 56.32
N SER H 74 0.21 -41.29 57.27
CA SER H 74 0.04 -42.03 58.52
C SER H 74 -1.44 -42.12 58.87
N LEU H 75 -1.84 -43.27 59.39
CA LEU H 75 -3.20 -43.49 59.88
C LEU H 75 -3.14 -43.76 61.37
N ALA H 76 -4.03 -43.11 62.13
CA ALA H 76 -4.04 -43.21 63.57
C ALA H 76 -5.41 -43.69 64.04
N ILE H 77 -5.40 -44.56 65.06
CA ILE H 77 -6.62 -45.09 65.66
C ILE H 77 -6.66 -44.66 67.12
N THR H 78 -7.80 -44.13 67.55
CA THR H 78 -7.98 -43.63 68.90
C THR H 78 -8.92 -44.55 69.66
N GLY H 79 -8.50 -44.98 70.84
CA GLY H 79 -9.30 -45.89 71.64
C GLY H 79 -9.39 -47.27 71.03
N LEU H 80 -8.29 -48.00 71.06
CA LEU H 80 -8.24 -49.33 70.46
C LEU H 80 -9.08 -50.32 71.28
N GLN H 81 -9.80 -51.19 70.57
CA GLN H 81 -10.53 -52.30 71.17
C GLN H 81 -10.12 -53.60 70.49
N THR H 82 -10.70 -54.71 70.95
CA THR H 82 -10.38 -56.02 70.41
C THR H 82 -10.98 -56.26 69.04
N GLU H 83 -11.85 -55.38 68.55
CA GLU H 83 -12.51 -55.56 67.26
C GLU H 83 -11.67 -55.07 66.09
N ASP H 84 -10.47 -54.55 66.33
CA ASP H 84 -9.62 -54.03 65.27
C ASP H 84 -8.64 -55.06 64.73
N GLU H 85 -8.75 -56.32 65.15
CA GLU H 85 -7.91 -57.38 64.62
C GLU H 85 -8.27 -57.60 63.15
N ALA H 86 -7.42 -57.09 62.26
CA ALA H 86 -7.69 -57.14 60.82
C ALA H 86 -6.41 -56.74 60.10
N TYR H 87 -6.52 -56.53 58.79
CA TYR H 87 -5.44 -56.02 57.95
C TYR H 87 -5.82 -54.67 57.39
N TYR H 88 -4.82 -53.81 57.21
CA TYR H 88 -5.05 -52.46 56.71
C TYR H 88 -4.06 -52.16 55.60
N TYR H 89 -4.55 -51.58 54.51
CA TYR H 89 -3.76 -51.33 53.31
C TYR H 89 -3.81 -49.85 52.96
N CYS H 90 -2.69 -49.34 52.44
CA CYS H 90 -2.61 -47.98 51.93
C CYS H 90 -2.54 -48.02 50.41
N GLN H 91 -3.37 -47.22 49.75
CA GLN H 91 -3.48 -47.22 48.30
C GLN H 91 -3.27 -45.81 47.77
N SER H 92 -2.62 -45.70 46.62
CA SER H 92 -2.36 -44.41 45.99
C SER H 92 -2.33 -44.64 44.47
N TYR H 93 -1.80 -43.66 43.74
CA TYR H 93 -1.70 -43.72 42.29
C TYR H 93 -0.30 -43.32 41.86
N ASP H 94 0.18 -43.94 40.78
CA ASP H 94 1.49 -43.67 40.23
C ASP H 94 1.33 -43.13 38.81
N ASN H 95 2.15 -42.12 38.47
CA ASN H 95 2.04 -41.45 37.18
C ASN H 95 3.09 -41.90 36.17
N SER H 96 4.17 -42.54 36.62
CA SER H 96 5.17 -43.06 35.68
C SER H 96 4.93 -44.52 35.34
N LEU H 97 4.59 -45.34 36.33
CA LEU H 97 4.24 -46.74 36.05
C LEU H 97 2.85 -46.88 35.45
N ILE H 98 1.99 -45.88 35.63
CA ILE H 98 0.65 -45.83 35.04
C ILE H 98 -0.19 -47.01 35.49
N LEU H 99 -0.44 -47.11 36.79
CA LEU H 99 -1.40 -48.05 37.36
C LEU H 99 -1.54 -47.74 38.86
N ALA H 100 -2.71 -48.05 39.40
CA ALA H 100 -2.92 -47.90 40.83
C ALA H 100 -2.02 -48.86 41.60
N VAL H 101 -1.55 -48.42 42.76
CA VAL H 101 -0.60 -49.17 43.55
C VAL H 101 -1.19 -49.43 44.93
N PHE H 102 -0.71 -50.49 45.57
CA PHE H 102 -1.19 -50.90 46.88
C PHE H 102 -0.01 -51.07 47.83
N GLY H 103 -0.29 -50.97 49.12
CA GLY H 103 0.73 -51.14 50.13
C GLY H 103 0.93 -52.60 50.51
N GLY H 104 1.97 -52.82 51.32
CA GLY H 104 2.28 -54.17 51.75
C GLY H 104 1.31 -54.73 52.77
N GLY H 105 0.58 -53.87 53.47
CA GLY H 105 -0.40 -54.33 54.44
C GLY H 105 0.16 -54.52 55.82
N THR H 106 -0.49 -53.91 56.81
CA THR H 106 -0.11 -54.04 58.22
C THR H 106 -1.30 -54.56 59.01
N LYS H 107 -1.06 -55.56 59.84
CA LYS H 107 -2.09 -56.10 60.71
C LYS H 107 -1.87 -55.59 62.13
N VAL H 108 -2.94 -55.09 62.74
CA VAL H 108 -2.88 -54.50 64.07
C VAL H 108 -3.39 -55.51 65.07
N THR H 109 -2.52 -55.97 65.97
CA THR H 109 -2.87 -56.95 66.97
C THR H 109 -3.08 -56.29 68.32
N VAL H 110 -4.03 -56.82 69.08
CA VAL H 110 -4.42 -56.28 70.38
C VAL H 110 -3.94 -57.23 71.46
N LEU H 111 -3.21 -56.68 72.43
CA LEU H 111 -2.65 -57.49 73.52
C LEU H 111 -3.39 -57.24 74.82
N GLU I 1 -29.34 -50.16 48.80
CA GLU I 1 -28.26 -51.10 49.05
C GLU I 1 -27.59 -51.53 47.75
N VAL I 2 -26.26 -51.43 47.72
CA VAL I 2 -25.45 -51.83 46.56
C VAL I 2 -24.65 -53.06 46.92
N GLN I 3 -24.68 -54.06 46.05
CA GLN I 3 -23.96 -55.30 46.28
C GLN I 3 -23.61 -55.93 44.94
N LEU I 4 -22.48 -56.64 44.91
CA LEU I 4 -22.00 -57.30 43.71
C LEU I 4 -21.66 -58.75 44.01
N VAL I 5 -22.03 -59.64 43.09
CA VAL I 5 -21.79 -61.07 43.24
C VAL I 5 -21.14 -61.59 41.98
N GLU I 6 -20.03 -62.31 42.12
CA GLU I 6 -19.30 -62.89 41.00
C GLU I 6 -19.21 -64.40 41.14
N SER I 7 -18.98 -65.05 40.00
CA SER I 7 -18.92 -66.51 39.93
C SER I 7 -18.12 -66.88 38.69
N GLY I 8 -17.71 -68.14 38.64
CA GLY I 8 -16.94 -68.66 37.52
C GLY I 8 -15.55 -69.15 37.88
N GLY I 9 -15.15 -69.13 39.15
CA GLY I 9 -13.83 -69.57 39.54
C GLY I 9 -13.78 -71.07 39.82
N GLY I 10 -12.65 -71.67 39.49
CA GLY I 10 -12.46 -73.10 39.70
C GLY I 10 -11.05 -73.51 39.37
N VAL I 11 -10.76 -74.77 39.64
CA VAL I 11 -9.43 -75.33 39.40
C VAL I 11 -9.34 -75.82 37.96
N VAL I 12 -8.27 -75.41 37.26
CA VAL I 12 -8.00 -75.84 35.90
C VAL I 12 -6.53 -76.19 35.76
N GLN I 13 -6.22 -76.95 34.72
CA GLN I 13 -4.85 -77.28 34.41
C GLN I 13 -4.18 -76.14 33.65
N PRO I 14 -2.85 -76.05 33.71
CA PRO I 14 -2.16 -74.97 32.98
C PRO I 14 -2.40 -75.04 31.48
N GLY I 15 -2.52 -73.87 30.87
CA GLY I 15 -2.68 -73.76 29.44
C GLY I 15 -4.11 -73.62 28.93
N ARG I 16 -5.08 -73.46 29.82
CA ARG I 16 -6.48 -73.35 29.43
C ARG I 16 -6.94 -71.91 29.50
N SER I 17 -8.24 -71.69 29.31
CA SER I 17 -8.84 -70.37 29.35
C SER I 17 -10.08 -70.40 30.23
N LEU I 18 -10.36 -69.28 30.88
CA LEU I 18 -11.46 -69.16 31.82
C LEU I 18 -12.37 -68.00 31.42
N ARG I 19 -13.55 -67.97 32.04
CA ARG I 19 -14.51 -66.90 31.83
C ARG I 19 -15.35 -66.73 33.08
N LEU I 20 -15.24 -65.57 33.73
CA LEU I 20 -15.99 -65.30 34.95
C LEU I 20 -16.56 -63.90 34.88
N SER I 21 -17.64 -63.67 35.62
CA SER I 21 -18.35 -62.40 35.55
C SER I 21 -19.01 -62.11 36.89
N CYS I 22 -19.30 -60.83 37.12
CA CYS I 22 -20.09 -60.40 38.26
C CYS I 22 -21.26 -59.56 37.78
N ALA I 23 -22.42 -59.78 38.39
CA ALA I 23 -23.65 -59.08 38.03
C ALA I 23 -23.95 -58.05 39.10
N ALA I 24 -24.03 -56.78 38.69
CA ALA I 24 -24.31 -55.71 39.63
C ALA I 24 -25.81 -55.58 39.88
N SER I 25 -26.15 -54.84 40.92
CA SER I 25 -27.55 -54.60 41.29
C SER I 25 -27.59 -53.49 42.33
N GLY I 26 -28.63 -52.67 42.28
CA GLY I 26 -28.83 -51.62 43.26
C GLY I 26 -28.41 -50.23 42.83
N PHE I 27 -27.82 -50.08 41.64
CA PHE I 27 -27.39 -48.78 41.17
C PHE I 27 -27.36 -48.79 39.65
N LYS I 28 -27.32 -47.59 39.07
CA LYS I 28 -27.29 -47.43 37.62
C LYS I 28 -25.94 -47.91 37.11
N PHE I 29 -25.93 -49.12 36.53
CA PHE I 29 -24.68 -49.76 36.16
C PHE I 29 -23.94 -49.00 35.06
N SER I 30 -24.68 -48.46 34.09
CA SER I 30 -24.05 -47.84 32.93
C SER I 30 -23.29 -46.57 33.26
N LYS I 31 -23.49 -45.98 34.44
CA LYS I 31 -22.93 -44.68 34.77
C LYS I 31 -21.61 -44.75 35.52
N PHE I 32 -21.06 -45.95 35.74
CA PHE I 32 -19.86 -46.09 36.55
C PHE I 32 -18.86 -47.02 35.86
N ALA I 33 -17.59 -46.61 35.87
CA ALA I 33 -16.52 -47.46 35.40
C ALA I 33 -16.29 -48.58 36.41
N MET I 34 -15.63 -49.65 35.95
CA MET I 34 -15.40 -50.83 36.77
C MET I 34 -13.95 -51.28 36.66
N HIS I 35 -13.43 -51.83 37.74
CA HIS I 35 -12.08 -52.36 37.79
C HIS I 35 -12.11 -53.80 38.30
N TRP I 36 -11.13 -54.58 37.85
CA TRP I 36 -10.88 -55.92 38.38
C TRP I 36 -9.61 -55.88 39.22
N VAL I 37 -9.69 -56.44 40.42
CA VAL I 37 -8.56 -56.48 41.34
C VAL I 37 -8.41 -57.89 41.89
N ARG I 38 -7.17 -58.36 41.98
CA ARG I 38 -6.87 -59.70 42.47
C ARG I 38 -5.99 -59.60 43.70
N GLN I 39 -6.06 -60.62 44.55
CA GLN I 39 -5.25 -60.68 45.75
C GLN I 39 -4.69 -62.09 45.90
N ALA I 40 -3.37 -62.22 45.82
CA ALA I 40 -2.74 -63.52 46.02
C ALA I 40 -2.94 -63.96 47.47
N PRO I 41 -2.95 -65.28 47.72
CA PRO I 41 -3.16 -65.77 49.08
C PRO I 41 -2.03 -65.39 50.02
N GLY I 42 -2.33 -64.52 51.00
CA GLY I 42 -1.38 -64.14 52.01
C GLY I 42 -0.71 -62.80 51.79
N LYS I 43 -0.83 -62.21 50.60
CA LYS I 43 -0.17 -60.96 50.27
C LYS I 43 -1.22 -59.89 49.97
N GLY I 44 -0.74 -58.71 49.61
CA GLY I 44 -1.58 -57.58 49.30
C GLY I 44 -2.23 -57.68 47.94
N PRO I 45 -3.29 -56.88 47.71
CA PRO I 45 -3.98 -56.92 46.42
C PRO I 45 -3.15 -56.36 45.28
N GLU I 46 -3.68 -56.43 44.06
CA GLU I 46 -2.97 -55.93 42.89
C GLU I 46 -3.99 -55.58 41.82
N TRP I 47 -3.78 -54.43 41.18
CA TRP I 47 -4.70 -53.97 40.14
C TRP I 47 -4.51 -54.78 38.86
N VAL I 48 -5.59 -54.94 38.11
CA VAL I 48 -5.56 -55.80 36.93
C VAL I 48 -5.94 -55.02 35.67
N ALA I 49 -7.16 -54.50 35.63
CA ALA I 49 -7.67 -53.86 34.42
C ALA I 49 -8.73 -52.83 34.80
N VAL I 50 -9.34 -52.23 33.77
CA VAL I 50 -10.38 -51.22 33.95
C VAL I 50 -11.12 -51.09 32.63
N ILE I 51 -12.42 -50.82 32.71
CA ILE I 51 -13.25 -50.60 31.55
C ILE I 51 -14.05 -49.31 31.75
N SER I 52 -14.36 -48.65 30.64
CA SER I 52 -15.07 -47.38 30.69
C SER I 52 -16.56 -47.61 30.94
N TYR I 53 -17.31 -46.51 31.03
CA TYR I 53 -18.73 -46.59 31.31
C TYR I 53 -19.57 -46.88 30.07
N ASP I 54 -18.96 -46.87 28.88
CA ASP I 54 -19.64 -47.29 27.66
C ASP I 54 -18.93 -48.42 26.94
N GLY I 55 -17.77 -48.87 27.44
CA GLY I 55 -17.06 -49.98 26.85
C GLY I 55 -16.19 -49.64 25.65
N ASN I 56 -16.20 -48.39 25.20
CA ASN I 56 -15.40 -48.01 24.04
C ASN I 56 -13.92 -47.83 24.38
N GLN I 57 -13.58 -47.69 25.66
CA GLN I 57 -12.21 -47.45 26.08
C GLN I 57 -11.89 -48.36 27.26
N TYR I 58 -10.63 -48.76 27.35
CA TYR I 58 -10.21 -49.67 28.41
C TYR I 58 -8.70 -49.55 28.61
N HIS I 59 -8.21 -50.20 29.66
CA HIS I 59 -6.78 -50.24 29.96
C HIS I 59 -6.51 -51.47 30.80
N SER I 60 -5.26 -51.93 30.75
CA SER I 60 -4.86 -53.16 31.43
C SER I 60 -3.46 -53.01 31.99
N ALA I 61 -3.15 -53.83 32.98
CA ALA I 61 -1.80 -53.90 33.52
C ALA I 61 -0.89 -54.68 32.58
N ASP I 62 0.40 -54.34 32.60
CA ASP I 62 1.35 -54.96 31.69
C ASP I 62 1.57 -56.44 32.01
N SER I 63 1.46 -56.82 33.28
CA SER I 63 1.73 -58.20 33.66
C SER I 63 0.76 -59.16 32.98
N VAL I 64 -0.52 -58.79 32.90
CA VAL I 64 -1.54 -59.63 32.29
C VAL I 64 -1.91 -59.16 30.88
N LYS I 65 -1.21 -58.16 30.36
CA LYS I 65 -1.50 -57.68 29.02
C LYS I 65 -1.14 -58.75 27.99
N GLY I 66 -1.99 -58.89 26.97
CA GLY I 66 -1.84 -59.94 25.99
C GLY I 66 -2.41 -61.27 26.40
N ARG I 67 -2.92 -61.39 27.62
CA ARG I 67 -3.54 -62.61 28.10
C ARG I 67 -4.91 -62.41 28.74
N PHE I 68 -5.26 -61.19 29.14
CA PHE I 68 -6.52 -60.90 29.82
C PHE I 68 -7.32 -59.93 28.98
N THR I 69 -8.60 -60.22 28.79
CA THR I 69 -9.49 -59.36 28.03
C THR I 69 -10.81 -59.21 28.78
N ILE I 70 -11.30 -57.98 28.88
CA ILE I 70 -12.54 -57.69 29.60
C ILE I 70 -13.57 -57.17 28.61
N SER I 71 -14.83 -57.20 29.05
CA SER I 71 -15.95 -56.77 28.23
C SER I 71 -17.10 -56.35 29.14
N ARG I 72 -18.06 -55.65 28.55
CA ARG I 72 -19.18 -55.08 29.30
C ARG I 72 -20.47 -55.31 28.55
N ASP I 73 -21.57 -55.38 29.30
CA ASP I 73 -22.92 -55.48 28.73
C ASP I 73 -23.82 -54.61 29.59
N ASN I 74 -24.16 -53.42 29.08
CA ASN I 74 -24.97 -52.47 29.86
C ASN I 74 -26.37 -53.01 30.14
N SER I 75 -26.99 -53.63 29.13
CA SER I 75 -28.38 -54.07 29.29
C SER I 75 -28.51 -55.20 30.31
N PHE I 76 -27.58 -56.16 30.28
CA PHE I 76 -27.67 -57.32 31.14
C PHE I 76 -27.05 -57.11 32.52
N ASN I 77 -26.39 -55.97 32.74
CA ASN I 77 -25.77 -55.64 34.03
C ASN I 77 -24.74 -56.69 34.43
N THR I 78 -23.98 -57.18 33.46
CA THR I 78 -22.89 -58.11 33.69
C THR I 78 -21.63 -57.61 33.00
N LEU I 79 -20.49 -57.90 33.60
CA LEU I 79 -19.19 -57.57 33.04
C LEU I 79 -18.28 -58.78 33.12
N TYR I 80 -17.52 -59.03 32.06
CA TYR I 80 -16.78 -60.27 31.91
C TYR I 80 -15.28 -60.00 31.93
N LEU I 81 -14.52 -61.00 32.37
CA LEU I 81 -13.07 -61.01 32.26
C LEU I 81 -12.65 -62.35 31.68
N GLN I 82 -11.86 -62.31 30.61
CA GLN I 82 -11.44 -63.50 29.89
C GLN I 82 -9.93 -63.66 30.01
N MET I 83 -9.49 -64.81 30.52
CA MET I 83 -8.08 -65.13 30.62
C MET I 83 -7.74 -66.19 29.58
N ASN I 84 -6.66 -65.96 28.83
CA ASN I 84 -6.19 -66.89 27.82
C ASN I 84 -4.74 -67.26 28.10
N SER I 85 -4.40 -68.52 27.84
CA SER I 85 -3.07 -69.06 28.13
C SER I 85 -2.69 -68.82 29.58
N LEU I 86 -3.62 -69.16 30.47
CA LEU I 86 -3.46 -68.88 31.89
C LEU I 86 -2.28 -69.65 32.46
N GLY I 87 -1.58 -69.03 33.41
CA GLY I 87 -0.37 -69.60 33.95
C GLY I 87 -0.43 -69.83 35.45
N PRO I 88 0.60 -70.48 36.00
CA PRO I 88 0.60 -70.80 37.44
C PRO I 88 0.61 -69.59 38.35
N GLU I 89 1.02 -68.42 37.86
CA GLU I 89 1.12 -67.21 38.67
C GLU I 89 -0.17 -66.38 38.62
N ASP I 90 -1.30 -67.00 38.34
CA ASP I 90 -2.58 -66.32 38.29
C ASP I 90 -3.55 -66.83 39.35
N THR I 91 -3.05 -67.50 40.38
CA THR I 91 -3.87 -68.02 41.46
C THR I 91 -4.10 -66.92 42.50
N ALA I 92 -5.35 -66.53 42.66
CA ALA I 92 -5.71 -65.44 43.57
C ALA I 92 -7.21 -65.49 43.82
N VAL I 93 -7.73 -64.47 44.50
CA VAL I 93 -9.15 -64.31 44.77
C VAL I 93 -9.60 -63.04 44.07
N TYR I 94 -10.12 -63.20 42.85
CA TYR I 94 -10.45 -62.04 42.02
C TYR I 94 -11.73 -61.36 42.51
N TYR I 95 -11.66 -60.03 42.65
CA TYR I 95 -12.81 -59.21 42.97
C TYR I 95 -13.06 -58.23 41.82
N CYS I 96 -14.33 -57.90 41.60
CA CYS I 96 -14.70 -56.82 40.68
C CYS I 96 -15.12 -55.62 41.52
N ALA I 97 -14.48 -54.47 41.28
CA ALA I 97 -14.63 -53.30 42.13
C ALA I 97 -15.24 -52.15 41.34
N ARG I 98 -15.94 -51.28 42.06
CA ARG I 98 -16.64 -50.14 41.48
C ARG I 98 -15.81 -48.88 41.65
N ASP I 99 -15.81 -48.05 40.62
CA ASP I 99 -15.00 -46.83 40.63
C ASP I 99 -15.57 -45.82 41.62
N GLY I 100 -14.68 -45.00 42.18
CA GLY I 100 -15.05 -44.00 43.14
C GLY I 100 -15.90 -42.89 42.56
N PRO I 101 -16.99 -42.55 43.26
CA PRO I 101 -17.89 -41.49 42.76
C PRO I 101 -17.24 -40.11 42.79
N ASP I 102 -16.69 -39.72 43.93
CA ASP I 102 -16.13 -38.40 44.12
C ASP I 102 -14.72 -38.51 44.68
N THR I 103 -13.81 -37.67 44.18
CA THR I 103 -12.40 -37.75 44.54
C THR I 103 -11.78 -36.41 44.92
N SER I 104 -12.53 -35.30 44.84
CA SER I 104 -12.06 -33.99 45.25
C SER I 104 -10.89 -33.54 44.39
N GLY I 105 -9.70 -33.41 44.99
CA GLY I 105 -8.59 -32.80 44.28
C GLY I 105 -8.09 -33.68 43.14
N TYR I 106 -7.63 -33.01 42.08
CA TYR I 106 -7.09 -33.66 40.89
C TYR I 106 -8.10 -34.57 40.19
N TYR I 107 -7.74 -35.04 39.00
CA TYR I 107 -8.59 -35.94 38.24
C TYR I 107 -8.00 -37.32 38.05
N ALA I 108 -6.75 -37.54 38.44
CA ALA I 108 -6.09 -38.83 38.27
C ALA I 108 -6.18 -39.72 39.50
N ASN I 109 -6.85 -39.27 40.56
CA ASN I 109 -7.00 -40.09 41.76
C ASN I 109 -8.15 -41.08 41.59
N ILE I 110 -7.90 -42.34 41.93
CA ILE I 110 -8.92 -43.38 41.84
C ILE I 110 -8.96 -44.15 43.15
N TYR I 111 -10.16 -44.65 43.48
CA TYR I 111 -10.34 -45.51 44.64
C TYR I 111 -11.60 -46.33 44.45
N PHE I 112 -11.67 -47.44 45.17
CA PHE I 112 -12.75 -48.42 45.04
C PHE I 112 -13.63 -48.34 46.27
N ASP I 113 -14.89 -47.93 46.08
CA ASP I 113 -15.79 -47.73 47.21
C ASP I 113 -16.47 -49.03 47.62
N PHE I 114 -16.98 -49.80 46.66
CA PHE I 114 -17.73 -51.02 46.93
C PHE I 114 -17.07 -52.20 46.22
N TRP I 115 -16.89 -53.29 46.94
CA TRP I 115 -16.21 -54.48 46.45
C TRP I 115 -17.20 -55.61 46.26
N GLY I 116 -16.70 -56.70 45.66
CA GLY I 116 -17.50 -57.89 45.43
C GLY I 116 -17.37 -58.93 46.53
N GLN I 117 -17.37 -60.20 46.17
CA GLN I 117 -17.26 -61.30 47.12
C GLN I 117 -15.98 -62.10 46.93
N GLY I 118 -15.71 -62.57 45.72
CA GLY I 118 -14.49 -63.29 45.43
C GLY I 118 -14.71 -64.70 44.88
N THR I 119 -13.88 -65.09 43.91
CA THR I 119 -13.89 -66.44 43.38
C THR I 119 -12.48 -67.00 43.42
N LEU I 120 -12.33 -68.19 44.00
CA LEU I 120 -11.02 -68.79 44.15
C LEU I 120 -10.63 -69.47 42.84
N VAL I 121 -9.50 -69.08 42.26
CA VAL I 121 -8.97 -69.69 41.06
C VAL I 121 -7.60 -70.27 41.39
N THR I 122 -7.44 -71.57 41.16
CA THR I 122 -6.19 -72.25 41.42
C THR I 122 -5.86 -73.16 40.24
N VAL I 123 -4.57 -73.45 40.09
CA VAL I 123 -4.09 -74.26 38.96
C VAL I 123 -3.09 -75.28 39.48
N SER I 124 -3.28 -76.54 39.11
CA SER I 124 -2.39 -77.64 39.46
C SER I 124 -2.75 -78.82 38.57
N SER I 125 -2.19 -79.98 38.87
CA SER I 125 -2.49 -81.19 38.11
C SER I 125 -2.28 -82.44 38.96
C1 NAG J . -18.71 73.42 -9.58
C2 NAG J . -19.56 74.69 -9.51
C3 NAG J . -19.29 75.43 -8.21
C4 NAG J . -19.48 74.50 -7.01
C5 NAG J . -18.65 73.24 -7.18
C6 NAG J . -18.89 72.22 -6.11
C7 NAG J . -20.22 76.35 -11.20
C8 NAG J . -19.77 77.17 -12.37
N2 NAG J . -19.29 75.55 -10.65
O3 NAG J . -20.17 76.55 -8.10
O4 NAG J . -19.10 75.17 -5.82
O5 NAG J . -18.98 72.60 -8.43
O6 NAG J . -18.70 70.89 -6.58
O7 NAG J . -21.36 76.41 -10.76
C1 NAG J . -20.24 75.32 -4.95
C2 NAG J . -19.76 75.22 -3.50
C3 NAG J . -20.93 75.40 -2.54
C4 NAG J . -21.67 76.69 -2.86
C5 NAG J . -22.07 76.74 -4.33
C6 NAG J . -22.69 78.06 -4.74
C7 NAG J . -18.01 73.83 -2.47
C8 NAG J . -17.46 72.45 -2.32
N2 NAG J . -19.10 73.95 -3.25
O3 NAG J . -20.46 75.43 -1.20
O4 NAG J . -22.84 76.80 -2.05
O5 NAG J . -20.90 76.57 -5.15
O6 NAG J . -23.70 78.46 -3.80
O7 NAG J . -17.51 74.80 -1.91
C1 NAG K . -4.52 70.60 8.05
C2 NAG K . -4.57 71.81 8.99
C3 NAG K . -4.60 71.37 10.45
C4 NAG K . -5.74 70.38 10.68
C5 NAG K . -5.64 69.22 9.71
C6 NAG K . -6.78 68.24 9.79
C7 NAG K . -3.47 74.01 8.90
C8 NAG K . -2.19 74.75 8.62
N2 NAG K . -3.42 72.68 8.75
O3 NAG K . -4.74 72.49 11.30
O4 NAG K . -5.73 69.90 12.02
O5 NAG K . -5.62 69.71 8.36
O6 NAG K . -8.03 68.92 9.77
O7 NAG K . -4.49 74.60 9.24
C1 NAG K . -6.99 70.28 12.64
C2 NAG K . -7.29 69.32 13.79
C3 NAG K . -8.60 69.72 14.46
C4 NAG K . -8.54 71.18 14.89
C5 NAG K . -8.17 72.07 13.71
C6 NAG K . -7.97 73.51 14.09
C7 NAG K . -7.17 66.88 14.12
C8 NAG K . -7.29 65.54 13.46
N2 NAG K . -7.36 67.94 13.32
O3 NAG K . -8.83 68.90 15.60
O4 NAG K . -9.81 71.58 15.40
O5 NAG K . -6.93 71.62 13.13
O6 NAG K . -6.86 73.67 14.96
O7 NAG K . -6.93 67.00 15.32
C1 NAG L . 29.01 71.47 -20.35
C2 NAG L . 30.08 72.53 -20.57
C3 NAG L . 31.26 71.93 -21.33
C4 NAG L . 31.77 70.68 -20.64
C5 NAG L . 30.62 69.71 -20.39
C6 NAG L . 31.03 68.50 -19.57
C7 NAG L . 28.74 74.58 -20.69
C8 NAG L . 28.27 75.70 -21.58
N2 NAG L . 29.54 73.68 -21.27
O3 NAG L . 32.30 72.90 -21.42
O4 NAG L . 32.75 70.04 -21.45
O5 NAG L . 29.58 70.36 -19.66
O6 NAG L . 30.70 67.28 -20.24
O7 NAG L . 28.41 74.50 -19.52
C1 NAG L . 34.02 70.07 -20.77
C2 NAG L . 34.98 69.15 -21.51
C3 NAG L . 36.35 69.17 -20.83
C4 NAG L . 36.86 70.61 -20.72
C5 NAG L . 35.82 71.49 -20.04
C6 NAG L . 36.20 72.95 -20.02
C7 NAG L . 33.89 67.27 -22.64
C8 NAG L . 33.42 65.85 -22.52
N2 NAG L . 34.46 67.79 -21.56
O3 NAG L . 37.26 68.40 -21.60
O4 NAG L . 38.06 70.64 -19.97
O5 NAG L . 34.56 71.40 -20.73
O6 NAG L . 35.39 73.71 -20.91
O7 NAG L . 33.77 67.91 -23.69
C1 NAG M . -24.97 83.16 -27.64
C2 NAG M . -26.11 83.89 -26.93
C3 NAG M . -26.17 85.35 -27.37
C4 NAG M . -24.81 86.02 -27.20
C5 NAG M . -23.74 85.21 -27.91
C6 NAG M . -22.34 85.75 -27.70
C7 NAG M . -28.25 82.92 -26.21
C8 NAG M . -29.51 82.24 -26.64
N2 NAG M . -27.38 83.23 -27.18
O3 NAG M . -27.15 86.05 -26.61
O4 NAG M . -24.84 87.34 -27.73
O5 NAG M . -23.74 83.86 -27.42
O6 NAG M . -22.14 86.15 -26.36
O7 NAG M . -28.02 83.18 -25.03
C1 NAG M . -24.69 88.28 -26.64
C2 NAG M . -24.63 89.70 -27.22
C3 NAG M . -24.52 90.72 -26.09
C4 NAG M . -25.64 90.52 -25.08
C5 NAG M . -25.66 89.07 -24.59
C6 NAG M . -26.83 88.78 -23.68
C7 NAG M . -23.55 90.68 -29.19
C8 NAG M . -22.33 90.70 -30.05
N2 NAG M . -23.53 89.84 -28.16
O3 NAG M . -24.58 92.03 -26.64
O4 NAG M . -25.45 91.38 -23.96
O5 NAG M . -25.78 88.18 -25.71
O6 NAG M . -27.51 89.96 -23.31
O7 NAG M . -24.51 91.41 -29.42
C1 NAG N . -22.01 78.89 -47.63
C2 NAG N . -23.38 78.28 -48.00
C3 NAG N . -23.46 77.98 -49.49
C4 NAG N . -23.08 79.21 -50.31
C5 NAG N . -21.73 79.76 -49.86
C6 NAG N . -21.36 81.05 -50.54
C7 NAG N . -24.91 76.66 -46.97
C8 NAG N . -25.02 75.40 -46.15
N2 NAG N . -23.67 77.08 -47.22
O3 NAG N . -24.77 77.55 -49.83
O4 NAG N . -23.02 78.89 -51.69
O5 NAG N . -21.78 80.04 -48.44
O6 NAG N . -21.24 82.13 -49.62
O7 NAG N . -25.90 77.24 -47.39
C1 NAG N . -24.17 79.46 -52.35
C2 NAG N . -23.77 79.87 -53.77
C3 NAG N . -24.98 80.41 -54.53
C4 NAG N . -26.12 79.40 -54.49
C5 NAG N . -26.44 79.03 -53.05
C6 NAG N . -27.49 77.96 -52.94
C7 NAG N . -21.67 80.82 -54.60
C8 NAG N . -20.64 81.91 -54.42
N2 NAG N . -22.70 80.85 -53.75
O3 NAG N . -24.60 80.67 -55.89
O4 NAG N . -27.29 79.97 -55.09
O5 NAG N . -25.26 78.52 -52.42
O6 NAG N . -26.89 76.66 -52.86
O7 NAG N . -21.56 79.97 -55.46
C1 NAG O . -4.21 55.78 -52.05
C2 NAG O . -4.46 56.23 -53.49
C3 NAG O . -5.91 55.96 -53.88
C4 NAG O . -6.26 54.50 -53.63
C5 NAG O . -5.95 54.13 -52.17
C6 NAG O . -6.18 52.66 -51.89
C7 NAG O . -3.02 58.06 -54.26
C8 NAG O . -2.85 59.55 -54.32
N2 NAG O . -4.13 57.64 -53.65
O3 NAG O . -6.08 56.26 -55.26
O4 NAG O . -7.65 54.28 -53.88
O5 NAG O . -4.57 54.40 -51.90
O6 NAG O . -6.00 52.36 -50.51
O7 NAG O . -2.20 57.29 -54.73
C1 NAG O . -7.78 53.44 -55.04
C2 NAG O . -9.15 52.78 -55.02
C3 NAG O . -9.34 51.91 -56.26
C4 NAG O . -9.07 52.73 -57.52
C5 NAG O . -7.71 53.41 -57.44
C6 NAG O . -7.45 54.35 -58.59
C7 NAG O . -10.40 52.15 -53.00
C8 NAG O . -10.44 51.26 -51.80
N2 NAG O . -9.35 51.99 -53.81
O3 NAG O . -10.67 51.41 -56.29
O4 NAG O . -9.12 51.89 -58.67
O5 NAG O . -7.62 54.20 -56.24
O6 NAG O . -8.16 55.57 -58.42
O7 NAG O . -11.28 52.98 -53.23
C1 NAG P . -23.54 46.56 -43.59
C2 NAG P . -24.50 47.19 -44.62
C3 NAG P . -25.63 46.24 -44.94
C4 NAG P . -25.10 44.88 -45.36
C5 NAG P . -24.15 44.33 -44.30
C6 NAG P . -23.47 43.04 -44.69
C7 NAG P . -25.42 49.44 -44.98
C8 NAG P . -25.92 50.69 -44.32
N2 NAG P . -25.01 48.46 -44.15
O3 NAG P . -26.46 46.78 -45.95
O4 NAG P . -26.18 43.98 -45.56
O5 NAG P . -23.09 45.29 -44.05
O6 NAG P . -22.36 42.77 -43.85
O7 NAG P . -25.41 49.30 -46.19
C1 NAG P . -26.25 43.56 -46.94
C2 NAG P . -26.81 42.14 -46.99
C3 NAG P . -26.92 41.65 -48.43
C4 NAG P . -27.71 42.64 -49.27
C5 NAG P . -27.12 44.05 -49.13
C6 NAG P . -27.94 45.11 -49.84
C7 NAG P . -26.40 40.76 -45.01
C8 NAG P . -25.44 39.84 -44.32
N2 NAG P . -26.00 41.24 -46.19
O3 NAG P . -27.54 40.38 -48.45
O4 NAG P . -27.70 42.25 -50.63
O5 NAG P . -27.07 44.43 -47.75
O6 NAG P . -29.21 45.27 -49.23
O7 NAG P . -27.48 41.08 -44.52
C1 NAG Q . 8.94 70.72 -57.23
C2 NAG Q . 8.80 70.50 -58.74
C3 NAG Q . 8.62 71.84 -59.44
C4 NAG Q . 7.41 72.58 -58.86
C5 NAG Q . 7.55 72.71 -57.34
C6 NAG Q . 6.29 73.26 -56.69
C7 NAG Q . 9.85 68.84 -60.20
C8 NAG Q . 11.15 68.24 -60.66
N2 NAG Q . 9.95 69.80 -59.29
O3 NAG Q . 8.43 71.63 -60.84
O4 NAG Q . 7.31 73.87 -59.42
O5 NAG Q . 7.79 71.44 -56.73
O6 NAG Q . 5.12 72.65 -57.23
O7 NAG Q . 8.77 68.47 -60.64
C1 NAG Q . 6.14 73.94 -60.24
C2 NAG Q . 5.83 75.41 -60.52
C3 NAG Q . 4.61 75.53 -61.44
C4 NAG Q . 4.81 74.71 -62.70
C5 NAG Q . 5.15 73.26 -62.33
C6 NAG Q . 5.49 72.42 -63.54
C7 NAG Q . 6.33 77.26 -59.00
C8 NAG Q . 6.01 77.91 -57.68
N2 NAG Q . 5.64 76.17 -59.30
O3 NAG Q . 4.41 76.90 -61.77
O4 NAG Q . 3.63 74.74 -63.49
O5 NAG Q . 6.31 73.23 -61.48
O6 NAG Q . 5.47 71.03 -63.23
O7 NAG Q . 7.19 77.71 -59.74
C1 NAG R . 47.92 17.04 26.01
C2 NAG R . 47.84 18.56 25.99
C3 NAG R . 48.58 19.15 27.19
C4 NAG R . 48.08 18.52 28.48
C5 NAG R . 48.16 17.00 28.40
C6 NAG R . 47.56 16.31 29.60
C7 NAG R . 47.59 19.56 23.76
C8 NAG R . 48.30 20.08 22.55
N2 NAG R . 48.37 19.11 24.75
O3 NAG R . 48.40 20.56 27.23
O4 NAG R . 48.87 18.97 29.59
O5 NAG R . 47.42 16.54 27.25
O6 NAG R . 46.65 15.29 29.23
O7 NAG R . 46.36 19.55 23.84
C1 NAG S . 49.80 11.61 -12.76
C2 NAG S . 50.23 13.04 -12.41
C3 NAG S . 50.96 13.67 -13.58
C4 NAG S . 52.11 12.78 -14.06
C5 NAG S . 51.59 11.37 -14.33
C6 NAG S . 52.69 10.40 -14.68
C7 NAG S . 48.62 13.90 -10.76
C8 NAG S . 47.44 14.79 -10.54
N2 NAG S . 49.10 13.85 -12.01
O3 NAG S . 51.47 14.95 -13.20
O4 NAG S . 52.68 13.30 -15.24
O5 NAG S . 50.94 10.85 -13.16
O6 NAG S . 52.28 9.49 -15.69
O7 NAG S . 49.14 13.25 -9.85
C1 NAG T . 3.84 6.64 47.76
C2 NAG T . 2.37 6.38 48.15
C3 NAG T . 1.80 7.60 48.85
C4 NAG T . 2.66 8.02 50.02
C5 NAG T . 4.12 8.18 49.57
C6 NAG T . 5.06 8.47 50.71
C7 NAG T . 0.74 4.98 46.97
C8 NAG T . 0.00 4.77 45.69
N2 NAG T . 1.58 6.02 46.98
O3 NAG T . 0.47 7.32 49.30
O4 NAG T . 2.20 9.24 50.56
O5 NAG T . 4.58 6.99 48.93
O6 NAG T . 5.60 7.27 51.25
O7 NAG T . 0.58 4.26 47.95
C1 NAG U . 15.49 35.46 28.37
C2 NAG U . 14.00 35.75 28.17
C3 NAG U . 13.65 37.08 28.84
C4 NAG U . 14.08 37.09 30.29
C5 NAG U . 15.57 36.73 30.40
C6 NAG U . 16.03 36.59 31.84
C7 NAG U . 13.32 34.67 26.08
C8 NAG U . 13.00 34.87 24.63
N2 NAG U . 13.65 35.77 26.76
O3 NAG U . 12.24 37.28 28.75
O4 NAG U . 13.87 38.38 30.85
O5 NAG U . 15.81 35.47 29.76
O6 NAG U . 15.37 37.52 32.68
O7 NAG U . 13.30 33.56 26.60
C1 NAG V . 27.06 53.10 21.57
C2 NAG V . 27.80 52.15 22.52
C3 NAG V . 27.00 51.96 23.80
C4 NAG V . 26.65 53.30 24.42
C5 NAG V . 25.97 54.20 23.40
C6 NAG V . 25.71 55.60 23.92
C7 NAG V . 29.12 50.12 22.16
C8 NAG V . 29.23 48.82 21.41
N2 NAG V . 28.06 50.87 21.87
O3 NAG V . 27.75 51.17 24.72
O4 NAG V . 25.79 53.11 25.53
O5 NAG V . 26.80 54.34 22.24
O6 NAG V . 26.74 56.50 23.52
O7 NAG V . 29.96 50.45 22.99
C1 NAG W . 5.21 83.26 -0.04
C2 NAG W . 4.10 84.29 -0.24
C3 NAG W . 4.36 85.53 0.61
C4 NAG W . 4.57 85.15 2.07
C5 NAG W . 5.66 84.08 2.18
C6 NAG W . 5.85 83.57 3.58
C7 NAG W . 3.18 84.00 -2.51
C8 NAG W . 3.18 84.50 -3.91
N2 NAG W . 3.97 84.64 -1.64
O3 NAG W . 3.26 86.42 0.49
O4 NAG W . 4.95 86.29 2.82
O5 NAG W . 5.33 82.95 1.35
O6 NAG W . 6.54 82.32 3.59
O7 NAG W . 2.50 83.04 -2.16
C1 NAG X . 19.46 78.71 -4.31
C2 NAG X . 20.28 77.55 -3.71
C3 NAG X . 19.60 77.01 -2.45
C4 NAG X . 19.34 78.14 -1.46
C5 NAG X . 18.53 79.25 -2.13
C6 NAG X . 18.33 80.45 -1.25
C7 NAG X . 21.56 75.71 -4.70
C8 NAG X . 21.61 74.67 -5.77
N2 NAG X . 20.49 76.50 -4.69
O3 NAG X . 20.44 76.02 -1.86
O4 NAG X . 18.62 77.64 -0.35
O5 NAG X . 19.23 79.71 -3.30
O6 NAG X . 19.43 81.33 -1.31
O7 NAG X . 22.47 75.84 -3.87
C1 NAG Y . 2.46 -21.91 41.36
C2 NAG Y . 3.13 -20.56 41.73
C3 NAG Y . 4.63 -20.61 41.46
C4 NAG Y . 5.28 -21.82 42.13
C5 NAG Y . 4.55 -23.09 41.73
C6 NAG Y . 5.06 -24.32 42.46
C7 NAG Y . 2.56 -19.38 39.64
C8 NAG Y . 1.90 -18.16 39.06
N2 NAG Y . 2.53 -19.47 40.98
O3 NAG Y . 5.23 -19.41 41.93
O4 NAG Y . 6.64 -21.91 41.76
O5 NAG Y . 3.15 -22.99 42.01
O6 NAG Y . 6.27 -24.05 43.15
O7 NAG Y . 3.12 -20.22 38.94
C1 NAG Z . 19.87 88.95 -15.63
C2 NAG Z . 21.09 89.79 -15.29
C3 NAG Z . 21.23 90.94 -16.28
C4 NAG Z . 21.26 90.40 -17.71
C5 NAG Z . 20.05 89.51 -17.96
C6 NAG Z . 20.10 88.82 -19.32
C7 NAG Z . 22.04 90.23 -13.08
C8 NAG Z . 21.78 90.80 -11.71
N2 NAG Z . 21.01 90.30 -13.93
O3 NAG Z . 22.43 91.66 -16.01
O4 NAG Z . 21.25 91.48 -18.64
O5 NAG Z . 19.97 88.47 -16.98
O6 NAG Z . 20.39 87.44 -19.19
O7 NAG Z . 23.11 89.75 -13.38
C1 NAG AA . 35.15 53.49 -33.34
C2 NAG AA . 36.18 54.48 -33.86
C3 NAG AA . 37.39 53.73 -34.39
C4 NAG AA . 37.98 52.85 -33.28
C5 NAG AA . 36.86 51.92 -32.82
C6 NAG AA . 37.28 51.00 -31.71
C7 NAG AA . 35.19 54.91 -36.08
C8 NAG AA . 34.66 55.96 -37.01
N2 NAG AA . 35.62 55.34 -34.89
O3 NAG AA . 38.37 54.64 -34.87
O4 NAG AA . 39.04 52.08 -33.80
O5 NAG AA . 35.74 52.69 -32.33
O6 NAG AA . 37.56 51.70 -30.50
O7 NAG AA . 35.20 53.72 -36.40
C1 NAG BA . 0.60 95.93 -10.33
C2 NAG BA . 0.86 96.52 -8.93
C3 NAG BA . -0.47 96.92 -8.30
C4 NAG BA . -1.18 97.91 -9.19
C5 NAG BA . -1.38 97.26 -10.55
C6 NAG BA . -2.04 98.18 -11.56
C7 NAG BA . 2.31 95.99 -7.04
C8 NAG BA . 2.99 94.91 -6.25
N2 NAG BA . 1.58 95.59 -8.08
O3 NAG BA . -0.23 97.49 -7.01
O4 NAG BA . -2.44 98.27 -8.62
O5 NAG BA . -0.11 96.89 -11.12
O6 NAG BA . -2.57 99.33 -10.93
O7 NAG BA . 2.44 97.18 -6.75
C1 NAG CA . -27.85 -10.19 28.56
C2 NAG CA . -26.81 -11.04 27.82
C3 NAG CA . -26.96 -10.87 26.32
C4 NAG CA . -28.40 -11.18 25.89
C5 NAG CA . -29.37 -10.34 26.70
C6 NAG CA . -30.82 -10.67 26.43
C7 NAG CA . -24.45 -11.55 28.24
C8 NAG CA . -23.12 -11.02 28.71
N2 NAG CA . -25.47 -10.69 28.25
O3 NAG CA . -26.07 -11.74 25.65
O4 NAG CA . -28.56 -10.88 24.51
O5 NAG CA . -29.17 -10.56 28.11
O6 NAG CA . -31.02 -12.08 26.41
O7 NAG CA . -24.58 -12.71 27.88
C1 NAG DA . -11.70 31.32 36.64
C2 NAG DA . -12.95 32.18 36.61
C3 NAG DA . -12.65 33.57 37.16
C4 NAG DA . -12.00 33.48 38.53
C5 NAG DA . -10.79 32.56 38.49
C6 NAG DA . -10.17 32.33 39.84
C7 NAG DA . -14.81 32.31 35.01
C8 NAG DA . -15.19 32.38 33.57
N2 NAG DA . -13.50 32.27 35.27
O3 NAG DA . -13.85 34.33 37.24
O4 NAG DA . -11.60 34.78 38.97
O5 NAG DA . -11.16 31.28 37.98
O6 NAG DA . -8.90 31.71 39.73
O7 NAG DA . -15.64 32.27 35.91
C1 NAG EA . -43.62 36.79 -11.84
C2 NAG EA . -42.99 35.39 -11.78
C3 NAG EA . -44.05 34.33 -12.10
C4 NAG EA . -45.27 34.50 -11.20
C5 NAG EA . -45.79 35.93 -11.28
C6 NAG EA . -46.93 36.20 -10.32
C7 NAG EA . -40.60 35.45 -12.31
C8 NAG EA . -39.56 35.32 -13.38
N2 NAG EA . -41.87 35.29 -12.68
O3 NAG EA . -43.48 33.04 -11.93
O4 NAG EA . -46.29 33.59 -11.60
O5 NAG EA . -44.74 36.85 -10.95
O6 NAG EA . -46.74 37.43 -9.63
O7 NAG EA . -40.30 35.71 -11.14
C1 NAG FA . -27.20 64.74 -40.19
C2 NAG FA . -26.79 65.32 -41.54
C3 NAG FA . -28.03 65.85 -42.28
C4 NAG FA . -29.10 64.78 -42.37
C5 NAG FA . -29.40 64.23 -40.98
C6 NAG FA . -30.38 63.08 -41.01
C7 NAG FA . -24.48 66.15 -41.42
C8 NAG FA . -23.61 67.35 -41.23
N2 NAG FA . -25.81 66.37 -41.38
O3 NAG FA . -27.65 66.28 -43.58
O4 NAG FA . -30.29 65.33 -42.92
O5 NAG FA . -28.19 63.73 -40.38
O6 NAG FA . -31.56 63.37 -40.26
O7 NAG FA . -24.03 65.02 -41.61
C1 NAG GA . -36.37 -19.82 -19.60
C2 NAG GA . -36.28 -19.38 -21.07
C3 NAG GA . -37.44 -18.43 -21.41
C4 NAG GA . -38.76 -19.06 -21.04
C5 NAG GA . -38.76 -19.48 -19.57
C6 NAG GA . -40.01 -20.22 -19.18
C7 NAG GA . -34.38 -18.89 -22.54
C8 NAG GA . -33.07 -18.18 -22.67
N2 NAG GA . -35.01 -18.76 -21.37
O3 NAG GA . -37.40 -18.12 -22.80
O4 NAG GA . -39.83 -18.14 -21.26
O5 NAG GA . -37.67 -20.39 -19.34
O6 NAG GA . -40.81 -20.55 -20.31
O7 NAG GA . -34.85 -19.56 -23.45
C1 NAG HA . -36.39 16.50 -13.22
C2 NAG HA . -36.42 15.47 -14.34
C3 NAG HA . -37.60 15.73 -15.27
C4 NAG HA . -38.89 15.76 -14.47
C5 NAG HA . -38.81 16.75 -13.32
C6 NAG HA . -40.00 16.69 -12.40
C7 NAG HA . -34.28 14.49 -15.03
C8 NAG HA . -33.05 14.65 -15.86
N2 NAG HA . -35.17 15.49 -15.08
O3 NAG HA . -37.66 14.71 -16.27
O4 NAG HA . -39.98 16.13 -15.32
O5 NAG HA . -37.64 16.46 -12.51
O6 NAG HA . -40.46 15.35 -12.23
O7 NAG HA . -34.48 13.49 -14.33
C1 NAG IA . -36.85 -43.17 -7.21
C2 NAG IA . -36.33 -41.73 -7.17
C3 NAG IA . -37.03 -40.94 -6.05
C4 NAG IA . -38.54 -41.05 -6.21
C5 NAG IA . -38.96 -42.51 -6.29
C6 NAG IA . -40.43 -42.69 -6.53
C7 NAG IA . -34.12 -40.64 -7.30
C8 NAG IA . -32.66 -40.78 -7.01
N2 NAG IA . -34.88 -41.69 -6.97
O3 NAG IA . -36.62 -39.59 -6.07
O4 NAG IA . -39.19 -40.45 -5.10
O5 NAG IA . -38.27 -43.16 -7.36
O6 NAG IA . -41.03 -41.45 -6.86
O7 NAG IA . -34.59 -39.62 -7.80
C1 NAG JA . 7.50 -15.03 -47.55
C2 NAG JA . 8.54 -16.06 -48.00
C3 NAG JA . 9.51 -15.43 -49.00
C4 NAG JA . 8.76 -14.80 -50.15
C5 NAG JA . 7.73 -13.81 -49.63
C6 NAG JA . 6.86 -13.22 -50.72
C7 NAG JA . 9.12 -17.87 -46.45
C8 NAG JA . 9.93 -18.27 -45.26
N2 NAG JA . 9.26 -16.61 -46.87
O3 NAG JA . 10.40 -16.43 -49.48
O4 NAG JA . 9.66 -14.13 -51.03
O5 NAG JA . 6.84 -14.47 -48.70
O6 NAG JA . 5.55 -12.94 -50.25
O7 NAG JA . 8.36 -18.66 -47.02
C1 NAG KA . 44.82 -19.80 -15.08
C2 NAG KA . 46.23 -19.69 -14.50
C3 NAG KA . 46.85 -18.35 -14.91
C4 NAG KA . 46.82 -18.20 -16.43
C5 NAG KA . 45.40 -18.39 -16.95
C6 NAG KA . 45.32 -18.39 -18.46
C7 NAG KA . 46.81 -20.82 -12.40
C8 NAG KA . 46.69 -20.79 -10.91
N2 NAG KA . 46.21 -19.82 -13.05
O3 NAG KA . 48.20 -18.30 -14.44
O4 NAG KA . 47.29 -16.90 -16.79
O5 NAG KA . 44.88 -19.65 -16.51
O6 NAG KA . 46.03 -19.47 -19.02
O7 NAG KA . 47.41 -21.71 -12.99
C1 NAG LA . 30.06 7.98 -35.87
C2 NAG LA . 30.62 9.24 -35.21
C3 NAG LA . 31.68 9.88 -36.08
C4 NAG LA . 32.76 8.85 -36.44
C5 NAG LA . 32.12 7.61 -37.05
C6 NAG LA . 33.11 6.51 -37.31
C7 NAG LA . 29.29 10.65 -33.69
C8 NAG LA . 28.16 11.63 -33.59
N2 NAG LA . 29.56 10.20 -34.92
O3 NAG LA . 32.27 10.97 -35.40
O4 NAG LA . 33.68 9.42 -37.37
O5 NAG LA . 31.14 7.08 -36.15
O6 NAG LA . 34.41 7.03 -37.59
O7 NAG LA . 29.95 10.29 -32.72
C1 NAG MA . 24.12 21.10 -52.26
C2 NAG MA . 24.60 19.86 -53.02
C3 NAG MA . 25.69 19.14 -52.23
C4 NAG MA . 26.81 20.09 -51.85
C5 NAG MA . 26.23 21.31 -51.13
C6 NAG MA . 27.27 22.36 -50.81
C7 NAG MA . 22.78 19.05 -54.44
C8 NAG MA . 21.67 18.05 -54.58
N2 NAG MA . 23.50 18.97 -53.32
O3 NAG MA . 26.21 18.06 -53.02
O4 NAG MA . 27.74 19.44 -51.00
O5 NAG MA . 25.24 21.94 -51.95
O6 NAG MA . 28.59 21.84 -50.97
O7 NAG MA . 23.01 19.88 -55.32
C1 NAG NA . 27.26 64.01 -46.40
C2 NAG NA . 27.71 65.46 -46.22
C3 NAG NA . 28.66 65.85 -47.35
C4 NAG NA . 29.81 64.86 -47.45
C5 NAG NA . 29.27 63.43 -47.56
C6 NAG NA . 30.36 62.39 -47.53
C7 NAG NA . 26.59 67.53 -45.51
C8 NAG NA . 25.32 68.33 -45.56
N2 NAG NA . 26.58 66.36 -46.18
O3 NAG NA . 29.17 67.16 -47.12
O4 NAG NA . 30.61 65.15 -48.58
O5 NAG NA . 28.40 63.16 -46.45
O6 NAG NA . 30.81 62.15 -46.21
O7 NAG NA . 27.58 67.90 -44.88
C1 NAG OA . 15.20 56.72 -53.61
C2 NAG OA . 14.14 55.87 -54.32
C3 NAG OA . 14.75 55.21 -55.55
C4 NAG OA . 15.41 56.25 -56.45
C5 NAG OA . 16.40 57.09 -55.65
C6 NAG OA . 16.98 58.24 -56.46
C7 NAG OA . 12.29 54.53 -53.43
C8 NAG OA . 11.89 53.48 -52.44
N2 NAG OA . 13.58 54.88 -53.42
O3 NAG OA . 13.72 54.53 -56.26
O4 NAG OA . 16.10 55.61 -57.51
O5 NAG OA . 15.74 57.68 -54.52
O6 NAG OA . 16.45 59.49 -56.05
O7 NAG OA . 11.49 55.03 -54.22
C1 NAG PA . -26.89 -0.06 -37.85
C2 NAG PA . -26.59 0.35 -39.30
C3 NAG PA . -27.72 1.24 -39.83
C4 NAG PA . -29.08 0.56 -39.66
C5 NAG PA . -29.27 0.14 -38.20
C6 NAG PA . -30.53 -0.66 -37.98
C7 NAG PA . -24.47 0.86 -40.41
C8 NAG PA . -23.20 1.65 -40.35
N2 NAG PA . -25.32 1.04 -39.39
O3 NAG PA . -27.49 1.51 -41.21
O4 NAG PA . -30.12 1.45 -40.02
O5 NAG PA . -28.17 -0.70 -37.79
O6 NAG PA . -30.32 -2.04 -38.22
O7 NAG PA . -24.73 0.12 -41.35
C1 NAG QA . 30.61 -37.68 3.83
C2 NAG QA . 30.57 -36.78 2.60
C3 NAG QA . 29.47 -37.24 1.65
C4 NAG QA . 29.67 -38.71 1.30
C5 NAG QA . 29.75 -39.55 2.58
C6 NAG QA . 30.06 -41.00 2.31
C7 NAG QA . 31.07 -34.37 2.48
C8 NAG QA . 30.70 -33.01 2.99
N2 NAG QA . 30.35 -35.39 2.98
O3 NAG QA . 29.50 -36.45 0.47
O4 NAG QA . 28.58 -39.17 0.50
O5 NAG QA . 30.80 -39.04 3.42
O6 NAG QA . 29.77 -41.36 0.96
O7 NAG QA . 31.98 -34.55 1.68
C1 NAG RA . 24.84 80.42 -47.37
C2 NAG RA . 26.04 79.95 -48.22
C3 NAG RA . 27.33 80.59 -47.73
C4 NAG RA . 27.19 82.11 -47.69
C5 NAG RA . 25.99 82.49 -46.83
C6 NAG RA . 25.72 83.97 -46.82
C7 NAG RA . 26.69 77.81 -49.23
C8 NAG RA . 26.73 76.32 -49.06
N2 NAG RA . 26.16 78.49 -48.22
O3 NAG RA . 28.41 80.24 -48.59
O4 NAG RA . 28.37 82.71 -47.16
O5 NAG RA . 24.81 81.86 -47.36
O6 NAG RA . 26.86 84.71 -47.23
O7 NAG RA . 27.10 78.36 -50.25
#